data_6PZ8
#
_entry.id   6PZ8
#
loop_
_entity.id
_entity.type
_entity.pdbx_description
1 polymer 'S protein'
2 polymer 'S protein'
3 polymer 'G2 heavy chain'
4 polymer 'G2 light chain'
5 branched 2-acetamido-2-deoxy-beta-D-glucopyranose-(1-4)-2-acetamido-2-deoxy-beta-D-glucopyranose
6 branched beta-D-mannopyranose-(1-4)-2-acetamido-2-deoxy-beta-D-glucopyranose-(1-4)-2-acetamido-2-deoxy-beta-D-glucopyranose
7 branched alpha-D-mannopyranose-(1-3)-[alpha-D-mannopyranose-(1-6)]beta-D-mannopyranose-(1-4)-2-acetamido-2-deoxy-beta-D-glucopyranose-(1-4)-2-acetamido-2-deoxy-beta-D-glucopyranose
8 non-polymer 2-acetamido-2-deoxy-beta-D-glucopyranose
#
loop_
_entity_poly.entity_id
_entity_poly.type
_entity_poly.pdbx_seq_one_letter_code
_entity_poly.pdbx_strand_id
1 'polypeptide(L)'
;SVPGEMRLASIAFNHPIQVDQLNSSYFKLSIPTNFSFGVTQEYIQTTIQKVTVDCKQYVCNGFQKCEQLLREYGQFCSKI
NQALHGANLRQDDSVRNLFASVKSSQSSPIIPGFGGDFNLTLLEPVSISTGSRSARSAIEDLLFDKVTIADPGYMQGYDD
CMQQGPASARDLICAQYVAGYKVLPPLMDVNMEAAYTSSLLGSIAGVGWTAGLSSFAAIPFAQSIFYRLNGVGITQQVLS
ENQKLIANKFNQALGAMQTGFTTTNEAFHKVQDAVNNNAQALSKLASELSNTFGAISASIGDIIQRLDVLEQDAQIDRLI
NGRLTTLNAFVAQQLVRSESAALSAQLAKDKVNECVKAQSKRSGFCGQGTHIVSFVVNAPNGLYFMHVGYYPSNHIEVVS
AYGLCDAANPTNCIAPVNGYFIKTNNTRIVDEWSYTGSSFYAPEPITSLNTKYVAPQVTYQNISTNLPPPLL
;
A,E,I
2 'polypeptide(L)'
;YVDVGPDSVKSACIEVDIQQTFFDKTWPRPIDVSKADGIIYPQGRTYSNITITYQGLFPYQGDHGDMYVYSAGHATGTTP
QKLFVANYSQDVKQFANGFVVRIGAAANSTGTVIISPSTSATIRKIYPAFMLGSSVGNFSDGKMGRFFNHTLVLLPDGCG
TLLRAFYCILEPRSGNHCPAGNSYTSFATYHTPATDCSDGNYNRNASLNSFKEYFNLRNCTFMYTYNITEDEILEWFGIT
QTAQGVHLFSSRYVDLYGGNMFQFATLPVYDTIKYYSIIPHSIRSIQSDRKAWAAFYVYKLQPLTFLLDFSVDGYIRRAI
DCGFNDLSQLHCSYESFDVESGVYSVSSFEAKPSGSVVEQAEGVECDFSPLLSGTPPQVYNFKRLVFTNCNYNLTKLLSL
FSVNDFTCSQISPAAIASNCYSSLILDYFSYPLSMKSDLSVSSAGPISQFNYKQSFSNPTCLILATVPHNLTTITKPLKY
SYINKCSRLLSDDRTEVPQLVNANQYSPCVSIVPSTVWEDGDYYRKQLSPLEGGGWLVASGSTVAMTEQLQMGFGITVQY
GTDTNSVCPKLEFANDTKIASQLGNCVEYSLYGVSGRGVFQNCTAVGVRQQRFVYDAYQNLVGYYSDDGNYYCLRACVSV
PVSVIYDKETKTHATLFGSVACEHISSTMSQYSRSTRSMLKRRDSTYGPLQTPVGCVLGLVNSSLFVEDCKLPLGQSLCA
LPDTPS
;
B,J,F
3 'polypeptide(L)'
;QVQLQQSGGELVKPGASVKLSCKTSGFTFSSSYISWLKQKPGQSLEWIAWIYAGTGGTEYNQKFTGKAQVTVDTSSSTAY
MQFSSLTTEDSAIYYCARGGSSFAMDYWGQGTSVTVSSASTTPPSVYPLAPGSAAQTNSMVTLGCLVKGYFPEPVTVTWN
SGSLSSGVHTFPAVLQSDLYTLSSSVTVPSSTWPSETVTCNVAHPASSTKVDKKIVPRDCGKGLEVLFQ
;
H,C,D
4 'polypeptide(L)'
;QLVLTQSPASLAVSLGQRATISCRASESVDNYGISFMNWFQQKPGQPPKLLIHTASNQGSGVPARFSGSGSGTDFSLNIH
PVEDDDTAMYFCQQSEEVPLTFGAGTKLEIKRTDAAPTVSIFPPSSEQLTSGGASVVCFLNNFYPKDINVKWKIDGSERQ
NGVLNSWTDQDSKDSTYSMSSTLTLTKDEYERHNSYTCEATHKTSTSPIVKSFNRNEC
;
L,G,K
#
loop_
_chem_comp.id
_chem_comp.type
_chem_comp.name
_chem_comp.formula
BMA D-saccharide, beta linking beta-D-mannopyranose 'C6 H12 O6'
MAN D-saccharide, alpha linking alpha-D-mannopyranose 'C6 H12 O6'
NAG D-saccharide, beta linking 2-acetamido-2-deoxy-beta-D-glucopyranose 'C8 H15 N O6'
#
# COMPACT_ATOMS: atom_id res chain seq x y z
N VAL A 2 -8.13 47.10 28.65
CA VAL A 2 -8.45 45.89 27.90
C VAL A 2 -7.79 44.71 28.63
N PRO A 3 -8.07 43.44 28.26
CA PRO A 3 -7.49 42.24 28.85
C PRO A 3 -5.99 42.19 28.65
N GLY A 4 -5.31 41.56 29.60
CA GLY A 4 -3.87 41.35 29.58
C GLY A 4 -3.50 39.93 29.21
N GLU A 5 -2.40 39.48 29.79
CA GLU A 5 -1.79 38.19 29.56
C GLU A 5 -2.54 37.10 30.32
N MET A 6 -2.38 35.88 29.87
CA MET A 6 -2.95 34.73 30.54
C MET A 6 -2.24 34.62 31.87
N ARG A 7 -2.92 34.10 32.88
CA ARG A 7 -2.29 34.00 34.20
C ARG A 7 -1.95 32.60 34.66
N LEU A 8 -0.91 32.51 35.48
CA LEU A 8 -0.56 31.25 36.10
C LEU A 8 -1.42 30.96 37.28
N ALA A 9 -2.08 29.82 37.17
CA ALA A 9 -2.95 29.28 38.15
C ALA A 9 -2.68 27.79 38.21
N SER A 10 -2.90 27.19 39.35
CA SER A 10 -2.77 25.77 39.51
C SER A 10 -4.14 25.16 39.34
N ILE A 11 -4.18 23.88 39.10
CA ILE A 11 -5.47 23.25 39.01
C ILE A 11 -5.92 23.04 40.43
N ALA A 12 -7.11 23.52 40.73
CA ALA A 12 -7.64 23.44 42.07
C ALA A 12 -8.05 22.03 42.46
N PHE A 13 -7.87 21.73 43.73
CA PHE A 13 -8.41 20.54 44.36
C PHE A 13 -9.11 21.04 45.59
N ASN A 14 -10.40 20.80 45.64
CA ASN A 14 -11.16 21.29 46.77
C ASN A 14 -11.24 20.21 47.83
N HIS A 15 -10.54 20.43 48.92
CA HIS A 15 -10.44 19.41 49.96
C HIS A 15 -11.84 19.09 50.52
N PRO A 16 -12.16 17.79 50.78
CA PRO A 16 -13.38 17.30 51.38
C PRO A 16 -13.56 17.84 52.79
N ILE A 17 -14.78 17.87 53.27
CA ILE A 17 -15.01 18.33 54.64
C ILE A 17 -14.37 17.33 55.58
N GLN A 18 -13.57 17.80 56.52
CA GLN A 18 -12.91 16.87 57.44
C GLN A 18 -13.78 16.56 58.65
N VAL A 19 -14.03 15.28 58.86
CA VAL A 19 -14.85 14.84 59.99
C VAL A 19 -13.99 14.01 60.94
N ASP A 20 -13.67 14.57 62.08
CA ASP A 20 -12.76 13.91 63.02
C ASP A 20 -13.28 12.60 63.55
N GLN A 21 -12.38 11.63 63.68
CA GLN A 21 -12.73 10.32 64.21
C GLN A 21 -12.62 10.34 65.73
N LEU A 22 -13.58 9.71 66.40
CA LEU A 22 -13.66 9.56 67.86
C LEU A 22 -13.43 8.15 68.31
N ASN A 23 -12.94 7.97 69.52
CA ASN A 23 -12.78 6.65 70.09
C ASN A 23 -14.02 6.26 70.88
N SER A 24 -13.99 5.08 71.49
CA SER A 24 -15.07 4.53 72.30
C SER A 24 -16.35 4.18 71.53
N SER A 25 -17.49 4.40 72.19
CA SER A 25 -18.82 3.97 71.78
C SER A 25 -19.72 5.01 71.10
N TYR A 26 -19.16 6.15 70.78
CA TYR A 26 -19.92 7.21 70.16
C TYR A 26 -19.09 7.88 69.07
N PHE A 27 -19.76 8.52 68.13
CA PHE A 27 -19.02 9.15 67.04
C PHE A 27 -19.61 10.41 66.47
N LYS A 28 -18.78 11.19 65.77
CA LYS A 28 -19.28 12.40 65.13
C LYS A 28 -19.89 12.06 63.82
N LEU A 29 -21.16 12.36 63.71
CA LEU A 29 -21.89 12.06 62.52
C LEU A 29 -22.26 13.34 61.80
N SER A 30 -21.79 13.44 60.58
CA SER A 30 -22.06 14.60 59.74
C SER A 30 -23.34 14.36 58.99
N ILE A 31 -24.36 15.19 59.21
CA ILE A 31 -25.66 14.94 58.60
C ILE A 31 -26.11 16.17 57.82
N PRO A 32 -26.51 16.06 56.54
CA PRO A 32 -26.99 17.19 55.76
C PRO A 32 -28.27 17.70 56.36
N THR A 33 -28.47 19.00 56.27
CA THR A 33 -29.71 19.58 56.78
C THR A 33 -30.50 20.22 55.68
N ASN A 34 -29.86 20.39 54.53
CA ASN A 34 -30.50 21.06 53.41
C ASN A 34 -30.31 20.27 52.12
N PHE A 35 -31.40 19.80 51.58
CA PHE A 35 -31.30 18.99 50.40
C PHE A 35 -31.81 19.65 49.13
N SER A 36 -31.08 19.47 48.02
CA SER A 36 -31.58 19.94 46.74
C SER A 36 -31.27 18.95 45.60
N PHE A 37 -31.94 19.17 44.47
CA PHE A 37 -31.77 18.33 43.30
C PHE A 37 -31.08 19.04 42.19
N GLY A 38 -30.54 18.25 41.30
CA GLY A 38 -29.94 18.74 40.07
C GLY A 38 -29.95 17.62 39.08
N VAL A 39 -29.41 17.84 37.89
CA VAL A 39 -29.40 16.80 36.86
C VAL A 39 -28.06 16.58 36.19
N THR A 40 -27.89 15.38 35.63
CA THR A 40 -26.74 15.03 34.80
C THR A 40 -27.29 14.46 33.49
N GLN A 41 -26.46 14.45 32.45
CA GLN A 41 -26.90 13.92 31.16
C GLN A 41 -25.88 13.06 30.48
N GLU A 42 -26.35 12.18 29.62
CA GLU A 42 -25.46 11.39 28.78
C GLU A 42 -26.09 11.07 27.43
N TYR A 43 -25.25 10.89 26.44
CA TYR A 43 -25.70 10.48 25.14
C TYR A 43 -25.11 9.18 24.74
N ILE A 44 -25.98 8.30 24.29
CA ILE A 44 -25.55 7.02 23.83
C ILE A 44 -25.75 6.93 22.35
N GLN A 45 -24.66 6.88 21.60
CA GLN A 45 -24.83 6.75 20.17
C GLN A 45 -25.15 5.32 19.91
N THR A 46 -26.20 5.04 19.16
CA THR A 46 -26.54 3.66 18.88
C THR A 46 -26.49 3.39 17.39
N THR A 47 -26.44 4.44 16.56
CA THR A 47 -26.45 4.19 15.15
C THR A 47 -25.33 4.81 14.37
N ILE A 48 -25.06 4.11 13.28
CA ILE A 48 -24.15 4.46 12.22
C ILE A 48 -25.03 4.61 11.00
N GLN A 49 -24.86 5.66 10.21
CA GLN A 49 -25.74 5.78 9.07
C GLN A 49 -25.51 4.64 8.10
N LYS A 50 -26.60 4.02 7.66
CA LYS A 50 -26.52 2.89 6.74
C LYS A 50 -26.10 3.29 5.34
N VAL A 51 -25.27 2.42 4.77
CA VAL A 51 -24.64 2.65 3.47
C VAL A 51 -24.56 1.54 2.44
N THR A 52 -24.67 1.91 1.16
CA THR A 52 -24.34 0.97 0.10
C THR A 52 -23.58 1.71 -1.00
N VAL A 53 -22.71 1.01 -1.73
CA VAL A 53 -21.96 1.62 -2.83
C VAL A 53 -22.03 0.83 -4.15
N ASP A 54 -22.36 1.52 -5.24
CA ASP A 54 -22.39 0.93 -6.57
C ASP A 54 -20.99 1.14 -7.16
N CYS A 55 -20.09 0.19 -6.92
CA CYS A 55 -18.67 0.29 -7.27
C CYS A 55 -18.44 0.66 -8.72
N LYS A 56 -19.23 0.08 -9.62
CA LYS A 56 -19.03 0.37 -11.03
C LYS A 56 -19.14 1.87 -11.29
N GLN A 57 -20.03 2.55 -10.57
CA GLN A 57 -20.22 3.98 -10.73
C GLN A 57 -19.26 4.77 -9.85
N TYR A 58 -18.99 4.25 -8.66
CA TYR A 58 -18.13 4.94 -7.74
C TYR A 58 -16.72 5.08 -8.28
N VAL A 59 -16.16 4.00 -8.79
CA VAL A 59 -14.79 4.07 -9.25
C VAL A 59 -14.66 4.96 -10.47
N CYS A 60 -15.55 4.83 -11.46
CA CYS A 60 -15.51 5.65 -12.66
C CYS A 60 -16.90 6.08 -13.10
N ASN A 61 -17.03 7.35 -13.49
CA ASN A 61 -18.33 7.89 -13.87
C ASN A 61 -18.80 7.57 -15.28
N GLY A 62 -19.10 6.28 -15.51
CA GLY A 62 -19.62 5.79 -16.79
C GLY A 62 -18.63 5.60 -17.93
N PHE A 63 -17.39 5.30 -17.63
CA PHE A 63 -16.41 5.14 -18.69
C PHE A 63 -16.06 3.71 -18.98
N GLN A 64 -16.11 3.33 -20.25
CA GLN A 64 -15.80 1.96 -20.62
C GLN A 64 -14.36 1.57 -20.40
N LYS A 65 -13.42 2.49 -20.60
CA LYS A 65 -12.02 2.08 -20.43
C LYS A 65 -11.81 1.71 -18.98
N CYS A 66 -12.43 2.49 -18.11
CA CYS A 66 -12.37 2.24 -16.71
C CYS A 66 -12.99 0.91 -16.39
N GLU A 67 -14.18 0.63 -16.92
CA GLU A 67 -14.84 -0.63 -16.62
C GLU A 67 -13.99 -1.82 -17.10
N GLN A 68 -13.32 -1.67 -18.25
CA GLN A 68 -12.50 -2.75 -18.78
C GLN A 68 -11.35 -3.08 -17.84
N LEU A 69 -10.76 -2.06 -17.23
CA LEU A 69 -9.67 -2.27 -16.28
C LEU A 69 -10.22 -2.60 -14.88
N LEU A 70 -11.37 -2.05 -14.54
CA LEU A 70 -12.01 -2.27 -13.25
C LEU A 70 -12.38 -3.71 -13.11
N ARG A 71 -12.80 -4.33 -14.22
CA ARG A 71 -13.18 -5.73 -14.23
C ARG A 71 -12.11 -6.61 -13.61
N GLU A 72 -10.83 -6.26 -13.73
CA GLU A 72 -9.72 -7.06 -13.24
C GLU A 72 -9.72 -7.11 -11.71
N TYR A 73 -10.40 -6.13 -11.11
CA TYR A 73 -10.49 -5.91 -9.70
C TYR A 73 -11.90 -6.16 -9.13
N GLY A 74 -12.80 -6.78 -9.92
CA GLY A 74 -14.21 -6.94 -9.52
C GLY A 74 -14.44 -7.63 -8.18
N GLN A 75 -13.57 -8.55 -7.83
CA GLN A 75 -13.65 -9.29 -6.58
C GLN A 75 -13.48 -8.38 -5.37
N PHE A 76 -12.83 -7.23 -5.56
CA PHE A 76 -12.61 -6.30 -4.49
C PHE A 76 -13.92 -5.67 -4.08
N CYS A 77 -14.65 -5.16 -5.06
CA CYS A 77 -15.89 -4.51 -4.76
C CYS A 77 -16.95 -5.48 -4.28
N SER A 78 -16.81 -6.75 -4.67
CA SER A 78 -17.74 -7.74 -4.16
C SER A 78 -17.55 -7.79 -2.64
N LYS A 79 -16.28 -7.81 -2.17
CA LYS A 79 -15.99 -7.80 -0.74
C LYS A 79 -16.54 -6.55 -0.06
N ILE A 80 -16.44 -5.41 -0.73
CA ILE A 80 -16.92 -4.16 -0.17
C ILE A 80 -18.42 -4.17 0.06
N ASN A 81 -19.18 -4.62 -0.92
CA ASN A 81 -20.61 -4.59 -0.75
C ASN A 81 -21.09 -5.63 0.24
N GLN A 82 -20.47 -6.81 0.25
CA GLN A 82 -20.93 -7.84 1.16
C GLN A 82 -20.56 -7.48 2.60
N ALA A 83 -19.39 -6.87 2.81
CA ALA A 83 -19.01 -6.45 4.14
C ALA A 83 -19.96 -5.39 4.67
N LEU A 84 -20.37 -4.45 3.78
CA LEU A 84 -21.30 -3.42 4.20
C LEU A 84 -22.69 -4.03 4.40
N HIS A 85 -23.06 -5.04 3.59
CA HIS A 85 -24.35 -5.69 3.76
C HIS A 85 -24.41 -6.22 5.19
N GLY A 86 -23.35 -6.91 5.60
CA GLY A 86 -23.30 -7.45 6.95
C GLY A 86 -23.43 -6.34 8.00
N ALA A 87 -22.68 -5.25 7.85
CA ALA A 87 -22.75 -4.17 8.84
C ALA A 87 -24.14 -3.51 8.92
N ASN A 88 -24.82 -3.35 7.79
CA ASN A 88 -26.14 -2.73 7.80
C ASN A 88 -27.14 -3.66 8.48
N LEU A 89 -26.98 -4.98 8.31
CA LEU A 89 -27.88 -5.91 8.97
C LEU A 89 -27.69 -5.83 10.46
N ARG A 90 -26.43 -5.70 10.89
CA ARG A 90 -26.16 -5.62 12.31
C ARG A 90 -26.79 -4.36 12.87
N GLN A 91 -26.75 -3.26 12.11
CA GLN A 91 -27.36 -2.03 12.58
C GLN A 91 -28.85 -2.19 12.75
N ASP A 92 -29.51 -2.88 11.83
CA ASP A 92 -30.94 -3.05 11.97
C ASP A 92 -31.30 -3.98 13.11
N ASP A 93 -30.52 -5.03 13.32
CA ASP A 93 -30.87 -5.92 14.39
C ASP A 93 -30.70 -5.22 15.72
N SER A 94 -29.67 -4.39 15.84
CA SER A 94 -29.45 -3.68 17.08
C SER A 94 -30.61 -2.76 17.41
N VAL A 95 -31.09 -2.02 16.41
CA VAL A 95 -32.17 -1.07 16.63
C VAL A 95 -33.47 -1.76 17.02
N ARG A 96 -33.83 -2.85 16.32
CA ARG A 96 -35.09 -3.50 16.67
C ARG A 96 -34.99 -4.22 17.99
N ASN A 97 -33.81 -4.76 18.31
CA ASN A 97 -33.66 -5.49 19.53
C ASN A 97 -33.69 -4.55 20.72
N LEU A 98 -33.21 -3.33 20.53
CA LEU A 98 -33.24 -2.35 21.58
C LEU A 98 -34.66 -1.86 21.82
N PHE A 99 -35.39 -1.55 20.75
CA PHE A 99 -36.75 -1.06 20.97
C PHE A 99 -37.66 -2.13 21.53
N ALA A 100 -37.37 -3.38 21.22
CA ALA A 100 -38.15 -4.45 21.77
C ALA A 100 -38.11 -4.43 23.31
N SER A 101 -36.98 -4.01 23.92
CA SER A 101 -36.89 -3.98 25.38
C SER A 101 -37.58 -2.75 25.94
N VAL A 102 -37.70 -1.72 25.11
CA VAL A 102 -38.33 -0.47 25.48
C VAL A 102 -39.84 -0.65 25.68
N LYS A 103 -40.47 -1.36 24.77
CA LYS A 103 -41.91 -1.60 24.81
C LYS A 103 -42.44 -2.36 26.04
N SER A 104 -43.53 -1.85 26.62
CA SER A 104 -44.21 -2.45 27.75
C SER A 104 -45.40 -3.30 27.32
N SER A 105 -45.79 -4.29 28.12
CA SER A 105 -46.98 -5.08 27.80
C SER A 105 -48.26 -4.34 28.14
N GLN A 106 -48.17 -3.53 29.17
CA GLN A 106 -49.27 -2.72 29.66
C GLN A 106 -48.71 -1.42 30.16
N SER A 107 -49.52 -0.37 30.08
CA SER A 107 -49.13 0.96 30.55
C SER A 107 -50.34 1.86 30.84
N SER A 108 -50.09 2.98 31.52
CA SER A 108 -51.10 3.98 31.77
C SER A 108 -51.23 4.86 30.53
N PRO A 109 -52.41 5.40 30.23
CA PRO A 109 -52.58 6.38 29.19
C PRO A 109 -51.96 7.64 29.73
N ILE A 110 -51.40 8.44 28.86
CA ILE A 110 -50.86 9.72 29.25
C ILE A 110 -51.61 10.86 28.65
N ILE A 111 -52.02 11.76 29.52
CA ILE A 111 -52.72 12.95 29.15
C ILE A 111 -51.96 14.08 29.83
N PRO A 112 -52.11 15.33 29.39
CA PRO A 112 -51.50 16.47 30.03
C PRO A 112 -52.00 16.46 31.46
N GLY A 113 -51.10 16.76 32.38
CA GLY A 113 -51.41 16.74 33.80
C GLY A 113 -50.68 15.59 34.48
N PHE A 114 -50.24 14.60 33.70
CA PHE A 114 -49.47 13.56 34.33
C PHE A 114 -48.26 14.25 34.87
N GLY A 115 -47.90 13.92 36.11
CA GLY A 115 -46.78 14.54 36.79
C GLY A 115 -47.26 15.26 38.05
N GLY A 116 -48.53 15.63 38.08
CA GLY A 116 -49.01 16.31 39.28
C GLY A 116 -48.29 17.65 39.41
N ASP A 117 -47.57 17.83 40.51
CA ASP A 117 -46.86 19.07 40.79
C ASP A 117 -45.47 19.12 40.11
N PHE A 118 -45.10 18.02 39.47
CA PHE A 118 -43.83 17.84 38.80
C PHE A 118 -44.09 18.21 37.33
N ASN A 119 -43.34 19.16 36.79
CA ASN A 119 -43.58 19.74 35.46
C ASN A 119 -43.60 18.75 34.30
N LEU A 120 -42.75 17.73 34.32
CA LEU A 120 -42.73 16.78 33.22
C LEU A 120 -42.88 17.40 31.81
N THR A 121 -41.87 18.13 31.39
CA THR A 121 -41.82 18.84 30.10
C THR A 121 -41.58 17.85 28.96
N LEU A 122 -41.39 16.61 29.36
CA LEU A 122 -41.13 15.49 28.49
C LEU A 122 -42.42 14.80 28.04
N LEU A 123 -43.61 15.24 28.50
CA LEU A 123 -44.85 14.58 28.07
C LEU A 123 -45.00 14.86 26.59
N GLU A 124 -45.55 13.92 25.84
CA GLU A 124 -45.70 14.13 24.42
C GLU A 124 -46.51 15.40 24.08
N PRO A 125 -45.96 16.35 23.28
CA PRO A 125 -46.57 17.60 22.88
C PRO A 125 -47.55 17.36 21.76
N VAL A 126 -48.60 16.63 22.06
CA VAL A 126 -49.58 16.27 21.08
C VAL A 126 -50.48 17.46 20.82
N ALA A 135 -46.80 12.17 19.84
CA ALA A 135 -45.80 13.19 19.57
C ALA A 135 -44.50 12.80 20.26
N ARG A 136 -43.58 13.76 20.39
CA ARG A 136 -42.26 13.51 20.92
C ARG A 136 -42.08 14.00 22.37
N SER A 137 -41.26 15.01 22.59
CA SER A 137 -41.02 15.56 23.94
C SER A 137 -40.39 16.92 23.77
N ALA A 138 -40.35 17.75 24.83
CA ALA A 138 -39.62 19.00 24.69
C ALA A 138 -38.17 18.74 24.40
N ILE A 139 -37.64 17.70 25.02
CA ILE A 139 -36.25 17.35 24.90
C ILE A 139 -35.91 16.92 23.49
N GLU A 140 -36.75 16.09 22.88
CA GLU A 140 -36.42 15.68 21.52
C GLU A 140 -36.44 16.86 20.59
N ASP A 141 -37.35 17.80 20.75
CA ASP A 141 -37.31 18.92 19.83
C ASP A 141 -36.05 19.74 20.09
N LEU A 142 -35.65 19.88 21.35
CA LEU A 142 -34.45 20.64 21.61
C LEU A 142 -33.23 19.97 20.98
N LEU A 143 -33.12 18.66 21.06
CA LEU A 143 -31.99 18.01 20.42
C LEU A 143 -32.04 18.07 18.91
N PHE A 144 -33.20 17.85 18.32
CA PHE A 144 -33.25 17.83 16.87
C PHE A 144 -33.15 19.22 16.25
N ASP A 145 -33.68 20.24 16.91
CA ASP A 145 -33.60 21.59 16.39
C ASP A 145 -32.22 22.23 16.64
N LYS A 146 -31.57 21.91 17.78
CA LYS A 146 -30.28 22.52 18.12
C LYS A 146 -29.09 21.87 17.41
N VAL A 147 -29.15 20.57 17.15
CA VAL A 147 -28.05 19.89 16.51
C VAL A 147 -28.12 20.13 15.00
N THR A 148 -26.99 20.47 14.40
CA THR A 148 -26.92 20.73 12.98
C THR A 148 -26.92 19.45 12.17
N ILE A 149 -28.09 18.81 12.14
CA ILE A 149 -28.28 17.56 11.43
C ILE A 149 -28.94 17.87 10.09
N ALA A 150 -28.36 17.32 9.03
CA ALA A 150 -28.75 17.54 7.64
C ALA A 150 -30.12 16.96 7.27
N ASP A 151 -30.79 17.65 6.34
CA ASP A 151 -32.07 17.21 5.80
C ASP A 151 -31.96 15.84 5.11
N PRO A 152 -32.93 14.93 5.33
CA PRO A 152 -33.02 13.63 4.70
C PRO A 152 -33.49 13.79 3.27
N GLY A 153 -33.25 12.78 2.46
CA GLY A 153 -33.78 12.72 1.10
C GLY A 153 -34.94 11.75 1.11
N TYR A 154 -34.88 10.74 0.26
CA TYR A 154 -35.88 9.65 0.12
C TYR A 154 -37.21 10.11 -0.57
N MET A 155 -37.79 11.23 -0.12
CA MET A 155 -39.02 11.83 -0.67
C MET A 155 -39.06 13.35 -0.41
N GLN A 156 -39.29 14.22 -1.41
CA GLN A 156 -39.47 13.92 -2.83
C GLN A 156 -38.19 13.42 -3.46
N GLY A 157 -37.04 13.90 -2.98
CA GLY A 157 -35.80 13.41 -3.53
C GLY A 157 -35.36 14.08 -4.83
N TYR A 158 -35.31 13.24 -5.85
CA TYR A 158 -34.76 13.44 -7.20
C TYR A 158 -35.20 14.73 -7.86
N ASP A 159 -36.46 15.10 -7.74
CA ASP A 159 -36.93 16.33 -8.40
C ASP A 159 -36.14 17.55 -7.94
N ASP A 160 -35.59 17.56 -6.74
CA ASP A 160 -34.89 18.73 -6.27
C ASP A 160 -33.41 18.69 -6.64
N CYS A 161 -33.01 17.61 -7.31
CA CYS A 161 -31.65 17.39 -7.77
C CYS A 161 -31.62 17.35 -9.30
N MET A 162 -32.79 17.54 -9.87
CA MET A 162 -33.09 17.51 -11.30
C MET A 162 -33.19 18.94 -11.80
N GLN A 163 -33.07 19.17 -13.11
CA GLN A 163 -33.23 20.53 -13.62
C GLN A 163 -34.67 21.03 -13.39
N GLN A 164 -35.58 20.09 -13.16
CA GLN A 164 -36.97 20.40 -12.90
C GLN A 164 -37.16 20.60 -11.39
N GLY A 165 -36.52 21.64 -10.88
CA GLY A 165 -36.47 21.93 -9.44
C GLY A 165 -35.61 23.18 -9.19
N PRO A 166 -35.43 23.62 -7.93
CA PRO A 166 -34.67 24.81 -7.56
C PRO A 166 -33.22 24.63 -7.95
N ALA A 167 -32.64 25.65 -8.59
CA ALA A 167 -31.26 25.62 -9.07
C ALA A 167 -30.25 25.64 -7.95
N SER A 168 -30.70 26.08 -6.78
CA SER A 168 -29.93 26.23 -5.58
C SER A 168 -29.67 24.94 -4.81
N ALA A 169 -30.31 23.84 -5.15
CA ALA A 169 -30.04 22.64 -4.37
C ALA A 169 -28.57 22.24 -4.52
N ARG A 170 -27.92 21.96 -3.39
CA ARG A 170 -26.53 21.52 -3.38
C ARG A 170 -26.37 20.37 -2.41
N ASP A 171 -27.43 19.63 -2.22
CA ASP A 171 -27.43 18.54 -1.25
C ASP A 171 -26.39 17.49 -1.59
N LEU A 172 -25.72 16.96 -0.55
CA LEU A 172 -24.74 15.89 -0.74
C LEU A 172 -25.48 14.64 -1.22
N ILE A 173 -26.77 14.59 -0.95
CA ILE A 173 -27.61 13.54 -1.45
C ILE A 173 -27.70 13.67 -2.98
N CYS A 174 -27.80 14.88 -3.53
CA CYS A 174 -27.92 15.01 -4.98
C CYS A 174 -26.67 14.45 -5.63
N ALA A 175 -25.54 14.65 -4.97
CA ALA A 175 -24.25 14.19 -5.45
C ALA A 175 -24.19 12.66 -5.55
N GLN A 176 -25.09 11.96 -4.86
CA GLN A 176 -25.11 10.52 -4.86
C GLN A 176 -25.47 9.95 -6.21
N TYR A 177 -26.17 10.76 -7.03
CA TYR A 177 -26.61 10.34 -8.35
C TYR A 177 -25.43 10.20 -9.30
N VAL A 178 -24.29 10.82 -8.92
CA VAL A 178 -23.06 10.78 -9.68
C VAL A 178 -22.07 9.84 -8.97
N ALA A 179 -21.97 9.99 -7.64
CA ALA A 179 -21.06 9.19 -6.83
C ALA A 179 -21.34 7.69 -6.87
N GLY A 180 -22.61 7.27 -7.02
CA GLY A 180 -22.88 5.84 -7.00
C GLY A 180 -22.97 5.42 -5.54
N TYR A 181 -23.30 6.38 -4.71
CA TYR A 181 -23.38 6.14 -3.29
C TYR A 181 -24.81 6.20 -2.89
N LYS A 182 -25.25 5.37 -1.99
CA LYS A 182 -26.61 5.59 -1.55
C LYS A 182 -26.72 5.63 -0.04
N VAL A 183 -27.49 6.61 0.42
CA VAL A 183 -27.82 6.72 1.83
C VAL A 183 -29.08 5.90 2.04
N LEU A 184 -29.07 5.09 3.07
CA LEU A 184 -30.20 4.24 3.34
C LEU A 184 -31.11 4.88 4.38
N PRO A 185 -32.41 4.55 4.38
CA PRO A 185 -33.41 5.04 5.32
C PRO A 185 -33.18 4.47 6.71
N PRO A 186 -33.71 5.14 7.75
CA PRO A 186 -33.70 4.72 9.14
C PRO A 186 -34.63 3.54 9.27
N LEU A 187 -34.42 2.69 10.27
CA LEU A 187 -35.26 1.52 10.50
C LEU A 187 -36.63 1.73 11.14
N MET A 188 -36.76 2.68 12.06
CA MET A 188 -38.01 2.81 12.82
C MET A 188 -39.04 3.87 12.41
N ASP A 189 -38.58 5.02 11.91
CA ASP A 189 -39.40 6.21 11.68
C ASP A 189 -39.63 6.90 13.01
N VAL A 190 -39.96 8.18 12.96
CA VAL A 190 -40.16 8.94 14.19
C VAL A 190 -41.40 8.51 14.92
N ASN A 191 -42.43 8.07 14.20
CA ASN A 191 -43.65 7.74 14.89
C ASN A 191 -43.52 6.45 15.66
N MET A 192 -42.79 5.46 15.14
CA MET A 192 -42.67 4.27 15.95
C MET A 192 -41.74 4.55 17.11
N GLU A 193 -40.67 5.34 16.89
CA GLU A 193 -39.80 5.55 18.04
C GLU A 193 -40.58 6.26 19.14
N ALA A 194 -41.46 7.20 18.75
CA ALA A 194 -42.29 7.90 19.72
C ALA A 194 -43.20 6.92 20.47
N ALA A 195 -43.75 5.93 19.75
CA ALA A 195 -44.63 4.92 20.38
C ALA A 195 -43.88 4.11 21.43
N TYR A 196 -42.61 3.83 21.17
CA TYR A 196 -41.86 3.07 22.13
C TYR A 196 -41.54 3.91 23.36
N THR A 197 -41.22 5.18 23.20
CA THR A 197 -40.93 5.94 24.40
C THR A 197 -42.20 6.43 25.09
N SER A 198 -43.35 6.49 24.39
CA SER A 198 -44.57 6.86 25.08
C SER A 198 -45.01 5.68 25.94
N SER A 199 -44.61 4.46 25.53
CA SER A 199 -44.89 3.25 26.28
C SER A 199 -44.09 3.29 27.59
N LEU A 200 -42.85 3.80 27.51
CA LEU A 200 -42.07 3.96 28.74
C LEU A 200 -42.70 5.02 29.65
N LEU A 201 -43.20 6.12 29.08
CA LEU A 201 -43.79 7.15 29.94
C LEU A 201 -44.98 6.61 30.69
N GLY A 202 -45.78 5.80 30.03
CA GLY A 202 -46.96 5.20 30.62
C GLY A 202 -46.60 4.14 31.66
N SER A 203 -45.32 3.75 31.74
CA SER A 203 -44.88 2.73 32.65
C SER A 203 -44.35 3.35 33.94
N ILE A 204 -44.31 4.69 33.97
CA ILE A 204 -43.86 5.42 35.12
C ILE A 204 -45.00 5.53 36.11
N ALA A 205 -44.65 5.29 37.37
CA ALA A 205 -45.53 5.24 38.54
C ALA A 205 -46.33 3.92 38.53
N GLY A 206 -45.63 2.80 38.86
CA GLY A 206 -44.24 2.86 39.34
C GLY A 206 -43.50 1.56 39.38
N VAL A 207 -42.32 1.64 39.99
CA VAL A 207 -41.34 0.56 40.02
C VAL A 207 -41.26 -0.10 41.38
N GLY A 208 -42.17 0.28 42.26
CA GLY A 208 -42.24 -0.30 43.59
C GLY A 208 -43.27 -1.40 43.59
N TRP A 209 -43.71 -1.79 44.79
CA TRP A 209 -44.71 -2.86 45.03
C TRP A 209 -44.25 -4.27 44.63
N THR A 210 -42.99 -4.40 44.24
CA THR A 210 -42.28 -5.60 43.75
C THR A 210 -42.83 -6.04 42.40
N ALA A 211 -42.09 -6.91 41.73
CA ALA A 211 -42.45 -7.33 40.39
C ALA A 211 -42.63 -6.09 39.51
N GLY A 212 -43.84 -5.87 39.00
CA GLY A 212 -44.12 -4.75 38.09
C GLY A 212 -43.85 -5.19 36.66
N LEU A 213 -43.41 -6.44 36.59
CA LEU A 213 -43.04 -7.19 35.43
C LEU A 213 -44.15 -8.21 35.19
N SER A 214 -45.21 -7.97 35.92
CA SER A 214 -46.42 -8.75 36.01
C SER A 214 -47.63 -7.82 36.04
N SER A 215 -47.92 -7.31 37.24
CA SER A 215 -49.04 -6.43 37.50
C SER A 215 -48.68 -4.98 37.23
N PHE A 216 -49.69 -4.11 37.16
CA PHE A 216 -49.45 -2.68 36.97
C PHE A 216 -50.38 -1.78 37.77
N ALA A 217 -49.78 -0.94 38.62
CA ALA A 217 -50.52 -0.07 39.55
C ALA A 217 -51.14 1.20 38.94
N ALA A 218 -50.53 1.80 37.93
CA ALA A 218 -51.11 3.04 37.37
C ALA A 218 -51.36 4.12 38.44
N ILE A 219 -50.29 4.55 39.12
CA ILE A 219 -50.42 5.52 40.23
C ILE A 219 -49.74 6.85 39.84
N PRO A 220 -49.84 7.94 40.63
CA PRO A 220 -49.23 9.24 40.34
C PRO A 220 -47.71 9.25 40.27
N PHE A 221 -47.19 10.12 39.42
CA PHE A 221 -45.76 10.34 39.26
C PHE A 221 -45.15 10.78 40.56
N ALA A 222 -45.81 11.75 41.18
CA ALA A 222 -45.34 12.33 42.40
C ALA A 222 -45.18 11.30 43.48
N GLN A 223 -46.05 10.31 43.52
CA GLN A 223 -45.90 9.36 44.58
C GLN A 223 -44.73 8.48 44.30
N SER A 224 -44.45 8.18 43.03
CA SER A 224 -43.30 7.32 42.79
C SER A 224 -42.05 8.07 43.27
N ILE A 225 -42.08 9.41 43.18
CA ILE A 225 -40.97 10.21 43.67
C ILE A 225 -40.86 10.12 45.16
N PHE A 226 -41.97 10.24 45.86
CA PHE A 226 -41.89 10.20 47.28
C PHE A 226 -41.43 8.82 47.75
N TYR A 227 -41.86 7.77 47.07
CA TYR A 227 -41.42 6.44 47.46
C TYR A 227 -39.91 6.32 47.28
N ARG A 228 -39.38 6.86 46.17
CA ARG A 228 -37.94 6.81 45.92
C ARG A 228 -37.13 7.60 46.95
N LEU A 229 -37.70 8.71 47.43
CA LEU A 229 -37.02 9.52 48.44
C LEU A 229 -36.96 8.80 49.80
N ASN A 230 -38.04 8.08 50.16
CA ASN A 230 -37.98 7.29 51.39
C ASN A 230 -36.92 6.21 51.21
N GLY A 231 -36.78 5.77 49.96
CA GLY A 231 -35.87 4.75 49.53
C GLY A 231 -34.39 5.14 49.67
N VAL A 232 -34.07 6.42 49.92
CA VAL A 232 -32.68 6.79 50.09
C VAL A 232 -32.38 7.20 51.52
N GLY A 233 -33.33 6.99 52.42
CA GLY A 233 -33.08 7.37 53.80
C GLY A 233 -33.73 8.66 54.30
N ILE A 234 -34.67 9.27 53.55
CA ILE A 234 -35.34 10.48 54.01
C ILE A 234 -36.58 9.99 54.74
N THR A 235 -36.89 10.50 55.94
CA THR A 235 -38.08 9.93 56.58
C THR A 235 -39.37 10.50 55.97
N GLN A 236 -40.49 9.84 56.24
CA GLN A 236 -41.78 10.26 55.68
C GLN A 236 -42.28 11.58 56.21
N GLN A 237 -42.00 11.88 57.46
CA GLN A 237 -42.53 13.12 58.01
C GLN A 237 -41.93 14.30 57.27
N VAL A 238 -40.67 14.17 56.88
CA VAL A 238 -39.99 15.22 56.19
C VAL A 238 -40.62 15.38 54.82
N LEU A 239 -40.87 14.26 54.14
CA LEU A 239 -41.42 14.37 52.81
C LEU A 239 -42.83 14.93 52.82
N SER A 240 -43.63 14.57 53.83
CA SER A 240 -45.00 15.06 53.86
C SER A 240 -45.05 16.55 54.07
N GLU A 241 -44.20 17.08 54.93
CA GLU A 241 -44.20 18.51 55.18
C GLU A 241 -43.63 19.31 54.02
N ASN A 242 -42.66 18.75 53.32
CA ASN A 242 -41.98 19.43 52.24
C ASN A 242 -42.40 18.97 50.85
N GLN A 243 -43.52 18.29 50.73
CA GLN A 243 -43.89 17.75 49.41
C GLN A 243 -44.03 18.81 48.31
N LYS A 244 -44.41 20.05 48.65
CA LYS A 244 -44.54 21.07 47.62
C LYS A 244 -43.19 21.64 47.28
N LEU A 245 -42.31 21.68 48.28
CA LEU A 245 -40.98 22.20 48.11
C LEU A 245 -40.19 21.25 47.24
N ILE A 246 -40.43 19.95 47.45
CA ILE A 246 -39.77 18.92 46.69
C ILE A 246 -40.16 19.01 45.24
N ALA A 247 -41.46 19.19 44.96
CA ALA A 247 -41.87 19.33 43.57
C ALA A 247 -41.21 20.55 42.94
N ASN A 248 -41.07 21.64 43.70
CA ASN A 248 -40.45 22.82 43.14
C ASN A 248 -38.98 22.58 42.84
N LYS A 249 -38.27 21.87 43.73
CA LYS A 249 -36.87 21.60 43.51
C LYS A 249 -36.70 20.69 42.30
N PHE A 250 -37.61 19.73 42.14
CA PHE A 250 -37.59 18.86 40.98
C PHE A 250 -37.71 19.70 39.73
N ASN A 251 -38.69 20.61 39.73
CA ASN A 251 -38.94 21.42 38.57
C ASN A 251 -37.74 22.30 38.25
N GLN A 252 -37.03 22.78 39.27
CA GLN A 252 -35.84 23.58 39.03
C GLN A 252 -34.75 22.74 38.40
N ALA A 253 -34.59 21.51 38.89
CA ALA A 253 -33.59 20.60 38.37
C ALA A 253 -33.90 20.25 36.93
N LEU A 254 -35.18 20.08 36.61
CA LEU A 254 -35.64 19.78 35.27
C LEU A 254 -35.49 20.99 34.38
N GLY A 255 -35.75 22.17 34.94
CA GLY A 255 -35.66 23.45 34.26
C GLY A 255 -34.28 23.63 33.69
N ALA A 256 -33.28 23.06 34.34
CA ALA A 256 -31.90 23.13 33.86
C ALA A 256 -31.76 22.61 32.42
N MET A 257 -32.66 21.72 31.99
CA MET A 257 -32.59 21.15 30.65
C MET A 257 -32.84 22.20 29.58
N GLN A 258 -33.42 23.33 29.96
CA GLN A 258 -33.73 24.43 29.06
C GLN A 258 -32.45 25.03 28.51
N THR A 259 -31.35 24.97 29.29
CA THR A 259 -30.08 25.54 28.84
C THR A 259 -29.11 24.44 28.44
N GLY A 260 -29.43 23.21 28.84
CA GLY A 260 -28.60 22.03 28.58
C GLY A 260 -28.31 21.75 27.09
N PHE A 261 -29.21 22.08 26.18
CA PHE A 261 -28.94 21.79 24.77
C PHE A 261 -28.14 22.92 24.15
N THR A 262 -26.89 22.94 24.57
CA THR A 262 -25.88 23.90 24.24
C THR A 262 -24.56 23.26 23.92
N THR A 263 -23.70 24.00 23.25
CA THR A 263 -22.40 23.50 22.84
C THR A 263 -21.43 23.39 24.01
N THR A 264 -21.81 23.96 25.14
CA THR A 264 -21.00 23.90 26.34
C THR A 264 -21.38 22.68 27.19
N ASN A 265 -22.38 21.93 26.73
CA ASN A 265 -22.87 20.74 27.38
C ASN A 265 -22.20 19.54 26.74
N GLU A 266 -21.43 18.80 27.52
CA GLU A 266 -20.65 17.71 26.96
C GLU A 266 -21.53 16.62 26.33
N ALA A 267 -22.67 16.27 26.96
CA ALA A 267 -23.53 15.24 26.37
C ALA A 267 -24.07 15.73 25.03
N PHE A 268 -24.40 17.01 24.96
CA PHE A 268 -24.91 17.61 23.73
C PHE A 268 -23.84 17.54 22.65
N HIS A 269 -22.61 17.89 23.00
CA HIS A 269 -21.51 17.86 22.06
C HIS A 269 -21.38 16.45 21.48
N LYS A 270 -21.49 15.42 22.33
CA LYS A 270 -21.40 14.06 21.83
C LYS A 270 -22.49 13.75 20.80
N VAL A 271 -23.68 14.32 20.97
CA VAL A 271 -24.76 14.09 20.02
C VAL A 271 -24.33 14.71 18.69
N GLN A 272 -23.78 15.92 18.78
CA GLN A 272 -23.33 16.62 17.58
C GLN A 272 -22.22 15.84 16.87
N ASP A 273 -21.32 15.20 17.64
CA ASP A 273 -20.28 14.43 17.01
C ASP A 273 -20.81 13.19 16.34
N ALA A 274 -21.82 12.54 16.90
CA ALA A 274 -22.35 11.37 16.21
C ALA A 274 -22.79 11.77 14.79
N VAL A 275 -23.36 12.95 14.68
CA VAL A 275 -23.81 13.46 13.40
C VAL A 275 -22.61 13.77 12.51
N ASN A 276 -21.61 14.43 13.07
CA ASN A 276 -20.43 14.84 12.33
C ASN A 276 -19.62 13.65 11.83
N ASN A 277 -19.61 12.58 12.61
CA ASN A 277 -18.86 11.38 12.28
C ASN A 277 -19.48 10.66 11.10
N ASN A 278 -20.79 10.75 10.97
CA ASN A 278 -21.39 10.12 9.82
C ASN A 278 -21.19 11.01 8.60
N ALA A 279 -21.23 12.32 8.82
CA ALA A 279 -21.07 13.26 7.73
C ALA A 279 -19.70 13.14 7.08
N GLN A 280 -18.66 12.95 7.91
CA GLN A 280 -17.31 12.82 7.39
C GLN A 280 -17.11 11.48 6.72
N ALA A 281 -17.80 10.43 7.16
CA ALA A 281 -17.58 9.16 6.51
C ALA A 281 -17.94 9.28 5.02
N LEU A 282 -19.05 9.98 4.73
CA LEU A 282 -19.42 10.20 3.33
C LEU A 282 -18.61 11.29 2.68
N SER A 283 -18.34 12.38 3.39
CA SER A 283 -17.61 13.44 2.75
C SER A 283 -16.29 12.89 2.26
N LYS A 284 -15.63 12.02 3.05
CA LYS A 284 -14.38 11.44 2.59
C LYS A 284 -14.59 10.56 1.36
N LEU A 285 -15.65 9.73 1.31
CA LEU A 285 -15.79 8.97 0.08
C LEU A 285 -16.01 9.88 -1.11
N ALA A 286 -16.77 10.94 -0.90
CA ALA A 286 -17.07 11.89 -1.97
C ALA A 286 -15.85 12.68 -2.42
N SER A 287 -14.98 13.13 -1.49
CA SER A 287 -13.85 13.94 -1.88
C SER A 287 -12.77 13.13 -2.55
N GLU A 288 -12.74 11.83 -2.26
CA GLU A 288 -11.78 10.96 -2.89
C GLU A 288 -12.08 10.79 -4.38
N LEU A 289 -13.29 11.12 -4.82
CA LEU A 289 -13.64 10.97 -6.21
C LEU A 289 -12.93 12.02 -7.07
N SER A 290 -12.40 13.06 -6.44
CA SER A 290 -11.72 14.13 -7.15
C SER A 290 -10.21 14.09 -6.88
N ASN A 291 -9.76 13.05 -6.18
CA ASN A 291 -8.38 12.92 -5.78
C ASN A 291 -7.58 12.15 -6.80
N THR A 292 -6.38 12.62 -7.13
CA THR A 292 -5.58 11.81 -8.03
C THR A 292 -4.87 10.81 -7.15
N PHE A 293 -4.43 9.73 -7.73
CA PHE A 293 -3.74 8.72 -6.96
C PHE A 293 -2.37 8.42 -7.54
N GLY A 294 -1.66 9.50 -7.88
CA GLY A 294 -0.37 9.43 -8.56
C GLY A 294 -0.64 9.61 -10.06
N ALA A 295 -1.92 9.63 -10.36
CA ALA A 295 -2.50 9.79 -11.67
C ALA A 295 -2.40 11.23 -12.11
N ILE A 296 -2.40 11.42 -13.41
CA ILE A 296 -2.40 12.73 -14.02
C ILE A 296 -3.70 13.47 -13.74
N SER A 297 -4.78 12.72 -13.63
CA SER A 297 -6.09 13.29 -13.37
C SER A 297 -6.99 12.31 -12.67
N ALA A 298 -7.93 12.86 -11.88
CA ALA A 298 -8.93 12.07 -11.19
C ALA A 298 -10.14 11.84 -12.10
N SER A 299 -10.09 12.46 -13.27
CA SER A 299 -11.14 12.39 -14.27
C SER A 299 -10.79 11.53 -15.46
N ILE A 300 -11.58 10.48 -15.66
CA ILE A 300 -11.33 9.54 -16.76
C ILE A 300 -11.51 10.28 -18.06
N GLY A 301 -12.51 11.14 -18.13
CA GLY A 301 -12.81 11.89 -19.35
C GLY A 301 -11.64 12.78 -19.77
N ASP A 302 -10.91 13.32 -18.80
CA ASP A 302 -9.78 14.20 -19.11
C ASP A 302 -8.55 13.35 -19.43
N ILE A 303 -8.46 12.17 -18.81
CA ILE A 303 -7.36 11.28 -19.12
C ILE A 303 -7.51 10.88 -20.57
N ILE A 304 -8.71 10.51 -20.99
CA ILE A 304 -8.87 10.10 -22.36
C ILE A 304 -8.68 11.27 -23.32
N GLN A 305 -9.33 12.38 -23.05
CA GLN A 305 -9.27 13.50 -23.96
C GLN A 305 -7.89 14.03 -24.28
N ARG A 306 -7.00 14.08 -23.31
CA ARG A 306 -5.70 14.67 -23.59
C ARG A 306 -4.52 13.69 -23.63
N LEU A 307 -4.78 12.38 -23.65
CA LEU A 307 -3.67 11.41 -23.69
C LEU A 307 -3.85 10.36 -24.76
N ASP A 308 -2.75 9.94 -25.36
CA ASP A 308 -2.80 8.85 -26.31
C ASP A 308 -3.16 7.55 -25.53
N VAL A 309 -3.96 6.62 -26.10
CA VAL A 309 -4.36 5.33 -25.52
C VAL A 309 -3.29 4.53 -24.73
N LEU A 310 -2.01 4.40 -25.19
CA LEU A 310 -0.95 3.69 -24.50
C LEU A 310 -0.61 4.27 -23.13
N GLU A 311 -1.00 5.54 -22.91
CA GLU A 311 -0.72 6.22 -21.65
C GLU A 311 -1.99 6.26 -20.80
N GLN A 312 -3.14 6.29 -21.47
CA GLN A 312 -4.42 6.42 -20.78
C GLN A 312 -4.65 5.24 -19.85
N ASP A 313 -4.31 4.02 -20.29
CA ASP A 313 -4.56 2.88 -19.40
C ASP A 313 -3.77 2.96 -18.11
N ALA A 314 -2.55 3.48 -18.17
CA ALA A 314 -1.75 3.58 -16.96
C ALA A 314 -2.36 4.59 -15.99
N GLN A 315 -2.89 5.69 -16.54
CA GLN A 315 -3.44 6.73 -15.70
C GLN A 315 -4.74 6.27 -15.06
N ILE A 316 -5.50 5.50 -15.83
CA ILE A 316 -6.77 4.97 -15.37
C ILE A 316 -6.52 3.89 -14.34
N ASP A 317 -5.53 3.02 -14.55
CA ASP A 317 -5.28 1.99 -13.57
C ASP A 317 -4.88 2.61 -12.22
N ARG A 318 -4.09 3.72 -12.24
CA ARG A 318 -3.74 4.34 -10.97
C ARG A 318 -5.00 4.86 -10.30
N LEU A 319 -5.91 5.44 -11.09
CA LEU A 319 -7.15 5.96 -10.55
C LEU A 319 -7.99 4.87 -9.94
N ILE A 320 -8.12 3.75 -10.64
CA ILE A 320 -8.95 2.67 -10.16
C ILE A 320 -8.43 2.11 -8.88
N ASN A 321 -7.14 1.85 -8.82
CA ASN A 321 -6.62 1.24 -7.63
C ASN A 321 -6.74 2.21 -6.48
N GLY A 322 -6.64 3.49 -6.79
CA GLY A 322 -6.82 4.53 -5.83
C GLY A 322 -8.21 4.52 -5.24
N ARG A 323 -9.23 4.52 -6.11
CA ARG A 323 -10.62 4.52 -5.65
C ARG A 323 -10.95 3.26 -4.86
N LEU A 324 -10.39 2.14 -5.30
CA LEU A 324 -10.67 0.89 -4.60
C LEU A 324 -10.02 0.95 -3.22
N THR A 325 -8.83 1.55 -3.11
CA THR A 325 -8.15 1.68 -1.84
C THR A 325 -9.00 2.50 -0.87
N THR A 326 -9.61 3.57 -1.36
CA THR A 326 -10.44 4.39 -0.49
C THR A 326 -11.70 3.63 -0.07
N LEU A 327 -12.24 2.77 -0.94
CA LEU A 327 -13.40 1.96 -0.53
C LEU A 327 -12.99 1.00 0.57
N ASN A 328 -11.79 0.45 0.47
CA ASN A 328 -11.31 -0.49 1.47
C ASN A 328 -11.25 0.17 2.83
N ALA A 329 -10.66 1.35 2.90
CA ALA A 329 -10.54 2.04 4.17
C ALA A 329 -11.90 2.36 4.75
N PHE A 330 -12.83 2.78 3.89
CA PHE A 330 -14.16 3.10 4.33
C PHE A 330 -14.83 1.92 4.99
N VAL A 331 -14.78 0.77 4.32
CA VAL A 331 -15.42 -0.40 4.86
C VAL A 331 -14.80 -0.84 6.16
N ALA A 332 -13.47 -0.84 6.24
CA ALA A 332 -12.87 -1.27 7.49
C ALA A 332 -13.35 -0.39 8.63
N GLN A 333 -13.46 0.91 8.37
CA GLN A 333 -13.91 1.84 9.37
C GLN A 333 -15.37 1.60 9.74
N GLN A 334 -16.22 1.31 8.74
CA GLN A 334 -17.62 1.08 9.02
C GLN A 334 -17.82 -0.21 9.81
N LEU A 335 -17.02 -1.24 9.55
CA LEU A 335 -17.19 -2.49 10.28
C LEU A 335 -16.88 -2.27 11.76
N VAL A 336 -15.84 -1.48 12.05
CA VAL A 336 -15.47 -1.20 13.44
C VAL A 336 -16.54 -0.34 14.10
N ARG A 337 -17.02 0.69 13.38
CA ARG A 337 -18.02 1.58 13.95
C ARG A 337 -19.31 0.84 14.26
N SER A 338 -19.70 -0.11 13.40
CA SER A 338 -20.91 -0.88 13.60
C SER A 338 -20.81 -1.72 14.87
N GLU A 339 -19.67 -2.38 15.08
CA GLU A 339 -19.54 -3.18 16.28
C GLU A 339 -19.51 -2.34 17.55
N SER A 340 -18.88 -1.17 17.48
CA SER A 340 -18.86 -0.33 18.65
C SER A 340 -20.28 0.16 18.96
N ALA A 341 -21.05 0.49 17.91
CA ALA A 341 -22.43 0.92 18.09
C ALA A 341 -23.27 -0.22 18.67
N ALA A 342 -23.01 -1.47 18.25
CA ALA A 342 -23.76 -2.61 18.77
C ALA A 342 -23.56 -2.75 20.28
N LEU A 343 -22.33 -2.52 20.73
CA LEU A 343 -22.04 -2.59 22.16
C LEU A 343 -22.78 -1.49 22.89
N SER A 344 -22.77 -0.30 22.31
CA SER A 344 -23.41 0.85 22.91
C SER A 344 -24.91 0.62 23.07
N ALA A 345 -25.55 0.06 22.03
CA ALA A 345 -26.97 -0.21 22.09
C ALA A 345 -27.32 -1.24 23.15
N GLN A 346 -26.50 -2.27 23.32
CA GLN A 346 -26.83 -3.24 24.35
C GLN A 346 -26.65 -2.64 25.73
N LEU A 347 -25.67 -1.76 25.88
CA LEU A 347 -25.49 -1.12 27.17
C LEU A 347 -26.71 -0.26 27.47
N ALA A 348 -27.25 0.42 26.44
CA ALA A 348 -28.46 1.22 26.63
C ALA A 348 -29.62 0.34 27.04
N LYS A 349 -29.73 -0.85 26.44
CA LYS A 349 -30.81 -1.77 26.76
C LYS A 349 -30.85 -2.00 28.26
N ASP A 350 -29.67 -2.22 28.84
CA ASP A 350 -29.62 -2.45 30.26
C ASP A 350 -29.92 -1.18 31.04
N LYS A 351 -29.42 -0.02 30.61
CA LYS A 351 -29.72 1.21 31.35
C LYS A 351 -31.21 1.52 31.39
N VAL A 352 -31.92 1.28 30.31
CA VAL A 352 -33.34 1.56 30.34
C VAL A 352 -33.98 0.66 31.40
N ASN A 353 -33.55 -0.60 31.46
CA ASN A 353 -34.09 -1.54 32.43
C ASN A 353 -33.48 -1.42 33.84
N GLU A 354 -32.55 -0.49 34.05
CA GLU A 354 -31.91 -0.29 35.35
C GLU A 354 -32.21 1.06 36.00
N CYS A 355 -32.34 2.10 35.21
CA CYS A 355 -32.54 3.45 35.73
C CYS A 355 -33.85 4.09 35.26
N VAL A 356 -34.28 3.80 34.03
CA VAL A 356 -35.52 4.41 33.58
C VAL A 356 -36.70 3.62 34.18
N LYS A 357 -36.61 2.31 34.10
CA LYS A 357 -37.64 1.41 34.62
C LYS A 357 -37.40 1.00 36.07
N ALA A 358 -36.37 1.54 36.71
CA ALA A 358 -36.05 1.15 38.08
C ALA A 358 -35.23 2.20 38.82
N GLN A 359 -35.25 2.14 40.16
CA GLN A 359 -34.38 3.01 40.95
C GLN A 359 -33.02 2.33 41.15
N SER A 360 -31.95 3.08 40.92
CA SER A 360 -30.61 2.54 41.08
C SER A 360 -30.04 2.69 42.48
N LYS A 361 -29.35 1.64 42.92
CA LYS A 361 -28.67 1.62 44.21
C LYS A 361 -27.16 1.51 44.05
N ARG A 362 -26.68 1.70 42.82
CA ARG A 362 -25.26 1.50 42.52
C ARG A 362 -24.26 2.65 42.67
N SER A 363 -24.72 3.89 42.71
CA SER A 363 -23.82 5.06 42.65
C SER A 363 -23.01 4.98 41.38
N GLY A 364 -22.10 5.94 41.15
CA GLY A 364 -21.27 5.95 39.92
C GLY A 364 -22.06 6.49 38.71
N PHE A 365 -23.19 5.82 38.46
CA PHE A 365 -24.20 6.02 37.45
C PHE A 365 -25.10 7.17 37.72
N CYS A 366 -25.63 7.72 36.65
CA CYS A 366 -26.70 8.71 36.66
C CYS A 366 -26.37 10.05 37.32
N GLY A 367 -27.25 10.50 38.22
CA GLY A 367 -27.07 11.77 38.91
C GLY A 367 -25.96 11.55 39.90
N GLN A 368 -25.19 12.57 40.22
CA GLN A 368 -24.09 12.30 41.14
C GLN A 368 -24.45 12.46 42.60
N GLY A 369 -25.20 11.46 43.03
CA GLY A 369 -25.77 11.31 44.36
C GLY A 369 -26.92 10.34 44.25
N THR A 370 -26.62 9.10 44.63
CA THR A 370 -27.55 7.96 44.60
C THR A 370 -28.47 8.02 43.39
N HIS A 371 -29.73 7.68 43.53
CA HIS A 371 -30.59 7.78 42.38
C HIS A 371 -32.03 8.08 42.63
N ILE A 372 -32.55 8.89 41.72
CA ILE A 372 -33.89 9.34 41.61
C ILE A 372 -34.15 9.32 40.10
N VAL A 373 -35.40 9.15 39.74
CA VAL A 373 -35.87 8.94 38.37
C VAL A 373 -35.00 9.48 37.23
N SER A 374 -34.86 8.60 36.23
CA SER A 374 -34.14 8.90 35.02
C SER A 374 -35.08 8.77 33.83
N PHE A 375 -34.76 9.48 32.78
CA PHE A 375 -35.57 9.47 31.59
C PHE A 375 -34.74 9.23 30.34
N VAL A 376 -35.34 8.58 29.36
CA VAL A 376 -34.68 8.37 28.08
C VAL A 376 -35.49 8.92 26.95
N VAL A 377 -34.83 9.62 26.06
CA VAL A 377 -35.45 10.17 24.87
C VAL A 377 -34.64 9.80 23.64
N ASN A 378 -35.22 9.94 22.45
CA ASN A 378 -34.44 9.64 21.26
C ASN A 378 -33.57 10.85 20.94
N ALA A 379 -32.46 10.61 20.29
CA ALA A 379 -31.53 11.67 19.95
C ALA A 379 -30.94 11.41 18.58
N PRO A 380 -30.38 12.41 17.91
CA PRO A 380 -29.71 12.18 16.66
C PRO A 380 -28.71 11.05 16.90
N ASN A 381 -28.80 10.01 16.07
CA ASN A 381 -27.95 8.82 16.09
C ASN A 381 -27.92 8.03 17.40
N GLY A 382 -28.91 8.19 18.25
CA GLY A 382 -28.85 7.45 19.50
C GLY A 382 -29.89 7.88 20.50
N LEU A 383 -29.60 7.63 21.76
CA LEU A 383 -30.48 7.92 22.86
C LEU A 383 -29.88 8.95 23.77
N TYR A 384 -30.72 9.75 24.35
CA TYR A 384 -30.24 10.73 25.28
C TYR A 384 -30.89 10.49 26.63
N PHE A 385 -30.08 10.46 27.64
CA PHE A 385 -30.59 10.23 28.96
C PHE A 385 -30.37 11.38 29.87
N MET A 386 -31.35 11.55 30.74
CA MET A 386 -31.33 12.57 31.78
C MET A 386 -31.49 11.90 33.10
N HIS A 387 -30.74 12.36 34.07
CA HIS A 387 -30.81 11.73 35.36
C HIS A 387 -30.91 12.70 36.49
N VAL A 388 -31.89 12.53 37.36
CA VAL A 388 -31.99 13.45 38.47
C VAL A 388 -31.08 12.93 39.58
N GLY A 389 -30.29 13.81 40.19
CA GLY A 389 -29.40 13.38 41.29
C GLY A 389 -29.69 14.10 42.59
N TYR A 390 -29.17 13.53 43.67
CA TYR A 390 -29.30 14.10 45.01
C TYR A 390 -28.09 14.89 45.42
N TYR A 391 -28.28 16.13 45.84
CA TYR A 391 -27.18 16.94 46.29
C TYR A 391 -27.39 17.57 47.69
N PRO A 392 -27.26 16.78 48.79
CA PRO A 392 -27.39 17.23 50.16
C PRO A 392 -26.28 18.21 50.53
N SER A 393 -26.59 19.19 51.37
CA SER A 393 -25.61 20.15 51.86
C SER A 393 -25.94 20.64 53.27
N ASN A 394 -25.20 21.68 53.69
CA ASN A 394 -25.37 22.27 54.99
C ASN A 394 -25.31 21.24 56.10
N HIS A 395 -24.29 20.41 56.06
CA HIS A 395 -24.15 19.38 57.06
C HIS A 395 -23.83 19.95 58.41
N ILE A 396 -24.33 19.26 59.42
CA ILE A 396 -24.05 19.59 60.80
C ILE A 396 -23.44 18.41 61.47
N GLU A 397 -22.82 18.65 62.60
CA GLU A 397 -22.22 17.56 63.31
C GLU A 397 -22.92 17.30 64.63
N VAL A 398 -23.34 16.05 64.80
CA VAL A 398 -24.00 15.61 66.03
C VAL A 398 -23.30 14.36 66.51
N VAL A 399 -23.52 13.97 67.76
CA VAL A 399 -22.94 12.72 68.25
C VAL A 399 -23.94 11.59 68.24
N SER A 400 -23.53 10.47 67.63
CA SER A 400 -24.38 9.32 67.49
C SER A 400 -23.88 8.04 68.13
N ALA A 401 -24.85 7.15 68.35
CA ALA A 401 -24.70 5.82 68.93
C ALA A 401 -24.60 4.77 67.85
N TYR A 402 -24.13 3.58 68.23
CA TYR A 402 -24.10 2.46 67.30
C TYR A 402 -25.33 1.57 67.50
N GLY A 403 -26.14 1.95 68.49
CA GLY A 403 -27.35 1.26 68.91
C GLY A 403 -27.68 1.70 70.32
N LEU A 404 -28.78 1.18 70.86
CA LEU A 404 -29.27 1.54 72.20
C LEU A 404 -29.80 0.35 73.00
N CYS A 405 -29.52 0.34 74.30
CA CYS A 405 -30.05 -0.68 75.21
C CYS A 405 -30.82 -0.08 76.37
N ASP A 406 -31.75 -0.85 76.91
CA ASP A 406 -32.43 -0.47 78.14
C ASP A 406 -31.41 -0.57 79.24
N ALA A 407 -31.12 0.54 79.91
CA ALA A 407 -30.09 0.53 80.93
C ALA A 407 -30.40 -0.48 82.03
N ALA A 408 -31.70 -0.69 82.29
CA ALA A 408 -32.15 -1.59 83.35
C ALA A 408 -32.18 -3.03 82.91
N ASN A 409 -31.88 -3.31 81.65
CA ASN A 409 -31.94 -4.64 81.14
C ASN A 409 -31.00 -4.78 79.93
N PRO A 410 -29.79 -5.32 80.13
CA PRO A 410 -28.71 -5.47 79.16
C PRO A 410 -29.07 -6.28 77.93
N THR A 411 -30.17 -7.04 77.98
CA THR A 411 -30.52 -7.84 76.82
C THR A 411 -31.56 -7.17 75.95
N ASN A 412 -32.04 -6.00 76.35
CA ASN A 412 -33.02 -5.27 75.57
C ASN A 412 -32.38 -4.26 74.64
N CYS A 413 -31.87 -4.72 73.51
CA CYS A 413 -31.13 -3.81 72.65
C CYS A 413 -31.70 -3.66 71.26
N ILE A 414 -31.59 -2.45 70.75
CA ILE A 414 -32.03 -2.04 69.44
C ILE A 414 -30.97 -1.32 68.62
N ALA A 415 -31.24 -1.23 67.34
CA ALA A 415 -30.43 -0.52 66.38
C ALA A 415 -31.38 0.27 65.49
N PRO A 416 -30.94 1.38 64.88
CA PRO A 416 -31.75 2.19 64.01
C PRO A 416 -32.01 1.50 62.70
N VAL A 417 -33.15 1.79 62.10
CA VAL A 417 -33.42 1.28 60.78
C VAL A 417 -33.29 2.35 59.72
N ASN A 418 -32.35 2.13 58.81
CA ASN A 418 -32.07 3.01 57.70
C ASN A 418 -31.87 4.44 58.16
N GLY A 419 -31.11 4.59 59.24
CA GLY A 419 -30.83 5.87 59.86
C GLY A 419 -29.92 5.67 61.05
N TYR A 420 -29.88 6.69 61.90
CA TYR A 420 -29.02 6.73 63.09
C TYR A 420 -29.72 7.18 64.37
N PHE A 421 -29.18 6.72 65.49
CA PHE A 421 -29.62 7.21 66.78
C PHE A 421 -28.65 8.28 67.18
N ILE A 422 -29.15 9.46 67.50
CA ILE A 422 -28.29 10.55 67.86
C ILE A 422 -28.65 11.15 69.20
N LYS A 423 -27.70 11.82 69.81
CA LYS A 423 -28.05 12.50 71.03
C LYS A 423 -29.03 13.55 70.62
N THR A 424 -30.11 13.66 71.34
CA THR A 424 -31.13 14.60 71.02
C THR A 424 -30.65 16.01 71.19
N ASN A 425 -30.86 16.83 70.15
CA ASN A 425 -30.57 18.25 70.21
C ASN A 425 -31.82 19.01 69.75
N ASN A 426 -32.88 18.26 69.61
CA ASN A 426 -34.16 18.74 69.16
C ASN A 426 -34.99 18.97 70.40
N THR A 427 -35.37 20.21 70.63
CA THR A 427 -36.06 20.61 71.83
C THR A 427 -37.48 20.07 71.94
N ARG A 428 -38.01 19.49 70.85
CA ARG A 428 -39.35 18.91 70.93
C ARG A 428 -39.27 17.49 71.52
N ILE A 429 -38.06 16.94 71.65
CA ILE A 429 -37.90 15.59 72.15
C ILE A 429 -37.29 15.67 73.55
N VAL A 430 -38.02 15.13 74.53
CA VAL A 430 -37.55 15.17 75.91
C VAL A 430 -36.53 14.08 76.16
N ASP A 431 -36.70 12.97 75.46
CA ASP A 431 -35.86 11.78 75.53
C ASP A 431 -34.44 12.16 75.12
N GLU A 432 -33.43 11.59 75.80
CA GLU A 432 -32.02 11.85 75.52
C GLU A 432 -31.56 11.47 74.13
N TRP A 433 -32.18 10.46 73.53
CA TRP A 433 -31.82 10.02 72.20
C TRP A 433 -32.96 10.20 71.23
N SER A 434 -32.61 10.50 69.99
CA SER A 434 -33.57 10.73 68.90
C SER A 434 -33.11 10.06 67.62
N TYR A 435 -34.01 9.89 66.67
CA TYR A 435 -33.67 9.22 65.41
C TYR A 435 -33.72 10.11 64.19
N THR A 436 -32.73 9.98 63.33
CA THR A 436 -32.74 10.70 62.06
C THR A 436 -32.60 9.72 60.95
N GLY A 437 -32.96 10.15 59.75
CA GLY A 437 -32.78 9.28 58.62
C GLY A 437 -31.32 9.29 58.25
N SER A 438 -30.97 8.58 57.19
CA SER A 438 -29.58 8.50 56.80
C SER A 438 -29.24 9.58 55.80
N SER A 439 -30.27 10.13 55.17
CA SER A 439 -30.05 11.16 54.19
C SER A 439 -30.59 12.53 54.57
N PHE A 440 -31.17 12.67 55.76
CA PHE A 440 -31.70 13.97 56.14
C PHE A 440 -31.87 14.16 57.66
N TYR A 441 -31.36 15.28 58.19
CA TYR A 441 -31.50 15.56 59.62
C TYR A 441 -32.87 16.07 59.99
N ALA A 442 -33.58 15.26 60.76
CA ALA A 442 -34.92 15.58 61.22
C ALA A 442 -35.26 14.71 62.42
N PRO A 443 -34.69 14.94 63.60
CA PRO A 443 -34.80 14.05 64.74
C PRO A 443 -36.24 13.71 65.07
N GLU A 444 -36.51 12.44 65.25
CA GLU A 444 -37.81 11.90 65.57
C GLU A 444 -37.68 11.17 66.90
N PRO A 445 -38.76 10.96 67.65
CA PRO A 445 -38.75 10.16 68.85
C PRO A 445 -38.30 8.76 68.44
N ILE A 446 -37.62 8.03 69.32
CA ILE A 446 -37.24 6.70 68.93
C ILE A 446 -38.36 5.75 69.28
N THR A 447 -38.95 5.19 68.22
CA THR A 447 -40.08 4.29 68.26
C THR A 447 -39.85 3.09 67.38
N SER A 448 -40.71 2.09 67.51
CA SER A 448 -40.52 0.83 66.77
C SER A 448 -40.54 0.95 65.26
N LEU A 449 -41.20 1.96 64.73
CA LEU A 449 -41.21 2.11 63.28
C LEU A 449 -39.82 2.39 62.73
N ASN A 450 -38.95 2.97 63.56
CA ASN A 450 -37.63 3.32 63.13
C ASN A 450 -36.54 2.42 63.73
N THR A 451 -36.93 1.32 64.38
CA THR A 451 -35.91 0.50 65.05
C THR A 451 -36.03 -0.98 64.77
N LYS A 452 -34.95 -1.68 65.07
CA LYS A 452 -34.89 -3.12 64.99
C LYS A 452 -34.25 -3.68 66.23
N TYR A 453 -34.69 -4.87 66.65
CA TYR A 453 -34.12 -5.50 67.83
C TYR A 453 -32.89 -6.28 67.42
N VAL A 454 -31.84 -6.08 68.18
CA VAL A 454 -30.54 -6.66 67.86
C VAL A 454 -29.83 -7.36 69.01
N ALA A 455 -28.82 -8.15 68.67
CA ALA A 455 -28.00 -8.69 69.72
C ALA A 455 -27.29 -7.51 70.39
N PRO A 456 -27.13 -7.49 71.73
CA PRO A 456 -26.40 -6.49 72.50
C PRO A 456 -24.94 -6.42 72.10
N GLN A 457 -24.41 -5.21 72.12
CA GLN A 457 -23.00 -4.88 71.86
C GLN A 457 -22.55 -3.82 72.84
N VAL A 458 -21.25 -3.80 73.09
CA VAL A 458 -20.62 -2.86 74.03
C VAL A 458 -20.75 -1.39 73.63
N THR A 459 -21.01 -1.13 72.35
CA THR A 459 -21.14 0.21 71.81
C THR A 459 -22.56 0.76 71.79
N TYR A 460 -23.53 0.00 72.26
CA TYR A 460 -24.87 0.50 72.28
C TYR A 460 -25.00 1.34 73.54
N GLN A 461 -25.59 2.51 73.44
CA GLN A 461 -25.68 3.40 74.60
C GLN A 461 -26.84 3.00 75.48
N ASN A 462 -26.74 3.29 76.78
CA ASN A 462 -27.76 2.88 77.75
C ASN A 462 -28.72 3.97 78.17
N ILE A 463 -30.02 3.73 77.97
CA ILE A 463 -31.07 4.66 78.36
C ILE A 463 -31.81 4.13 79.58
N SER A 464 -31.74 4.91 80.66
CA SER A 464 -32.34 4.59 81.96
C SER A 464 -33.64 5.30 82.17
N THR A 465 -34.09 5.99 81.15
CA THR A 465 -35.29 6.78 81.21
C THR A 465 -36.35 6.26 80.26
N ASN A 466 -36.40 6.80 79.07
CA ASN A 466 -37.46 6.45 78.15
C ASN A 466 -37.04 6.05 76.75
N LEU A 467 -37.27 4.79 76.46
CA LEU A 467 -36.96 4.23 75.15
C LEU A 467 -38.09 3.29 74.75
N PRO A 468 -39.17 3.77 74.13
CA PRO A 468 -40.33 2.98 73.75
C PRO A 468 -40.02 1.61 73.10
N PRO A 469 -39.00 1.45 72.23
CA PRO A 469 -38.57 0.18 71.67
C PRO A 469 -37.41 -0.51 72.45
N PRO A 470 -37.68 -1.43 73.37
CA PRO A 470 -38.91 -1.82 74.02
C PRO A 470 -39.16 -0.81 75.10
N LEU A 471 -40.40 -0.54 75.44
CA LEU A 471 -40.61 0.39 76.53
C LEU A 471 -40.19 -0.23 77.86
N LEU A 472 -40.50 -1.50 78.00
CA LEU A 472 -40.25 -2.22 79.23
C LEU A 472 -39.30 -3.37 78.98
N TYR B 1 9.24 45.02 -39.37
CA TYR B 1 9.01 45.32 -37.97
C TYR B 1 7.89 46.33 -37.79
N VAL B 2 7.60 46.66 -36.53
CA VAL B 2 6.54 47.60 -36.19
C VAL B 2 6.97 49.04 -36.33
N ASP B 3 6.12 49.81 -36.98
CA ASP B 3 6.32 51.23 -37.14
C ASP B 3 5.74 51.89 -35.90
N VAL B 4 6.58 52.53 -35.13
CA VAL B 4 6.20 53.15 -33.86
C VAL B 4 6.37 54.65 -33.98
N GLY B 5 6.39 55.12 -35.22
CA GLY B 5 6.53 56.51 -35.54
C GLY B 5 7.99 56.88 -35.68
N PRO B 6 8.29 58.15 -35.98
CA PRO B 6 9.60 58.71 -36.20
C PRO B 6 10.41 58.90 -34.94
N ASP B 7 11.71 59.05 -35.13
CA ASP B 7 12.65 59.38 -34.08
C ASP B 7 12.49 60.83 -33.70
N SER B 8 12.91 61.17 -32.49
CA SER B 8 12.93 62.56 -32.11
C SER B 8 14.00 63.28 -32.93
N VAL B 9 13.74 64.53 -33.25
CA VAL B 9 14.71 65.31 -34.01
C VAL B 9 15.49 66.25 -33.12
N LYS B 10 15.23 66.17 -31.82
CA LYS B 10 15.95 67.05 -30.91
C LYS B 10 17.43 66.65 -30.88
N SER B 11 18.28 67.66 -30.99
CA SER B 11 19.74 67.50 -31.01
C SER B 11 20.33 67.11 -29.66
N ALA B 12 19.55 67.29 -28.60
CA ALA B 12 19.95 67.01 -27.22
C ALA B 12 18.76 66.59 -26.37
N CYS B 13 19.08 65.95 -25.26
CA CYS B 13 18.14 65.46 -24.27
C CYS B 13 17.99 66.44 -23.11
N ILE B 14 16.91 66.30 -22.36
CA ILE B 14 16.78 67.11 -21.17
C ILE B 14 17.73 66.57 -20.11
N GLU B 15 18.41 67.48 -19.42
CA GLU B 15 19.30 67.12 -18.32
C GLU B 15 18.47 66.56 -17.18
N VAL B 16 18.98 65.49 -16.57
CA VAL B 16 18.28 64.88 -15.46
C VAL B 16 19.09 64.98 -14.17
N ASP B 17 18.51 65.69 -13.21
CA ASP B 17 19.10 65.94 -11.90
C ASP B 17 18.67 64.84 -10.93
N ILE B 18 19.60 63.96 -10.55
CA ILE B 18 19.21 62.85 -9.71
C ILE B 18 19.59 63.22 -8.28
N GLN B 19 18.58 63.40 -7.44
CA GLN B 19 18.77 63.88 -6.07
C GLN B 19 18.03 63.03 -5.07
N GLN B 20 18.56 61.84 -4.81
CA GLN B 20 17.89 60.81 -4.03
C GLN B 20 17.53 61.24 -2.61
N THR B 21 18.27 62.15 -2.02
CA THR B 21 17.96 62.55 -0.65
C THR B 21 16.55 63.13 -0.54
N PHE B 22 16.01 63.73 -1.60
CA PHE B 22 14.69 64.35 -1.54
C PHE B 22 13.57 63.33 -1.63
N PHE B 23 13.91 62.12 -2.03
CA PHE B 23 12.97 61.05 -2.22
C PHE B 23 13.14 60.06 -1.06
N ASP B 24 14.03 60.39 -0.13
CA ASP B 24 14.34 59.50 0.98
C ASP B 24 13.36 59.67 2.11
N LYS B 25 12.15 59.19 1.88
CA LYS B 25 11.07 59.32 2.82
C LYS B 25 10.62 57.97 3.31
N THR B 26 9.98 57.92 4.46
CA THR B 26 9.47 56.66 4.96
C THR B 26 7.96 56.66 4.99
N TRP B 27 7.37 55.75 4.22
CA TRP B 27 5.92 55.63 4.19
C TRP B 27 5.54 54.24 3.69
N PRO B 28 5.71 53.19 4.49
CA PRO B 28 5.46 51.83 4.08
C PRO B 28 3.97 51.70 3.87
N ARG B 29 3.57 50.88 2.91
CA ARG B 29 2.15 50.66 2.65
C ARG B 29 1.99 49.20 2.42
N PRO B 30 2.10 48.39 3.47
CA PRO B 30 2.23 46.96 3.39
C PRO B 30 1.00 46.24 2.97
N ILE B 31 1.24 45.05 2.48
CA ILE B 31 0.19 44.13 2.17
C ILE B 31 -0.34 43.42 3.38
N ASP B 32 -1.65 43.54 3.55
CA ASP B 32 -2.35 42.88 4.61
C ASP B 32 -3.28 41.86 3.97
N VAL B 33 -2.84 40.62 4.00
CA VAL B 33 -3.54 39.56 3.29
C VAL B 33 -4.84 39.21 3.99
N SER B 34 -5.06 39.68 5.22
CA SER B 34 -6.31 39.35 5.91
C SER B 34 -7.51 40.02 5.24
N LYS B 35 -7.21 41.00 4.38
CA LYS B 35 -8.20 41.73 3.58
C LYS B 35 -7.97 41.41 2.11
N ALA B 36 -7.13 40.38 1.89
CA ALA B 36 -6.64 39.87 0.61
C ALA B 36 -5.86 40.92 -0.20
N ASP B 37 -5.08 41.78 0.47
CA ASP B 37 -4.29 42.71 -0.31
C ASP B 37 -3.26 42.00 -1.14
N GLY B 38 -3.11 42.43 -2.37
CA GLY B 38 -2.07 41.92 -3.22
C GLY B 38 -2.36 40.54 -3.78
N ILE B 39 -3.52 40.00 -3.44
CA ILE B 39 -3.86 38.67 -3.89
C ILE B 39 -4.32 38.73 -5.33
N ILE B 40 -3.70 37.89 -6.14
CA ILE B 40 -4.02 37.80 -7.54
C ILE B 40 -5.01 36.67 -7.65
N TYR B 41 -6.10 36.94 -8.32
CA TYR B 41 -7.12 35.95 -8.48
C TYR B 41 -6.51 34.72 -9.23
N PRO B 42 -6.67 33.47 -8.72
CA PRO B 42 -6.19 32.25 -9.37
C PRO B 42 -6.77 32.12 -10.77
N GLN B 43 -5.96 31.74 -11.74
CA GLN B 43 -6.47 31.66 -13.11
C GLN B 43 -6.87 30.26 -13.55
N GLY B 44 -7.76 30.22 -14.54
CA GLY B 44 -8.24 29.00 -15.19
C GLY B 44 -9.60 28.54 -14.69
N ARG B 45 -10.03 29.07 -13.56
CA ARG B 45 -11.31 28.72 -12.97
C ARG B 45 -11.74 29.66 -11.87
N THR B 46 -13.00 29.52 -11.50
CA THR B 46 -13.56 30.21 -10.37
C THR B 46 -14.32 29.38 -9.37
N TYR B 47 -14.37 29.91 -8.16
CA TYR B 47 -15.06 29.38 -7.00
C TYR B 47 -15.78 30.49 -6.28
N SER B 48 -16.76 30.12 -5.47
CA SER B 48 -17.46 31.06 -4.65
C SER B 48 -17.89 30.34 -3.40
N ASN B 49 -18.20 31.09 -2.36
CA ASN B 49 -18.70 30.49 -1.12
C ASN B 49 -17.75 29.43 -0.54
N ILE B 50 -16.45 29.70 -0.50
CA ILE B 50 -15.54 28.68 0.00
C ILE B 50 -14.17 29.16 0.50
N THR B 51 -13.62 28.47 1.50
CA THR B 51 -12.25 28.73 1.91
C THR B 51 -11.39 27.56 1.45
N ILE B 52 -10.31 27.87 0.75
CA ILE B 52 -9.43 26.81 0.23
C ILE B 52 -8.00 27.08 0.60
N THR B 53 -7.16 26.07 0.53
CA THR B 53 -5.74 26.30 0.72
C THR B 53 -5.07 26.09 -0.64
N TYR B 54 -4.31 27.09 -1.07
CA TYR B 54 -3.69 27.06 -2.38
C TYR B 54 -2.26 27.60 -2.45
N GLN B 55 -1.42 26.87 -3.17
CA GLN B 55 -0.02 27.22 -3.42
C GLN B 55 0.14 27.89 -4.78
N GLY B 56 0.63 29.13 -4.80
CA GLY B 56 0.74 29.88 -6.06
C GLY B 56 1.47 31.21 -5.90
N LEU B 57 1.46 32.07 -6.93
CA LEU B 57 2.24 33.29 -6.80
C LEU B 57 1.51 34.41 -6.13
N PHE B 58 2.00 34.73 -4.95
CA PHE B 58 1.42 35.72 -4.09
C PHE B 58 2.51 36.54 -3.44
N PRO B 59 2.21 37.76 -3.02
CA PRO B 59 3.05 38.58 -2.19
C PRO B 59 2.91 38.00 -0.81
N TYR B 60 3.79 38.35 0.12
CA TYR B 60 3.65 37.83 1.47
C TYR B 60 3.17 38.88 2.46
N GLN B 61 2.58 38.40 3.56
CA GLN B 61 2.05 39.29 4.60
C GLN B 61 3.09 40.17 5.23
N GLY B 62 2.79 41.45 5.31
CA GLY B 62 3.69 42.39 5.92
C GLY B 62 4.70 42.98 4.95
N ASP B 63 4.66 42.60 3.67
CA ASP B 63 5.64 43.20 2.77
C ASP B 63 5.26 44.65 2.59
N HIS B 64 6.15 45.55 3.00
CA HIS B 64 5.95 46.99 3.01
C HIS B 64 6.02 47.57 1.61
N GLY B 65 6.83 46.92 0.76
CA GLY B 65 7.04 47.32 -0.62
C GLY B 65 8.18 48.31 -0.80
N ASP B 66 8.82 48.24 -1.97
CA ASP B 66 9.85 49.21 -2.32
C ASP B 66 9.12 50.48 -2.70
N MET B 67 9.45 51.62 -2.09
CA MET B 67 8.70 52.83 -2.42
C MET B 67 9.27 53.65 -3.57
N TYR B 68 8.43 53.88 -4.57
CA TYR B 68 8.82 54.62 -5.73
C TYR B 68 8.17 55.96 -5.82
N VAL B 69 9.00 56.97 -5.72
CA VAL B 69 8.55 58.33 -5.67
C VAL B 69 8.84 59.10 -6.97
N TYR B 70 7.78 59.64 -7.58
CA TYR B 70 7.86 60.45 -8.80
C TYR B 70 7.68 61.89 -8.38
N SER B 71 8.32 62.83 -9.10
CA SER B 71 8.25 64.22 -8.62
C SER B 71 8.28 65.33 -9.65
N ALA B 72 7.96 66.53 -9.19
CA ALA B 72 8.03 67.71 -10.02
C ALA B 72 9.46 67.98 -10.36
N GLY B 73 9.69 68.50 -11.55
CA GLY B 73 11.01 68.88 -11.98
C GLY B 73 11.32 70.26 -11.47
N HIS B 74 12.45 70.77 -11.89
CA HIS B 74 12.92 72.08 -11.49
C HIS B 74 12.12 73.09 -12.25
N ALA B 75 11.97 74.28 -11.68
CA ALA B 75 11.25 75.36 -12.34
C ALA B 75 11.68 76.70 -11.81
N THR B 76 11.50 77.73 -12.64
CA THR B 76 11.83 79.11 -12.32
C THR B 76 10.64 79.81 -11.68
N GLY B 77 9.51 79.13 -11.72
CA GLY B 77 8.25 79.62 -11.25
C GLY B 77 7.38 80.12 -12.39
N THR B 78 8.00 80.33 -13.55
CA THR B 78 7.29 80.77 -14.73
C THR B 78 7.34 79.65 -15.75
N THR B 79 8.52 79.05 -15.89
CA THR B 79 8.72 77.96 -16.82
C THR B 79 9.40 76.80 -16.08
N PRO B 80 9.22 75.54 -16.53
CA PRO B 80 9.91 74.35 -16.07
C PRO B 80 11.36 74.44 -16.51
N GLN B 81 12.25 73.73 -15.81
CA GLN B 81 13.66 73.65 -16.18
C GLN B 81 14.10 72.20 -16.43
N LYS B 82 14.91 71.66 -15.52
CA LYS B 82 15.48 70.32 -15.59
C LYS B 82 14.62 69.27 -14.93
N LEU B 83 14.86 67.99 -15.23
CA LEU B 83 14.08 66.97 -14.55
C LEU B 83 14.68 66.71 -13.19
N PHE B 84 13.84 66.30 -12.26
CA PHE B 84 14.27 65.99 -10.90
C PHE B 84 13.79 64.60 -10.54
N VAL B 85 14.73 63.67 -10.41
CA VAL B 85 14.37 62.27 -10.19
C VAL B 85 15.10 61.55 -9.07
N ALA B 86 14.52 60.42 -8.69
CA ALA B 86 15.15 59.45 -7.80
C ALA B 86 16.04 58.54 -8.63
N ASN B 87 17.02 57.90 -8.02
CA ASN B 87 17.91 57.02 -8.77
C ASN B 87 17.31 55.64 -8.97
N TYR B 88 16.27 55.58 -9.79
CA TYR B 88 15.53 54.35 -10.03
C TYR B 88 15.92 53.53 -11.25
N SER B 89 16.50 54.14 -12.27
CA SER B 89 16.77 53.41 -13.52
C SER B 89 17.82 52.34 -13.35
N GLN B 90 18.71 52.54 -12.37
CA GLN B 90 19.80 51.63 -12.10
C GLN B 90 19.36 50.61 -11.03
N ASP B 91 18.15 50.75 -10.51
CA ASP B 91 17.72 49.87 -9.43
C ASP B 91 17.19 48.59 -10.04
N VAL B 92 18.11 47.77 -10.52
CA VAL B 92 17.73 46.56 -11.23
C VAL B 92 17.53 45.39 -10.28
N LYS B 93 16.33 44.84 -10.35
CA LYS B 93 15.89 43.74 -9.53
C LYS B 93 15.64 42.51 -10.34
N GLN B 94 15.69 41.36 -9.68
CA GLN B 94 15.38 40.11 -10.34
C GLN B 94 13.89 39.97 -10.59
N PHE B 95 13.52 39.62 -11.82
CA PHE B 95 12.13 39.41 -12.20
C PHE B 95 11.61 38.11 -11.66
N ALA B 96 12.36 37.04 -11.88
CA ALA B 96 11.96 35.72 -11.44
C ALA B 96 10.56 35.37 -11.93
N ASN B 97 9.62 35.20 -11.00
CA ASN B 97 8.28 34.82 -11.37
C ASN B 97 7.34 35.99 -11.43
N GLY B 98 7.87 37.20 -11.30
CA GLY B 98 7.04 38.37 -11.34
C GLY B 98 6.97 39.12 -10.02
N PHE B 99 6.18 40.17 -10.07
CA PHE B 99 6.02 41.10 -8.97
C PHE B 99 4.71 41.84 -9.08
N VAL B 100 4.32 42.50 -8.00
CA VAL B 100 3.13 43.32 -8.00
C VAL B 100 3.37 44.71 -7.51
N VAL B 101 2.50 45.60 -7.92
CA VAL B 101 2.58 46.96 -7.49
C VAL B 101 1.28 47.56 -6.96
N ARG B 102 1.41 48.31 -5.89
CA ARG B 102 0.32 49.07 -5.32
C ARG B 102 0.43 50.47 -5.88
N ILE B 103 -0.62 50.92 -6.55
CA ILE B 103 -0.59 52.22 -7.21
C ILE B 103 -1.56 53.22 -6.57
N GLY B 104 -1.06 54.42 -6.28
CA GLY B 104 -1.90 55.46 -5.69
C GLY B 104 -2.15 55.31 -4.20
N ALA B 105 -1.24 54.69 -3.47
CA ALA B 105 -1.45 54.44 -2.05
C ALA B 105 -1.73 55.69 -1.22
N ALA B 106 -1.09 56.78 -1.58
CA ALA B 106 -1.23 58.04 -0.89
C ALA B 106 -2.26 58.96 -1.54
N ALA B 107 -2.96 58.49 -2.56
CA ALA B 107 -3.87 59.37 -3.28
C ALA B 107 -4.90 59.95 -2.32
N ASN B 108 -5.21 61.22 -2.55
CA ASN B 108 -6.14 62.08 -1.80
C ASN B 108 -5.58 62.54 -0.47
N SER B 109 -4.39 62.12 -0.10
CA SER B 109 -3.81 62.63 1.13
C SER B 109 -3.05 63.87 0.71
N THR B 110 -2.56 64.65 1.67
CA THR B 110 -1.79 65.85 1.35
C THR B 110 -0.38 65.65 1.87
N GLY B 111 0.60 66.02 1.08
CA GLY B 111 1.97 65.84 1.53
C GLY B 111 2.99 66.50 0.62
N THR B 112 4.25 66.24 0.91
CA THR B 112 5.34 66.91 0.22
C THR B 112 5.36 66.76 -1.29
N VAL B 113 5.80 67.84 -1.93
CA VAL B 113 5.94 67.89 -3.38
C VAL B 113 7.34 67.42 -3.79
N ILE B 114 8.10 66.95 -2.79
CA ILE B 114 9.40 66.29 -2.92
C ILE B 114 10.56 67.22 -3.26
N ILE B 115 10.47 67.91 -4.38
CA ILE B 115 11.52 68.83 -4.83
C ILE B 115 11.72 69.99 -3.87
N SER B 116 10.64 70.38 -3.20
CA SER B 116 10.67 71.45 -2.23
C SER B 116 9.97 70.91 -0.99
N PRO B 117 10.70 70.31 -0.04
CA PRO B 117 10.22 69.61 1.15
C PRO B 117 9.25 70.39 2.04
N SER B 118 9.36 71.72 2.06
CA SER B 118 8.48 72.55 2.87
C SER B 118 7.12 72.79 2.22
N THR B 119 7.00 72.40 0.96
CA THR B 119 5.79 72.61 0.17
C THR B 119 5.02 71.31 0.07
N SER B 120 3.72 71.40 0.33
CA SER B 120 2.84 70.25 0.25
C SER B 120 1.71 70.50 -0.74
N ALA B 121 1.13 69.41 -1.23
CA ALA B 121 0.03 69.45 -2.17
C ALA B 121 -0.81 68.19 -2.10
N THR B 122 -2.02 68.26 -2.61
CA THR B 122 -2.85 67.06 -2.66
C THR B 122 -2.15 66.06 -3.54
N ILE B 123 -2.06 64.85 -3.05
CA ILE B 123 -1.41 63.76 -3.72
C ILE B 123 -2.26 63.05 -4.78
N ARG B 124 -1.66 62.93 -5.97
CA ARG B 124 -2.30 62.29 -7.11
C ARG B 124 -1.74 60.92 -7.49
N LYS B 125 -2.61 60.04 -7.98
CA LYS B 125 -2.16 58.76 -8.50
C LYS B 125 -1.45 58.90 -9.84
N ILE B 126 -0.28 58.27 -9.93
CA ILE B 126 0.50 58.28 -11.15
C ILE B 126 0.88 56.86 -11.47
N TYR B 127 0.81 56.48 -12.73
CA TYR B 127 1.13 55.12 -13.06
C TYR B 127 2.64 54.95 -13.24
N PRO B 128 3.20 53.82 -12.76
CA PRO B 128 4.61 53.48 -12.79
C PRO B 128 5.12 53.15 -14.17
N ALA B 129 6.38 53.47 -14.41
CA ALA B 129 7.03 53.10 -15.65
C ALA B 129 8.16 52.12 -15.34
N PHE B 130 8.28 51.09 -16.17
CA PHE B 130 9.28 50.03 -16.01
C PHE B 130 10.09 49.71 -17.24
N MET B 131 11.31 49.28 -17.02
CA MET B 131 12.12 48.75 -18.08
C MET B 131 12.54 47.32 -17.69
N LEU B 132 12.23 46.36 -18.55
CA LEU B 132 12.46 44.94 -18.27
C LEU B 132 13.21 44.20 -19.38
N GLY B 133 13.98 43.18 -19.01
CA GLY B 133 14.60 42.34 -20.04
C GLY B 133 15.36 41.13 -19.52
N SER B 134 15.88 40.36 -20.48
CA SER B 134 16.64 39.13 -20.22
C SER B 134 18.11 39.35 -19.89
N SER B 135 18.62 40.53 -20.20
CA SER B 135 20.03 40.82 -19.96
C SER B 135 20.29 42.28 -19.72
N VAL B 136 21.16 42.57 -18.76
CA VAL B 136 21.56 43.92 -18.41
C VAL B 136 23.06 44.09 -18.33
N GLY B 137 23.51 45.34 -18.40
CA GLY B 137 24.93 45.65 -18.28
C GLY B 137 25.16 47.16 -18.20
N ASN B 138 26.39 47.57 -18.51
CA ASN B 138 26.73 49.00 -18.40
C ASN B 138 26.58 49.71 -19.73
N PHE B 139 26.49 51.04 -19.60
CA PHE B 139 26.47 52.02 -20.66
C PHE B 139 27.91 52.38 -21.02
N SER B 140 28.11 52.98 -22.18
CA SER B 140 29.44 53.33 -22.64
C SER B 140 30.19 54.35 -21.77
N ASP B 141 29.48 55.10 -20.91
CA ASP B 141 30.12 56.04 -20.02
C ASP B 141 30.26 55.49 -18.61
N GLY B 142 29.96 54.20 -18.43
CA GLY B 142 30.04 53.56 -17.13
C GLY B 142 28.75 53.56 -16.30
N LYS B 143 27.60 53.99 -16.83
CA LYS B 143 26.40 53.95 -15.99
C LYS B 143 25.79 52.55 -16.02
N MET B 144 25.05 52.20 -14.99
CA MET B 144 24.42 50.89 -14.88
C MET B 144 23.00 50.86 -15.43
N GLY B 145 22.44 49.66 -15.59
CA GLY B 145 21.03 49.54 -15.98
C GLY B 145 20.77 49.49 -17.47
N ARG B 146 21.78 49.18 -18.26
CA ARG B 146 21.55 49.08 -19.69
C ARG B 146 20.89 47.77 -19.96
N PHE B 147 19.84 47.78 -20.75
CA PHE B 147 19.20 46.53 -21.15
C PHE B 147 19.62 46.22 -22.56
N PHE B 148 19.75 44.94 -22.85
CA PHE B 148 20.21 44.56 -24.18
C PHE B 148 19.14 44.06 -25.11
N ASN B 149 19.40 44.32 -26.40
CA ASN B 149 18.56 43.89 -27.50
C ASN B 149 17.15 44.41 -27.32
N HIS B 150 16.16 43.55 -27.47
CA HIS B 150 14.83 44.07 -27.27
C HIS B 150 14.53 44.14 -25.81
N THR B 151 14.13 45.31 -25.40
CA THR B 151 13.81 45.62 -24.03
C THR B 151 12.34 45.92 -23.94
N LEU B 152 11.71 45.40 -22.90
CA LEU B 152 10.32 45.63 -22.65
C LEU B 152 10.14 46.87 -21.84
N VAL B 153 9.38 47.78 -22.39
CA VAL B 153 9.15 49.01 -21.70
C VAL B 153 7.68 49.19 -21.43
N LEU B 154 7.39 49.47 -20.18
CA LEU B 154 6.03 49.72 -19.76
C LEU B 154 6.00 51.19 -19.43
N LEU B 155 5.44 51.98 -20.34
CA LEU B 155 5.48 53.42 -20.19
C LEU B 155 4.12 54.09 -20.25
N PRO B 156 3.51 54.43 -19.12
CA PRO B 156 2.25 55.11 -19.06
C PRO B 156 2.46 56.44 -19.73
N ASP B 157 1.42 56.93 -20.38
CA ASP B 157 1.48 58.19 -21.06
C ASP B 157 0.14 58.91 -20.96
N GLY B 158 0.06 60.09 -21.54
CA GLY B 158 -1.19 60.84 -21.56
C GLY B 158 -1.59 61.27 -20.17
N CYS B 159 -0.60 61.59 -19.34
CA CYS B 159 -0.85 61.97 -17.96
C CYS B 159 -1.59 60.86 -17.20
N GLY B 160 -1.21 59.60 -17.46
CA GLY B 160 -1.83 58.46 -16.79
C GLY B 160 -3.13 57.95 -17.43
N THR B 161 -3.36 58.22 -18.73
CA THR B 161 -4.59 57.77 -19.39
C THR B 161 -4.40 56.64 -20.40
N LEU B 162 -3.16 56.28 -20.70
CA LEU B 162 -2.88 55.15 -21.56
C LEU B 162 -1.61 54.44 -21.13
N LEU B 163 -1.55 53.13 -21.31
CA LEU B 163 -0.32 52.40 -21.08
C LEU B 163 0.31 51.98 -22.37
N ARG B 164 1.57 52.35 -22.59
CA ARG B 164 2.25 51.90 -23.77
C ARG B 164 3.18 50.76 -23.44
N ALA B 165 2.84 49.59 -23.93
CA ALA B 165 3.66 48.41 -23.67
C ALA B 165 4.39 48.09 -24.95
N PHE B 166 5.70 48.13 -24.93
CA PHE B 166 6.41 47.88 -26.19
C PHE B 166 7.70 47.14 -26.04
N TYR B 167 8.11 46.52 -27.13
CA TYR B 167 9.34 45.77 -27.12
C TYR B 167 10.12 46.12 -28.36
N CYS B 168 11.19 46.86 -28.11
CA CYS B 168 12.03 47.44 -29.14
C CYS B 168 13.49 47.39 -28.75
N ILE B 169 14.35 47.55 -29.72
CA ILE B 169 15.75 47.69 -29.42
C ILE B 169 15.89 49.15 -29.11
N LEU B 170 16.52 49.46 -28.00
CA LEU B 170 16.66 50.84 -27.64
C LEU B 170 18.02 51.31 -28.07
N GLU B 171 18.03 52.21 -29.03
CA GLU B 171 19.27 52.70 -29.60
C GLU B 171 19.60 54.06 -29.01
N PRO B 172 20.59 54.16 -28.13
CA PRO B 172 20.86 55.37 -27.40
C PRO B 172 21.30 56.46 -28.33
N ARG B 173 20.79 57.63 -28.08
CA ARG B 173 21.13 58.82 -28.82
C ARG B 173 22.39 59.43 -28.22
N SER B 174 23.18 60.08 -29.07
CA SER B 174 24.48 60.67 -28.72
C SER B 174 24.53 62.14 -28.34
N GLY B 175 23.40 62.82 -28.32
CA GLY B 175 23.38 64.26 -28.06
C GLY B 175 23.61 64.59 -26.60
N ASN B 176 23.63 65.89 -26.28
CA ASN B 176 23.92 66.30 -24.92
C ASN B 176 22.92 65.69 -23.95
N HIS B 177 23.42 65.08 -22.88
CA HIS B 177 22.65 64.42 -21.81
C HIS B 177 21.88 63.18 -22.25
N CYS B 178 22.23 62.62 -23.39
CA CYS B 178 21.60 61.41 -23.90
C CYS B 178 22.51 60.26 -23.49
N PRO B 179 22.08 58.98 -23.47
CA PRO B 179 22.86 57.85 -22.99
C PRO B 179 24.18 57.62 -23.72
N ALA B 180 24.35 58.12 -24.95
CA ALA B 180 25.62 57.92 -25.63
C ALA B 180 26.34 59.24 -25.85
N GLY B 181 25.97 60.29 -25.09
CA GLY B 181 26.57 61.61 -25.24
C GLY B 181 27.20 62.21 -23.97
N ASN B 182 27.40 63.53 -24.03
CA ASN B 182 27.99 64.36 -22.99
C ASN B 182 27.16 64.51 -21.73
N SER B 183 27.79 64.44 -20.56
CA SER B 183 27.10 64.70 -19.28
C SER B 183 25.80 63.92 -19.05
N TYR B 184 25.83 62.62 -19.28
CA TYR B 184 24.69 61.76 -19.04
C TYR B 184 24.70 61.26 -17.61
N THR B 185 23.53 61.29 -16.99
CA THR B 185 23.32 60.83 -15.63
C THR B 185 22.43 59.59 -15.74
N SER B 186 21.15 59.83 -15.90
CA SER B 186 20.17 58.78 -16.16
C SER B 186 19.13 59.33 -17.04
N PHE B 187 18.70 58.54 -17.98
CA PHE B 187 17.63 59.00 -18.79
C PHE B 187 16.45 58.99 -17.86
N ALA B 188 15.49 59.83 -18.13
CA ALA B 188 14.26 59.81 -17.37
C ALA B 188 13.19 60.28 -18.28
N THR B 189 11.99 59.80 -18.06
CA THR B 189 10.90 60.27 -18.88
C THR B 189 10.22 61.42 -18.21
N TYR B 190 9.44 62.13 -19.00
CA TYR B 190 8.72 63.25 -18.47
C TYR B 190 7.52 63.63 -19.29
N HIS B 191 6.71 64.43 -18.67
CA HIS B 191 5.60 65.08 -19.36
C HIS B 191 5.56 66.47 -18.82
N THR B 192 4.94 67.38 -19.54
CA THR B 192 4.84 68.79 -19.20
C THR B 192 3.38 69.18 -19.08
N PRO B 193 2.74 69.04 -17.91
CA PRO B 193 1.31 69.23 -17.69
C PRO B 193 0.77 70.51 -18.26
N ALA B 194 1.60 71.56 -18.25
CA ALA B 194 1.16 72.84 -18.78
C ALA B 194 0.65 72.70 -20.21
N THR B 195 1.24 71.81 -21.01
CA THR B 195 0.78 71.63 -22.36
C THR B 195 0.23 70.22 -22.58
N ASP B 196 0.67 69.28 -21.75
CA ASP B 196 0.34 67.88 -21.94
C ASP B 196 -0.89 67.37 -21.25
N CYS B 197 -1.38 68.07 -20.23
CA CYS B 197 -2.53 67.54 -19.53
C CYS B 197 -3.74 68.43 -19.75
N SER B 198 -3.85 69.02 -20.93
CA SER B 198 -4.96 69.90 -21.24
C SER B 198 -6.27 69.10 -21.22
N ASP B 199 -7.27 69.62 -20.53
CA ASP B 199 -8.53 68.89 -20.39
C ASP B 199 -9.23 68.68 -21.73
N GLY B 200 -9.44 67.40 -22.07
CA GLY B 200 -10.05 67.00 -23.32
C GLY B 200 -9.03 66.69 -24.41
N ASN B 201 -7.77 67.02 -24.15
CA ASN B 201 -6.70 66.79 -25.11
C ASN B 201 -5.37 66.51 -24.45
N TYR B 202 -5.24 65.35 -23.84
CA TYR B 202 -3.98 65.06 -23.20
C TYR B 202 -3.00 64.67 -24.27
N ASN B 203 -1.74 64.97 -24.03
CA ASN B 203 -0.74 64.61 -24.96
C ASN B 203 -0.42 63.18 -24.72
N ARG B 204 -1.04 62.34 -25.53
CA ARG B 204 -0.97 60.91 -25.41
C ARG B 204 0.40 60.37 -25.74
N ASN B 205 1.25 61.22 -26.31
CA ASN B 205 2.61 60.83 -26.66
C ASN B 205 3.65 61.60 -25.85
N ALA B 206 3.26 62.29 -24.77
CA ALA B 206 4.25 63.09 -24.05
C ALA B 206 5.38 62.29 -23.44
N SER B 207 5.07 61.16 -22.82
CA SER B 207 6.13 60.38 -22.19
C SER B 207 6.82 59.53 -23.23
N LEU B 208 6.11 59.16 -24.30
CA LEU B 208 6.77 58.39 -25.34
C LEU B 208 7.78 59.26 -26.02
N ASN B 209 7.40 60.50 -26.28
CA ASN B 209 8.28 61.39 -26.98
C ASN B 209 9.48 61.73 -26.13
N SER B 210 9.33 61.87 -24.81
CA SER B 210 10.51 62.13 -24.01
C SER B 210 11.42 60.92 -23.97
N PHE B 211 10.84 59.74 -23.95
CA PHE B 211 11.62 58.51 -23.93
C PHE B 211 12.50 58.49 -25.17
N LYS B 212 11.88 58.80 -26.31
CA LYS B 212 12.50 58.84 -27.61
C LYS B 212 13.64 59.86 -27.74
N GLU B 213 13.76 60.80 -26.79
CA GLU B 213 14.84 61.75 -26.84
C GLU B 213 16.13 61.05 -26.49
N TYR B 214 16.03 60.01 -25.63
CA TYR B 214 17.21 59.30 -25.16
C TYR B 214 17.49 58.08 -26.01
N PHE B 215 16.42 57.41 -26.48
CA PHE B 215 16.62 56.20 -27.29
C PHE B 215 15.75 56.18 -28.52
N ASN B 216 16.29 55.71 -29.62
CA ASN B 216 15.45 55.54 -30.79
C ASN B 216 14.82 54.17 -30.65
N LEU B 217 13.62 54.00 -31.21
CA LEU B 217 12.99 52.70 -31.15
C LEU B 217 13.21 51.94 -32.43
N ARG B 218 13.87 50.79 -32.30
CA ARG B 218 14.24 50.00 -33.46
C ARG B 218 13.81 48.57 -33.45
N ASN B 219 13.46 48.10 -34.63
CA ASN B 219 13.10 46.71 -34.81
C ASN B 219 12.05 46.30 -33.80
N CYS B 220 11.05 47.14 -33.64
CA CYS B 220 10.03 46.87 -32.67
C CYS B 220 9.27 45.65 -33.07
N THR B 221 8.99 44.79 -32.09
CA THR B 221 8.22 43.61 -32.44
C THR B 221 6.79 43.91 -32.08
N PHE B 222 6.63 44.82 -31.12
CA PHE B 222 5.30 45.24 -30.76
C PHE B 222 5.24 46.55 -30.05
N MET B 223 4.04 47.11 -30.06
CA MET B 223 3.66 48.24 -29.26
C MET B 223 2.16 48.18 -29.12
N TYR B 224 1.68 48.05 -27.90
CA TYR B 224 0.26 47.97 -27.63
C TYR B 224 -0.16 49.08 -26.71
N THR B 225 -1.35 49.59 -26.91
CA THR B 225 -1.84 50.62 -26.04
C THR B 225 -3.06 50.13 -25.31
N TYR B 226 -3.11 50.42 -24.03
CA TYR B 226 -4.27 50.09 -23.24
C TYR B 226 -4.80 51.40 -22.68
N ASN B 227 -6.11 51.57 -22.57
CA ASN B 227 -6.58 52.82 -21.97
C ASN B 227 -6.77 52.69 -20.49
N ILE B 228 -6.59 53.79 -19.78
CA ILE B 228 -6.73 53.85 -18.34
C ILE B 228 -7.80 54.88 -17.97
N THR B 229 -8.81 54.48 -17.20
CA THR B 229 -9.79 55.45 -16.75
C THR B 229 -9.10 56.29 -15.70
N GLU B 230 -9.19 57.61 -15.78
CA GLU B 230 -8.51 58.42 -14.77
C GLU B 230 -9.34 58.53 -13.51
N ASP B 231 -8.74 58.13 -12.39
CA ASP B 231 -9.36 58.19 -11.09
C ASP B 231 -8.24 58.19 -10.05
N GLU B 232 -8.61 58.29 -8.76
CA GLU B 232 -7.66 58.27 -7.65
C GLU B 232 -7.82 57.04 -6.77
N ILE B 233 -8.43 56.00 -7.32
CA ILE B 233 -8.79 54.75 -6.62
C ILE B 233 -7.59 53.86 -6.33
N LEU B 234 -7.49 53.34 -5.10
CA LEU B 234 -6.34 52.49 -4.81
C LEU B 234 -6.35 51.31 -5.77
N GLU B 235 -5.22 51.08 -6.44
CA GLU B 235 -5.20 50.04 -7.45
C GLU B 235 -4.10 49.01 -7.38
N TRP B 236 -4.50 47.75 -7.58
CA TRP B 236 -3.53 46.67 -7.72
C TRP B 236 -3.22 46.43 -9.19
N PHE B 237 -1.94 46.27 -9.50
CA PHE B 237 -1.46 45.99 -10.85
C PHE B 237 -0.26 45.08 -10.70
N GLY B 238 0.03 44.23 -11.67
CA GLY B 238 1.23 43.40 -11.55
C GLY B 238 1.61 42.63 -12.80
N ILE B 239 2.74 41.90 -12.72
CA ILE B 239 3.26 41.19 -13.87
C ILE B 239 3.91 39.85 -13.57
N THR B 240 3.68 38.87 -14.45
CA THR B 240 4.34 37.56 -14.35
C THR B 240 4.79 37.08 -15.74
N GLN B 241 5.70 36.12 -15.80
CA GLN B 241 6.06 35.57 -17.10
C GLN B 241 5.98 34.06 -17.08
N THR B 242 5.39 33.53 -18.11
CA THR B 242 5.15 32.11 -18.29
C THR B 242 5.59 31.70 -19.68
N ALA B 243 5.48 30.42 -19.97
CA ALA B 243 5.82 29.89 -21.28
C ALA B 243 4.94 30.47 -22.40
N GLN B 244 3.80 31.04 -22.04
CA GLN B 244 2.88 31.58 -23.03
C GLN B 244 3.08 33.08 -23.28
N GLY B 245 3.98 33.74 -22.52
CA GLY B 245 4.18 35.19 -22.67
C GLY B 245 4.24 35.94 -21.33
N VAL B 246 4.11 37.26 -21.41
CA VAL B 246 4.17 38.11 -20.22
C VAL B 246 2.78 38.59 -19.87
N HIS B 247 2.37 38.28 -18.67
CA HIS B 247 1.02 38.53 -18.25
C HIS B 247 0.90 39.81 -17.43
N LEU B 248 0.05 40.72 -17.91
CA LEU B 248 -0.21 42.00 -17.25
C LEU B 248 -1.52 41.89 -16.53
N PHE B 249 -1.47 42.16 -15.24
CA PHE B 249 -2.62 42.01 -14.37
C PHE B 249 -3.03 43.30 -13.71
N SER B 250 -4.32 43.44 -13.47
CA SER B 250 -4.83 44.60 -12.76
C SER B 250 -6.16 44.34 -12.08
N SER B 251 -6.45 45.11 -11.05
CA SER B 251 -7.76 45.10 -10.42
C SER B 251 -8.67 46.08 -11.13
N ARG B 252 -8.07 46.94 -11.96
CA ARG B 252 -8.73 48.04 -12.65
C ARG B 252 -9.92 47.70 -13.54
N TYR B 253 -9.91 46.54 -14.18
CA TYR B 253 -11.00 46.24 -15.09
C TYR B 253 -12.05 45.27 -14.52
N VAL B 254 -11.68 44.50 -13.49
CA VAL B 254 -12.57 43.48 -12.94
C VAL B 254 -13.02 43.78 -11.49
N ASP B 255 -12.15 44.38 -10.67
CA ASP B 255 -12.44 44.61 -9.27
C ASP B 255 -11.92 45.98 -8.85
N LEU B 256 -12.37 47.02 -9.56
CA LEU B 256 -11.86 48.37 -9.36
C LEU B 256 -12.01 48.88 -7.95
N TYR B 257 -13.09 48.52 -7.28
CA TYR B 257 -13.33 49.07 -5.96
C TYR B 257 -13.03 48.05 -4.86
N GLY B 258 -12.39 46.95 -5.26
CA GLY B 258 -12.06 45.84 -4.38
C GLY B 258 -10.56 45.64 -4.22
N GLY B 259 -9.89 45.31 -5.33
CA GLY B 259 -8.46 45.03 -5.32
C GLY B 259 -8.00 43.63 -5.77
N ASN B 260 -8.90 42.66 -6.01
CA ASN B 260 -8.37 41.38 -6.49
C ASN B 260 -7.76 41.64 -7.85
N MET B 261 -6.58 41.14 -8.07
CA MET B 261 -5.97 41.45 -9.34
C MET B 261 -6.34 40.37 -10.38
N PHE B 262 -6.67 40.75 -11.61
CA PHE B 262 -7.00 39.80 -12.68
C PHE B 262 -6.17 40.03 -13.92
N GLN B 263 -5.93 39.01 -14.72
CA GLN B 263 -5.15 39.30 -15.92
C GLN B 263 -5.97 40.12 -16.91
N PHE B 264 -5.38 41.16 -17.52
CA PHE B 264 -6.13 41.91 -18.54
C PHE B 264 -5.44 41.86 -19.92
N ALA B 265 -4.15 41.54 -19.95
CA ALA B 265 -3.43 41.52 -21.24
C ALA B 265 -2.22 40.58 -21.19
N THR B 266 -1.81 40.05 -22.35
CA THR B 266 -0.57 39.26 -22.41
C THR B 266 0.32 39.82 -23.52
N LEU B 267 1.59 40.04 -23.23
CA LEU B 267 2.52 40.55 -24.23
C LEU B 267 3.34 39.38 -24.79
N PRO B 268 3.67 39.37 -26.08
CA PRO B 268 4.44 38.32 -26.75
C PRO B 268 5.95 38.41 -26.52
N VAL B 269 6.34 38.31 -25.27
CA VAL B 269 7.74 38.35 -24.88
C VAL B 269 8.10 36.95 -24.39
N TYR B 270 8.92 36.25 -25.18
CA TYR B 270 9.26 34.86 -24.86
C TYR B 270 10.68 34.69 -24.39
N ASP B 271 11.37 35.81 -24.25
CA ASP B 271 12.72 35.86 -23.76
C ASP B 271 12.59 36.08 -22.27
N THR B 272 12.97 35.09 -21.47
CA THR B 272 12.72 35.16 -20.05
C THR B 272 13.24 36.47 -19.48
N ILE B 273 12.39 37.15 -18.76
CA ILE B 273 12.76 38.40 -18.14
C ILE B 273 13.52 38.02 -16.92
N LYS B 274 14.69 38.58 -16.77
CA LYS B 274 15.49 38.22 -15.64
C LYS B 274 15.68 39.42 -14.76
N TYR B 275 15.65 40.59 -15.39
CA TYR B 275 15.93 41.84 -14.73
C TYR B 275 14.90 42.91 -15.00
N TYR B 276 14.66 43.79 -14.03
CA TYR B 276 13.84 44.97 -14.28
C TYR B 276 14.21 46.15 -13.40
N SER B 277 13.85 47.36 -13.84
CA SER B 277 14.03 48.55 -13.01
C SER B 277 12.96 49.58 -13.26
N ILE B 278 12.79 50.46 -12.29
CA ILE B 278 11.85 51.54 -12.44
C ILE B 278 12.38 52.68 -13.23
N ILE B 279 11.59 53.12 -14.18
CA ILE B 279 11.97 54.25 -14.97
C ILE B 279 11.71 55.49 -14.11
N PRO B 280 12.70 56.36 -13.90
CA PRO B 280 12.58 57.57 -13.14
C PRO B 280 11.66 58.48 -13.93
N HIS B 281 10.95 59.35 -13.26
CA HIS B 281 10.03 60.20 -13.97
C HIS B 281 9.89 61.52 -13.27
N SER B 282 9.79 62.54 -14.09
CA SER B 282 9.66 63.87 -13.58
C SER B 282 8.66 64.66 -14.38
N ILE B 283 7.95 65.49 -13.66
CA ILE B 283 6.91 66.27 -14.25
C ILE B 283 7.36 67.72 -14.46
N ARG B 284 7.30 68.20 -15.71
CA ARG B 284 7.78 69.56 -15.98
C ARG B 284 6.69 70.60 -15.76
N SER B 285 6.34 70.71 -14.51
CA SER B 285 5.36 71.63 -13.98
C SER B 285 6.10 72.86 -13.52
N ILE B 286 5.35 73.88 -13.13
CA ILE B 286 5.94 75.10 -12.61
C ILE B 286 5.62 75.17 -11.12
N GLN B 287 6.25 76.08 -10.40
CA GLN B 287 6.11 76.08 -8.94
C GLN B 287 4.64 76.26 -8.52
N SER B 288 3.90 77.08 -9.25
CA SER B 288 2.48 77.36 -9.00
C SER B 288 1.58 76.20 -9.42
N ASP B 289 2.15 75.23 -10.10
CA ASP B 289 1.46 74.06 -10.61
C ASP B 289 2.20 72.83 -10.11
N ARG B 290 2.87 72.97 -8.97
CA ARG B 290 3.62 71.86 -8.42
C ARG B 290 2.75 71.01 -7.51
N LYS B 291 2.52 69.78 -7.96
CA LYS B 291 1.65 68.81 -7.32
C LYS B 291 2.44 67.80 -6.51
N ALA B 292 1.74 67.02 -5.71
CA ALA B 292 2.37 65.93 -4.99
C ALA B 292 1.91 64.64 -5.64
N TRP B 293 2.75 63.62 -5.67
CA TRP B 293 2.35 62.35 -6.27
C TRP B 293 2.46 61.22 -5.31
N ALA B 294 1.53 60.29 -5.45
CA ALA B 294 1.54 59.11 -4.62
C ALA B 294 2.69 58.25 -5.03
N ALA B 295 3.36 57.66 -4.07
CA ALA B 295 4.39 56.71 -4.40
C ALA B 295 3.73 55.40 -4.74
N PHE B 296 4.40 54.61 -5.55
CA PHE B 296 3.88 53.28 -5.81
C PHE B 296 4.77 52.31 -5.10
N TYR B 297 4.22 51.16 -4.78
CA TYR B 297 5.02 50.21 -4.04
C TYR B 297 5.14 48.92 -4.75
N VAL B 298 6.36 48.40 -4.80
CA VAL B 298 6.56 47.13 -5.49
C VAL B 298 6.91 46.03 -4.51
N TYR B 299 6.18 44.97 -4.62
CA TYR B 299 6.29 43.83 -3.74
C TYR B 299 6.59 42.67 -4.65
N LYS B 300 7.34 41.68 -4.19
CA LYS B 300 7.62 40.55 -5.07
C LYS B 300 6.61 39.43 -4.96
N LEU B 301 6.48 38.63 -6.01
CA LEU B 301 5.65 37.44 -5.94
C LEU B 301 6.49 36.23 -5.76
N GLN B 302 5.96 35.25 -5.06
CA GLN B 302 6.68 34.00 -4.92
C GLN B 302 5.66 32.90 -4.67
N PRO B 303 5.98 31.61 -4.89
CA PRO B 303 5.10 30.49 -4.64
C PRO B 303 4.86 30.26 -3.15
N LEU B 304 3.70 30.70 -2.71
CA LEU B 304 3.31 30.67 -1.31
C LEU B 304 2.00 29.96 -1.13
N THR B 305 1.84 29.33 0.03
CA THR B 305 0.56 28.75 0.35
C THR B 305 -0.26 29.67 1.22
N PHE B 306 -1.45 29.91 0.71
CA PHE B 306 -2.45 30.73 1.35
C PHE B 306 -3.78 30.09 1.53
N LEU B 307 -4.45 30.50 2.58
CA LEU B 307 -5.84 30.14 2.65
C LEU B 307 -6.53 31.28 1.96
N LEU B 308 -7.43 30.98 1.04
CA LEU B 308 -8.12 32.03 0.30
C LEU B 308 -9.62 31.92 0.54
N ASP B 309 -10.22 32.98 1.11
CA ASP B 309 -11.63 33.03 1.42
C ASP B 309 -12.47 33.70 0.32
N PHE B 310 -13.22 32.88 -0.44
CA PHE B 310 -14.04 33.31 -1.56
C PHE B 310 -15.46 33.57 -1.11
N SER B 311 -15.92 34.78 -1.33
CA SER B 311 -17.27 35.18 -0.94
C SER B 311 -18.22 34.62 -1.98
N VAL B 312 -19.50 34.86 -1.81
CA VAL B 312 -20.51 34.37 -2.75
C VAL B 312 -20.33 34.96 -4.16
N ASP B 313 -19.69 36.13 -4.23
CA ASP B 313 -19.48 36.82 -5.48
C ASP B 313 -18.15 36.40 -6.10
N GLY B 314 -17.48 35.43 -5.49
CA GLY B 314 -16.27 34.85 -6.02
C GLY B 314 -14.99 35.63 -5.80
N TYR B 315 -15.06 36.74 -5.09
CA TYR B 315 -13.85 37.52 -4.87
C TYR B 315 -13.21 37.11 -3.55
N ILE B 316 -11.88 37.17 -3.51
CA ILE B 316 -11.16 36.79 -2.31
C ILE B 316 -11.17 37.99 -1.41
N ARG B 317 -11.73 37.83 -0.22
CA ARG B 317 -11.87 38.97 0.68
C ARG B 317 -11.04 38.84 1.94
N ARG B 318 -10.33 37.74 2.01
CA ARG B 318 -9.48 37.41 3.13
C ARG B 318 -8.54 36.32 2.70
N ALA B 319 -7.33 36.37 3.21
CA ALA B 319 -6.40 35.32 2.96
C ALA B 319 -5.48 35.13 4.18
N ILE B 320 -4.94 33.93 4.34
CA ILE B 320 -3.99 33.64 5.41
C ILE B 320 -2.65 33.25 4.86
N ASP B 321 -1.60 33.93 5.29
CA ASP B 321 -0.24 33.60 4.86
C ASP B 321 0.16 32.52 5.83
N CYS B 322 0.10 31.28 5.38
CA CYS B 322 0.18 30.15 6.28
C CYS B 322 1.47 30.14 7.09
N GLY B 323 2.59 30.52 6.50
CA GLY B 323 3.87 30.44 7.20
C GLY B 323 4.28 31.69 7.99
N PHE B 324 3.40 32.68 8.05
CA PHE B 324 3.72 33.96 8.69
C PHE B 324 4.08 33.75 10.16
N ASN B 325 3.26 33.00 10.89
CA ASN B 325 3.54 32.74 12.28
C ASN B 325 3.10 31.31 12.68
N ASP B 326 3.26 30.94 13.93
CA ASP B 326 2.96 29.57 14.33
C ASP B 326 1.48 29.31 14.33
N LEU B 327 0.76 30.30 14.79
CA LEU B 327 -0.68 30.25 14.89
C LEU B 327 -1.28 30.20 13.48
N SER B 328 -0.71 30.93 12.52
CA SER B 328 -1.19 30.94 11.14
C SER B 328 -0.98 29.61 10.44
N GLN B 329 0.08 28.87 10.81
CA GLN B 329 0.28 27.56 10.18
C GLN B 329 -0.84 26.67 10.65
N LEU B 330 -1.19 26.83 11.91
CA LEU B 330 -2.29 26.07 12.47
C LEU B 330 -3.60 26.48 11.87
N HIS B 331 -3.81 27.77 11.62
CA HIS B 331 -5.09 28.16 11.05
C HIS B 331 -5.29 27.54 9.71
N CYS B 332 -4.25 27.49 8.89
CA CYS B 332 -4.46 26.87 7.60
C CYS B 332 -4.80 25.38 7.77
N SER B 333 -4.06 24.66 8.61
CA SER B 333 -4.31 23.23 8.76
C SER B 333 -5.65 22.93 9.38
N TYR B 334 -6.07 23.79 10.30
CA TYR B 334 -7.31 23.70 11.04
C TYR B 334 -8.39 24.63 10.51
N GLU B 335 -8.20 25.22 9.32
CA GLU B 335 -9.17 26.12 8.67
C GLU B 335 -9.36 27.51 9.31
N SER B 336 -9.67 27.53 10.62
CA SER B 336 -9.92 28.77 11.35
C SER B 336 -9.21 28.77 12.68
N PHE B 337 -9.59 29.71 13.55
CA PHE B 337 -8.96 29.85 14.87
C PHE B 337 -9.91 29.50 16.01
N ASP B 338 -11.23 29.68 15.87
CA ASP B 338 -12.04 29.39 17.09
C ASP B 338 -12.35 27.90 17.03
N VAL B 339 -11.86 27.24 15.97
CA VAL B 339 -12.08 25.78 15.82
C VAL B 339 -11.53 25.13 17.08
N GLU B 340 -12.40 24.42 17.81
CA GLU B 340 -11.98 23.81 19.09
C GLU B 340 -11.25 24.89 19.89
N SER B 341 -9.93 24.75 20.04
CA SER B 341 -9.22 25.40 21.17
C SER B 341 -8.19 26.39 20.65
N GLY B 342 -7.42 26.02 19.63
CA GLY B 342 -6.31 26.88 19.19
C GLY B 342 -5.08 26.54 19.99
N VAL B 343 -5.31 25.82 21.10
CA VAL B 343 -4.24 25.13 21.88
C VAL B 343 -3.75 23.92 21.10
N TYR B 344 -2.79 24.12 20.21
CA TYR B 344 -2.17 22.95 19.53
C TYR B 344 -0.66 23.13 19.52
N SER B 345 0.08 22.02 19.48
CA SER B 345 1.48 21.90 19.12
C SER B 345 1.73 22.79 17.92
N VAL B 346 2.89 23.43 17.84
CA VAL B 346 3.19 24.24 16.67
C VAL B 346 4.54 23.86 16.09
N SER B 347 4.86 24.36 14.90
CA SER B 347 6.15 24.08 14.31
C SER B 347 7.28 24.48 15.24
N SER B 348 8.27 23.60 15.38
CA SER B 348 9.44 23.80 16.25
C SER B 348 10.54 24.72 15.68
N PHE B 349 11.47 25.12 16.57
CA PHE B 349 12.64 25.95 16.23
C PHE B 349 13.76 25.09 15.70
N GLU B 350 14.26 25.42 14.50
CA GLU B 350 15.20 24.52 13.85
C GLU B 350 16.55 24.16 14.50
N ALA B 351 17.33 25.13 15.00
CA ALA B 351 18.66 24.89 15.63
C ALA B 351 19.60 26.08 15.45
N LYS B 352 19.70 26.55 14.20
CA LYS B 352 20.59 27.59 13.68
C LYS B 352 22.05 27.08 13.55
N PRO B 353 22.42 26.50 12.39
CA PRO B 353 23.72 25.93 12.04
C PRO B 353 24.88 26.91 12.09
N SER B 354 26.03 26.38 12.49
CA SER B 354 27.33 27.02 12.60
C SER B 354 28.31 26.46 11.55
N GLY B 355 29.48 27.11 11.43
CA GLY B 355 30.52 26.72 10.47
C GLY B 355 30.96 25.29 10.75
N SER B 356 31.39 24.60 9.70
CA SER B 356 31.73 23.19 9.75
C SER B 356 33.05 22.72 10.37
N VAL B 357 33.06 21.40 10.63
CA VAL B 357 34.18 20.59 11.08
C VAL B 357 34.54 19.52 10.05
N VAL B 358 35.75 19.58 9.54
CA VAL B 358 36.14 18.64 8.49
C VAL B 358 37.44 17.90 8.76
N GLU B 359 37.40 16.58 8.63
CA GLU B 359 38.61 15.78 8.81
C GLU B 359 38.63 14.59 7.86
N GLN B 360 39.76 14.40 7.16
CA GLN B 360 39.94 13.25 6.29
C GLN B 360 41.31 13.21 5.65
N ALA B 361 42.20 12.35 6.13
CA ALA B 361 43.45 12.17 5.46
C ALA B 361 43.18 11.55 4.10
N GLU B 362 43.92 11.96 3.08
CA GLU B 362 43.77 11.43 1.75
C GLU B 362 45.03 11.68 0.93
N ASP B 576 39.82 28.51 6.31
CA ASP B 576 40.26 27.13 6.23
C ASP B 576 40.60 26.61 7.60
N THR B 577 40.73 27.54 8.54
CA THR B 577 41.01 27.20 9.92
C THR B 577 40.18 28.06 10.88
N LYS B 578 39.89 27.58 12.10
CA LYS B 578 40.16 26.23 12.62
C LYS B 578 38.92 25.37 12.42
N ILE B 579 39.01 24.32 11.60
CA ILE B 579 37.82 23.50 11.36
C ILE B 579 38.07 22.06 11.78
N ALA B 580 39.12 21.84 12.55
CA ALA B 580 39.44 20.49 13.03
C ALA B 580 38.35 19.99 13.97
N SER B 581 37.83 20.90 14.76
CA SER B 581 36.76 20.65 15.70
C SER B 581 36.20 22.00 16.08
N GLN B 582 34.98 22.02 16.56
CA GLN B 582 34.39 23.22 17.11
C GLN B 582 33.35 22.83 18.11
N LEU B 583 33.67 23.04 19.36
CA LEU B 583 32.79 22.64 20.43
C LEU B 583 32.29 23.87 21.21
N GLY B 584 31.01 24.27 21.02
CA GLY B 584 30.07 23.62 20.11
C GLY B 584 28.66 24.17 20.25
N ASN B 585 27.77 23.71 19.36
CA ASN B 585 26.36 24.07 19.33
C ASN B 585 25.60 23.30 18.22
N CYS B 586 25.95 23.52 16.97
CA CYS B 586 25.35 22.83 15.83
C CYS B 586 26.19 23.05 14.57
N VAL B 587 27.21 22.23 14.33
CA VAL B 587 28.15 22.48 13.23
C VAL B 587 28.05 21.45 12.14
N GLU B 588 28.15 21.90 10.91
CA GLU B 588 28.12 20.95 9.81
C GLU B 588 29.40 20.14 9.83
N TYR B 589 29.39 18.91 9.36
CA TYR B 589 30.65 18.19 9.33
C TYR B 589 30.81 17.18 8.22
N SER B 590 32.07 16.85 7.98
CA SER B 590 32.48 15.80 7.07
C SER B 590 33.72 15.11 7.63
N LEU B 591 33.55 13.87 8.07
CA LEU B 591 34.61 13.11 8.70
C LEU B 591 34.88 11.81 7.95
N TYR B 592 35.98 11.69 7.24
CA TYR B 592 36.27 10.47 6.49
C TYR B 592 35.13 9.97 5.61
N GLY B 593 34.43 10.88 4.97
CA GLY B 593 33.32 10.51 4.08
C GLY B 593 31.97 10.46 4.79
N VAL B 594 31.97 10.62 6.11
CA VAL B 594 30.76 10.59 6.93
C VAL B 594 30.28 12.01 7.13
N SER B 595 29.05 12.27 6.76
CA SER B 595 28.53 13.62 6.83
C SER B 595 27.34 13.77 7.74
N GLY B 596 27.12 15.00 8.15
CA GLY B 596 25.99 15.34 8.98
C GLY B 596 26.17 16.70 9.60
N ARG B 597 25.36 17.01 10.60
CA ARG B 597 25.44 18.27 11.31
C ARG B 597 25.18 18.01 12.79
N GLY B 598 25.95 18.65 13.67
CA GLY B 598 25.71 18.45 15.08
C GLY B 598 26.72 19.02 16.04
N VAL B 599 26.55 18.71 17.30
CA VAL B 599 27.48 19.20 18.28
C VAL B 599 28.26 18.05 18.85
N PHE B 600 29.56 18.29 18.91
CA PHE B 600 30.48 17.33 19.43
C PHE B 600 30.71 17.62 20.88
N GLN B 601 30.87 16.59 21.67
CA GLN B 601 31.18 16.73 23.06
C GLN B 601 32.37 15.89 23.44
N ASN B 602 33.29 16.43 24.21
CA ASN B 602 34.42 15.65 24.64
C ASN B 602 33.95 14.61 25.64
N CYS B 603 34.17 13.35 25.36
CA CYS B 603 33.60 12.34 26.22
C CYS B 603 34.43 11.08 26.24
N THR B 604 34.07 10.14 27.11
CA THR B 604 34.85 8.94 27.15
C THR B 604 34.53 8.05 25.99
N ALA B 605 35.52 7.26 25.60
CA ALA B 605 35.39 6.30 24.53
C ALA B 605 34.49 5.13 24.85
N VAL B 606 33.79 4.69 23.84
CA VAL B 606 33.01 3.48 23.85
C VAL B 606 33.58 2.77 22.65
N GLY B 607 33.48 1.48 22.54
CA GLY B 607 34.16 0.88 21.40
C GLY B 607 33.40 0.80 20.09
N VAL B 608 33.99 0.08 19.11
CA VAL B 608 35.28 -0.63 19.20
C VAL B 608 36.43 0.30 18.82
N ARG B 609 37.52 0.19 19.54
CA ARG B 609 38.63 1.04 19.26
C ARG B 609 39.21 0.73 17.90
N GLN B 610 39.74 1.76 17.27
CA GLN B 610 40.38 1.77 15.96
C GLN B 610 39.41 1.61 14.78
N GLN B 611 38.09 1.63 15.01
CA GLN B 611 37.15 1.57 13.88
C GLN B 611 36.46 2.91 13.59
N ARG B 612 36.92 3.94 14.29
CA ARG B 612 36.54 5.34 14.14
C ARG B 612 35.12 5.80 14.44
N PHE B 613 34.13 5.22 13.78
CA PHE B 613 32.76 5.73 13.93
C PHE B 613 31.80 4.79 14.63
N VAL B 614 31.30 5.22 15.80
CA VAL B 614 30.42 4.46 16.67
C VAL B 614 28.98 4.86 16.39
N TYR B 615 28.13 3.89 16.13
CA TYR B 615 26.72 4.07 15.82
C TYR B 615 25.79 3.45 16.89
N ASP B 616 24.57 4.00 17.01
CA ASP B 616 23.54 3.57 17.98
C ASP B 616 22.58 2.49 17.46
N ALA B 617 21.55 2.21 18.26
CA ALA B 617 20.51 1.22 18.00
C ALA B 617 19.68 1.52 16.75
N TYR B 618 19.69 2.75 16.31
CA TYR B 618 18.91 3.20 15.18
C TYR B 618 19.85 3.46 14.01
N GLN B 619 21.09 2.99 14.12
CA GLN B 619 22.15 3.12 13.12
C GLN B 619 22.63 4.55 12.91
N ASN B 620 22.42 5.44 13.89
CA ASN B 620 22.85 6.84 13.84
C ASN B 620 24.23 6.98 14.44
N LEU B 621 24.97 7.99 14.03
CA LEU B 621 26.29 8.15 14.63
C LEU B 621 26.18 8.62 16.08
N VAL B 622 26.89 7.92 16.98
CA VAL B 622 27.01 8.17 18.41
C VAL B 622 28.21 9.00 18.70
N GLY B 623 29.30 8.68 18.03
CA GLY B 623 30.54 9.39 18.27
C GLY B 623 31.65 8.93 17.36
N TYR B 624 32.75 9.67 17.41
CA TYR B 624 33.90 9.44 16.56
C TYR B 624 35.28 9.64 17.17
N TYR B 625 36.20 8.76 16.78
CA TYR B 625 37.59 8.88 17.19
C TYR B 625 38.34 9.69 16.17
N SER B 626 38.78 10.87 16.59
CA SER B 626 39.43 11.85 15.76
C SER B 626 40.93 11.60 15.68
N ASP B 627 41.60 12.28 14.76
CA ASP B 627 43.04 12.07 14.60
C ASP B 627 43.85 12.86 15.62
N ASP B 628 43.17 13.63 16.46
CA ASP B 628 43.82 14.38 17.51
C ASP B 628 43.89 13.52 18.79
N GLY B 629 43.41 12.27 18.71
CA GLY B 629 43.44 11.34 19.82
C GLY B 629 42.19 11.40 20.69
N ASN B 630 41.30 12.35 20.42
CA ASN B 630 40.09 12.50 21.20
C ASN B 630 38.90 11.76 20.64
N TYR B 631 38.01 11.41 21.55
CA TYR B 631 36.76 10.82 21.17
C TYR B 631 35.66 11.80 21.46
N TYR B 632 34.83 12.01 20.47
CA TYR B 632 33.74 12.93 20.68
C TYR B 632 32.42 12.24 20.54
N CYS B 633 31.51 12.65 21.38
CA CYS B 633 30.16 12.17 21.33
C CYS B 633 29.40 13.13 20.47
N LEU B 634 28.54 12.59 19.63
CA LEU B 634 27.73 13.40 18.75
C LEU B 634 26.29 13.41 19.21
N ARG B 635 25.77 14.60 19.42
CA ARG B 635 24.40 14.77 19.86
C ARG B 635 23.53 15.34 18.76
N ALA B 636 24.07 15.34 17.56
CA ALA B 636 23.43 15.97 16.41
C ALA B 636 23.14 17.39 16.85
N CYS B 637 22.02 17.98 16.50
CA CYS B 637 21.72 19.33 16.95
C CYS B 637 20.56 19.24 17.91
N VAL B 638 20.42 20.22 18.77
CA VAL B 638 19.29 20.22 19.67
C VAL B 638 18.37 21.28 19.15
N SER B 639 17.13 21.24 19.56
CA SER B 639 16.12 22.14 19.02
C SER B 639 15.14 22.55 20.08
N VAL B 640 14.30 23.52 19.76
CA VAL B 640 13.33 23.96 20.73
C VAL B 640 11.89 23.64 20.28
N PRO B 641 11.18 22.73 20.96
CA PRO B 641 9.83 22.30 20.67
C PRO B 641 8.98 23.46 21.07
N VAL B 642 7.84 23.64 20.45
CA VAL B 642 6.99 24.76 20.83
C VAL B 642 5.53 24.37 20.87
N SER B 643 4.79 24.95 21.79
CA SER B 643 3.32 24.82 21.80
C SER B 643 2.69 26.16 22.12
N VAL B 644 1.49 26.37 21.60
CA VAL B 644 0.78 27.62 21.82
C VAL B 644 -0.55 27.45 22.50
N ILE B 645 -0.72 28.28 23.52
CA ILE B 645 -1.93 28.31 24.30
C ILE B 645 -2.77 29.42 23.72
N TYR B 646 -3.87 29.09 23.07
CA TYR B 646 -4.65 30.13 22.41
C TYR B 646 -6.10 30.24 22.84
N ASP B 647 -6.49 31.47 23.15
CA ASP B 647 -7.83 31.76 23.55
C ASP B 647 -8.66 32.41 22.46
N LYS B 648 -9.59 31.65 21.89
CA LYS B 648 -10.44 32.12 20.82
C LYS B 648 -11.40 33.22 21.27
N GLU B 649 -11.64 33.34 22.59
CA GLU B 649 -12.55 34.38 23.08
C GLU B 649 -11.88 35.73 23.18
N THR B 650 -10.69 35.80 23.79
CA THR B 650 -10.01 37.09 23.93
C THR B 650 -9.05 37.37 22.78
N LYS B 651 -8.84 36.38 21.90
CA LYS B 651 -7.95 36.46 20.75
C LYS B 651 -6.52 36.69 21.21
N THR B 652 -6.12 35.96 22.24
CA THR B 652 -4.77 36.08 22.79
C THR B 652 -4.05 34.76 22.96
N HIS B 653 -2.74 34.82 23.19
CA HIS B 653 -1.97 33.62 23.45
C HIS B 653 -0.70 33.80 24.25
N ALA B 654 -0.18 32.67 24.67
CA ALA B 654 1.05 32.49 25.44
C ALA B 654 1.75 31.25 24.92
N THR B 655 3.06 31.13 25.12
CA THR B 655 3.68 29.93 24.57
C THR B 655 4.70 29.24 25.43
N LEU B 656 4.77 27.91 25.24
CA LEU B 656 5.74 27.08 25.93
C LEU B 656 6.82 26.50 25.06
N PHE B 657 8.01 26.39 25.65
CA PHE B 657 9.18 25.80 24.99
C PHE B 657 9.50 24.45 25.60
N GLY B 658 8.59 24.00 26.43
CA GLY B 658 8.71 22.71 27.07
C GLY B 658 9.98 22.58 27.89
N SER B 659 10.65 21.47 27.57
CA SER B 659 11.88 20.94 28.13
C SER B 659 13.08 21.81 27.93
N VAL B 660 12.96 22.81 27.07
CA VAL B 660 14.08 23.67 26.85
C VAL B 660 14.49 24.42 28.09
N ALA B 661 13.51 24.80 28.91
CA ALA B 661 13.74 25.55 30.14
C ALA B 661 14.17 26.97 29.85
N CYS B 662 13.92 27.84 30.82
CA CYS B 662 14.05 29.26 30.63
C CYS B 662 15.49 29.76 30.61
N GLU B 663 16.46 28.94 31.02
CA GLU B 663 17.83 29.41 30.96
C GLU B 663 18.27 29.68 29.50
N HIS B 664 17.55 29.11 28.53
CA HIS B 664 17.89 29.27 27.13
C HIS B 664 16.81 30.06 26.39
N ILE B 665 15.94 30.74 27.12
CA ILE B 665 14.83 31.46 26.53
C ILE B 665 14.87 32.96 26.70
N SER B 666 14.57 33.62 25.61
CA SER B 666 14.49 35.06 25.50
C SER B 666 13.29 35.42 24.66
N SER B 667 12.87 36.69 24.75
CA SER B 667 11.72 37.17 23.98
C SER B 667 11.97 37.15 22.47
N THR B 668 13.23 37.26 22.07
CA THR B 668 13.56 37.18 20.67
C THR B 668 14.23 35.84 20.45
N MET B 669 14.20 35.37 19.20
CA MET B 669 14.82 34.10 18.86
C MET B 669 15.56 34.22 17.54
N SER B 670 16.63 33.45 17.42
CA SER B 670 17.45 33.37 16.24
C SER B 670 17.65 31.92 15.86
N GLN B 671 16.57 31.15 15.92
CA GLN B 671 16.63 29.73 15.63
C GLN B 671 16.27 29.25 14.21
N TYR B 672 15.06 29.44 13.67
CA TYR B 672 13.86 30.11 14.14
C TYR B 672 12.71 29.14 13.81
N SER B 673 11.49 29.33 14.36
CA SER B 673 10.36 28.42 14.07
C SER B 673 9.31 28.98 13.10
N ARG B 674 9.24 30.29 12.99
CA ARG B 674 8.30 30.99 12.13
C ARG B 674 8.84 32.37 11.81
N SER B 675 8.36 32.98 10.73
CA SER B 675 8.87 34.29 10.34
C SER B 675 8.65 35.36 11.40
N THR B 676 7.49 35.37 12.04
CA THR B 676 7.34 36.37 13.09
C THR B 676 6.71 35.86 14.37
N ARG B 677 7.17 36.48 15.45
CA ARG B 677 6.77 36.25 16.82
C ARG B 677 6.03 37.47 17.40
N SER B 678 5.70 38.43 16.54
CA SER B 678 5.12 39.71 16.98
C SER B 678 3.80 39.63 17.73
N MET B 679 3.00 38.59 17.52
CA MET B 679 1.75 38.56 18.26
C MET B 679 1.99 38.34 19.76
N LEU B 680 3.09 37.67 20.12
CA LEU B 680 3.41 37.47 21.52
C LEU B 680 4.15 38.69 22.05
N LYS B 681 5.03 39.27 21.22
CA LYS B 681 5.87 40.40 21.64
C LYS B 681 5.06 41.56 22.16
N ARG B 682 3.86 41.76 21.61
CA ARG B 682 2.97 42.85 22.06
C ARG B 682 2.90 42.92 23.59
N ARG B 683 2.89 41.76 24.27
CA ARG B 683 2.85 41.75 25.72
C ARG B 683 4.16 41.20 26.30
N ASP B 684 4.72 40.18 25.64
CA ASP B 684 5.88 39.47 26.15
C ASP B 684 7.17 40.28 26.19
N SER B 685 7.24 41.36 25.41
CA SER B 685 8.43 42.19 25.37
C SER B 685 8.71 42.86 26.73
N THR B 686 7.72 42.86 27.63
CA THR B 686 7.90 43.46 28.94
C THR B 686 8.05 42.41 30.06
N TYR B 687 8.15 41.12 29.71
CA TYR B 687 8.29 40.08 30.73
C TYR B 687 9.48 39.16 30.48
N GLY B 688 10.06 38.63 31.53
CA GLY B 688 11.06 37.61 31.31
C GLY B 688 10.25 36.33 31.17
N PRO B 689 10.85 35.21 30.79
CA PRO B 689 10.20 33.92 30.71
C PRO B 689 9.87 33.44 32.12
N LEU B 690 8.77 32.73 32.30
CA LEU B 690 8.48 32.17 33.60
C LEU B 690 8.62 30.66 33.53
N GLN B 691 9.37 30.10 34.47
CA GLN B 691 9.60 28.66 34.44
C GLN B 691 8.57 27.88 35.21
N THR B 692 7.94 26.91 34.56
CA THR B 692 6.99 26.07 35.24
C THR B 692 7.39 24.60 35.06
N PRO B 693 6.85 23.68 35.89
CA PRO B 693 6.98 22.22 35.79
C PRO B 693 6.49 21.63 34.46
N VAL B 694 5.63 22.34 33.73
CA VAL B 694 5.16 21.83 32.45
C VAL B 694 6.22 22.21 31.42
N GLY B 695 6.67 23.46 31.49
CA GLY B 695 7.70 23.96 30.59
C GLY B 695 7.94 25.46 30.72
N CYS B 696 8.90 25.97 29.96
CA CYS B 696 9.19 27.40 30.02
C CYS B 696 8.21 28.20 29.20
N VAL B 697 7.60 29.22 29.81
CA VAL B 697 6.58 29.99 29.12
C VAL B 697 6.66 31.50 29.08
N LEU B 698 6.41 32.06 27.89
CA LEU B 698 6.35 33.51 27.78
C LEU B 698 4.90 33.92 27.85
N GLY B 699 4.66 35.08 28.48
CA GLY B 699 3.31 35.62 28.57
C GLY B 699 2.47 34.91 29.63
N LEU B 700 3.14 34.39 30.66
CA LEU B 700 2.45 33.66 31.71
C LEU B 700 1.85 34.43 32.87
N VAL B 701 2.53 35.47 33.35
CA VAL B 701 2.12 36.23 34.54
C VAL B 701 1.85 35.38 35.80
N ASN B 702 2.67 35.56 36.80
CA ASN B 702 2.49 34.79 38.03
C ASN B 702 1.38 35.38 38.89
N SER B 703 0.26 34.65 39.07
CA SER B 703 -0.85 35.20 39.85
C SER B 703 -1.13 34.43 41.15
N SER B 704 -0.50 33.26 41.29
CA SER B 704 -0.69 32.34 42.42
C SER B 704 -2.16 31.97 42.67
N LEU B 705 -2.90 31.68 41.60
CA LEU B 705 -4.31 31.31 41.72
C LEU B 705 -4.55 29.82 41.59
N PHE B 706 -5.67 29.35 42.09
CA PHE B 706 -6.11 27.96 41.93
C PHE B 706 -7.45 27.94 41.27
N VAL B 707 -7.54 27.28 40.13
CA VAL B 707 -8.81 27.25 39.42
C VAL B 707 -9.12 25.82 39.02
N GLU B 708 -10.37 25.48 38.93
CA GLU B 708 -10.71 24.13 38.51
C GLU B 708 -10.43 23.82 37.03
N ASP B 709 -10.73 24.76 36.14
CA ASP B 709 -10.59 24.51 34.71
C ASP B 709 -10.44 25.78 33.86
N CYS B 710 -9.25 26.01 33.28
CA CYS B 710 -8.97 27.20 32.49
C CYS B 710 -9.42 27.03 31.06
N LYS B 711 -9.78 25.80 30.69
CA LYS B 711 -10.06 25.33 29.33
C LYS B 711 -8.78 25.38 28.49
N LEU B 712 -7.68 25.61 29.20
CA LEU B 712 -6.33 25.64 28.75
C LEU B 712 -5.47 25.04 29.88
N PRO B 713 -5.71 23.80 30.32
CA PRO B 713 -4.95 23.17 31.38
C PRO B 713 -3.61 22.93 30.78
N LEU B 714 -2.56 22.93 31.57
CA LEU B 714 -1.25 22.66 31.03
C LEU B 714 -0.79 21.25 31.38
N GLY B 715 -1.68 20.53 32.02
CA GLY B 715 -1.41 19.19 32.50
C GLY B 715 -0.84 19.31 33.88
N GLN B 716 -0.40 18.20 34.44
CA GLN B 716 0.12 18.15 35.78
C GLN B 716 -0.88 18.83 36.73
N SER B 717 -0.45 19.87 37.44
CA SER B 717 -1.31 20.56 38.36
C SER B 717 -1.35 22.03 37.96
N LEU B 718 -1.06 22.32 36.69
CA LEU B 718 -0.99 23.69 36.18
C LEU B 718 -2.06 24.07 35.18
N CYS B 719 -2.43 25.34 35.15
CA CYS B 719 -3.49 25.81 34.28
C CYS B 719 -3.23 27.25 33.75
N ALA B 720 -3.46 27.50 32.45
CA ALA B 720 -3.28 28.84 31.87
C ALA B 720 -4.58 29.61 31.82
N LEU B 721 -4.77 30.51 32.75
CA LEU B 721 -6.06 31.15 32.90
C LEU B 721 -6.27 32.34 31.94
N PRO B 722 -7.31 32.36 31.09
CA PRO B 722 -7.64 33.45 30.19
C PRO B 722 -7.96 34.68 31.02
N ASP B 723 -7.72 35.87 30.49
CA ASP B 723 -8.10 37.04 31.25
C ASP B 723 -9.59 37.32 31.01
N THR B 724 -10.10 38.35 31.66
CA THR B 724 -11.50 38.73 31.58
C THR B 724 -11.76 39.85 30.55
N PRO B 725 -12.72 39.68 29.61
CA PRO B 725 -13.12 40.70 28.65
C PRO B 725 -13.55 41.95 29.40
N SER B 726 -13.22 43.12 28.86
CA SER B 726 -13.57 44.37 29.54
C SER B 726 -15.01 44.36 30.02
N GLN C 1 44.25 78.96 -25.88
CA GLN C 1 43.65 79.18 -27.20
C GLN C 1 43.29 77.89 -27.89
N VAL C 2 42.02 77.79 -28.25
CA VAL C 2 41.52 76.63 -28.98
C VAL C 2 41.88 76.69 -30.45
N GLN C 3 42.37 75.55 -30.93
CA GLN C 3 42.78 75.36 -32.30
C GLN C 3 42.29 74.04 -32.86
N LEU C 4 41.88 74.08 -34.12
CA LEU C 4 41.50 72.90 -34.86
C LEU C 4 42.34 72.90 -36.13
N GLN C 5 43.16 71.88 -36.30
CA GLN C 5 44.10 71.82 -37.42
C GLN C 5 43.79 70.70 -38.39
N GLN C 6 43.37 71.09 -39.59
CA GLN C 6 43.02 70.10 -40.58
C GLN C 6 44.16 69.80 -41.54
N SER C 7 44.06 68.64 -42.16
CA SER C 7 44.99 68.22 -43.19
C SER C 7 44.77 69.01 -44.49
N GLY C 8 45.75 68.95 -45.39
CA GLY C 8 45.63 69.66 -46.65
C GLY C 8 44.73 68.90 -47.62
N GLY C 9 44.50 69.47 -48.80
CA GLY C 9 43.59 68.87 -49.75
C GLY C 9 44.17 67.75 -50.60
N GLU C 10 43.31 67.21 -51.47
CA GLU C 10 43.65 66.11 -52.37
C GLU C 10 42.75 66.06 -53.60
N LEU C 11 43.25 65.45 -54.68
CA LEU C 11 42.49 65.22 -55.91
C LEU C 11 42.25 63.73 -56.14
N VAL C 12 40.98 63.36 -56.22
CA VAL C 12 40.63 61.97 -56.41
C VAL C 12 39.67 61.82 -57.58
N LYS C 13 39.50 60.62 -58.08
CA LYS C 13 38.55 60.37 -59.14
C LYS C 13 37.26 59.81 -58.54
N PRO C 14 36.10 59.91 -59.20
CA PRO C 14 34.86 59.35 -58.71
C PRO C 14 35.05 57.87 -58.42
N GLY C 15 34.48 57.44 -57.30
CA GLY C 15 34.54 56.08 -56.79
C GLY C 15 35.59 55.97 -55.69
N ALA C 16 36.44 56.99 -55.58
CA ALA C 16 37.51 57.09 -54.60
C ALA C 16 37.02 57.36 -53.20
N SER C 17 37.87 57.05 -52.24
CA SER C 17 37.60 57.37 -50.86
C SER C 17 38.58 58.45 -50.41
N VAL C 18 38.20 59.23 -49.40
CA VAL C 18 39.12 60.21 -48.84
C VAL C 18 39.03 60.17 -47.33
N LYS C 19 40.16 60.33 -46.66
CA LYS C 19 40.12 60.40 -45.21
C LYS C 19 40.61 61.76 -44.75
N LEU C 20 39.76 62.44 -44.03
CA LEU C 20 40.01 63.76 -43.52
C LEU C 20 40.37 63.65 -42.06
N SER C 21 41.15 64.60 -41.57
CA SER C 21 41.48 64.63 -40.16
C SER C 21 41.50 66.05 -39.63
N CYS C 22 41.34 66.14 -38.32
CA CYS C 22 41.34 67.41 -37.59
C CYS C 22 41.88 67.25 -36.18
N LYS C 23 43.12 67.68 -35.99
CA LYS C 23 43.78 67.56 -34.70
C LYS C 23 43.38 68.75 -33.89
N THR C 24 42.99 68.56 -32.65
CA THR C 24 42.57 69.74 -31.93
C THR C 24 43.34 69.91 -30.63
N SER C 25 43.33 71.14 -30.13
CA SER C 25 43.98 71.49 -28.87
C SER C 25 43.37 72.72 -28.20
N GLY C 26 43.74 72.94 -26.93
CA GLY C 26 43.31 74.10 -26.14
C GLY C 26 42.06 73.79 -25.29
N PHE C 27 41.61 72.55 -25.39
CA PHE C 27 40.45 72.05 -24.68
C PHE C 27 40.60 70.56 -24.54
N THR C 28 39.79 69.94 -23.69
CA THR C 28 39.87 68.49 -23.61
C THR C 28 39.05 67.91 -24.77
N PHE C 29 39.72 67.13 -25.62
CA PHE C 29 39.08 66.58 -26.81
C PHE C 29 37.92 65.71 -26.43
N SER C 30 38.15 64.83 -25.48
CA SER C 30 37.20 63.86 -24.98
C SER C 30 35.98 64.48 -24.30
N SER C 31 36.00 65.79 -24.01
CA SER C 31 34.86 66.42 -23.38
C SER C 31 34.03 67.19 -24.39
N SER C 32 34.44 67.15 -25.67
CA SER C 32 33.77 67.93 -26.70
C SER C 32 33.15 67.14 -27.84
N TYR C 33 32.19 67.79 -28.49
CA TYR C 33 31.63 67.29 -29.73
C TYR C 33 32.38 67.90 -30.87
N ILE C 34 32.81 67.06 -31.80
CA ILE C 34 33.47 67.57 -32.98
C ILE C 34 32.57 67.25 -34.16
N SER C 35 32.20 68.30 -34.88
CA SER C 35 31.32 68.16 -36.01
C SER C 35 32.07 68.31 -37.32
N TRP C 36 31.62 67.58 -38.33
CA TRP C 36 32.15 67.72 -39.67
C TRP C 36 31.06 68.26 -40.57
N LEU C 37 31.45 69.23 -41.40
CA LEU C 37 30.58 69.91 -42.35
C LEU C 37 31.13 69.98 -43.78
N LYS C 38 30.21 69.96 -44.75
CA LYS C 38 30.54 70.09 -46.18
C LYS C 38 30.13 71.47 -46.74
N GLN C 39 31.06 72.16 -47.42
CA GLN C 39 30.69 73.45 -48.04
C GLN C 39 31.29 73.63 -49.44
N LYS C 40 30.48 74.11 -50.38
CA LYS C 40 30.98 74.42 -51.71
C LYS C 40 31.04 75.92 -51.85
N PRO C 41 31.93 76.50 -52.66
CA PRO C 41 31.99 77.92 -52.86
C PRO C 41 30.63 78.44 -53.30
N GLY C 42 30.18 79.52 -52.68
CA GLY C 42 28.90 80.14 -53.00
C GLY C 42 27.72 79.50 -52.27
N GLN C 43 27.98 78.42 -51.54
CA GLN C 43 26.93 77.69 -50.84
C GLN C 43 26.98 77.84 -49.32
N SER C 44 25.85 77.55 -48.69
CA SER C 44 25.70 77.51 -47.24
C SER C 44 26.36 76.24 -46.75
N LEU C 45 26.45 76.05 -45.44
CA LEU C 45 27.15 74.87 -44.97
C LEU C 45 26.17 73.80 -44.51
N GLU C 46 26.50 72.55 -44.84
CA GLU C 46 25.67 71.44 -44.41
C GLU C 46 26.42 70.49 -43.51
N TRP C 47 25.82 70.21 -42.38
CA TRP C 47 26.40 69.31 -41.41
C TRP C 47 26.36 67.88 -41.88
N ILE C 48 27.43 67.13 -41.67
CA ILE C 48 27.50 65.74 -42.08
C ILE C 48 27.27 64.84 -40.89
N ALA C 49 28.08 65.06 -39.87
CA ALA C 49 28.05 64.21 -38.72
C ALA C 49 28.71 64.82 -37.52
N TRP C 50 28.39 64.30 -36.35
CA TRP C 50 29.14 64.70 -35.17
C TRP C 50 29.51 63.49 -34.42
N ILE C 51 30.58 63.62 -33.66
CA ILE C 51 30.97 62.58 -32.74
C ILE C 51 31.30 63.17 -31.37
N TYR C 52 30.85 62.50 -30.32
CA TYR C 52 31.25 62.93 -29.00
C TYR C 52 32.50 62.16 -28.73
N ALA C 53 33.63 62.84 -28.65
CA ALA C 53 34.88 62.12 -28.57
C ALA C 53 34.95 61.24 -27.33
N GLY C 54 34.34 61.69 -26.24
CA GLY C 54 34.33 61.00 -24.96
C GLY C 54 33.53 59.69 -24.88
N THR C 55 32.63 59.42 -25.84
CA THR C 55 31.88 58.16 -25.81
C THR C 55 32.04 57.44 -27.12
N GLY C 56 32.37 58.21 -28.14
CA GLY C 56 32.46 57.71 -29.50
C GLY C 56 31.08 57.68 -30.16
N GLY C 57 30.06 58.23 -29.47
CA GLY C 57 28.71 58.24 -30.00
C GLY C 57 28.64 59.18 -31.19
N THR C 58 27.85 58.82 -32.19
CA THR C 58 27.71 59.65 -33.38
C THR C 58 26.29 59.90 -33.82
N GLU C 59 26.14 60.89 -34.67
CA GLU C 59 24.88 61.22 -35.33
C GLU C 59 25.19 61.69 -36.74
N TYR C 60 24.37 61.28 -37.72
CA TYR C 60 24.59 61.64 -39.11
C TYR C 60 23.41 62.28 -39.81
N ASN C 61 23.76 63.11 -40.79
CA ASN C 61 22.86 63.70 -41.77
C ASN C 61 22.57 62.61 -42.77
N GLN C 62 21.28 62.27 -42.93
CA GLN C 62 20.86 61.14 -43.73
C GLN C 62 21.32 61.20 -45.18
N LYS C 63 21.62 62.38 -45.71
CA LYS C 63 22.05 62.41 -47.11
C LYS C 63 23.44 61.78 -47.30
N PHE C 64 24.18 61.61 -46.19
CA PHE C 64 25.51 61.04 -46.22
C PHE C 64 25.56 59.63 -45.64
N THR C 65 24.42 59.04 -45.30
CA THR C 65 24.56 57.73 -44.70
C THR C 65 24.85 56.74 -45.81
N GLY C 66 25.76 55.82 -45.51
CA GLY C 66 26.20 54.82 -46.46
C GLY C 66 27.46 55.32 -47.17
N LYS C 67 27.81 56.60 -46.99
CA LYS C 67 28.99 57.18 -47.60
C LYS C 67 29.98 57.71 -46.56
N ALA C 68 29.46 58.33 -45.50
CA ALA C 68 30.33 58.95 -44.50
C ALA C 68 30.44 58.15 -43.20
N GLN C 69 31.63 58.21 -42.60
CA GLN C 69 31.90 57.69 -41.27
C GLN C 69 32.67 58.69 -40.42
N VAL C 70 32.16 59.02 -39.25
CA VAL C 70 32.89 59.96 -38.40
C VAL C 70 33.47 59.16 -37.24
N THR C 71 34.74 59.40 -36.95
CA THR C 71 35.40 58.68 -35.87
C THR C 71 36.42 59.52 -35.13
N VAL C 72 36.86 59.04 -33.99
CA VAL C 72 37.93 59.71 -33.25
C VAL C 72 39.01 58.78 -32.76
N ASP C 73 40.14 59.39 -32.46
CA ASP C 73 41.21 58.72 -31.76
C ASP C 73 41.59 59.70 -30.67
N THR C 74 41.14 59.42 -29.45
CA THR C 74 41.32 60.39 -28.38
C THR C 74 42.76 60.46 -27.90
N SER C 75 43.56 59.44 -28.19
CA SER C 75 44.94 59.40 -27.75
C SER C 75 45.81 60.41 -28.50
N SER C 76 45.31 60.93 -29.63
CA SER C 76 46.03 61.88 -30.44
C SER C 76 45.20 63.15 -30.62
N SER C 77 44.12 63.27 -29.82
CA SER C 77 43.19 64.40 -29.90
C SER C 77 42.76 64.67 -31.33
N THR C 78 42.43 63.62 -32.07
CA THR C 78 42.08 63.84 -33.47
C THR C 78 40.75 63.29 -33.91
N ALA C 79 40.01 64.15 -34.61
CA ALA C 79 38.75 63.80 -35.20
C ALA C 79 38.98 63.42 -36.65
N TYR C 80 38.24 62.45 -37.14
CA TYR C 80 38.38 62.05 -38.53
C TYR C 80 37.04 61.94 -39.23
N MET C 81 37.09 62.16 -40.53
CA MET C 81 35.95 61.95 -41.40
C MET C 81 36.32 61.14 -42.63
N GLN C 82 35.75 59.96 -42.72
CA GLN C 82 36.04 59.07 -43.82
C GLN C 82 34.90 59.01 -44.80
N PHE C 83 35.19 59.21 -46.07
CA PHE C 83 34.15 59.05 -47.07
C PHE C 83 34.53 57.98 -48.05
N SER C 84 33.55 57.23 -48.52
CA SER C 84 33.78 56.25 -49.56
C SER C 84 32.85 56.50 -50.73
N SER C 85 33.20 55.93 -51.89
CA SER C 85 32.41 56.04 -53.12
C SER C 85 32.07 57.50 -53.47
N LEU C 86 33.08 58.37 -53.46
CA LEU C 86 32.91 59.79 -53.76
C LEU C 86 32.48 60.07 -55.18
N THR C 87 31.62 61.05 -55.36
CA THR C 87 31.26 61.45 -56.73
C THR C 87 31.64 62.89 -57.00
N THR C 88 31.38 63.38 -58.19
CA THR C 88 31.82 64.74 -58.53
C THR C 88 31.05 65.81 -57.75
N GLU C 89 29.90 65.41 -57.24
CA GLU C 89 29.01 66.25 -56.46
C GLU C 89 29.55 66.40 -55.04
N ASP C 90 30.62 65.65 -54.73
CA ASP C 90 31.30 65.69 -53.45
C ASP C 90 32.57 66.53 -53.48
N SER C 91 32.82 67.27 -54.57
CA SER C 91 33.97 68.14 -54.50
C SER C 91 33.51 69.27 -53.58
N ALA C 92 34.24 69.47 -52.50
CA ALA C 92 33.84 70.46 -51.49
C ALA C 92 34.97 70.74 -50.53
N ILE C 93 34.82 71.79 -49.74
CA ILE C 93 35.78 72.04 -48.69
C ILE C 93 35.15 71.43 -47.44
N TYR C 94 35.88 70.53 -46.80
CA TYR C 94 35.32 69.91 -45.64
C TYR C 94 35.89 70.54 -44.39
N TYR C 95 35.04 70.81 -43.43
CA TYR C 95 35.47 71.47 -42.21
C TYR C 95 35.19 70.70 -40.96
N CYS C 96 36.07 70.85 -39.98
CA CYS C 96 35.81 70.32 -38.66
C CYS C 96 35.50 71.49 -37.75
N ALA C 97 34.67 71.27 -36.75
CA ALA C 97 34.40 72.33 -35.79
C ALA C 97 34.15 71.79 -34.39
N ARG C 98 34.49 72.61 -33.41
CA ARG C 98 34.20 72.34 -32.02
C ARG C 98 32.84 72.90 -31.74
N GLY C 99 31.92 71.99 -31.51
CA GLY C 99 30.50 72.22 -31.34
C GLY C 99 29.78 71.03 -31.99
N GLY C 100 28.49 70.95 -31.77
CA GLY C 100 27.68 69.84 -32.26
C GLY C 100 26.53 69.71 -31.30
N SER C 101 25.53 68.92 -31.64
CA SER C 101 24.37 68.84 -30.76
C SER C 101 23.87 70.24 -30.50
N SER C 102 23.60 70.53 -29.24
CA SER C 102 23.08 71.83 -28.83
C SER C 102 24.17 72.89 -28.64
N PHE C 103 25.43 72.51 -28.81
CA PHE C 103 26.56 73.41 -28.58
C PHE C 103 26.89 74.18 -29.85
N ALA C 104 26.87 75.51 -29.76
CA ALA C 104 27.16 76.35 -30.92
C ALA C 104 28.63 76.16 -31.33
N MET C 105 28.89 76.25 -32.63
CA MET C 105 30.23 76.04 -33.15
C MET C 105 31.20 77.23 -33.08
N ASP C 106 31.86 77.37 -31.92
CA ASP C 106 32.80 78.48 -31.73
C ASP C 106 34.14 78.28 -32.41
N TYR C 107 34.62 77.05 -32.56
CA TYR C 107 35.95 76.95 -33.16
C TYR C 107 35.97 76.07 -34.38
N TRP C 108 36.63 76.54 -35.42
CA TRP C 108 36.68 75.84 -36.70
C TRP C 108 38.08 75.58 -37.21
N GLY C 109 38.24 74.49 -37.97
CA GLY C 109 39.52 74.21 -38.62
C GLY C 109 39.56 75.07 -39.87
N GLN C 110 40.68 75.06 -40.61
CA GLN C 110 40.77 75.91 -41.80
C GLN C 110 40.03 75.39 -43.03
N GLY C 111 39.68 74.11 -43.02
CA GLY C 111 39.01 73.46 -44.15
C GLY C 111 39.96 72.63 -45.02
N THR C 112 39.51 71.46 -45.45
CA THR C 112 40.30 70.56 -46.29
C THR C 112 39.67 70.47 -47.66
N SER C 113 40.42 70.84 -48.68
CA SER C 113 39.87 70.84 -50.03
C SER C 113 39.94 69.52 -50.77
N VAL C 114 38.78 68.95 -51.08
CA VAL C 114 38.79 67.68 -51.79
C VAL C 114 38.08 67.84 -53.12
N THR C 115 38.79 67.53 -54.18
CA THR C 115 38.23 67.61 -55.52
C THR C 115 38.09 66.19 -56.01
N VAL C 116 36.92 65.83 -56.50
CA VAL C 116 36.70 64.47 -56.93
C VAL C 116 36.72 64.36 -58.44
N GLN D 1 14.95 68.47 -40.86
CA GLN D 1 15.77 69.56 -40.37
C GLN D 1 15.05 70.89 -40.57
N LEU D 2 15.64 72.02 -40.15
CA LEU D 2 14.96 73.30 -40.34
C LEU D 2 15.55 74.12 -41.49
N VAL D 3 14.66 74.56 -42.38
CA VAL D 3 15.05 75.40 -43.50
C VAL D 3 14.99 76.88 -43.15
N LEU D 4 16.10 77.58 -43.38
CA LEU D 4 16.16 79.01 -43.07
C LEU D 4 16.27 79.87 -44.33
N THR D 5 15.58 81.02 -44.32
CA THR D 5 15.59 82.04 -45.37
C THR D 5 16.23 83.32 -44.83
N GLN D 6 17.14 83.92 -45.59
CA GLN D 6 17.75 85.14 -45.09
C GLN D 6 17.41 86.35 -45.93
N SER D 7 17.43 87.51 -45.29
CA SER D 7 17.15 88.77 -45.96
C SER D 7 17.87 89.93 -45.24
N PRO D 8 18.51 90.83 -45.98
CA PRO D 8 18.63 90.96 -47.42
C PRO D 8 19.59 89.92 -47.98
N ALA D 9 19.58 89.71 -49.30
CA ALA D 9 20.59 88.83 -49.89
C ALA D 9 21.98 89.44 -49.69
N SER D 10 22.05 90.76 -49.75
CA SER D 10 23.27 91.52 -49.57
C SER D 10 22.95 92.92 -49.12
N LEU D 11 23.90 93.56 -48.45
CA LEU D 11 23.76 94.94 -48.03
C LEU D 11 25.11 95.65 -47.95
N ALA D 12 25.14 96.92 -48.35
CA ALA D 12 26.37 97.70 -48.23
C ALA D 12 26.22 98.66 -47.05
N VAL D 13 27.17 98.61 -46.14
CA VAL D 13 27.17 99.45 -44.95
C VAL D 13 28.53 100.13 -44.85
N SER D 14 28.54 101.45 -44.70
CA SER D 14 29.79 102.19 -44.65
C SER D 14 30.43 102.06 -43.29
N LEU D 15 31.72 102.37 -43.23
CA LEU D 15 32.43 102.30 -41.98
C LEU D 15 31.78 103.21 -40.94
N GLY D 16 31.49 102.63 -39.78
CA GLY D 16 30.88 103.37 -38.69
C GLY D 16 29.35 103.26 -38.63
N GLN D 17 28.75 102.68 -39.67
CA GLN D 17 27.30 102.51 -39.73
C GLN D 17 26.89 101.16 -39.19
N ARG D 18 25.61 101.03 -38.84
CA ARG D 18 25.06 99.76 -38.36
C ARG D 18 24.55 98.88 -39.49
N ALA D 19 24.85 97.58 -39.42
CA ALA D 19 24.32 96.62 -40.38
C ALA D 19 23.27 95.74 -39.75
N THR D 20 22.06 95.74 -40.30
CA THR D 20 21.02 94.87 -39.77
C THR D 20 20.77 93.75 -40.77
N ILE D 21 20.94 92.53 -40.29
CA ILE D 21 20.76 91.33 -41.10
C ILE D 21 19.69 90.45 -40.45
N SER D 22 18.69 89.98 -41.20
CA SER D 22 17.64 89.16 -40.59
C SER D 22 17.53 87.74 -41.14
N CYS D 23 17.00 86.85 -40.32
CA CYS D 23 16.71 85.47 -40.70
C CYS D 23 15.29 85.06 -40.35
N ARG D 24 14.66 84.33 -41.25
CA ARG D 24 13.34 83.80 -41.00
C ARG D 24 13.29 82.29 -41.19
N ALA D 25 12.85 81.61 -40.16
CA ALA D 25 12.73 80.17 -40.21
C ALA D 25 11.42 79.77 -40.85
N SER D 26 11.39 78.61 -41.50
CA SER D 26 10.13 78.12 -42.06
C SER D 26 9.19 77.58 -40.97
N GLU D 27 9.76 77.29 -39.81
CA GLU D 27 9.09 76.70 -38.66
C GLU D 27 9.90 77.04 -37.39
N SER D 28 9.42 76.64 -36.22
CA SER D 28 10.13 76.86 -34.95
C SER D 28 10.25 75.58 -34.11
N SER D 35 14.63 77.72 -29.41
CA SER D 35 15.06 78.85 -30.23
C SER D 35 16.56 78.98 -30.21
N PHE D 36 17.26 77.90 -30.46
CA PHE D 36 18.71 77.90 -30.43
C PHE D 36 19.33 78.31 -31.75
N MET D 37 19.03 79.54 -32.13
CA MET D 37 19.48 80.10 -33.39
C MET D 37 20.82 80.76 -33.17
N ASN D 38 21.78 80.42 -34.00
CA ASN D 38 23.11 80.95 -33.87
C ASN D 38 23.49 81.80 -35.09
N TRP D 39 24.33 82.81 -34.89
CA TRP D 39 24.84 83.59 -36.02
C TRP D 39 26.31 83.36 -36.23
N PHE D 40 26.67 83.24 -37.49
CA PHE D 40 28.05 83.08 -37.90
C PHE D 40 28.51 84.11 -38.91
N GLN D 41 29.80 84.41 -38.85
CA GLN D 41 30.44 85.32 -39.81
C GLN D 41 31.50 84.60 -40.61
N GLN D 42 31.34 84.55 -41.92
CA GLN D 42 32.33 83.88 -42.73
C GLN D 42 33.03 84.87 -43.65
N LYS D 43 34.20 85.31 -43.22
CA LYS D 43 34.95 86.31 -43.95
C LYS D 43 35.49 85.59 -45.18
N PRO D 44 35.74 86.26 -46.32
CA PRO D 44 36.25 85.60 -47.48
C PRO D 44 37.53 84.87 -47.13
N GLY D 45 37.61 83.61 -47.54
CA GLY D 45 38.78 82.76 -47.29
C GLY D 45 38.76 82.07 -45.92
N GLN D 46 37.76 82.37 -45.10
CA GLN D 46 37.65 81.80 -43.76
C GLN D 46 36.48 80.82 -43.59
N PRO D 47 36.54 79.93 -42.57
CA PRO D 47 35.43 79.12 -42.08
C PRO D 47 34.51 80.11 -41.38
N PRO D 48 33.24 79.80 -41.13
CA PRO D 48 32.35 80.64 -40.36
C PRO D 48 32.88 80.76 -38.93
N LYS D 49 32.71 81.90 -38.29
CA LYS D 49 33.07 82.05 -36.90
C LYS D 49 31.78 82.29 -36.13
N LEU D 50 31.65 81.76 -34.92
CA LEU D 50 30.40 82.04 -34.21
C LEU D 50 30.40 83.44 -33.64
N LEU D 51 29.31 84.16 -33.85
CA LEU D 51 29.10 85.48 -33.30
C LEU D 51 28.05 85.48 -32.21
N ILE D 52 26.90 84.90 -32.50
CA ILE D 52 25.77 84.93 -31.58
C ILE D 52 25.24 83.55 -31.32
N HIS D 53 24.85 83.25 -30.11
CA HIS D 53 24.23 81.96 -29.90
C HIS D 53 22.98 82.08 -29.07
N THR D 54 22.11 81.12 -29.25
CA THR D 54 20.85 81.09 -28.54
C THR D 54 20.16 82.46 -28.68
N ALA D 55 19.99 82.90 -29.93
CA ALA D 55 19.33 84.13 -30.36
C ALA D 55 20.10 85.42 -30.05
N SER D 56 20.51 85.65 -28.80
CA SER D 56 21.17 86.90 -28.41
C SER D 56 22.54 86.89 -27.70
N ASN D 57 23.10 85.74 -27.33
CA ASN D 57 24.32 85.76 -26.53
C ASN D 57 25.56 85.89 -27.39
N GLN D 58 26.60 86.55 -26.89
CA GLN D 58 27.85 86.63 -27.64
C GLN D 58 28.61 85.31 -27.60
N GLY D 59 29.27 84.99 -28.71
CA GLY D 59 30.12 83.80 -28.80
C GLY D 59 31.50 84.04 -28.17
N SER D 60 32.37 83.04 -28.24
CA SER D 60 33.66 83.16 -27.60
C SER D 60 34.62 84.08 -28.33
N GLY D 61 35.04 85.14 -27.65
CA GLY D 61 35.95 86.11 -28.25
C GLY D 61 35.24 87.10 -29.17
N VAL D 62 33.91 87.09 -29.16
CA VAL D 62 33.14 87.94 -30.05
C VAL D 62 32.94 89.36 -29.50
N PRO D 63 33.31 90.41 -30.26
CA PRO D 63 33.18 91.83 -29.91
C PRO D 63 31.73 92.21 -29.62
N ALA D 64 31.57 93.20 -28.74
CA ALA D 64 30.27 93.74 -28.30
C ALA D 64 29.52 94.40 -29.45
N ARG D 65 30.24 94.64 -30.53
CA ARG D 65 29.75 95.22 -31.76
C ARG D 65 28.71 94.29 -32.38
N PHE D 66 28.75 92.99 -32.04
CA PHE D 66 27.80 92.04 -32.60
C PHE D 66 26.71 91.71 -31.59
N SER D 67 25.53 92.27 -31.82
CA SER D 67 24.41 92.10 -30.90
C SER D 67 23.23 91.41 -31.58
N GLY D 68 22.80 90.28 -31.02
CA GLY D 68 21.70 89.55 -31.63
C GLY D 68 20.42 89.58 -30.82
N SER D 69 19.35 89.09 -31.44
CA SER D 69 18.04 88.95 -30.82
C SER D 69 17.16 87.99 -31.61
N GLY D 70 16.04 87.56 -31.02
CA GLY D 70 15.09 86.76 -31.79
C GLY D 70 14.40 85.65 -31.02
N SER D 71 13.29 85.21 -31.60
CA SER D 71 12.47 84.14 -31.03
C SER D 71 11.57 83.56 -32.10
N GLY D 72 10.92 82.42 -31.81
CA GLY D 72 9.98 81.92 -32.79
C GLY D 72 10.70 81.60 -34.07
N THR D 73 10.27 82.26 -35.13
CA THR D 73 10.82 82.11 -36.46
C THR D 73 11.63 83.32 -36.92
N ASP D 74 11.67 84.38 -36.12
CA ASP D 74 12.30 85.63 -36.57
C ASP D 74 13.46 86.11 -35.71
N PHE D 75 14.64 86.10 -36.32
CA PHE D 75 15.90 86.41 -35.67
C PHE D 75 16.69 87.49 -36.40
N SER D 76 17.52 88.23 -35.65
CA SER D 76 18.34 89.27 -36.28
C SER D 76 19.71 89.50 -35.63
N LEU D 77 20.59 90.10 -36.43
CA LEU D 77 21.92 90.54 -36.00
C LEU D 77 22.15 91.98 -36.35
N ASN D 78 22.60 92.75 -35.37
CA ASN D 78 22.95 94.14 -35.54
C ASN D 78 24.44 94.33 -35.31
N ILE D 79 25.15 94.73 -36.37
CA ILE D 79 26.58 94.91 -36.25
C ILE D 79 26.80 96.41 -36.12
N HIS D 80 27.36 96.86 -35.00
CA HIS D 80 27.46 98.29 -34.84
C HIS D 80 28.65 98.74 -33.97
N PRO D 81 29.59 99.49 -34.56
CA PRO D 81 29.79 99.88 -35.96
C PRO D 81 30.31 98.75 -36.81
N VAL D 82 30.04 98.82 -38.10
CA VAL D 82 30.62 97.95 -39.10
C VAL D 82 31.99 98.42 -39.55
N GLU D 83 32.94 97.50 -39.60
CA GLU D 83 34.29 97.76 -40.08
C GLU D 83 34.40 97.29 -41.52
N ASP D 84 35.38 97.77 -42.28
CA ASP D 84 35.57 97.27 -43.66
C ASP D 84 36.00 95.80 -43.62
N ASP D 85 36.56 95.44 -42.48
CA ASP D 85 37.09 94.14 -42.19
C ASP D 85 35.97 93.15 -41.85
N ASP D 86 34.73 93.65 -41.80
CA ASP D 86 33.56 92.81 -41.52
C ASP D 86 32.89 92.38 -42.80
N THR D 87 33.55 92.63 -43.95
CA THR D 87 32.98 92.14 -45.18
C THR D 87 32.97 90.63 -44.99
N ALA D 88 31.79 90.04 -45.08
CA ALA D 88 31.63 88.61 -44.81
C ALA D 88 30.26 88.10 -45.16
N MET D 89 30.11 86.78 -45.24
CA MET D 89 28.77 86.22 -45.31
C MET D 89 28.24 86.05 -43.91
N TYR D 90 27.01 86.47 -43.68
CA TYR D 90 26.43 86.29 -42.37
C TYR D 90 25.35 85.25 -42.42
N PHE D 91 25.46 84.29 -41.53
CA PHE D 91 24.54 83.19 -41.56
C PHE D 91 23.83 82.91 -40.29
N CYS D 92 22.62 82.44 -40.44
CA CYS D 92 21.91 81.87 -39.32
C CYS D 92 22.01 80.37 -39.38
N GLN D 93 22.16 79.79 -38.21
CA GLN D 93 22.23 78.36 -38.06
C GLN D 93 21.30 77.88 -36.96
N GLN D 94 20.63 76.75 -37.19
CA GLN D 94 19.72 76.20 -36.19
C GLN D 94 20.24 74.94 -35.52
N SER D 95 20.57 75.05 -34.21
CA SER D 95 21.11 73.93 -33.44
C SER D 95 20.10 73.18 -32.57
N GLU D 96 18.86 73.66 -32.53
CA GLU D 96 17.83 73.00 -31.72
C GLU D 96 17.53 71.58 -32.21
N GLU D 97 17.51 71.42 -33.53
CA GLU D 97 17.18 70.16 -34.18
C GLU D 97 18.38 69.61 -34.92
N VAL D 98 18.39 68.30 -35.11
CA VAL D 98 19.43 67.64 -35.87
C VAL D 98 18.79 66.91 -37.08
N PRO D 99 19.34 67.00 -38.30
CA PRO D 99 20.56 67.64 -38.81
C PRO D 99 20.60 69.13 -38.55
N LEU D 100 21.81 69.60 -38.22
CA LEU D 100 22.07 71.00 -37.92
C LEU D 100 22.09 71.73 -39.25
N THR D 101 21.45 72.90 -39.35
CA THR D 101 21.44 73.61 -40.64
C THR D 101 21.80 75.08 -40.65
N PHE D 102 22.27 75.54 -41.82
CA PHE D 102 22.57 76.95 -42.11
C PHE D 102 21.64 77.49 -43.20
N GLY D 103 21.35 78.79 -43.14
CA GLY D 103 20.56 79.46 -44.16
C GLY D 103 21.44 79.82 -45.35
N ALA D 104 20.86 80.45 -46.37
CA ALA D 104 21.60 80.82 -47.58
C ALA D 104 22.76 81.78 -47.34
N GLY D 105 22.58 82.70 -46.42
CA GLY D 105 23.59 83.68 -46.08
C GLY D 105 23.34 85.04 -46.71
N THR D 106 23.77 86.08 -46.01
CA THR D 106 23.66 87.48 -46.45
C THR D 106 25.05 88.06 -46.67
N LYS D 107 25.27 88.70 -47.81
CA LYS D 107 26.60 89.26 -48.02
C LYS D 107 26.71 90.71 -47.57
N LEU D 108 27.56 90.96 -46.58
CA LEU D 108 27.77 92.31 -46.08
C LEU D 108 29.03 92.87 -46.65
N GLU D 109 28.92 94.04 -47.27
CA GLU D 109 30.07 94.74 -47.82
C GLU D 109 30.22 96.09 -47.15
N VAL E 2 21.89 -34.86 37.57
CA VAL E 2 21.37 -33.62 37.00
C VAL E 2 19.94 -33.91 36.50
N PRO E 3 19.15 -32.90 36.09
CA PRO E 3 17.80 -33.03 35.56
C PRO E 3 17.78 -33.84 34.28
N GLY E 4 16.67 -34.54 34.05
CA GLY E 4 16.44 -35.35 32.87
C GLY E 4 15.47 -34.67 31.91
N GLU E 5 14.71 -35.50 31.23
CA GLU E 5 13.76 -35.12 30.20
C GLU E 5 12.49 -34.59 30.83
N MET E 6 11.74 -33.82 30.05
CA MET E 6 10.45 -33.31 30.47
C MET E 6 9.55 -34.50 30.61
N ARG E 7 8.58 -34.44 31.51
CA ARG E 7 7.70 -35.59 31.71
C ARG E 7 6.26 -35.41 31.23
N LEU E 8 5.66 -36.53 30.84
CA LEU E 8 4.25 -36.50 30.49
C LEU E 8 3.39 -36.53 31.69
N ALA E 9 2.56 -35.49 31.76
CA ALA E 9 1.60 -35.27 32.78
C ALA E 9 0.34 -34.76 32.11
N SER E 10 -0.79 -35.01 32.70
CA SER E 10 -2.05 -34.51 32.21
C SER E 10 -2.36 -33.25 32.97
N ILE E 11 -3.25 -32.45 32.45
CA ILE E 11 -3.63 -31.28 33.18
C ILE E 11 -4.60 -31.75 34.23
N ALA E 12 -4.32 -31.41 35.46
CA ALA E 12 -5.14 -31.84 36.57
C ALA E 12 -6.47 -31.13 36.63
N PHE E 13 -7.48 -31.87 37.08
CA PHE E 13 -8.77 -31.33 37.44
C PHE E 13 -9.04 -31.86 38.81
N ASN E 14 -9.19 -30.97 39.75
CA ASN E 14 -9.41 -31.40 41.11
C ASN E 14 -10.89 -31.47 41.39
N HIS E 15 -11.40 -32.68 41.52
CA HIS E 15 -12.83 -32.88 41.67
C HIS E 15 -13.33 -32.17 42.94
N PRO E 16 -14.50 -31.50 42.90
CA PRO E 16 -15.19 -30.85 44.00
C PRO E 16 -15.56 -31.85 45.08
N ILE E 17 -15.75 -31.37 46.30
CA ILE E 17 -16.16 -32.28 47.36
C ILE E 17 -17.56 -32.76 47.05
N GLN E 18 -17.78 -34.07 47.10
CA GLN E 18 -19.09 -34.60 46.79
C GLN E 18 -20.01 -34.62 48.01
N VAL E 19 -21.15 -33.96 47.89
CA VAL E 19 -22.12 -33.92 48.98
C VAL E 19 -23.39 -34.64 48.56
N ASP E 20 -23.64 -35.80 49.12
CA ASP E 20 -24.77 -36.63 48.71
C ASP E 20 -26.11 -35.98 48.96
N GLN E 21 -27.03 -36.16 48.01
CA GLN E 21 -28.38 -35.63 48.13
C GLN E 21 -29.25 -36.62 48.89
N LEU E 22 -30.09 -36.12 49.77
CA LEU E 22 -31.06 -36.88 50.58
C LEU E 22 -32.49 -36.61 50.17
N ASN E 23 -33.36 -37.57 50.40
CA ASN E 23 -34.78 -37.37 50.14
C ASN E 23 -35.48 -36.87 51.40
N SER E 24 -36.79 -36.70 51.31
CA SER E 24 -37.64 -36.23 52.40
C SER E 24 -37.39 -34.78 52.85
N SER E 25 -37.54 -34.56 54.16
CA SER E 25 -37.56 -33.26 54.82
C SER E 25 -36.27 -32.79 55.48
N TYR E 26 -35.19 -33.51 55.26
CA TYR E 26 -33.92 -33.15 55.87
C TYR E 26 -32.80 -33.34 54.86
N PHE E 27 -31.69 -32.67 55.08
CA PHE E 27 -30.60 -32.78 54.12
C PHE E 27 -29.20 -32.67 54.69
N LYS E 28 -28.21 -33.14 53.93
CA LYS E 28 -26.83 -33.03 54.37
C LYS E 28 -26.31 -31.68 54.02
N LEU E 29 -25.92 -30.96 55.04
CA LEU E 29 -25.42 -29.64 54.85
C LEU E 29 -23.94 -29.59 55.18
N SER E 30 -23.17 -29.19 54.19
CA SER E 30 -21.73 -29.07 54.32
C SER E 30 -21.41 -27.70 54.82
N ILE E 31 -20.81 -27.58 56.00
CA ILE E 31 -20.57 -26.27 56.58
C ILE E 31 -19.10 -26.10 56.93
N PRO E 32 -18.40 -25.03 56.51
CA PRO E 32 -17.01 -24.80 56.82
C PRO E 32 -16.87 -24.59 58.30
N THR E 33 -15.75 -25.04 58.85
CA THR E 33 -15.51 -24.84 60.27
C THR E 33 -14.30 -23.98 60.50
N ASN E 34 -13.53 -23.78 59.44
CA ASN E 34 -12.30 -23.00 59.54
C ASN E 34 -12.19 -21.98 58.44
N PHE E 35 -12.19 -20.73 58.83
CA PHE E 35 -12.16 -19.70 57.83
C PHE E 35 -10.86 -18.93 57.75
N SER E 36 -10.40 -18.63 56.53
CA SER E 36 -9.25 -17.76 56.37
C SER E 36 -9.39 -16.80 55.19
N PHE E 37 -8.52 -15.81 55.17
CA PHE E 37 -8.52 -14.80 54.12
C PHE E 37 -7.34 -14.91 53.22
N GLY E 38 -7.50 -14.33 52.05
CA GLY E 38 -6.42 -14.21 51.09
C GLY E 38 -6.75 -13.05 50.19
N VAL E 39 -5.91 -12.80 49.19
CA VAL E 39 -6.14 -11.68 48.28
C VAL E 39 -6.01 -12.02 46.81
N THR E 40 -6.67 -11.21 45.97
CA THR E 40 -6.53 -11.27 44.52
C THR E 40 -6.21 -9.86 44.04
N GLN E 41 -5.65 -9.74 42.83
CA GLN E 41 -5.30 -8.43 42.30
C GLN E 41 -5.66 -8.26 40.85
N GLU E 42 -5.85 -7.01 40.46
CA GLU E 42 -6.04 -6.69 39.05
C GLU E 42 -5.48 -5.32 38.70
N TYR E 43 -5.10 -5.18 37.45
CA TYR E 43 -4.63 -3.91 36.95
C TYR E 43 -5.50 -3.40 35.85
N ILE E 44 -5.89 -2.17 35.98
CA ILE E 44 -6.68 -1.55 34.97
C ILE E 44 -5.88 -0.48 34.29
N GLN E 45 -5.55 -0.69 33.02
CA GLN E 45 -4.80 0.34 32.34
C GLN E 45 -5.80 1.39 31.96
N THR E 46 -5.51 2.64 32.28
CA THR E 46 -6.46 3.69 31.92
C THR E 46 -5.81 4.69 30.98
N THR E 47 -4.48 4.64 30.85
CA THR E 47 -3.86 5.63 30.00
C THR E 47 -2.97 5.10 28.92
N ILE E 48 -2.91 5.90 27.89
CA ILE E 48 -2.06 5.81 26.74
C ILE E 48 -1.17 7.04 26.80
N GLN E 49 0.12 6.90 26.59
CA GLN E 49 0.94 8.09 26.68
C GLN E 49 0.57 9.07 25.59
N LYS E 50 0.39 10.34 25.99
CA LYS E 50 0.01 11.37 25.05
C LYS E 50 1.12 11.76 24.10
N VAL E 51 0.71 12.00 22.87
CA VAL E 51 1.61 12.27 21.75
C VAL E 51 1.30 13.38 20.75
N THR E 52 2.36 14.04 20.27
CA THR E 52 2.19 14.93 19.12
C THR E 52 3.40 14.75 18.19
N VAL E 53 3.20 14.98 16.88
CA VAL E 53 4.29 14.87 15.91
C VAL E 53 4.43 16.09 14.99
N ASP E 54 5.64 16.62 14.88
CA ASP E 54 5.95 17.73 13.99
C ASP E 54 6.38 17.10 12.66
N CYS E 55 5.41 16.83 11.77
CA CYS E 55 5.61 16.10 10.52
C CYS E 55 6.75 16.66 9.69
N LYS E 56 6.86 17.97 9.62
CA LYS E 56 7.89 18.55 8.79
C LYS E 56 9.26 18.06 9.23
N GLN E 57 9.45 17.86 10.53
CA GLN E 57 10.71 17.39 11.07
C GLN E 57 10.79 15.87 11.08
N TYR E 58 9.65 15.24 11.34
CA TYR E 58 9.61 13.79 11.41
C TYR E 58 9.97 13.15 10.08
N VAL E 59 9.35 13.64 9.01
CA VAL E 59 9.59 13.01 7.73
C VAL E 59 11.02 13.24 7.26
N CYS E 60 11.54 14.46 7.36
CA CYS E 60 12.91 14.76 6.96
C CYS E 60 13.60 15.70 7.93
N ASN E 61 14.86 15.40 8.24
CA ASN E 61 15.60 16.19 9.22
C ASN E 61 16.19 17.50 8.71
N GLY E 62 15.30 18.45 8.38
CA GLY E 62 15.68 19.79 7.93
C GLY E 62 16.13 19.94 6.48
N PHE E 63 15.64 19.11 5.58
CA PHE E 63 16.07 19.21 4.20
C PHE E 63 15.05 19.86 3.30
N GLN E 64 15.50 20.83 2.51
CA GLN E 64 14.58 21.53 1.62
C GLN E 64 14.05 20.67 0.50
N LYS E 65 14.85 19.75 -0.02
CA LYS E 65 14.34 18.96 -1.14
C LYS E 65 13.18 18.12 -0.65
N CYS E 66 13.35 17.62 0.57
CA CYS E 66 12.32 16.86 1.20
C CYS E 66 11.10 17.70 1.41
N GLU E 67 11.26 18.91 1.95
CA GLU E 67 10.09 19.75 2.19
C GLU E 67 9.37 20.07 0.88
N GLN E 68 10.11 20.27 -0.22
CA GLN E 68 9.50 20.59 -1.50
C GLN E 68 8.60 19.46 -1.98
N LEU E 69 9.04 18.22 -1.76
CA LEU E 69 8.26 17.05 -2.15
C LEU E 69 7.21 16.72 -1.08
N LEU E 70 7.52 16.99 0.17
CA LEU E 70 6.63 16.71 1.30
C LEU E 70 5.40 17.57 1.18
N ARG E 71 5.58 18.79 0.69
CA ARG E 71 4.47 19.72 0.50
C ARG E 71 3.32 19.09 -0.28
N GLU E 72 3.61 18.18 -1.20
CA GLU E 72 2.61 17.57 -2.06
C GLU E 72 1.67 16.67 -1.25
N TYR E 73 2.15 16.27 -0.07
CA TYR E 73 1.52 15.36 0.84
C TYR E 73 1.07 16.04 2.15
N GLY E 74 1.08 17.38 2.21
CA GLY E 74 0.80 18.11 3.45
C GLY E 74 -0.53 17.79 4.13
N GLN E 75 -1.54 17.47 3.34
CA GLN E 75 -2.85 17.12 3.83
C GLN E 75 -2.83 15.84 4.66
N PHE E 76 -1.83 15.00 4.45
CA PHE E 76 -1.71 13.75 5.17
C PHE E 76 -1.37 14.03 6.60
N CYS E 77 -0.34 14.84 6.81
CA CYS E 77 0.10 15.13 8.15
C CYS E 77 -0.91 15.98 8.89
N SER E 78 -1.72 16.75 8.15
CA SER E 78 -2.76 17.51 8.82
C SER E 78 -3.70 16.49 9.48
N LYS E 79 -4.06 15.42 8.75
CA LYS E 79 -4.92 14.38 9.30
C LYS E 79 -4.28 13.70 10.51
N ILE E 80 -2.96 13.49 10.45
CA ILE E 80 -2.24 12.85 11.55
C ILE E 80 -2.30 13.66 12.82
N ASN E 81 -2.05 14.96 12.72
CA ASN E 81 -2.03 15.75 13.93
C ASN E 81 -3.42 15.97 14.49
N GLN E 82 -4.42 16.14 13.62
CA GLN E 82 -5.76 16.37 14.13
C GLN E 82 -6.33 15.10 14.75
N ALA E 83 -6.02 13.94 14.17
CA ALA E 83 -6.49 12.69 14.73
C ALA E 83 -5.88 12.47 16.11
N LEU E 84 -4.58 12.80 16.25
CA LEU E 84 -3.93 12.65 17.54
C LEU E 84 -4.47 13.70 18.52
N HIS E 85 -4.78 14.91 18.03
CA HIS E 85 -5.33 15.94 18.90
C HIS E 85 -6.59 15.39 19.54
N GLY E 86 -7.45 14.78 18.72
CA GLY E 86 -8.68 14.20 19.23
C GLY E 86 -8.39 13.11 20.27
N ALA E 87 -7.47 12.19 19.97
CA ALA E 87 -7.15 11.12 20.93
C ALA E 87 -6.59 11.64 22.25
N ASN E 88 -5.76 12.68 22.23
CA ASN E 88 -5.19 13.20 23.45
C ASN E 88 -6.28 13.88 24.29
N LEU E 89 -7.25 14.52 23.63
CA LEU E 89 -8.33 15.15 24.38
C LEU E 89 -9.15 14.08 25.06
N ARG E 90 -9.37 12.97 24.37
CA ARG E 90 -10.15 11.90 24.95
C ARG E 90 -9.42 11.35 26.17
N GLN E 91 -8.09 11.26 26.09
CA GLN E 91 -7.33 10.76 27.23
C GLN E 91 -7.47 11.68 28.42
N ASP E 92 -7.46 12.98 28.19
CA ASP E 92 -7.60 13.89 29.31
C ASP E 92 -8.98 13.88 29.91
N ASP E 93 -10.00 13.77 29.06
CA ASP E 93 -11.33 13.77 29.61
C ASP E 93 -11.55 12.52 30.44
N SER E 94 -11.00 11.41 29.99
CA SER E 94 -11.17 10.17 30.73
C SER E 94 -10.54 10.27 32.11
N VAL E 95 -9.33 10.81 32.18
CA VAL E 95 -8.64 10.91 33.45
C VAL E 95 -9.33 11.85 34.44
N ARG E 96 -9.79 13.00 33.97
CA ARG E 96 -10.44 13.91 34.91
C ARG E 96 -11.81 13.40 35.31
N ASN E 97 -12.49 12.72 34.40
CA ASN E 97 -13.82 12.24 34.70
C ASN E 97 -13.75 11.08 35.68
N LEU E 98 -12.67 10.31 35.61
CA LEU E 98 -12.49 9.23 36.53
C LEU E 98 -12.16 9.74 37.92
N PHE E 99 -11.23 10.69 38.01
CA PHE E 99 -10.87 11.19 39.34
C PHE E 99 -12.01 11.94 39.99
N ALA E 100 -12.86 12.56 39.18
CA ALA E 100 -14.01 13.24 39.73
C ALA E 100 -14.89 12.28 40.54
N SER E 101 -14.97 10.99 40.14
CA SER E 101 -15.81 10.04 40.86
C SER E 101 -15.10 9.54 42.11
N VAL E 102 -13.78 9.62 42.09
CA VAL E 102 -12.93 9.19 43.21
C VAL E 102 -13.10 10.12 44.42
N LYS E 103 -13.12 11.42 44.17
CA LYS E 103 -13.25 12.42 45.22
C LYS E 103 -14.55 12.38 46.04
N SER E 104 -14.40 12.47 47.37
CA SER E 104 -15.51 12.51 48.31
C SER E 104 -15.87 13.94 48.70
N SER E 105 -17.12 14.18 49.11
CA SER E 105 -17.50 15.52 49.59
C SER E 105 -17.03 15.76 51.00
N GLN E 106 -16.96 14.69 51.77
CA GLN E 106 -16.53 14.70 53.15
C GLN E 106 -15.81 13.42 53.42
N SER E 107 -14.86 13.47 54.36
CA SER E 107 -14.09 12.31 54.76
C SER E 107 -13.45 12.46 56.15
N SER E 108 -12.96 11.35 56.70
CA SER E 108 -12.24 11.36 57.95
C SER E 108 -10.80 11.78 57.66
N PRO E 109 -10.11 12.45 58.59
CA PRO E 109 -8.70 12.69 58.48
C PRO E 109 -8.03 11.36 58.73
N ILE E 110 -6.90 11.16 58.09
CA ILE E 110 -6.13 9.96 58.31
C ILE E 110 -4.81 10.25 58.94
N ILE E 111 -4.57 9.55 60.03
CA ILE E 111 -3.35 9.64 60.77
C ILE E 111 -2.87 8.20 60.93
N PRO E 112 -1.60 7.95 61.22
CA PRO E 112 -1.08 6.63 61.49
C PRO E 112 -1.90 6.09 62.63
N GLY E 113 -2.25 4.82 62.55
CA GLY E 113 -3.08 4.19 63.56
C GLY E 113 -4.44 3.86 62.98
N PHE E 114 -4.82 4.52 61.88
CA PHE E 114 -6.08 4.17 61.28
C PHE E 114 -5.91 2.73 60.87
N GLY E 115 -6.91 1.91 61.16
CA GLY E 115 -6.88 0.48 60.87
C GLY E 115 -7.01 -0.30 62.17
N GLY E 116 -6.65 0.30 63.29
CA GLY E 116 -6.77 -0.45 64.53
C GLY E 116 -5.80 -1.63 64.50
N ASP E 117 -6.35 -2.84 64.60
CA ASP E 117 -5.55 -4.06 64.61
C ASP E 117 -5.19 -4.55 63.20
N PHE E 118 -5.73 -3.87 62.20
CA PHE E 118 -5.56 -4.19 60.80
C PHE E 118 -4.39 -3.31 60.32
N ASN E 119 -3.35 -3.92 59.77
CA ASN E 119 -2.09 -3.26 59.43
C ASN E 119 -2.21 -2.05 58.48
N LEU E 120 -3.09 -2.12 57.50
CA LEU E 120 -3.23 -1.00 56.56
C LEU E 120 -1.90 -0.36 56.12
N THR E 121 -1.12 -1.11 55.35
CA THR E 121 0.20 -0.70 54.86
C THR E 121 0.05 0.32 53.72
N LEU E 122 -1.19 0.56 53.37
CA LEU E 122 -1.61 1.44 52.33
C LEU E 122 -1.83 2.88 52.84
N LEU E 123 -1.67 3.14 54.15
CA LEU E 123 -1.88 4.51 54.66
C LEU E 123 -0.78 5.36 54.07
N GLU E 124 -1.06 6.62 53.77
CA GLU E 124 -0.05 7.46 53.19
C GLU E 124 1.22 7.58 54.05
N PRO E 125 2.42 7.25 53.51
CA PRO E 125 3.71 7.27 54.18
C PRO E 125 4.23 8.69 54.25
N VAL E 126 3.52 9.52 54.98
CA VAL E 126 3.86 10.91 55.08
C VAL E 126 5.04 11.07 56.03
N ALA E 135 1.10 11.88 50.89
CA ALA E 135 2.02 10.91 50.32
C ALA E 135 1.22 9.85 49.56
N ARG E 136 1.87 8.74 49.25
CA ARG E 136 1.28 7.69 48.43
C ARG E 136 0.82 6.47 49.24
N SER E 137 1.46 5.32 49.07
CA SER E 137 1.09 4.11 49.80
C SER E 137 2.26 3.15 49.68
N ALA E 138 2.31 2.07 50.49
CA ALA E 138 3.36 1.09 50.28
C ALA E 138 3.23 0.47 48.92
N ILE E 139 2.00 0.27 48.50
CA ILE E 139 1.71 -0.38 47.25
C ILE E 139 2.16 0.46 46.07
N GLU E 140 1.90 1.77 46.11
CA GLU E 140 2.32 2.57 44.98
C GLU E 140 3.83 2.58 44.88
N ASP E 141 4.55 2.61 45.99
CA ASP E 141 6.00 2.59 45.83
C ASP E 141 6.44 1.25 45.29
N LEU E 142 5.78 0.16 45.70
CA LEU E 142 6.18 -1.13 45.17
C LEU E 142 5.93 -1.19 43.67
N LEU E 143 4.81 -0.67 43.19
CA LEU E 143 4.59 -0.70 41.75
C LEU E 143 5.53 0.22 40.99
N PHE E 144 5.77 1.41 41.49
CA PHE E 144 6.59 2.33 40.73
C PHE E 144 8.07 1.98 40.78
N ASP E 145 8.55 1.42 41.90
CA ASP E 145 9.94 1.03 41.99
C ASP E 145 10.23 -0.31 41.29
N LYS E 146 9.27 -1.26 41.30
CA LYS E 146 9.47 -2.57 40.68
C LYS E 146 9.30 -2.59 39.17
N VAL E 147 8.40 -1.77 38.64
CA VAL E 147 8.17 -1.75 37.22
C VAL E 147 9.24 -0.91 36.53
N THR E 148 9.79 -1.42 35.45
CA THR E 148 10.83 -0.74 34.71
C THR E 148 10.27 0.37 33.85
N ILE E 149 9.84 1.43 34.52
CA ILE E 149 9.25 2.59 33.85
C ILE E 149 10.32 3.66 33.74
N ALA E 150 10.46 4.20 32.54
CA ALA E 150 11.48 5.19 32.16
C ALA E 150 11.31 6.55 32.81
N ASP E 151 12.45 7.20 33.06
CA ASP E 151 12.48 8.55 33.60
C ASP E 151 11.78 9.56 32.69
N PRO E 152 10.98 10.48 33.25
CA PRO E 152 10.29 11.55 32.54
C PRO E 152 11.29 12.64 32.18
N GLY E 153 10.93 13.46 31.22
CA GLY E 153 11.69 14.65 30.87
C GLY E 153 10.99 15.85 31.45
N TYR E 154 10.66 16.81 30.60
CA TYR E 154 9.92 18.05 30.92
C TYR E 154 10.77 19.09 31.73
N MET E 155 11.45 18.64 32.79
CA MET E 155 12.33 19.47 33.64
C MET E 155 13.41 18.60 34.33
N GLN E 156 14.72 18.94 34.25
CA GLN E 156 15.31 20.05 33.51
C GLN E 156 15.20 19.85 32.02
N GLY E 157 15.24 18.61 31.56
CA GLY E 157 15.09 18.38 30.13
C GLY E 157 16.36 18.57 29.31
N TYR E 158 16.28 19.56 28.44
CA TYR E 158 17.20 19.93 27.36
C TYR E 158 18.65 19.99 27.77
N ASP E 159 18.96 20.53 28.93
CA ASP E 159 20.36 20.63 29.34
C ASP E 159 21.04 19.26 29.38
N ASP E 160 20.30 18.18 29.62
CA ASP E 160 20.94 16.89 29.72
C ASP E 160 21.03 16.19 28.37
N CYS E 161 20.52 16.87 27.33
CA CYS E 161 20.53 16.38 25.96
C CYS E 161 21.39 17.31 25.10
N MET E 162 21.95 18.31 25.75
CA MET E 162 22.77 19.37 25.20
C MET E 162 24.23 19.04 25.48
N GLN E 163 25.17 19.65 24.75
CA GLN E 163 26.59 19.40 25.05
C GLN E 163 26.94 19.94 26.45
N GLN E 164 26.10 20.84 26.97
CA GLN E 164 26.29 21.41 28.28
C GLN E 164 25.58 20.52 29.32
N GLY E 165 26.08 19.30 29.45
CA GLY E 165 25.47 18.27 30.29
C GLY E 165 26.29 16.96 30.18
N PRO E 166 25.90 15.88 30.88
CA PRO E 166 26.59 14.61 30.89
C PRO E 166 26.59 14.00 29.49
N ALA E 167 27.76 13.52 29.05
CA ALA E 167 27.93 12.95 27.71
C ALA E 167 27.23 11.63 27.55
N SER E 168 26.94 11.00 28.68
CA SER E 168 26.31 9.71 28.79
C SER E 168 24.80 9.69 28.58
N ALA E 169 24.14 10.85 28.51
CA ALA E 169 22.70 10.78 28.33
C ALA E 169 22.37 10.13 26.98
N ARG E 170 21.44 9.18 27.00
CA ARG E 170 21.00 8.49 25.79
C ARG E 170 19.49 8.36 25.80
N ASP E 171 18.84 9.28 26.48
CA ASP E 171 17.40 9.22 26.64
C ASP E 171 16.68 9.28 25.31
N LEU E 172 15.61 8.48 25.18
CA LEU E 172 14.79 8.48 23.96
C LEU E 172 14.11 9.84 23.85
N ILE E 173 14.00 10.52 24.98
CA ILE E 173 13.48 11.88 25.00
C ILE E 173 14.48 12.78 24.28
N CYS E 174 15.79 12.60 24.46
CA CYS E 174 16.75 13.48 23.81
C CYS E 174 16.60 13.36 22.31
N ALA E 175 16.31 12.14 21.87
CA ALA E 175 16.13 11.84 20.46
C ALA E 175 14.96 12.59 19.85
N GLN E 176 14.05 13.09 20.68
CA GLN E 176 12.88 13.80 20.22
C GLN E 176 13.23 15.12 19.57
N TYR E 177 14.40 15.67 19.94
CA TYR E 177 14.86 16.95 19.42
C TYR E 177 15.22 16.83 17.94
N VAL E 178 15.44 15.58 17.48
CA VAL E 178 15.77 15.28 16.10
C VAL E 178 14.54 14.68 15.42
N ALA E 179 13.88 13.74 16.11
CA ALA E 179 12.70 13.05 15.58
C ALA E 179 11.53 13.99 15.28
N GLY E 180 11.36 15.09 16.03
CA GLY E 180 10.20 15.93 15.77
C GLY E 180 9.03 15.31 16.50
N TYR E 181 9.33 14.57 17.52
CA TYR E 181 8.31 13.86 18.27
C TYR E 181 8.22 14.50 19.61
N LYS E 182 7.05 14.64 20.16
CA LYS E 182 7.04 15.12 21.52
C LYS E 182 6.20 14.27 22.44
N VAL E 183 6.77 14.02 23.61
CA VAL E 183 6.05 13.32 24.67
C VAL E 183 5.34 14.38 25.48
N LEU E 184 4.09 14.15 25.76
CA LEU E 184 3.31 15.12 26.49
C LEU E 184 3.28 14.75 27.97
N PRO E 185 3.09 15.74 28.86
CA PRO E 185 3.00 15.56 30.30
C PRO E 185 1.71 14.86 30.70
N PRO E 186 1.68 14.25 31.89
CA PRO E 186 0.52 13.60 32.50
C PRO E 186 -0.45 14.69 32.89
N LEU E 187 -1.74 14.36 32.99
CA LEU E 187 -2.77 15.32 33.37
C LEU E 187 -2.88 15.70 34.84
N MET E 188 -2.65 14.76 35.76
CA MET E 188 -2.91 15.04 37.18
C MET E 188 -1.75 15.43 38.11
N ASP E 189 -0.56 14.89 37.86
CA ASP E 189 0.60 14.98 38.77
C ASP E 189 0.39 13.98 39.89
N VAL E 190 1.48 13.60 40.55
CA VAL E 190 1.39 12.63 41.63
C VAL E 190 0.69 13.18 42.84
N ASN E 191 0.82 14.48 43.09
CA ASN E 191 0.21 15.00 44.29
C ASN E 191 -1.29 15.07 44.18
N MET E 192 -1.83 15.41 43.01
CA MET E 192 -3.28 15.41 42.95
C MET E 192 -3.77 13.98 42.97
N GLU E 193 -3.08 13.06 42.28
CA GLU E 193 -3.63 11.71 42.31
C GLU E 193 -3.65 11.20 43.75
N ALA E 194 -2.61 11.54 44.53
CA ALA E 194 -2.56 11.14 45.93
C ALA E 194 -3.73 11.75 46.71
N ALA E 195 -4.09 13.01 46.41
CA ALA E 195 -5.21 13.67 47.08
C ALA E 195 -6.53 12.95 46.81
N TYR E 196 -6.67 12.43 45.60
CA TYR E 196 -7.91 11.74 45.29
C TYR E 196 -7.97 10.40 45.99
N THR E 197 -6.85 9.68 46.08
CA THR E 197 -6.96 8.41 46.77
C THR E 197 -6.89 8.55 48.29
N SER E 198 -6.37 9.68 48.80
CA SER E 198 -6.38 9.86 50.26
C SER E 198 -7.83 10.19 50.66
N SER E 199 -8.59 10.77 49.72
CA SER E 199 -9.99 11.09 49.94
C SER E 199 -10.77 9.77 50.05
N LEU E 200 -10.40 8.77 49.22
CA LEU E 200 -11.03 7.46 49.34
C LEU E 200 -10.66 6.80 50.67
N LEU E 201 -9.41 6.93 51.12
CA LEU E 201 -9.04 6.30 52.38
C LEU E 201 -9.84 6.86 53.53
N GLY E 202 -10.07 8.16 53.51
CA GLY E 202 -10.83 8.83 54.54
C GLY E 202 -12.32 8.50 54.46
N SER E 203 -12.75 7.82 53.41
CA SER E 203 -14.14 7.48 53.21
C SER E 203 -14.41 6.07 53.72
N ILE E 204 -13.36 5.38 54.15
CA ILE E 204 -13.46 4.04 54.67
C ILE E 204 -13.89 4.12 56.12
N ALA E 205 -14.84 3.26 56.46
CA ALA E 205 -15.50 3.13 57.75
C ALA E 205 -16.52 4.28 57.93
N GLY E 206 -17.66 4.17 57.19
CA GLY E 206 -17.98 2.98 56.40
C GLY E 206 -19.10 3.11 55.42
N VAL E 207 -19.46 1.95 54.86
CA VAL E 207 -20.41 1.84 53.77
C VAL E 207 -21.75 1.29 54.22
N GLY E 208 -21.90 1.15 55.53
CA GLY E 208 -23.13 0.67 56.12
C GLY E 208 -23.97 1.86 56.54
N TRP E 209 -24.96 1.60 57.40
CA TRP E 209 -25.90 2.61 57.94
C TRP E 209 -26.84 3.24 56.90
N THR E 210 -26.79 2.72 55.67
CA THR E 210 -27.52 3.15 54.45
C THR E 210 -27.05 4.53 54.00
N ALA E 211 -27.42 4.88 52.77
CA ALA E 211 -26.95 6.12 52.18
C ALA E 211 -25.42 6.17 52.26
N GLY E 212 -24.86 7.14 52.99
CA GLY E 212 -23.42 7.33 53.09
C GLY E 212 -22.96 8.24 51.95
N LEU E 213 -23.95 8.60 51.16
CA LEU E 213 -23.91 9.43 49.99
C LEU E 213 -24.53 10.76 50.37
N SER E 214 -24.69 10.89 51.68
CA SER E 214 -25.30 11.98 52.39
C SER E 214 -24.50 12.28 53.64
N SER E 215 -24.77 11.49 54.69
CA SER E 215 -24.14 11.62 55.99
C SER E 215 -22.82 10.86 56.05
N PHE E 216 -22.03 11.12 57.08
CA PHE E 216 -20.77 10.39 57.27
C PHE E 216 -20.45 10.08 58.72
N ALA E 217 -20.30 8.77 59.01
CA ALA E 217 -20.09 8.26 60.38
C ALA E 217 -18.67 8.40 60.95
N ALA E 218 -17.63 8.34 60.13
CA ALA E 218 -16.27 8.44 60.67
C ALA E 218 -16.00 7.43 61.82
N ILE E 219 -16.12 6.13 61.50
CA ILE E 219 -15.98 5.08 62.52
C ILE E 219 -14.70 4.24 62.24
N PRO E 220 -14.28 3.30 63.11
CA PRO E 220 -13.10 2.46 62.92
C PRO E 220 -13.14 1.53 61.72
N PHE E 221 -11.97 1.30 61.14
CA PHE E 221 -11.78 0.37 60.03
C PHE E 221 -12.23 -1.01 60.41
N ALA E 222 -11.76 -1.43 61.58
CA ALA E 222 -12.03 -2.75 62.08
C ALA E 222 -13.50 -3.01 62.19
N GLN E 223 -14.28 -1.99 62.55
CA GLN E 223 -15.68 -2.27 62.70
C GLN E 223 -16.30 -2.42 61.35
N SER E 224 -15.81 -1.68 60.35
CA SER E 224 -16.44 -1.86 59.04
C SER E 224 -16.19 -3.29 58.59
N ILE E 225 -15.05 -3.88 59.01
CA ILE E 225 -14.75 -5.26 58.69
C ILE E 225 -15.71 -6.19 59.38
N PHE E 226 -15.95 -5.96 60.66
CA PHE E 226 -16.82 -6.86 61.35
C PHE E 226 -18.23 -6.76 60.80
N TYR E 227 -18.67 -5.56 60.40
CA TYR E 227 -19.99 -5.44 59.84
C TYR E 227 -20.07 -6.24 58.53
N ARG E 228 -19.02 -6.16 57.70
CA ARG E 228 -19.01 -6.90 56.44
C ARG E 228 -19.01 -8.41 56.65
N LEU E 229 -18.37 -8.88 57.71
CA LEU E 229 -18.33 -10.30 58.01
C LEU E 229 -19.72 -10.81 58.46
N ASN E 230 -20.45 -10.00 59.24
CA ASN E 230 -21.81 -10.40 59.60
C ASN E 230 -22.64 -10.45 58.33
N GLY E 231 -22.27 -9.57 57.40
CA GLY E 231 -22.90 -9.40 56.12
C GLY E 231 -22.77 -10.61 55.19
N VAL E 232 -21.90 -11.58 55.50
CA VAL E 232 -21.78 -12.74 54.64
C VAL E 232 -22.29 -13.99 55.34
N GLY E 233 -22.93 -13.83 56.49
CA GLY E 233 -23.45 -15.00 57.16
C GLY E 233 -22.66 -15.52 58.36
N ILE E 234 -21.67 -14.77 58.89
CA ILE E 234 -20.91 -15.19 60.07
C ILE E 234 -21.66 -14.61 61.25
N THR E 235 -21.94 -15.38 62.31
CA THR E 235 -22.69 -14.75 63.38
C THR E 235 -21.80 -13.83 64.24
N GLN E 236 -22.42 -12.96 65.02
CA GLN E 236 -21.68 -12.02 65.85
C GLN E 236 -20.90 -12.65 66.97
N GLN E 237 -21.39 -13.73 67.53
CA GLN E 237 -20.68 -14.32 68.65
C GLN E 237 -19.33 -14.82 68.18
N VAL E 238 -19.29 -15.32 66.96
CA VAL E 238 -18.07 -15.84 66.41
C VAL E 238 -17.10 -14.70 66.20
N LEU E 239 -17.60 -13.60 65.65
CA LEU E 239 -16.70 -12.49 65.39
C LEU E 239 -16.16 -11.87 66.67
N SER E 240 -17.00 -11.79 67.71
CA SER E 240 -16.55 -11.18 68.95
C SER E 240 -15.45 -11.99 69.61
N GLU E 241 -15.58 -13.32 69.59
CA GLU E 241 -14.56 -14.15 70.21
C GLU E 241 -13.27 -14.20 69.40
N ASN E 242 -13.38 -14.13 68.08
CA ASN E 242 -12.23 -14.23 67.21
C ASN E 242 -11.78 -12.91 66.62
N GLN E 243 -12.19 -11.79 67.19
CA GLN E 243 -11.82 -10.51 66.58
C GLN E 243 -10.32 -10.26 66.44
N LYS E 244 -9.50 -10.83 67.33
CA LYS E 244 -8.06 -10.60 67.22
C LYS E 244 -7.48 -11.54 66.17
N LEU E 245 -8.09 -12.72 66.06
CA LEU E 245 -7.65 -13.72 65.12
C LEU E 245 -7.96 -13.23 63.72
N ILE E 246 -9.11 -12.58 63.58
CA ILE E 246 -9.55 -12.05 62.31
C ILE E 246 -8.59 -10.96 61.86
N ALA E 247 -8.21 -10.05 62.77
CA ALA E 247 -7.25 -9.03 62.38
C ALA E 247 -5.95 -9.66 61.93
N ASN E 248 -5.52 -10.73 62.60
CA ASN E 248 -4.28 -11.35 62.21
C ASN E 248 -4.38 -12.00 60.84
N LYS E 249 -5.52 -12.64 60.55
CA LYS E 249 -5.69 -13.26 59.25
C LYS E 249 -5.74 -12.21 58.16
N PHE E 250 -6.36 -11.07 58.45
CA PHE E 250 -6.38 -9.96 57.52
C PHE E 250 -4.97 -9.53 57.21
N ASN E 251 -4.18 -9.34 58.26
CA ASN E 251 -2.82 -8.88 58.10
C ASN E 251 -1.99 -9.87 57.30
N GLN E 252 -2.25 -11.16 57.47
CA GLN E 252 -1.53 -12.17 56.70
C GLN E 252 -1.91 -12.07 55.23
N ALA E 253 -3.20 -11.88 54.97
CA ALA E 253 -3.70 -11.76 53.60
C ALA E 253 -3.13 -10.52 52.93
N LEU E 254 -3.00 -9.44 53.70
CA LEU E 254 -2.43 -8.20 53.22
C LEU E 254 -0.94 -8.34 53.03
N GLY E 255 -0.30 -9.08 53.92
CA GLY E 255 1.13 -9.34 53.92
C GLY E 255 1.53 -9.96 52.60
N ALA E 256 0.63 -10.71 51.99
CA ALA E 256 0.88 -11.33 50.69
C ALA E 256 1.30 -10.30 49.64
N MET E 257 0.89 -9.04 49.79
CA MET E 257 1.20 -8.01 48.82
C MET E 257 2.69 -7.70 48.78
N GLN E 258 3.41 -8.12 49.81
CA GLN E 258 4.85 -7.91 49.93
C GLN E 258 5.58 -8.68 48.85
N THR E 259 5.02 -9.82 48.40
CA THR E 259 5.66 -10.62 47.38
C THR E 259 4.94 -10.46 46.04
N GLY E 260 3.72 -9.91 46.09
CA GLY E 260 2.88 -9.71 44.92
C GLY E 260 3.50 -8.86 43.79
N PHE E 261 4.36 -7.91 44.10
CA PHE E 261 4.93 -7.09 43.03
C PHE E 261 6.15 -7.76 42.45
N THR E 262 5.85 -8.81 41.72
CA THR E 262 6.76 -9.73 41.08
C THR E 262 6.35 -10.05 39.69
N THR E 263 7.29 -10.56 38.91
CA THR E 263 7.03 -10.90 37.51
C THR E 263 6.21 -12.16 37.37
N THR E 264 6.03 -12.88 38.47
CA THR E 264 5.23 -14.09 38.47
C THR E 264 3.77 -13.77 38.81
N ASN E 265 3.50 -12.50 39.09
CA ASN E 265 2.18 -12.00 39.42
C ASN E 265 1.55 -11.47 38.16
N GLU E 266 0.44 -12.08 37.73
CA GLU E 266 -0.16 -11.69 36.47
C GLU E 266 -0.62 -10.24 36.44
N ALA E 267 -1.20 -9.72 37.55
CA ALA E 267 -1.63 -8.32 37.54
C ALA E 267 -0.42 -7.40 37.39
N PHE E 268 0.68 -7.78 38.03
CA PHE E 268 1.90 -7.00 37.96
C PHE E 268 2.41 -6.99 36.52
N HIS E 269 2.42 -8.16 35.89
CA HIS E 269 2.88 -8.26 34.52
C HIS E 269 2.06 -7.33 33.63
N LYS E 270 0.75 -7.27 33.84
CA LYS E 270 -0.07 -6.37 33.04
C LYS E 270 0.35 -4.91 33.22
N VAL E 271 0.78 -4.53 34.42
CA VAL E 271 1.22 -3.15 34.66
C VAL E 271 2.47 -2.92 33.81
N GLN E 272 3.37 -3.91 33.84
CA GLN E 272 4.61 -3.81 33.07
C GLN E 272 4.31 -3.72 31.58
N ASP E 273 3.30 -4.45 31.09
CA ASP E 273 2.98 -4.35 29.68
C ASP E 273 2.39 -3.00 29.32
N ALA E 274 1.61 -2.39 30.18
CA ALA E 274 1.10 -1.07 29.82
C ALA E 274 2.27 -0.13 29.52
N VAL E 275 3.34 -0.28 30.30
CA VAL E 275 4.51 0.53 30.12
C VAL E 275 5.21 0.17 28.81
N ASN E 276 5.36 -1.13 28.57
CA ASN E 276 6.05 -1.63 27.39
C ASN E 276 5.33 -1.26 26.10
N ASN E 277 4.01 -1.22 26.16
CA ASN E 277 3.19 -0.93 25.00
C ASN E 277 3.33 0.52 24.60
N ASN E 278 3.56 1.40 25.57
CA ASN E 278 3.76 2.78 25.19
C ASN E 278 5.17 2.95 24.67
N ALA E 279 6.11 2.22 25.26
CA ALA E 279 7.50 2.31 24.86
C ALA E 279 7.69 1.89 23.41
N GLN E 280 6.99 0.83 23.00
CA GLN E 280 7.10 0.35 21.63
C GLN E 280 6.40 1.26 20.66
N ALA E 281 5.34 1.95 21.09
CA ALA E 281 4.68 2.82 20.14
C ALA E 281 5.67 3.88 19.64
N LEU E 282 6.47 4.42 20.58
CA LEU E 282 7.49 5.39 20.18
C LEU E 282 8.70 4.75 19.57
N SER E 283 9.15 3.62 20.11
CA SER E 283 10.34 3.03 19.55
C SER E 283 10.10 2.75 18.08
N LYS E 284 8.89 2.28 17.71
CA LYS E 284 8.61 2.05 16.31
C LYS E 284 8.63 3.34 15.50
N LEU E 285 8.06 4.44 16.02
CA LEU E 285 8.17 5.65 15.20
C LEU E 285 9.61 6.06 15.03
N ALA E 286 10.40 5.91 16.08
CA ALA E 286 11.80 6.29 16.05
C ALA E 286 12.64 5.40 15.13
N SER E 287 12.40 4.08 15.12
CA SER E 287 13.22 3.20 14.30
C SER E 287 12.89 3.31 12.84
N GLU E 288 11.68 3.74 12.54
CA GLU E 288 11.27 3.93 11.17
C GLU E 288 12.02 5.10 10.53
N LEU E 289 12.62 5.97 11.33
CA LEU E 289 13.33 7.11 10.80
C LEU E 289 14.64 6.68 10.13
N SER E 290 15.09 5.46 10.42
CA SER E 290 16.32 4.94 9.86
C SER E 290 16.04 3.83 8.84
N ASN E 291 14.77 3.63 8.53
CA ASN E 291 14.34 2.57 7.63
C ASN E 291 14.26 3.05 6.20
N THR E 292 14.76 2.27 5.25
CA THR E 292 14.58 2.69 3.88
C THR E 292 13.22 2.19 3.49
N PHE E 293 12.66 2.78 2.47
CA PHE E 293 11.34 2.37 2.01
C PHE E 293 11.36 1.99 0.54
N GLY E 294 12.39 1.22 0.17
CA GLY E 294 12.66 0.85 -1.21
C GLY E 294 13.69 1.84 -1.76
N ALA E 295 13.96 2.82 -0.93
CA ALA E 295 14.89 3.90 -1.14
C ALA E 295 16.30 3.41 -0.98
N ILE E 296 17.22 4.09 -1.62
CA ILE E 296 18.64 3.84 -1.51
C ILE E 296 19.15 4.14 -0.11
N SER E 297 18.55 5.12 0.53
CA SER E 297 18.92 5.52 1.86
C SER E 297 17.79 6.15 2.62
N ALA E 298 17.83 6.00 3.95
CA ALA E 298 16.84 6.60 4.83
C ALA E 298 17.27 8.03 5.20
N SER E 299 18.44 8.40 4.73
CA SER E 299 19.04 9.70 4.97
C SER E 299 19.02 10.61 3.77
N ILE E 300 18.33 11.74 3.91
CA ILE E 300 18.20 12.70 2.81
C ILE E 300 19.57 13.24 2.48
N GLY E 301 20.37 13.50 3.52
CA GLY E 301 21.70 14.06 3.33
C GLY E 301 22.60 13.15 2.50
N ASP E 302 22.43 11.83 2.65
CA ASP E 302 23.24 10.88 1.89
C ASP E 302 22.67 10.71 0.49
N ILE E 303 21.35 10.85 0.37
CA ILE E 303 20.74 10.76 -0.95
C ILE E 303 21.27 11.93 -1.76
N ILE E 304 21.29 13.11 -1.19
CA ILE E 304 21.77 14.24 -1.94
C ILE E 304 23.26 14.15 -2.22
N GLN E 305 24.05 13.85 -1.20
CA GLN E 305 25.49 13.82 -1.36
C GLN E 305 26.02 12.89 -2.42
N ARG E 306 25.43 11.70 -2.56
CA ARG E 306 25.99 10.77 -3.52
C ARG E 306 25.15 10.53 -4.78
N LEU E 307 24.12 11.33 -5.02
CA LEU E 307 23.29 11.12 -6.22
C LEU E 307 23.08 12.38 -7.03
N ASP E 308 23.02 12.24 -8.34
CA ASP E 308 22.69 13.38 -9.18
C ASP E 308 21.22 13.76 -8.91
N VAL E 309 20.84 15.06 -8.92
CA VAL E 309 19.48 15.58 -8.73
C VAL E 309 18.31 14.83 -9.39
N LEU E 310 18.39 14.34 -10.67
CA LEU E 310 17.34 13.60 -11.35
C LEU E 310 17.01 12.28 -10.67
N GLU E 311 17.92 11.78 -9.83
CA GLU E 311 17.72 10.52 -9.13
C GLU E 311 17.33 10.79 -7.68
N GLN E 312 17.82 11.91 -7.14
CA GLN E 312 17.59 12.24 -5.74
C GLN E 312 16.11 12.40 -5.46
N ASP E 313 15.37 13.04 -6.36
CA ASP E 313 13.94 13.21 -6.07
C ASP E 313 13.20 11.89 -5.94
N ALA E 314 13.58 10.89 -6.74
CA ALA E 314 12.90 9.61 -6.67
C ALA E 314 13.19 8.93 -5.34
N GLN E 315 14.44 9.06 -4.86
CA GLN E 315 14.83 8.41 -3.62
C GLN E 315 14.16 9.08 -2.44
N ILE E 316 14.02 10.39 -2.52
CA ILE E 316 13.41 11.18 -1.48
C ILE E 316 11.92 10.92 -1.46
N ASP E 317 11.28 10.84 -2.63
CA ASP E 317 9.85 10.57 -2.64
C ASP E 317 9.55 9.21 -2.01
N ARG E 318 10.41 8.20 -2.25
CA ARG E 318 10.15 6.90 -1.63
C ARG E 318 10.26 7.04 -0.11
N LEU E 319 11.23 7.81 0.35
CA LEU E 319 11.42 8.03 1.77
C LEU E 319 10.23 8.72 2.38
N ILE E 320 9.75 9.77 1.73
CA ILE E 320 8.64 10.52 2.27
C ILE E 320 7.41 9.69 2.38
N ASN E 321 7.08 8.97 1.32
CA ASN E 321 5.86 8.20 1.37
C ASN E 321 5.98 7.12 2.41
N GLY E 322 7.19 6.63 2.59
CA GLY E 322 7.49 5.66 3.59
C GLY E 322 7.22 6.19 4.99
N ARG E 323 7.78 7.36 5.30
CA ARG E 323 7.61 7.97 6.62
C ARG E 323 6.14 8.31 6.88
N LEU E 324 5.45 8.76 5.84
CA LEU E 324 4.06 9.11 6.01
C LEU E 324 3.26 7.84 6.29
N THR E 325 3.61 6.74 5.63
CA THR E 325 2.92 5.47 5.84
C THR E 325 3.07 5.03 7.29
N THR E 326 4.26 5.19 7.86
CA THR E 326 4.47 4.81 9.24
C THR E 326 3.68 5.71 10.19
N LEU E 327 3.53 7.00 9.85
CA LEU E 327 2.71 7.88 10.69
C LEU E 327 1.27 7.42 10.65
N ASN E 328 0.80 6.98 9.49
CA ASN E 328 -0.56 6.52 9.35
C ASN E 328 -0.84 5.36 10.26
N ALA E 329 0.05 4.36 10.23
CA ALA E 329 -0.15 3.20 11.07
C ALA E 329 -0.15 3.56 12.53
N PHE E 330 0.75 4.46 12.92
CA PHE E 330 0.84 4.88 14.30
C PHE E 330 -0.46 5.48 14.77
N VAL E 331 -1.00 6.40 13.99
CA VAL E 331 -2.23 7.06 14.39
C VAL E 331 -3.38 6.09 14.47
N ALA E 332 -3.51 5.20 13.49
CA ALA E 332 -4.62 4.27 13.56
C ALA E 332 -4.55 3.46 14.84
N GLN E 333 -3.33 3.06 15.22
CA GLN E 333 -3.14 2.30 16.42
C GLN E 333 -3.47 3.11 17.66
N GLN E 334 -3.07 4.39 17.67
CA GLN E 334 -3.33 5.23 18.84
C GLN E 334 -4.82 5.50 18.98
N LEU E 335 -5.55 5.64 17.88
CA LEU E 335 -6.97 5.91 18.00
C LEU E 335 -7.68 4.72 18.63
N VAL E 336 -7.27 3.50 18.25
CA VAL E 336 -7.87 2.30 18.82
C VAL E 336 -7.50 2.17 20.29
N ARG E 337 -6.22 2.39 20.61
CA ARG E 337 -5.78 2.27 21.98
C ARG E 337 -6.48 3.25 22.90
N SER E 338 -6.72 4.48 22.41
CA SER E 338 -7.39 5.50 23.20
C SER E 338 -8.82 5.07 23.53
N GLU E 339 -9.54 4.54 22.55
CA GLU E 339 -10.90 4.13 22.83
C GLU E 339 -10.96 2.93 23.78
N SER E 340 -10.01 2.01 23.65
CA SER E 340 -10.01 0.88 24.55
C SER E 340 -9.72 1.37 25.97
N ALA E 341 -8.79 2.32 26.10
CA ALA E 341 -8.46 2.88 27.41
C ALA E 341 -9.68 3.62 27.99
N ALA E 342 -10.45 4.31 27.14
CA ALA E 342 -11.63 5.03 27.63
C ALA E 342 -12.64 4.06 28.24
N LEU E 343 -12.80 2.88 27.62
CA LEU E 343 -13.70 1.87 28.15
C LEU E 343 -13.19 1.38 29.48
N SER E 344 -11.89 1.14 29.55
CA SER E 344 -11.28 0.63 30.76
C SER E 344 -11.47 1.60 31.92
N ALA E 345 -11.26 2.90 31.67
CA ALA E 345 -11.43 3.90 32.70
C ALA E 345 -12.87 3.99 33.21
N GLN E 346 -13.85 3.85 32.32
CA GLN E 346 -15.22 3.91 32.81
C GLN E 346 -15.55 2.67 33.62
N LEU E 347 -14.98 1.54 33.24
CA LEU E 347 -15.23 0.34 34.02
C LEU E 347 -14.63 0.51 35.41
N ALA E 348 -13.45 1.15 35.49
CA ALA E 348 -12.84 1.41 36.79
C ALA E 348 -13.72 2.33 37.62
N LYS E 349 -14.32 3.33 36.97
CA LYS E 349 -15.19 4.27 37.67
C LYS E 349 -16.26 3.50 38.44
N ASP E 350 -16.84 2.51 37.77
CA ASP E 350 -17.85 1.73 38.43
C ASP E 350 -17.27 0.84 39.51
N LYS E 351 -16.11 0.23 39.28
CA LYS E 351 -15.53 -0.62 40.33
C LYS E 351 -15.20 0.15 41.60
N VAL E 352 -14.73 1.36 41.48
CA VAL E 352 -14.43 2.11 42.68
C VAL E 352 -15.75 2.32 43.45
N ASN E 353 -16.82 2.62 42.73
CA ASN E 353 -18.12 2.83 43.35
C ASN E 353 -18.88 1.53 43.70
N GLU E 354 -18.31 0.36 43.40
CA GLU E 354 -18.95 -0.93 43.69
C GLU E 354 -18.22 -1.78 44.72
N CYS E 355 -16.90 -1.71 44.74
CA CYS E 355 -16.10 -2.54 45.62
C CYS E 355 -15.23 -1.75 46.59
N VAL E 356 -14.72 -0.60 46.16
CA VAL E 356 -13.89 0.17 47.07
C VAL E 356 -14.80 0.94 48.05
N LYS E 357 -15.83 1.56 47.49
CA LYS E 357 -16.79 2.33 48.26
C LYS E 357 -17.98 1.51 48.74
N ALA E 358 -17.99 0.20 48.47
CA ALA E 358 -19.12 -0.63 48.84
C ALA E 358 -18.76 -2.11 48.96
N GLN E 359 -19.58 -2.88 49.68
CA GLN E 359 -19.40 -4.32 49.73
C GLN E 359 -20.14 -4.97 48.57
N SER E 360 -19.47 -5.87 47.86
CA SER E 360 -20.09 -6.57 46.73
C SER E 360 -20.81 -7.84 47.11
N LYS E 361 -21.95 -8.05 46.48
CA LYS E 361 -22.77 -9.25 46.64
C LYS E 361 -22.86 -10.06 45.35
N ARG E 362 -22.01 -9.72 44.38
CA ARG E 362 -22.09 -10.33 43.05
C ARG E 362 -21.31 -11.62 42.75
N SER E 363 -20.29 -11.95 43.54
CA SER E 363 -19.37 -13.05 43.21
C SER E 363 -18.74 -12.76 41.86
N GLY E 364 -17.88 -13.66 41.36
CA GLY E 364 -17.21 -13.44 40.06
C GLY E 364 -16.02 -12.48 40.19
N PHE E 365 -16.34 -11.29 40.70
CA PHE E 365 -15.53 -10.13 40.99
C PHE E 365 -14.70 -10.28 42.22
N CYS E 366 -13.59 -9.55 42.24
CA CYS E 366 -12.74 -9.36 43.39
C CYS E 366 -12.06 -10.62 43.94
N GLY E 367 -12.17 -10.82 45.26
CA GLY E 367 -11.56 -11.95 45.92
C GLY E 367 -12.38 -13.16 45.53
N GLN E 368 -11.79 -14.33 45.45
CA GLN E 368 -12.61 -15.45 45.01
C GLN E 368 -13.32 -16.19 46.13
N GLY E 369 -14.32 -15.49 46.62
CA GLY E 369 -15.18 -15.86 47.73
C GLY E 369 -15.84 -14.59 48.22
N THR E 370 -17.09 -14.40 47.78
CA THR E 370 -17.94 -13.25 48.10
C THR E 370 -17.11 -11.97 48.18
N HIS E 371 -17.39 -11.09 49.12
CA HIS E 371 -16.59 -9.90 49.18
C HIS E 371 -16.41 -9.27 50.53
N ILE E 372 -15.20 -8.79 50.70
CA ILE E 372 -14.68 -8.09 51.83
C ILE E 372 -13.81 -7.00 51.20
N VAL E 373 -13.66 -5.90 51.91
CA VAL E 373 -13.00 -4.68 51.46
C VAL E 373 -11.96 -4.82 50.35
N SER E 374 -12.09 -3.88 49.40
CA SER E 374 -11.17 -3.74 48.30
C SER E 374 -10.54 -2.37 48.32
N PHE E 375 -9.36 -2.28 47.75
CA PHE E 375 -8.62 -1.04 47.72
C PHE E 375 -8.14 -0.69 46.33
N VAL E 376 -8.06 0.60 46.03
CA VAL E 376 -7.52 1.04 44.76
C VAL E 376 -6.37 1.98 44.96
N VAL E 377 -5.32 1.76 44.19
CA VAL E 377 -4.14 2.60 44.22
C VAL E 377 -3.77 3.00 42.79
N ASN E 378 -2.93 4.02 42.64
CA ASN E 378 -2.52 4.39 41.30
C ASN E 378 -1.41 3.44 40.86
N ALA E 379 -1.29 3.26 39.57
CA ALA E 379 -0.29 2.35 39.02
C ALA E 379 0.26 2.93 37.74
N PRO E 380 1.42 2.49 37.27
CA PRO E 380 1.93 2.95 36.01
C PRO E 380 0.82 2.70 34.99
N ASN E 381 0.46 3.76 34.26
CA ASN E 381 -0.56 3.79 33.22
C ASN E 381 -1.97 3.36 33.64
N GLY E 382 -2.28 3.40 34.91
CA GLY E 382 -3.61 2.95 35.30
C GLY E 382 -3.78 2.82 36.79
N LEU E 383 -4.74 1.98 37.17
CA LEU E 383 -5.08 1.74 38.54
C LEU E 383 -4.83 0.31 38.92
N TYR E 384 -4.47 0.12 40.14
CA TYR E 384 -4.25 -1.23 40.61
C TYR E 384 -5.18 -1.50 41.76
N PHE E 385 -5.85 -2.62 41.68
CA PHE E 385 -6.78 -2.98 42.71
C PHE E 385 -6.39 -4.23 43.42
N MET E 386 -6.70 -4.22 44.70
CA MET E 386 -6.48 -5.33 45.60
C MET E 386 -7.79 -5.72 46.21
N HIS E 387 -8.03 -7.00 46.31
CA HIS E 387 -9.29 -7.42 46.86
C HIS E 387 -9.15 -8.51 47.88
N VAL E 388 -9.74 -8.33 49.04
CA VAL E 388 -9.64 -9.38 50.03
C VAL E 388 -10.76 -10.38 49.76
N GLY E 389 -10.46 -11.68 49.78
CA GLY E 389 -11.50 -12.69 49.55
C GLY E 389 -11.65 -13.65 50.72
N TYR E 390 -12.79 -14.35 50.71
CA TYR E 390 -13.09 -15.36 51.73
C TYR E 390 -12.77 -16.74 51.28
N TYR E 391 -12.01 -17.48 52.08
CA TYR E 391 -11.67 -18.84 51.74
C TYR E 391 -11.97 -19.85 52.88
N PRO E 392 -13.25 -20.22 53.11
CA PRO E 392 -13.69 -21.18 54.10
C PRO E 392 -13.17 -22.58 53.78
N SER E 393 -12.85 -23.36 54.80
CA SER E 393 -12.42 -24.75 54.63
C SER E 393 -12.83 -25.63 55.81
N ASN E 394 -12.27 -26.84 55.83
CA ASN E 394 -12.55 -27.83 56.86
C ASN E 394 -14.03 -28.02 57.07
N HIS E 395 -14.74 -28.25 55.99
CA HIS E 395 -16.16 -28.44 56.07
C HIS E 395 -16.52 -29.73 56.75
N ILE E 396 -17.64 -29.70 57.45
CA ILE E 396 -18.19 -30.86 58.10
C ILE E 396 -19.57 -31.08 57.60
N GLU E 397 -20.07 -32.27 57.82
CA GLU E 397 -21.41 -32.55 57.38
C GLU E 397 -22.35 -32.78 58.55
N VAL E 398 -23.43 -32.01 58.55
CA VAL E 398 -24.47 -32.12 59.57
C VAL E 398 -25.81 -32.25 58.87
N VAL E 399 -26.84 -32.69 59.59
CA VAL E 399 -28.17 -32.75 59.00
C VAL E 399 -29.02 -31.56 59.38
N SER E 400 -29.58 -30.92 58.36
CA SER E 400 -30.40 -29.72 58.55
C SER E 400 -31.84 -29.82 58.08
N ALA E 401 -32.62 -28.91 58.65
CA ALA E 401 -34.04 -28.71 58.41
C ALA E 401 -34.27 -27.61 57.40
N TYR E 402 -35.48 -27.56 56.85
CA TYR E 402 -35.85 -26.48 55.94
C TYR E 402 -36.61 -25.39 56.71
N GLY E 403 -36.84 -25.65 57.99
CA GLY E 403 -37.57 -24.81 58.92
C GLY E 403 -38.01 -25.67 60.09
N LEU E 404 -38.68 -25.04 61.06
CA LEU E 404 -39.14 -25.72 62.28
C LEU E 404 -40.54 -25.29 62.72
N CYS E 405 -41.33 -26.23 63.21
CA CYS E 405 -42.65 -25.96 63.77
C CYS E 405 -42.79 -26.45 65.20
N ASP E 406 -43.68 -25.82 65.95
CA ASP E 406 -44.04 -26.32 67.27
C ASP E 406 -44.84 -27.59 67.05
N ALA E 407 -44.34 -28.70 67.56
CA ALA E 407 -45.01 -29.97 67.31
C ALA E 407 -46.45 -29.94 67.82
N ALA E 408 -46.69 -29.18 68.89
CA ALA E 408 -48.01 -29.11 69.51
C ALA E 408 -48.92 -28.11 68.81
N ASN E 409 -48.42 -27.42 67.80
CA ASN E 409 -49.21 -26.41 67.12
C ASN E 409 -48.67 -26.22 65.69
N PRO E 410 -49.30 -26.85 64.69
CA PRO E 410 -48.92 -26.88 63.29
C PRO E 410 -48.83 -25.52 62.62
N THR E 411 -49.41 -24.48 63.24
CA THR E 411 -49.36 -23.18 62.62
C THR E 411 -48.25 -22.31 63.16
N ASN E 412 -47.50 -22.83 64.14
CA ASN E 412 -46.39 -22.08 64.72
C ASN E 412 -45.07 -22.41 64.06
N CYS E 413 -44.81 -21.83 62.90
CA CYS E 413 -43.62 -22.22 62.17
C CYS E 413 -42.65 -21.09 61.90
N ILE E 414 -41.38 -21.44 61.95
CA ILE E 414 -40.26 -20.57 61.71
C ILE E 414 -39.26 -21.09 60.69
N ALA E 415 -38.43 -20.19 60.23
CA ALA E 415 -37.34 -20.47 59.33
C ALA E 415 -36.12 -19.70 59.83
N PRO E 416 -34.90 -20.15 59.54
CA PRO E 416 -33.68 -19.51 59.96
C PRO E 416 -33.46 -18.23 59.22
N VAL E 417 -32.81 -17.28 59.86
CA VAL E 417 -32.43 -16.06 59.19
C VAL E 417 -30.96 -16.03 58.86
N ASN E 418 -30.67 -15.97 57.57
CA ASN E 418 -29.31 -15.90 57.06
C ASN E 418 -28.44 -17.00 57.63
N GLY E 419 -29.00 -18.20 57.67
CA GLY E 419 -28.34 -19.37 58.22
C GLY E 419 -29.24 -20.56 58.11
N TYR E 420 -28.92 -21.60 58.88
CA TYR E 420 -29.64 -22.88 58.87
C TYR E 420 -29.98 -23.42 60.26
N PHE E 421 -31.04 -24.22 60.30
CA PHE E 421 -31.37 -24.96 61.50
C PHE E 421 -30.79 -26.34 61.32
N ILE E 422 -30.01 -26.77 62.28
CA ILE E 422 -29.37 -28.06 62.18
C ILE E 422 -29.66 -28.93 63.38
N LYS E 423 -29.52 -30.23 63.21
CA LYS E 423 -29.66 -31.07 64.37
C LYS E 423 -28.51 -30.71 65.25
N THR E 424 -28.78 -30.50 66.51
CA THR E 424 -27.76 -30.12 67.44
C THR E 424 -26.75 -31.22 67.63
N ASN E 425 -25.48 -30.86 67.50
CA ASN E 425 -24.37 -31.75 67.79
C ASN E 425 -23.42 -31.05 68.75
N ASN E 426 -23.88 -29.93 69.24
CA ASN E 426 -23.15 -29.08 70.15
C ASN E 426 -23.63 -29.41 71.54
N THR E 427 -22.73 -29.91 72.36
CA THR E 427 -23.08 -30.39 73.68
C THR E 427 -23.50 -29.29 74.66
N ARG E 428 -23.30 -28.01 74.28
CA ARG E 428 -23.73 -26.92 75.16
C ARG E 428 -25.23 -26.65 74.94
N ILE E 429 -25.83 -27.23 73.90
CA ILE E 429 -27.22 -26.99 73.59
C ILE E 429 -28.01 -28.25 73.91
N VAL E 430 -28.97 -28.12 74.83
CA VAL E 430 -29.77 -29.27 75.23
C VAL E 430 -30.87 -29.54 74.21
N ASP E 431 -31.34 -28.47 73.59
CA ASP E 431 -32.39 -28.48 72.60
C ASP E 431 -31.94 -29.31 71.39
N GLU E 432 -32.86 -30.09 70.80
CA GLU E 432 -32.57 -30.95 69.65
C GLU E 432 -32.09 -30.21 68.41
N TRP E 433 -32.53 -28.98 68.23
CA TRP E 433 -32.12 -28.18 67.08
C TRP E 433 -31.33 -26.96 67.50
N SER E 434 -30.39 -26.58 66.65
CA SER E 434 -29.52 -25.43 66.87
C SER E 434 -29.34 -24.62 65.59
N TYR E 435 -28.87 -23.40 65.72
CA TYR E 435 -28.69 -22.52 64.55
C TYR E 435 -27.26 -22.19 64.22
N THR E 436 -26.93 -22.24 62.94
CA THR E 436 -25.60 -21.82 62.51
C THR E 436 -25.75 -20.76 61.47
N GLY E 437 -24.69 -20.01 61.23
CA GLY E 437 -24.74 -19.02 60.20
C GLY E 437 -24.60 -19.74 58.87
N SER E 438 -24.58 -18.98 57.79
CA SER E 438 -24.50 -19.58 56.48
C SER E 438 -23.07 -19.71 56.04
N SER E 439 -22.18 -18.95 56.67
CA SER E 439 -20.79 -18.99 56.31
C SER E 439 -19.87 -19.55 57.39
N PHE E 440 -20.42 -19.96 58.53
CA PHE E 440 -19.55 -20.49 59.58
C PHE E 440 -20.28 -21.38 60.60
N TYR E 441 -19.70 -22.56 60.88
CA TYR E 441 -20.31 -23.47 61.85
C TYR E 441 -20.04 -23.07 63.28
N ALA E 442 -21.09 -22.70 63.97
CA ALA E 442 -21.02 -22.28 65.35
C ALA E 442 -22.41 -22.36 65.98
N PRO E 443 -22.95 -23.55 66.26
CA PRO E 443 -24.33 -23.74 66.67
C PRO E 443 -24.70 -22.87 67.84
N GLU E 444 -25.83 -22.18 67.72
CA GLU E 444 -26.37 -21.28 68.71
C GLU E 444 -27.75 -21.82 69.10
N PRO E 445 -28.28 -21.49 70.27
CA PRO E 445 -29.64 -21.82 70.64
C PRO E 445 -30.56 -21.19 69.61
N ILE E 446 -31.70 -21.81 69.31
CA ILE E 446 -32.58 -21.16 68.36
C ILE E 446 -33.48 -20.21 69.10
N THR E 447 -33.28 -18.93 68.79
CA THR E 447 -33.96 -17.80 69.38
C THR E 447 -34.43 -16.83 68.33
N SER E 448 -35.27 -15.87 68.72
CA SER E 448 -35.87 -14.95 67.76
C SER E 448 -34.89 -14.09 66.99
N LEU E 449 -33.72 -13.83 67.55
CA LEU E 449 -32.75 -13.02 66.82
C LEU E 449 -32.28 -13.71 65.55
N ASN E 450 -32.35 -15.03 65.52
CA ASN E 450 -31.90 -15.79 64.38
C ASN E 450 -33.04 -16.41 63.57
N THR E 451 -34.30 -16.03 63.85
CA THR E 451 -35.41 -16.68 63.16
C THR E 451 -36.44 -15.72 62.60
N LYS E 452 -37.23 -16.25 61.70
CA LYS E 452 -38.36 -15.53 61.13
C LYS E 452 -39.59 -16.43 61.12
N TYR E 453 -40.76 -15.82 61.30
CA TYR E 453 -42.00 -16.60 61.29
C TYR E 453 -42.46 -16.76 59.86
N VAL E 454 -42.81 -17.98 59.53
CA VAL E 454 -43.18 -18.33 58.15
C VAL E 454 -44.44 -19.12 58.01
N ALA E 455 -44.95 -19.19 56.78
CA ALA E 455 -46.06 -20.09 56.54
C ALA E 455 -45.52 -21.51 56.75
N PRO E 456 -46.31 -22.42 57.36
CA PRO E 456 -45.99 -23.84 57.54
C PRO E 456 -45.79 -24.56 56.23
N GLN E 457 -44.85 -25.50 56.24
CA GLN E 457 -44.52 -26.38 55.12
C GLN E 457 -44.25 -27.77 55.66
N VAL E 458 -44.47 -28.77 54.80
CA VAL E 458 -44.30 -30.18 55.14
C VAL E 458 -42.86 -30.56 55.52
N THR E 459 -41.89 -29.75 55.10
CA THR E 459 -40.48 -30.00 55.36
C THR E 459 -39.94 -29.35 56.63
N TYR E 460 -40.78 -28.66 57.37
CA TYR E 460 -40.30 -28.05 58.59
C TYR E 460 -40.35 -29.13 59.65
N GLN E 461 -39.30 -29.27 60.44
CA GLN E 461 -39.25 -30.34 61.44
C GLN E 461 -40.03 -29.94 62.68
N ASN E 462 -40.56 -30.92 63.40
CA ASN E 462 -41.39 -30.67 64.58
C ASN E 462 -40.69 -30.83 65.91
N ILE E 463 -40.70 -29.77 66.72
CA ILE E 463 -40.11 -29.79 68.05
C ILE E 463 -41.19 -29.81 69.11
N SER E 464 -41.21 -30.87 69.90
CA SER E 464 -42.19 -31.12 70.96
C SER E 464 -41.65 -30.76 72.32
N THR E 465 -40.48 -30.19 72.34
CA THR E 465 -39.79 -29.85 73.57
C THR E 465 -39.60 -28.36 73.69
N ASN E 466 -38.46 -27.86 73.26
CA ASN E 466 -38.14 -26.46 73.46
C ASN E 466 -37.68 -25.70 72.25
N LEU E 467 -38.51 -24.77 71.84
CA LEU E 467 -38.23 -23.91 70.71
C LEU E 467 -38.68 -22.50 71.04
N PRO E 468 -37.86 -21.66 71.70
CA PRO E 468 -38.21 -20.31 72.13
C PRO E 468 -38.96 -19.47 71.07
N PRO E 469 -38.64 -19.50 69.76
CA PRO E 469 -39.37 -18.83 68.70
C PRO E 469 -40.46 -19.71 68.00
N PRO E 470 -41.73 -19.65 68.40
CA PRO E 470 -42.34 -19.06 69.57
C PRO E 470 -42.14 -20.05 70.68
N LEU E 471 -42.03 -19.60 71.92
CA LEU E 471 -41.92 -20.57 72.99
C LEU E 471 -43.22 -21.34 73.17
N LEU E 472 -44.31 -20.61 73.06
CA LEU E 472 -45.63 -21.17 73.30
C LEU E 472 -46.47 -21.07 72.04
N TYR F 1 58.88 -3.85 -13.45
CA TYR F 1 58.31 -4.69 -12.42
C TYR F 1 59.09 -4.59 -11.12
N VAL F 2 58.64 -5.31 -10.10
CA VAL F 2 59.27 -5.30 -8.79
C VAL F 2 60.49 -6.19 -8.71
N ASP F 3 61.54 -5.62 -8.15
CA ASP F 3 62.78 -6.34 -7.92
C ASP F 3 62.62 -7.03 -6.57
N VAL F 4 62.64 -8.35 -6.59
CA VAL F 4 62.42 -9.16 -5.40
C VAL F 4 63.70 -9.93 -5.10
N GLY F 5 64.80 -9.42 -5.63
CA GLY F 5 66.11 -9.99 -5.44
C GLY F 5 66.39 -11.01 -6.53
N PRO F 6 67.58 -11.62 -6.49
CA PRO F 6 68.08 -12.60 -7.44
C PRO F 6 67.45 -13.96 -7.31
N ASP F 7 67.61 -14.74 -8.36
CA ASP F 7 67.21 -16.14 -8.41
C ASP F 7 68.16 -16.97 -7.59
N SER F 8 67.71 -18.12 -7.14
CA SER F 8 68.62 -19.04 -6.49
C SER F 8 69.60 -19.57 -7.52
N VAL F 9 70.82 -19.81 -7.08
CA VAL F 9 71.83 -20.34 -7.97
C VAL F 9 72.03 -21.83 -7.77
N LYS F 10 71.22 -22.42 -6.90
CA LYS F 10 71.36 -23.85 -6.67
C LYS F 10 70.93 -24.60 -7.92
N SER F 11 71.76 -25.57 -8.30
CA SER F 11 71.56 -26.40 -9.48
C SER F 11 70.42 -27.41 -9.33
N ALA F 12 69.98 -27.64 -8.10
CA ALA F 12 68.93 -28.58 -7.75
C ALA F 12 68.17 -28.15 -6.51
N CYS F 13 66.98 -28.71 -6.37
CA CYS F 13 66.06 -28.48 -5.27
C CYS F 13 66.19 -29.55 -4.20
N ILE F 14 65.70 -29.25 -3.00
CA ILE F 14 65.67 -30.27 -1.99
C ILE F 14 64.56 -31.26 -2.33
N GLU F 15 64.85 -32.54 -2.17
CA GLU F 15 63.87 -33.59 -2.38
C GLU F 15 62.80 -33.49 -1.31
N VAL F 16 61.55 -33.66 -1.73
CA VAL F 16 60.45 -33.60 -0.79
C VAL F 16 59.72 -34.94 -0.68
N ASP F 17 59.76 -35.50 0.52
CA ASP F 17 59.17 -36.77 0.86
C ASP F 17 57.74 -36.56 1.35
N ILE F 18 56.76 -36.94 0.56
CA ILE F 18 55.38 -36.67 0.93
C ILE F 18 54.83 -37.96 1.55
N GLN F 19 54.54 -37.91 2.84
CA GLN F 19 54.11 -39.09 3.59
C GLN F 19 52.89 -38.80 4.43
N GLN F 20 51.75 -38.73 3.77
CA GLN F 20 50.50 -38.29 4.36
C GLN F 20 50.04 -39.11 5.55
N THR F 21 50.38 -40.38 5.61
CA THR F 21 49.93 -41.19 6.72
C THR F 21 50.41 -40.64 8.06
N PHE F 22 51.56 -39.96 8.10
CA PHE F 22 52.10 -39.45 9.36
C PHE F 22 51.40 -38.20 9.83
N PHE F 23 50.63 -37.59 8.95
CA PHE F 23 49.93 -36.35 9.21
C PHE F 23 48.45 -36.68 9.38
N ASP F 24 48.11 -37.98 9.31
CA ASP F 24 46.72 -38.41 9.37
C ASP F 24 46.27 -38.56 10.81
N LYS F 25 46.08 -37.42 11.44
CA LYS F 25 45.70 -37.36 12.84
C LYS F 25 44.35 -36.72 12.99
N THR F 26 43.68 -36.99 14.09
CA THR F 26 42.40 -36.36 14.34
C THR F 26 42.47 -35.41 15.52
N TRP F 27 42.22 -34.14 15.25
CA TRP F 27 42.23 -33.13 16.31
C TRP F 27 41.41 -31.93 15.86
N PRO F 28 40.09 -32.00 15.82
CA PRO F 28 39.25 -30.94 15.34
C PRO F 28 39.35 -29.81 16.32
N ARG F 29 39.27 -28.58 15.84
CA ARG F 29 39.33 -27.43 16.71
C ARG F 29 38.29 -26.47 16.22
N PRO F 30 37.02 -26.78 16.44
CA PRO F 30 35.90 -26.13 15.83
C PRO F 30 35.64 -24.74 16.30
N ILE F 31 34.94 -24.03 15.45
CA ILE F 31 34.44 -22.73 15.78
C ILE F 31 33.19 -22.78 16.61
N ASP F 32 33.27 -22.11 17.76
CA ASP F 32 32.17 -21.98 18.65
C ASP F 32 31.76 -20.52 18.67
N VAL F 33 30.72 -20.21 17.94
CA VAL F 33 30.32 -18.84 17.74
C VAL F 33 29.70 -18.25 19.01
N SER F 34 29.38 -19.09 20.00
CA SER F 34 28.78 -18.55 21.23
C SER F 34 29.79 -17.71 22.00
N LYS F 35 31.08 -17.85 21.64
CA LYS F 35 32.18 -17.10 22.21
C LYS F 35 32.77 -16.20 21.12
N ALA F 36 32.03 -16.10 20.01
CA ALA F 36 32.32 -15.40 18.77
C ALA F 36 33.59 -15.91 18.08
N ASP F 37 33.86 -17.22 18.13
CA ASP F 37 35.02 -17.71 17.41
C ASP F 37 34.87 -17.52 15.93
N GLY F 38 35.92 -17.06 15.30
CA GLY F 38 35.94 -16.99 13.85
C GLY F 38 35.17 -15.79 13.32
N ILE F 39 34.60 -14.99 14.21
CA ILE F 39 33.81 -13.87 13.79
C ILE F 39 34.73 -12.73 13.38
N ILE F 40 34.48 -12.23 12.18
CA ILE F 40 35.24 -11.14 11.63
C ILE F 40 34.46 -9.90 11.96
N TYR F 41 35.13 -8.93 12.52
CA TYR F 41 34.48 -7.71 12.89
C TYR F 41 33.89 -7.06 11.61
N PRO F 42 32.60 -6.65 11.59
CA PRO F 42 31.96 -5.98 10.46
C PRO F 42 32.70 -4.71 10.10
N GLN F 43 32.91 -4.45 8.82
CA GLN F 43 33.67 -3.27 8.44
C GLN F 43 32.82 -2.07 8.05
N GLY F 44 33.42 -0.88 8.18
CA GLY F 44 32.84 0.39 7.79
C GLY F 44 32.26 1.19 8.95
N ARG F 45 32.05 0.52 10.07
CA ARG F 45 31.51 1.15 11.27
C ARG F 45 31.65 0.31 12.51
N THR F 46 31.40 0.95 13.64
CA THR F 46 31.33 0.29 14.91
C THR F 46 30.12 0.58 15.76
N TYR F 47 29.85 -0.38 16.64
CA TYR F 47 28.78 -0.40 17.62
C TYR F 47 29.30 -0.91 18.93
N SER F 48 28.59 -0.58 20.00
CA SER F 48 28.92 -1.10 21.31
C SER F 48 27.62 -1.23 22.07
N ASN F 49 27.64 -2.02 23.12
CA ASN F 49 26.47 -2.16 23.98
C ASN F 49 25.21 -2.61 23.22
N ILE F 50 25.33 -3.60 22.33
CA ILE F 50 24.15 -3.99 21.55
C ILE F 50 24.17 -5.38 20.93
N THR F 51 23.00 -5.99 20.82
CA THR F 51 22.87 -7.23 20.07
C THR F 51 22.16 -6.94 18.77
N ILE F 52 22.75 -7.35 17.66
CA ILE F 52 22.14 -7.09 16.35
C ILE F 52 22.06 -8.35 15.54
N THR F 53 21.22 -8.35 14.51
CA THR F 53 21.21 -9.48 13.60
C THR F 53 21.80 -8.99 12.28
N TYR F 54 22.82 -9.69 11.79
CA TYR F 54 23.52 -9.29 10.60
C TYR F 54 23.91 -10.41 9.64
N GLN F 55 23.69 -10.15 8.35
CA GLN F 55 24.03 -11.07 7.26
C GLN F 55 25.36 -10.67 6.62
N GLY F 56 26.35 -11.56 6.65
CA GLY F 56 27.69 -11.23 6.13
C GLY F 56 28.63 -12.43 6.10
N LEU F 57 29.92 -12.22 5.84
CA LEU F 57 30.79 -13.39 5.71
C LEU F 57 31.35 -13.88 7.01
N PHE F 58 30.88 -15.05 7.38
CA PHE F 58 31.23 -15.68 8.63
C PHE F 58 31.44 -17.16 8.42
N PRO F 59 32.20 -17.81 9.28
CA PRO F 59 32.33 -19.24 9.36
C PRO F 59 31.06 -19.70 10.02
N TYR F 60 30.74 -20.99 9.97
CA TYR F 60 29.55 -21.46 10.64
C TYR F 60 29.85 -22.26 11.89
N GLN F 61 28.85 -22.32 12.79
CA GLN F 61 28.99 -23.04 14.06
C GLN F 61 29.28 -24.50 13.88
N GLY F 62 30.29 -24.97 14.59
CA GLY F 62 30.64 -26.38 14.54
C GLY F 62 31.62 -26.71 13.44
N ASP F 63 32.07 -25.73 12.65
CA ASP F 63 33.01 -26.10 11.60
C ASP F 63 34.31 -26.45 12.29
N HIS F 64 34.75 -27.70 12.12
CA HIS F 64 35.92 -28.28 12.76
C HIS F 64 37.21 -27.76 12.14
N GLY F 65 37.13 -27.45 10.84
CA GLY F 65 38.24 -26.93 10.06
C GLY F 65 39.08 -28.02 9.41
N ASP F 66 39.67 -27.70 8.26
CA ASP F 66 40.59 -28.61 7.61
C ASP F 66 41.89 -28.52 8.38
N MET F 67 42.44 -29.65 8.84
CA MET F 67 43.65 -29.56 9.65
C MET F 67 44.95 -29.62 8.85
N TYR F 68 45.77 -28.60 9.04
CA TYR F 68 47.02 -28.50 8.35
C TYR F 68 48.21 -28.69 9.25
N VAL F 69 48.91 -29.77 9.00
CA VAL F 69 50.01 -30.17 9.82
C VAL F 69 51.38 -29.94 9.16
N TYR F 70 52.23 -29.15 9.83
CA TYR F 70 53.60 -28.86 9.37
C TYR F 70 54.54 -29.70 10.22
N SER F 71 55.67 -30.12 9.66
CA SER F 71 56.52 -31.04 10.43
C SER F 71 58.02 -30.96 10.22
N ALA F 72 58.74 -31.62 11.11
CA ALA F 72 60.18 -31.72 11.00
C ALA F 72 60.51 -32.57 9.80
N GLY F 73 61.61 -32.24 9.16
CA GLY F 73 62.09 -33.00 8.04
C GLY F 73 62.89 -34.18 8.54
N HIS F 74 63.48 -34.90 7.61
CA HIS F 74 64.28 -36.06 7.90
C HIS F 74 65.59 -35.59 8.44
N ALA F 75 66.22 -36.40 9.27
CA ALA F 75 67.53 -36.07 9.82
C ALA F 75 68.28 -37.32 10.23
N THR F 76 69.61 -37.19 10.26
CA THR F 76 70.53 -38.27 10.64
C THR F 76 70.79 -38.24 12.13
N GLY F 77 70.32 -37.16 12.75
CA GLY F 77 70.52 -36.88 14.15
C GLY F 77 71.65 -35.89 14.37
N THR F 78 72.45 -35.67 13.33
CA THR F 78 73.55 -34.72 13.39
C THR F 78 73.24 -33.61 12.41
N THR F 79 72.75 -33.99 11.23
CA THR F 79 72.40 -33.01 10.21
C THR F 79 70.99 -33.34 9.70
N PRO F 80 70.25 -32.34 9.17
CA PRO F 80 68.98 -32.48 8.49
C PRO F 80 69.21 -33.18 7.16
N GLN F 81 68.18 -33.83 6.63
CA GLN F 81 68.25 -34.47 5.31
C GLN F 81 67.19 -33.89 4.35
N LYS F 82 66.17 -34.70 4.04
CA LYS F 82 65.09 -34.36 3.11
C LYS F 82 63.90 -33.71 3.78
N LEU F 83 63.03 -33.07 3.01
CA LEU F 83 61.85 -32.49 3.64
C LEU F 83 60.82 -33.56 3.82
N PHE F 84 59.99 -33.39 4.84
CA PHE F 84 58.92 -34.34 5.14
C PHE F 84 57.61 -33.58 5.24
N VAL F 85 56.73 -33.81 4.28
CA VAL F 85 55.49 -33.03 4.21
C VAL F 85 54.20 -33.83 4.02
N ALA F 86 53.10 -33.15 4.29
CA ALA F 86 51.76 -33.60 3.97
C ALA F 86 51.46 -33.24 2.53
N ASN F 87 50.52 -33.92 1.89
CA ASN F 87 50.19 -33.60 0.49
C ASN F 87 49.22 -32.43 0.39
N TYR F 88 49.73 -31.26 0.73
CA TYR F 88 48.92 -30.04 0.76
C TYR F 88 48.94 -29.16 -0.48
N SER F 89 50.00 -29.21 -1.27
CA SER F 89 50.11 -28.28 -2.41
C SER F 89 49.07 -28.52 -3.49
N GLN F 90 48.62 -29.77 -3.57
CA GLN F 90 47.66 -30.19 -4.56
C GLN F 90 46.24 -30.07 -3.99
N ASP F 91 46.12 -29.67 -2.73
CA ASP F 91 44.80 -29.63 -2.11
C ASP F 91 44.16 -28.31 -2.45
N VAL F 92 43.72 -28.20 -3.70
CA VAL F 92 43.17 -26.96 -4.19
C VAL F 92 41.69 -26.85 -3.91
N LYS F 93 41.35 -25.78 -3.22
CA LYS F 93 40.02 -25.46 -2.79
C LYS F 93 39.50 -24.21 -3.46
N GLN F 94 38.17 -24.08 -3.53
CA GLN F 94 37.57 -22.88 -4.06
C GLN F 94 37.70 -21.73 -3.09
N PHE F 95 38.16 -20.59 -3.59
CA PHE F 95 38.29 -19.37 -2.79
C PHE F 95 36.95 -18.73 -2.54
N ALA F 96 36.18 -18.55 -3.59
CA ALA F 96 34.87 -17.93 -3.49
C ALA F 96 34.96 -16.58 -2.79
N ASN F 97 34.34 -16.46 -1.61
CA ASN F 97 34.32 -15.20 -0.91
C ASN F 97 35.37 -15.14 0.17
N GLY F 98 36.24 -16.14 0.23
CA GLY F 98 37.26 -16.15 1.24
C GLY F 98 37.10 -17.26 2.27
N PHE F 99 38.02 -17.24 3.19
CA PHE F 99 38.14 -18.24 4.23
C PHE F 99 38.89 -17.71 5.43
N VAL F 100 38.82 -18.44 6.53
CA VAL F 100 39.55 -18.06 7.73
C VAL F 100 40.38 -19.18 8.27
N VAL F 101 41.39 -18.82 9.01
CA VAL F 101 42.23 -19.79 9.64
C VAL F 101 42.49 -19.56 11.13
N ARG F 102 42.46 -20.66 11.86
CA ARG F 102 42.82 -20.69 13.27
C ARG F 102 44.27 -21.09 13.34
N ILE F 103 45.09 -20.24 13.94
CA ILE F 103 46.51 -20.48 14.00
C ILE F 103 47.01 -20.73 15.42
N GLY F 104 47.78 -21.81 15.59
CA GLY F 104 48.34 -22.13 16.91
C GLY F 104 47.36 -22.79 17.86
N ALA F 105 46.37 -23.52 17.35
CA ALA F 105 45.35 -24.12 18.20
C ALA F 105 45.90 -25.04 19.28
N ALA F 106 46.96 -25.76 18.96
CA ALA F 106 47.58 -26.71 19.87
C ALA F 106 48.77 -26.10 20.61
N ALA F 107 49.02 -24.81 20.44
CA ALA F 107 50.21 -24.22 21.04
C ALA F 107 50.17 -24.43 22.55
N ASN F 108 51.35 -24.70 23.09
CA ASN F 108 51.67 -24.97 24.50
C ASN F 108 51.24 -26.36 24.95
N SER F 109 50.61 -27.14 24.10
CA SER F 109 50.28 -28.49 24.48
C SER F 109 51.47 -29.32 24.08
N THR F 110 51.52 -30.58 24.49
CA THR F 110 52.62 -31.46 24.12
C THR F 110 52.08 -32.58 23.25
N GLY F 111 52.77 -32.90 22.19
CA GLY F 111 52.29 -33.96 21.32
C GLY F 111 53.29 -34.36 20.26
N THR F 112 52.83 -35.21 19.36
CA THR F 112 53.72 -35.82 18.37
C THR F 112 54.47 -34.85 17.49
N VAL F 113 55.70 -35.27 17.16
CA VAL F 113 56.57 -34.50 16.28
C VAL F 113 56.35 -34.92 14.82
N ILE F 114 55.34 -35.77 14.62
CA ILE F 114 54.80 -36.21 13.33
C ILE F 114 55.68 -37.18 12.56
N ILE F 115 56.90 -36.78 12.25
CA ILE F 115 57.84 -37.62 11.51
C ILE F 115 58.21 -38.88 12.27
N SER F 116 58.20 -38.80 13.59
CA SER F 116 58.49 -39.91 14.46
C SER F 116 57.38 -39.96 15.49
N PRO F 117 56.28 -40.70 15.24
CA PRO F 117 55.06 -40.78 16.02
C PRO F 117 55.23 -41.08 17.51
N SER F 118 56.29 -41.81 17.89
CA SER F 118 56.54 -42.13 19.28
C SER F 118 57.20 -40.99 20.05
N THR F 119 57.63 -39.97 19.34
CA THR F 119 58.33 -38.83 19.91
C THR F 119 57.38 -37.65 20.01
N SER F 120 57.38 -37.02 21.18
CA SER F 120 56.56 -35.85 21.43
C SER F 120 57.40 -34.66 21.85
N ALA F 121 56.84 -33.48 21.66
CA ALA F 121 57.49 -32.23 22.02
C ALA F 121 56.48 -31.14 22.28
N THR F 122 56.91 -30.08 22.96
CA THR F 122 56.01 -28.96 23.17
C THR F 122 55.68 -28.38 21.81
N ILE F 123 54.41 -28.15 21.61
CA ILE F 123 53.87 -27.63 20.37
C ILE F 123 53.97 -26.12 20.22
N ARG F 124 54.53 -25.72 19.07
CA ARG F 124 54.72 -24.31 18.73
C ARG F 124 53.79 -23.77 17.64
N LYS F 125 53.43 -22.50 17.74
CA LYS F 125 52.66 -21.85 16.69
C LYS F 125 53.52 -21.58 15.46
N ILE F 126 52.99 -21.96 14.30
CA ILE F 126 53.65 -21.73 13.04
C ILE F 126 52.66 -21.09 12.09
N TYR F 127 53.11 -20.10 11.34
CA TYR F 127 52.18 -19.45 10.45
C TYR F 127 52.05 -20.21 9.15
N PRO F 128 50.83 -20.32 8.59
CA PRO F 128 50.49 -21.02 7.38
C PRO F 128 50.99 -20.36 6.12
N ALA F 129 51.31 -21.17 5.13
CA ALA F 129 51.69 -20.66 3.83
C ALA F 129 50.65 -21.08 2.80
N PHE F 130 50.30 -20.15 1.92
CA PHE F 130 49.29 -20.39 0.88
C PHE F 130 49.70 -19.99 -0.52
N MET F 131 49.14 -20.71 -1.49
CA MET F 131 49.28 -20.31 -2.87
C MET F 131 47.88 -20.13 -3.44
N LEU F 132 47.62 -18.94 -4.00
CA LEU F 132 46.30 -18.58 -4.50
C LEU F 132 46.29 -18.03 -5.93
N GLY F 133 45.21 -18.25 -6.66
CA GLY F 133 45.10 -17.62 -7.97
C GLY F 133 43.77 -17.83 -8.68
N SER F 134 43.67 -17.22 -9.87
CA SER F 134 42.47 -17.26 -10.72
C SER F 134 42.37 -18.49 -11.60
N SER F 135 43.48 -19.20 -11.77
CA SER F 135 43.48 -20.39 -12.63
C SER F 135 44.51 -21.39 -12.21
N VAL F 136 44.12 -22.67 -12.26
CA VAL F 136 44.99 -23.78 -11.93
C VAL F 136 45.00 -24.87 -12.99
N GLY F 137 46.02 -25.72 -12.95
CA GLY F 137 46.13 -26.84 -13.86
C GLY F 137 47.28 -27.77 -13.50
N ASN F 138 47.72 -28.55 -14.48
CA ASN F 138 48.79 -29.53 -14.21
C ASN F 138 50.16 -28.97 -14.57
N PHE F 139 51.16 -29.63 -13.99
CA PHE F 139 52.57 -29.45 -14.23
C PHE F 139 52.98 -30.33 -15.40
N SER F 140 54.14 -30.04 -15.98
CA SER F 140 54.62 -30.78 -17.15
C SER F 140 54.88 -32.26 -16.91
N ASP F 141 55.04 -32.70 -15.65
CA ASP F 141 55.24 -34.10 -15.34
C ASP F 141 53.95 -34.77 -14.87
N GLY F 142 52.82 -34.07 -14.97
CA GLY F 142 51.54 -34.59 -14.54
C GLY F 142 51.13 -34.28 -13.10
N LYS F 143 51.86 -33.42 -12.36
CA LYS F 143 51.41 -33.16 -10.99
C LYS F 143 50.34 -32.07 -11.00
N MET F 144 49.50 -32.06 -9.99
CA MET F 144 48.41 -31.09 -9.89
C MET F 144 48.79 -29.85 -9.09
N GLY F 145 47.95 -28.82 -9.15
CA GLY F 145 48.16 -27.63 -8.32
C GLY F 145 49.01 -26.54 -8.95
N ARG F 146 49.15 -26.55 -10.26
CA ARG F 146 49.93 -25.51 -10.89
C ARG F 146 49.06 -24.28 -10.97
N PHE F 147 49.59 -23.14 -10.59
CA PHE F 147 48.85 -21.89 -10.73
C PHE F 147 49.40 -21.16 -11.92
N PHE F 148 48.52 -20.45 -12.61
CA PHE F 148 48.97 -19.75 -13.80
C PHE F 148 49.17 -18.28 -13.66
N ASN F 149 50.12 -17.78 -14.47
CA ASN F 149 50.47 -16.38 -14.56
C ASN F 149 50.87 -15.84 -13.21
N HIS F 150 50.31 -14.71 -12.81
CA HIS F 150 50.71 -14.23 -11.51
C HIS F 150 49.92 -14.97 -10.46
N THR F 151 50.66 -15.52 -9.53
CA THR F 151 50.13 -16.29 -8.44
C THR F 151 50.41 -15.56 -7.16
N LEU F 152 49.41 -15.54 -6.28
CA LEU F 152 49.55 -14.91 -4.99
C LEU F 152 50.09 -15.88 -4.01
N VAL F 153 51.18 -15.51 -3.41
CA VAL F 153 51.79 -16.37 -2.46
C VAL F 153 51.87 -15.69 -1.12
N LEU F 154 51.38 -16.39 -0.11
CA LEU F 154 51.44 -15.91 1.24
C LEU F 154 52.43 -16.80 1.94
N LEU F 155 53.63 -16.27 2.14
CA LEU F 155 54.70 -17.09 2.66
C LEU F 155 55.36 -16.50 3.91
N PRO F 156 55.01 -16.97 5.10
CA PRO F 156 55.61 -16.54 6.34
C PRO F 156 57.06 -16.90 6.25
N ASP F 157 57.90 -16.09 6.86
CA ASP F 157 59.32 -16.32 6.87
C ASP F 157 59.91 -15.88 8.20
N GLY F 158 61.22 -16.05 8.34
CA GLY F 158 61.91 -15.61 9.54
C GLY F 158 61.48 -16.41 10.74
N CYS F 159 61.18 -17.67 10.54
CA CYS F 159 60.70 -18.54 11.61
C CYS F 159 59.42 -17.99 12.22
N GLY F 160 58.52 -17.46 11.37
CA GLY F 160 57.24 -16.92 11.83
C GLY F 160 57.28 -15.47 12.31
N THR F 161 58.27 -14.68 11.87
CA THR F 161 58.36 -13.28 12.31
C THR F 161 58.03 -12.23 11.24
N LEU F 162 57.85 -12.68 10.00
CA LEU F 162 57.41 -11.79 8.94
C LEU F 162 56.50 -12.51 7.96
N LEU F 163 55.55 -11.80 7.38
CA LEU F 163 54.75 -12.37 6.31
C LEU F 163 55.12 -11.79 4.98
N ARG F 164 55.48 -12.65 4.02
CA ARG F 164 55.76 -12.14 2.70
C ARG F 164 54.59 -12.38 1.79
N ALA F 165 53.94 -11.30 1.39
CA ALA F 165 52.79 -11.41 0.51
C ALA F 165 53.24 -10.95 -0.86
N PHE F 166 53.18 -11.82 -1.85
CA PHE F 166 53.66 -11.38 -3.16
C PHE F 166 52.91 -11.94 -4.32
N TYR F 167 53.01 -11.24 -5.43
CA TYR F 167 52.32 -11.66 -6.63
C TYR F 167 53.28 -11.57 -7.78
N CYS F 168 53.67 -12.77 -8.22
CA CYS F 168 54.70 -12.96 -9.24
C CYS F 168 54.34 -14.10 -10.17
N ILE F 169 54.97 -14.14 -11.31
CA ILE F 169 54.82 -15.27 -12.17
C ILE F 169 55.83 -16.25 -11.62
N LEU F 170 55.39 -17.47 -11.40
CA LEU F 170 56.29 -18.45 -10.85
C LEU F 170 56.84 -19.28 -11.98
N GLU F 171 58.12 -19.14 -12.21
CA GLU F 171 58.78 -19.81 -13.31
C GLU F 171 59.51 -21.04 -12.79
N PRO F 172 59.02 -22.25 -13.03
CA PRO F 172 59.56 -23.44 -12.44
C PRO F 172 60.96 -23.69 -12.92
N ARG F 173 61.79 -24.09 -12.00
CA ARG F 173 63.17 -24.43 -12.26
C ARG F 173 63.23 -25.88 -12.71
N SER F 174 64.21 -26.18 -13.56
CA SER F 174 64.40 -27.51 -14.18
C SER F 174 65.37 -28.48 -13.52
N GLY F 175 65.97 -28.09 -12.41
CA GLY F 175 66.98 -28.93 -11.77
C GLY F 175 66.39 -30.12 -11.04
N ASN F 176 67.25 -30.94 -10.45
CA ASN F 176 66.78 -32.16 -9.81
C ASN F 176 65.78 -31.80 -8.71
N HIS F 177 64.63 -32.48 -8.71
CA HIS F 177 63.51 -32.33 -7.76
C HIS F 177 62.82 -30.96 -7.82
N CYS F 178 63.01 -30.23 -8.89
CA CYS F 178 62.36 -28.94 -9.09
C CYS F 178 61.13 -29.21 -9.96
N PRO F 179 60.12 -28.33 -10.03
CA PRO F 179 58.88 -28.57 -10.75
C PRO F 179 59.03 -28.86 -12.25
N ALA F 180 60.14 -28.47 -12.88
CA ALA F 180 60.30 -28.76 -14.30
C ALA F 180 61.47 -29.73 -14.52
N GLY F 181 61.88 -30.45 -13.48
CA GLY F 181 63.00 -31.38 -13.58
C GLY F 181 62.71 -32.83 -13.18
N ASN F 182 63.81 -33.56 -12.92
CA ASN F 182 63.83 -34.97 -12.53
C ASN F 182 63.27 -35.27 -11.15
N SER F 183 62.49 -36.34 -11.03
CA SER F 183 61.99 -36.80 -9.72
C SER F 183 61.31 -35.74 -8.85
N TYR F 184 60.39 -34.99 -9.44
CA TYR F 184 59.62 -34.00 -8.72
C TYR F 184 58.38 -34.63 -8.12
N THR F 185 58.11 -34.28 -6.87
CA THR F 185 56.96 -34.74 -6.11
C THR F 185 56.08 -33.51 -5.90
N SER F 186 56.44 -32.71 -4.93
CA SER F 186 55.80 -31.44 -4.66
C SER F 186 56.82 -30.50 -4.16
N PHE F 187 56.75 -29.28 -4.61
CA PHE F 187 57.67 -28.33 -4.06
C PHE F 187 57.19 -28.15 -2.66
N ALA F 188 58.09 -27.78 -1.77
CA ALA F 188 57.69 -27.45 -0.43
C ALA F 188 58.67 -26.45 0.06
N THR F 189 58.24 -25.58 0.94
CA THR F 189 59.15 -24.63 1.50
C THR F 189 59.74 -25.15 2.77
N TYR F 190 60.82 -24.52 3.18
CA TYR F 190 61.46 -24.93 4.39
C TYR F 190 62.31 -23.85 5.00
N HIS F 191 62.65 -24.09 6.23
CA HIS F 191 63.64 -23.28 6.92
C HIS F 191 64.46 -24.27 7.71
N THR F 192 65.66 -23.87 8.10
CA THR F 192 66.60 -24.69 8.84
C THR F 192 66.94 -24.03 10.15
N PRO F 193 66.19 -24.25 11.24
CA PRO F 193 66.29 -23.57 12.52
C PRO F 193 67.69 -23.51 13.06
N ALA F 194 68.49 -24.54 12.77
CA ALA F 194 69.86 -24.57 13.25
C ALA F 194 70.62 -23.32 12.82
N THR F 195 70.33 -22.77 11.64
CA THR F 195 71.00 -21.57 11.19
C THR F 195 70.02 -20.42 11.03
N ASP F 196 68.75 -20.74 10.82
CA ASP F 196 67.74 -19.74 10.50
C ASP F 196 67.00 -19.13 11.66
N CYS F 197 67.00 -19.77 12.82
CA CYS F 197 66.23 -19.21 13.91
C CYS F 197 67.15 -18.75 15.02
N SER F 198 68.33 -18.24 14.67
CA SER F 198 69.28 -17.76 15.64
C SER F 198 68.71 -16.57 16.39
N ASP F 199 68.79 -16.59 17.72
CA ASP F 199 68.19 -15.53 18.52
C ASP F 199 68.84 -14.18 18.25
N GLY F 200 68.03 -13.23 17.81
CA GLY F 200 68.47 -11.88 17.47
C GLY F 200 68.79 -11.74 15.98
N ASN F 201 68.82 -12.85 15.26
CA ASN F 201 69.14 -12.84 13.85
C ASN F 201 68.44 -13.94 13.09
N TYR F 202 67.14 -13.84 12.93
CA TYR F 202 66.45 -14.88 12.21
C TYR F 202 66.71 -14.67 10.74
N ASN F 203 66.74 -15.76 10.01
CA ASN F 203 66.92 -15.65 8.60
C ASN F 203 65.61 -15.31 8.01
N ARG F 204 65.44 -14.03 7.77
CA ARG F 204 64.21 -13.46 7.30
C ARG F 204 63.88 -13.87 5.89
N ASN F 205 64.85 -14.48 5.21
CA ASN F 205 64.65 -14.95 3.84
C ASN F 205 64.74 -16.45 3.74
N ALA F 206 64.69 -17.19 4.86
CA ALA F 206 64.86 -18.64 4.75
C ALA F 206 63.79 -19.34 3.94
N SER F 207 62.53 -18.97 4.14
CA SER F 207 61.46 -19.65 3.41
C SER F 207 61.34 -19.05 2.03
N LEU F 208 61.71 -17.77 1.87
CA LEU F 208 61.65 -17.19 0.54
C LEU F 208 62.69 -17.85 -0.32
N ASN F 209 63.87 -18.05 0.25
CA ASN F 209 64.95 -18.62 -0.51
C ASN F 209 64.66 -20.05 -0.87
N SER F 210 64.01 -20.82 0.02
CA SER F 210 63.69 -22.18 -0.37
C SER F 210 62.62 -22.20 -1.45
N PHE F 211 61.68 -21.26 -1.39
CA PHE F 211 60.64 -21.19 -2.39
C PHE F 211 61.29 -20.99 -3.75
N LYS F 212 62.25 -20.05 -3.79
CA LYS F 212 63.01 -19.68 -4.96
C LYS F 212 63.84 -20.82 -5.56
N GLU F 213 64.02 -21.92 -4.83
CA GLU F 213 64.76 -23.04 -5.37
C GLU F 213 63.91 -23.73 -6.41
N TYR F 214 62.58 -23.69 -6.21
CA TYR F 214 61.66 -24.37 -7.10
C TYR F 214 61.15 -23.44 -8.19
N PHE F 215 60.94 -22.17 -7.84
CA PHE F 215 60.43 -21.22 -8.83
C PHE F 215 61.19 -19.91 -8.84
N ASN F 216 61.41 -19.36 -10.02
CA ASN F 216 62.00 -18.05 -10.07
C ASN F 216 60.86 -17.06 -9.95
N LEU F 217 61.11 -15.89 -9.40
CA LEU F 217 60.07 -14.89 -9.31
C LEU F 217 60.18 -13.89 -10.44
N ARG F 218 59.14 -13.84 -11.25
CA ARG F 218 59.16 -13.00 -12.42
C ARG F 218 58.02 -12.03 -12.57
N ASN F 219 58.34 -10.88 -13.10
CA ASN F 219 57.35 -9.87 -13.39
C ASN F 219 56.48 -9.61 -12.16
N CYS F 220 57.14 -9.47 -11.02
CA CYS F 220 56.41 -9.29 -9.81
C CYS F 220 55.71 -7.97 -9.84
N THR F 221 54.45 -7.97 -9.38
CA THR F 221 53.75 -6.71 -9.38
C THR F 221 53.87 -6.16 -7.98
N PHE F 222 54.06 -7.07 -7.03
CA PHE F 222 54.26 -6.63 -5.67
C PHE F 222 54.91 -7.68 -4.80
N MET F 223 55.44 -7.18 -3.70
CA MET F 223 55.91 -7.96 -2.59
C MET F 223 55.88 -7.06 -1.37
N TYR F 224 55.09 -7.44 -0.39
CA TYR F 224 54.96 -6.65 0.83
C TYR F 224 55.33 -7.49 2.01
N THR F 225 55.93 -6.84 2.99
CA THR F 225 56.30 -7.56 4.19
C THR F 225 55.55 -6.98 5.36
N TYR F 226 55.04 -7.87 6.20
CA TYR F 226 54.38 -7.44 7.41
C TYR F 226 55.15 -8.08 8.56
N ASN F 227 55.30 -7.40 9.68
CA ASN F 227 55.99 -8.06 10.79
C ASN F 227 55.03 -8.77 11.70
N ILE F 228 55.49 -9.86 12.31
CA ILE F 228 54.72 -10.65 13.22
C ILE F 228 55.39 -10.69 14.59
N THR F 229 54.68 -10.33 15.65
CA THR F 229 55.27 -10.44 16.98
C THR F 229 55.28 -11.92 17.29
N GLU F 230 56.40 -12.45 17.77
CA GLU F 230 56.43 -13.88 18.06
C GLU F 230 55.83 -14.17 19.42
N ASP F 231 54.83 -15.04 19.43
CA ASP F 231 54.15 -15.46 20.64
C ASP F 231 53.48 -16.80 20.34
N GLU F 232 52.82 -17.37 21.35
CA GLU F 232 52.10 -18.65 21.21
C GLU F 232 50.60 -18.48 21.42
N ILE F 233 50.12 -17.26 21.23
CA ILE F 233 48.72 -16.85 21.47
C ILE F 233 47.75 -17.36 20.40
N LEU F 234 46.61 -17.91 20.83
CA LEU F 234 45.68 -18.41 19.81
C LEU F 234 45.29 -17.25 18.91
N GLU F 235 45.42 -17.45 17.60
CA GLU F 235 45.17 -16.35 16.69
C GLU F 235 44.22 -16.60 15.53
N TRP F 236 43.35 -15.62 15.30
CA TRP F 236 42.50 -15.63 14.13
C TRP F 236 43.15 -14.82 13.01
N PHE F 237 43.12 -15.37 11.80
CA PHE F 237 43.66 -14.73 10.60
C PHE F 237 42.75 -15.14 9.45
N GLY F 238 42.61 -14.32 8.42
CA GLY F 238 41.80 -14.76 7.28
C GLY F 238 41.88 -13.88 6.05
N ILE F 239 41.18 -14.30 4.99
CA ILE F 239 41.25 -13.59 3.72
C ILE F 239 39.94 -13.53 2.94
N THR F 240 39.68 -12.38 2.31
CA THR F 240 38.52 -12.24 1.42
C THR F 240 38.92 -11.45 0.16
N GLN F 241 38.12 -11.52 -0.90
CA GLN F 241 38.41 -10.69 -2.07
C GLN F 241 37.19 -9.94 -2.50
N THR F 242 37.39 -8.68 -2.78
CA THR F 242 36.36 -7.73 -3.17
C THR F 242 36.81 -6.99 -4.40
N ALA F 243 35.96 -6.11 -4.90
CA ALA F 243 36.27 -5.28 -6.05
C ALA F 243 37.45 -4.33 -5.79
N GLN F 244 37.77 -4.09 -4.52
CA GLN F 244 38.85 -3.18 -4.17
C GLN F 244 40.20 -3.88 -3.96
N GLY F 245 40.23 -5.22 -4.01
CA GLY F 245 41.47 -5.97 -3.77
C GLY F 245 41.30 -7.17 -2.84
N VAL F 246 42.41 -7.68 -2.34
CA VAL F 246 42.40 -8.85 -1.45
C VAL F 246 42.68 -8.41 -0.03
N HIS F 247 41.74 -8.72 0.82
CA HIS F 247 41.79 -8.23 2.18
C HIS F 247 42.35 -9.26 3.14
N LEU F 248 43.43 -8.89 3.85
CA LEU F 248 44.09 -9.74 4.82
C LEU F 248 43.66 -9.29 6.20
N PHE F 249 43.12 -10.22 6.95
CA PHE F 249 42.55 -9.95 8.25
C PHE F 249 43.25 -10.70 9.36
N SER F 250 43.29 -10.10 10.53
CA SER F 250 43.85 -10.77 11.69
C SER F 250 43.33 -10.21 13.00
N SER F 251 43.35 -11.02 14.04
CA SER F 251 43.06 -10.56 15.39
C SER F 251 44.33 -10.02 16.04
N ARG F 252 45.47 -10.32 15.41
CA ARG F 252 46.81 -10.02 15.91
C ARG F 252 47.12 -8.56 16.23
N TYR F 253 46.56 -7.62 15.49
CA TYR F 253 46.91 -6.22 15.73
C TYR F 253 45.85 -5.44 16.52
N VAL F 254 44.60 -5.92 16.54
CA VAL F 254 43.51 -5.20 17.18
C VAL F 254 42.94 -5.93 18.42
N ASP F 255 42.89 -7.28 18.39
CA ASP F 255 42.28 -8.05 19.45
C ASP F 255 43.12 -9.28 19.74
N LEU F 256 44.40 -9.07 20.05
CA LEU F 256 45.34 -10.18 20.22
C LEU F 256 44.94 -11.17 21.27
N TYR F 257 44.32 -10.72 22.34
CA TYR F 257 44.02 -11.63 23.43
C TYR F 257 42.53 -11.99 23.45
N GLY F 258 41.83 -11.62 22.39
CA GLY F 258 40.39 -11.83 22.23
C GLY F 258 40.05 -12.78 21.09
N GLY F 259 40.39 -12.38 19.86
CA GLY F 259 40.07 -13.16 18.67
C GLY F 259 39.18 -12.49 17.62
N ASN F 260 38.59 -11.31 17.85
CA ASN F 260 37.80 -10.73 16.75
C ASN F 260 38.76 -10.42 15.63
N MET F 261 38.41 -10.81 14.43
CA MET F 261 39.37 -10.58 13.38
C MET F 261 39.12 -9.20 12.74
N PHE F 262 40.17 -8.43 12.45
CA PHE F 262 40.04 -7.12 11.81
C PHE F 262 40.91 -7.01 10.57
N GLN F 263 40.54 -6.18 9.61
CA GLN F 263 41.42 -6.10 8.46
C GLN F 263 42.70 -5.37 8.82
N PHE F 264 43.87 -5.88 8.38
CA PHE F 264 45.12 -5.15 8.65
C PHE F 264 45.84 -4.73 7.36
N ALA F 265 45.53 -5.37 6.24
CA ALA F 265 46.22 -5.05 4.97
C ALA F 265 45.36 -5.40 3.77
N THR F 266 45.58 -4.70 2.64
CA THR F 266 44.90 -5.07 1.39
C THR F 266 45.95 -5.22 0.28
N LEU F 267 45.88 -6.32 -0.46
CA LEU F 267 46.82 -6.56 -1.55
C LEU F 267 46.15 -6.18 -2.87
N PRO F 268 46.88 -5.60 -3.84
CA PRO F 268 46.38 -5.18 -5.14
C PRO F 268 46.23 -6.32 -6.14
N VAL F 269 45.38 -7.28 -5.81
CA VAL F 269 45.10 -8.41 -6.66
C VAL F 269 43.67 -8.26 -7.14
N TYR F 270 43.51 -7.98 -8.43
CA TYR F 270 42.19 -7.71 -8.98
C TYR F 270 41.68 -8.82 -9.88
N ASP F 271 42.46 -9.88 -9.95
CA ASP F 271 42.13 -11.05 -10.72
C ASP F 271 41.44 -11.97 -9.73
N THR F 272 40.16 -12.22 -9.92
CA THR F 272 39.40 -12.96 -8.93
C THR F 272 40.08 -14.26 -8.60
N ILE F 273 40.28 -14.48 -7.31
CA ILE F 273 40.90 -15.69 -6.85
C ILE F 273 39.84 -16.73 -6.89
N LYS F 274 40.12 -17.83 -7.53
CA LYS F 274 39.13 -18.85 -7.65
C LYS F 274 39.58 -20.07 -6.92
N TYR F 275 40.89 -20.24 -6.85
CA TYR F 275 41.51 -21.43 -6.28
C TYR F 275 42.60 -21.13 -5.27
N TYR F 276 42.75 -21.99 -4.28
CA TYR F 276 43.90 -21.88 -3.39
C TYR F 276 44.33 -23.21 -2.80
N SER F 277 45.58 -23.31 -2.36
CA SER F 277 46.04 -24.49 -1.65
C SER F 277 47.09 -24.16 -0.61
N ILE F 278 47.25 -25.05 0.34
CA ILE F 278 48.27 -24.89 1.34
C ILE F 278 49.62 -25.30 0.88
N ILE F 279 50.58 -24.44 1.13
CA ILE F 279 51.92 -24.75 0.78
C ILE F 279 52.45 -25.71 1.86
N PRO F 280 52.98 -26.89 1.51
CA PRO F 280 53.52 -27.85 2.42
C PRO F 280 54.77 -27.23 3.00
N HIS F 281 55.12 -27.60 4.20
CA HIS F 281 56.29 -26.99 4.81
C HIS F 281 56.95 -27.96 5.74
N SER F 282 58.26 -27.91 5.71
CA SER F 282 59.05 -28.76 6.53
C SER F 282 60.22 -28.03 7.13
N ILE F 283 60.51 -28.41 8.35
CA ILE F 283 61.56 -27.78 9.09
C ILE F 283 62.83 -28.64 9.12
N ARG F 284 63.94 -28.08 8.64
CA ARG F 284 65.16 -28.87 8.58
C ARG F 284 65.94 -28.82 9.88
N SER F 285 65.33 -29.41 10.87
CA SER F 285 65.83 -29.54 12.22
C SER F 285 66.51 -30.89 12.31
N ILE F 286 67.15 -31.13 13.44
CA ILE F 286 67.79 -32.41 13.68
C ILE F 286 67.01 -33.15 14.75
N GLN F 287 67.28 -34.42 14.97
CA GLN F 287 66.45 -35.21 15.87
C GLN F 287 66.42 -34.61 17.29
N SER F 288 67.56 -34.10 17.73
CA SER F 288 67.73 -33.49 19.06
C SER F 288 67.09 -32.10 19.14
N ASP F 289 66.67 -31.58 18.01
CA ASP F 289 66.06 -30.27 17.86
C ASP F 289 64.73 -30.45 17.16
N ARG F 290 64.13 -31.63 17.30
CA ARG F 290 62.87 -31.90 16.65
C ARG F 290 61.70 -31.49 17.54
N LYS F 291 60.99 -30.48 17.06
CA LYS F 291 59.87 -29.84 17.75
C LYS F 291 58.54 -30.35 17.24
N ALA F 292 57.48 -30.02 17.95
CA ALA F 292 56.14 -30.32 17.50
C ALA F 292 55.51 -29.01 17.07
N TRP F 293 54.64 -29.04 16.07
CA TRP F 293 54.00 -27.80 15.63
C TRP F 293 52.52 -27.91 15.69
N ALA F 294 51.89 -26.78 16.01
CA ALA F 294 50.46 -26.73 16.06
C ALA F 294 49.93 -26.79 14.67
N ALA F 295 48.85 -27.50 14.47
CA ALA F 295 48.21 -27.51 13.18
C ALA F 295 47.39 -26.26 13.06
N PHE F 296 47.18 -25.81 11.85
CA PHE F 296 46.29 -24.68 11.67
C PHE F 296 45.03 -25.20 11.05
N TYR F 297 43.95 -24.49 11.25
CA TYR F 297 42.70 -24.99 10.72
C TYR F 297 42.06 -24.02 9.81
N VAL F 298 41.60 -24.51 8.67
CA VAL F 298 40.96 -23.60 7.72
C VAL F 298 39.48 -23.89 7.61
N TYR F 299 38.72 -22.84 7.76
CA TYR F 299 37.28 -22.90 7.78
C TYR F 299 36.85 -21.98 6.66
N LYS F 300 35.75 -22.25 6.00
CA LYS F 300 35.32 -21.36 4.92
C LYS F 300 34.41 -20.24 5.39
N LEU F 301 34.39 -19.13 4.66
CA LEU F 301 33.44 -18.07 4.94
C LEU F 301 32.30 -18.13 3.98
N GLN F 302 31.13 -17.75 4.44
CA GLN F 302 30.00 -17.69 3.55
C GLN F 302 29.02 -16.65 4.10
N PRO F 303 28.08 -16.11 3.30
CA PRO F 303 27.09 -15.15 3.74
C PRO F 303 26.05 -15.79 4.66
N LEU F 304 26.21 -15.53 5.94
CA LEU F 304 25.40 -16.11 6.99
C LEU F 304 24.79 -15.06 7.86
N THR F 305 23.61 -15.34 8.40
CA THR F 305 23.03 -14.44 9.36
C THR F 305 23.32 -14.89 10.78
N PHE F 306 23.90 -13.94 11.50
CA PHE F 306 24.23 -14.09 12.89
C PHE F 306 23.70 -13.04 13.81
N LEU F 307 23.46 -13.45 15.02
CA LEU F 307 23.20 -12.44 16.02
C LEU F 307 24.57 -12.14 16.55
N LEU F 308 24.92 -10.87 16.64
CA LEU F 308 26.24 -10.48 17.13
C LEU F 308 26.11 -9.62 18.38
N ASP F 309 26.67 -10.10 19.49
CA ASP F 309 26.62 -9.40 20.77
C ASP F 309 27.85 -8.54 21.05
N PHE F 310 27.67 -7.22 20.93
CA PHE F 310 28.73 -6.23 21.10
C PHE F 310 28.76 -5.71 22.53
N SER F 311 29.90 -5.87 23.17
CA SER F 311 30.07 -5.45 24.55
C SER F 311 30.29 -3.94 24.53
N VAL F 312 30.47 -3.35 25.69
CA VAL F 312 30.67 -1.91 25.78
C VAL F 312 31.96 -1.46 25.08
N ASP F 313 32.91 -2.39 24.95
CA ASP F 313 34.18 -2.11 24.33
C ASP F 313 34.13 -2.37 22.84
N GLY F 314 32.94 -2.69 22.32
CA GLY F 314 32.72 -2.85 20.91
C GLY F 314 33.13 -4.18 20.30
N TYR F 315 33.62 -5.10 21.11
CA TYR F 315 34.06 -6.38 20.56
C TYR F 315 32.91 -7.38 20.64
N ILE F 316 32.86 -8.29 19.67
CA ILE F 316 31.81 -9.27 19.64
C ILE F 316 32.26 -10.40 20.54
N ARG F 317 31.47 -10.68 21.56
CA ARG F 317 31.87 -11.68 22.55
C ARG F 317 30.98 -12.90 22.54
N ARG F 318 30.01 -12.87 21.66
CA ARG F 318 29.03 -13.93 21.51
C ARG F 318 28.35 -13.74 20.19
N ALA F 319 28.01 -14.84 19.55
CA ALA F 319 27.24 -14.77 18.34
C ALA F 319 26.33 -16.00 18.24
N ILE F 320 25.23 -15.85 17.51
CA ILE F 320 24.31 -16.97 17.26
C ILE F 320 24.23 -17.29 15.80
N ASP F 321 24.48 -18.56 15.45
CA ASP F 321 24.38 -19.00 14.06
C ASP F 321 22.91 -19.32 13.91
N CYS F 322 22.18 -18.41 13.30
CA CYS F 322 20.73 -18.46 13.35
C CYS F 322 20.17 -19.76 12.80
N GLY F 323 20.75 -20.29 11.74
CA GLY F 323 20.20 -21.50 11.11
C GLY F 323 20.73 -22.83 11.63
N PHE F 324 21.56 -22.78 12.68
CA PHE F 324 22.18 -24.00 13.21
C PHE F 324 21.14 -25.01 13.66
N ASN F 325 20.16 -24.57 14.44
CA ASN F 325 19.11 -25.46 14.89
C ASN F 325 17.76 -24.74 14.96
N ASP F 326 16.71 -25.41 15.40
CA ASP F 326 15.39 -24.79 15.39
C ASP F 326 15.27 -23.73 16.44
N LEU F 327 15.85 -24.03 17.58
CA LEU F 327 15.84 -23.16 18.72
C LEU F 327 16.65 -21.89 18.40
N SER F 328 17.77 -22.04 17.68
CA SER F 328 18.61 -20.90 17.31
C SER F 328 17.93 -19.96 16.32
N GLN F 329 17.05 -20.50 15.46
CA GLN F 329 16.35 -19.63 14.53
C GLN F 329 15.43 -18.76 15.35
N LEU F 330 14.83 -19.37 16.36
CA LEU F 330 13.96 -18.66 17.25
C LEU F 330 14.72 -17.65 18.07
N HIS F 331 15.92 -17.99 18.53
CA HIS F 331 16.64 -17.03 19.33
C HIS F 331 16.94 -15.79 18.55
N CYS F 332 17.31 -15.94 17.28
CA CYS F 332 17.58 -14.72 16.55
C CYS F 332 16.30 -13.89 16.40
N SER F 333 15.18 -14.52 16.05
CA SER F 333 13.95 -13.76 15.84
C SER F 333 13.42 -13.13 17.11
N TYR F 334 13.61 -13.84 18.22
CA TYR F 334 13.18 -13.45 19.55
C TYR F 334 14.32 -12.90 20.41
N GLU F 335 15.47 -12.59 19.81
CA GLU F 335 16.63 -12.01 20.50
C GLU F 335 17.39 -12.95 21.46
N SER F 336 16.68 -13.54 22.42
CA SER F 336 17.27 -14.43 23.42
C SER F 336 16.44 -15.69 23.60
N PHE F 337 16.71 -16.43 24.67
CA PHE F 337 16.02 -17.69 24.95
C PHE F 337 15.14 -17.61 26.20
N ASP F 338 15.44 -16.77 27.18
CA ASP F 338 14.54 -16.85 28.38
C ASP F 338 13.39 -15.90 28.09
N VAL F 339 13.45 -15.26 26.91
CA VAL F 339 12.36 -14.32 26.51
C VAL F 339 11.06 -15.10 26.56
N GLU F 340 10.12 -14.66 27.39
CA GLU F 340 8.85 -15.40 27.56
C GLU F 340 9.21 -16.87 27.78
N SER F 341 8.93 -17.73 26.80
CA SER F 341 8.76 -19.17 27.10
C SER F 341 9.81 -20.00 26.35
N GLY F 342 10.05 -19.69 25.07
CA GLY F 342 10.94 -20.54 24.27
C GLY F 342 10.11 -21.64 23.63
N VAL F 343 8.89 -21.82 24.18
CA VAL F 343 7.83 -22.64 23.55
C VAL F 343 7.27 -21.90 22.35
N TYR F 344 7.89 -22.06 21.18
CA TYR F 344 7.30 -21.48 19.96
C TYR F 344 7.37 -22.53 18.84
N SER F 345 6.44 -22.43 17.88
CA SER F 345 6.48 -23.05 16.57
C SER F 345 7.88 -22.91 16.02
N VAL F 346 8.37 -23.90 15.30
CA VAL F 346 9.70 -23.77 14.70
C VAL F 346 9.64 -24.10 13.22
N SER F 347 10.73 -23.83 12.50
CA SER F 347 10.76 -24.16 11.08
C SER F 347 10.48 -25.64 10.86
N SER F 348 9.62 -25.92 9.86
CA SER F 348 9.21 -27.29 9.52
C SER F 348 10.21 -28.08 8.66
N PHE F 349 9.97 -29.40 8.57
CA PHE F 349 10.76 -30.35 7.76
C PHE F 349 10.31 -30.32 6.32
N GLU F 350 11.24 -30.07 5.39
CA GLU F 350 10.84 -29.84 4.02
C GLU F 350 10.08 -30.92 3.20
N ALA F 351 10.54 -32.18 3.20
CA ALA F 351 9.90 -33.30 2.44
C ALA F 351 10.91 -34.36 2.01
N LYS F 352 12.01 -33.88 1.42
CA LYS F 352 13.09 -34.64 0.79
C LYS F 352 12.68 -35.24 -0.56
N PRO F 353 12.86 -34.49 -1.68
CA PRO F 353 12.52 -34.84 -3.06
C PRO F 353 13.21 -36.08 -3.61
N SER F 354 12.48 -36.79 -4.45
CA SER F 354 12.86 -37.99 -5.18
C SER F 354 12.96 -37.71 -6.68
N GLY F 355 13.49 -38.70 -7.44
CA GLY F 355 13.66 -38.59 -8.89
C GLY F 355 12.32 -38.36 -9.55
N SER F 356 12.35 -37.66 -10.68
CA SER F 356 11.15 -37.23 -11.39
C SER F 356 10.34 -38.20 -12.22
N VAL F 357 9.12 -37.73 -12.54
CA VAL F 357 8.13 -38.33 -13.42
C VAL F 357 7.85 -37.41 -14.61
N VAL F 358 8.12 -37.91 -15.81
CA VAL F 358 7.94 -37.06 -16.99
C VAL F 358 7.10 -37.70 -18.09
N GLU F 359 6.11 -36.95 -18.58
CA GLU F 359 5.29 -37.44 -19.67
C GLU F 359 4.88 -36.32 -20.61
N GLN F 360 5.07 -36.52 -21.92
CA GLN F 360 4.63 -35.55 -22.91
C GLN F 360 4.89 -36.01 -24.34
N ALA F 361 3.85 -36.45 -25.04
CA ALA F 361 4.03 -36.76 -26.43
C ALA F 361 4.34 -35.46 -27.17
N GLU F 362 5.23 -35.52 -28.16
CA GLU F 362 5.58 -34.36 -28.94
C GLU F 362 6.19 -34.78 -30.27
N ASP F 576 16.98 -42.85 -17.71
CA ASP F 576 15.89 -42.41 -18.55
C ASP F 576 14.64 -43.20 -18.24
N THR F 577 14.84 -44.30 -17.52
CA THR F 577 13.75 -45.15 -17.09
C THR F 577 13.93 -45.62 -15.66
N LYS F 578 12.85 -45.95 -14.93
CA LYS F 578 11.44 -45.77 -15.30
C LYS F 578 10.93 -44.45 -14.74
N ILE F 579 10.55 -43.51 -15.61
CA ILE F 579 10.10 -42.22 -15.10
C ILE F 579 8.68 -41.92 -15.54
N ALA F 580 7.97 -42.95 -16.01
CA ALA F 580 6.59 -42.78 -16.45
C ALA F 580 5.69 -42.42 -15.27
N SER F 581 6.01 -43.01 -14.13
CA SER F 581 5.32 -42.79 -12.88
C SER F 581 6.23 -43.30 -11.80
N GLN F 582 6.03 -42.82 -10.59
CA GLN F 582 6.72 -43.36 -9.43
C GLN F 582 5.89 -43.12 -8.21
N LEU F 583 5.31 -44.18 -7.71
CA LEU F 583 4.41 -44.07 -6.59
C LEU F 583 4.98 -44.81 -5.36
N GLY F 584 5.49 -44.08 -4.35
CA GLY F 584 5.55 -42.62 -4.34
C GLY F 584 6.00 -42.08 -2.99
N ASN F 585 6.20 -40.76 -2.95
CA ASN F 585 6.59 -40.01 -1.76
C ASN F 585 6.67 -38.50 -2.03
N CYS F 586 7.56 -38.07 -2.91
CA CYS F 586 7.70 -36.67 -3.30
C CYS F 586 8.57 -36.55 -4.55
N VAL F 587 7.97 -36.65 -5.74
CA VAL F 587 8.77 -36.70 -6.98
C VAL F 587 8.58 -35.49 -7.83
N GLU F 588 9.65 -35.02 -8.43
CA GLU F 588 9.53 -33.88 -9.32
C GLU F 588 8.78 -34.31 -10.57
N TYR F 589 8.06 -33.42 -11.23
CA TYR F 589 7.42 -33.87 -12.46
C TYR F 589 7.23 -32.81 -13.52
N SER F 590 7.04 -33.32 -14.73
CA SER F 590 6.69 -32.52 -15.90
C SER F 590 5.74 -33.30 -16.77
N LEU F 591 4.49 -32.86 -16.82
CA LEU F 591 3.45 -33.56 -17.55
C LEU F 591 2.80 -32.64 -18.59
N TYR F 592 3.06 -32.86 -19.87
CA TYR F 592 2.49 -32.00 -20.91
C TYR F 592 2.66 -30.51 -20.67
N GLY F 593 3.82 -30.10 -20.18
CA GLY F 593 4.10 -28.69 -19.94
C GLY F 593 3.74 -28.24 -18.52
N VAL F 594 3.09 -29.11 -17.76
CA VAL F 594 2.67 -28.83 -16.39
C VAL F 594 3.73 -29.33 -15.43
N SER F 595 4.23 -28.44 -14.60
CA SER F 595 5.31 -28.81 -13.71
C SER F 595 4.97 -28.68 -12.25
N GLY F 596 5.74 -29.38 -11.45
CA GLY F 596 5.60 -29.32 -10.01
C GLY F 596 6.33 -30.47 -9.36
N ARG F 597 6.05 -30.71 -8.08
CA ARG F 597 6.65 -31.79 -7.34
C ARG F 597 5.59 -32.40 -6.42
N GLY F 598 5.54 -33.72 -6.33
CA GLY F 598 4.58 -34.33 -5.44
C GLY F 598 4.41 -35.82 -5.51
N VAL F 599 3.43 -36.33 -4.80
CA VAL F 599 3.20 -37.74 -4.82
C VAL F 599 1.89 -38.02 -5.50
N PHE F 600 1.97 -39.00 -6.38
CA PHE F 600 0.84 -39.44 -7.14
C PHE F 600 0.21 -40.60 -6.42
N GLN F 601 -1.10 -40.68 -6.46
CA GLN F 601 -1.82 -41.79 -5.90
C GLN F 601 -2.79 -42.36 -6.89
N ASN F 602 -2.86 -43.67 -7.00
CA ASN F 602 -3.81 -44.28 -7.90
C ASN F 602 -5.20 -44.07 -7.33
N CYS F 603 -6.07 -43.43 -8.08
CA CYS F 603 -7.36 -43.10 -7.51
C CYS F 603 -8.44 -43.04 -8.56
N THR F 604 -9.69 -42.87 -8.12
CA THR F 604 -10.73 -42.82 -9.10
C THR F 604 -10.75 -41.48 -9.78
N ALA F 605 -11.22 -41.50 -11.02
CA ALA F 605 -11.37 -40.31 -11.83
C ALA F 605 -12.45 -39.38 -11.35
N VAL F 606 -12.18 -38.10 -11.51
CA VAL F 606 -13.11 -37.02 -11.31
C VAL F 606 -13.02 -36.32 -12.63
N GLY F 607 -14.00 -35.57 -13.05
CA GLY F 607 -13.86 -35.02 -14.39
C GLY F 607 -13.11 -33.71 -14.55
N VAL F 608 -13.15 -33.15 -15.77
CA VAL F 608 -13.86 -33.69 -16.95
C VAL F 608 -12.96 -34.62 -17.73
N ARG F 609 -13.53 -35.71 -18.22
CA ARG F 609 -12.75 -36.65 -18.95
C ARG F 609 -12.24 -36.04 -20.23
N GLN F 610 -11.07 -36.50 -20.63
CA GLN F 610 -10.33 -36.12 -21.83
C GLN F 610 -9.72 -34.72 -21.78
N GLN F 611 -9.75 -34.02 -20.63
CA GLN F 611 -9.08 -32.72 -20.55
C GLN F 611 -7.79 -32.75 -19.73
N ARG F 612 -7.39 -33.97 -19.36
CA ARG F 612 -6.15 -34.31 -18.68
C ARG F 612 -5.87 -33.81 -17.27
N PHE F 613 -5.89 -32.50 -17.06
CA PHE F 613 -5.48 -31.96 -15.75
C PHE F 613 -6.59 -31.33 -14.94
N VAL F 614 -6.90 -31.93 -13.78
CA VAL F 614 -7.97 -31.52 -12.88
C VAL F 614 -7.39 -30.64 -11.80
N TYR F 615 -7.98 -29.47 -11.61
CA TYR F 615 -7.57 -28.48 -10.63
C TYR F 615 -8.63 -28.23 -9.53
N ASP F 616 -8.19 -27.79 -8.35
CA ASP F 616 -9.03 -27.52 -7.17
C ASP F 616 -9.55 -26.06 -7.07
N ALA F 617 -10.18 -25.77 -5.94
CA ALA F 617 -10.77 -24.47 -5.61
C ALA F 617 -9.75 -23.33 -5.55
N TYR F 618 -8.48 -23.67 -5.38
CA TYR F 618 -7.42 -22.71 -5.25
C TYR F 618 -6.58 -22.72 -6.52
N GLN F 619 -7.10 -23.36 -7.58
CA GLN F 619 -6.47 -23.48 -8.89
C GLN F 619 -5.22 -24.36 -8.89
N ASN F 620 -5.06 -25.24 -7.90
CA ASN F 620 -3.93 -26.16 -7.79
C ASN F 620 -4.25 -27.45 -8.48
N LEU F 621 -3.24 -28.17 -8.94
CA LEU F 621 -3.54 -29.45 -9.57
C LEU F 621 -4.00 -30.49 -8.54
N VAL F 622 -5.13 -31.13 -8.83
CA VAL F 622 -5.77 -32.20 -8.07
C VAL F 622 -5.34 -33.54 -8.56
N GLY F 623 -5.27 -33.67 -9.87
CA GLY F 623 -4.92 -34.94 -10.46
C GLY F 623 -4.83 -34.88 -11.96
N TYR F 624 -4.32 -35.97 -12.53
CA TYR F 624 -4.08 -36.06 -13.95
C TYR F 624 -4.36 -37.41 -14.62
N TYR F 625 -4.90 -37.33 -15.84
CA TYR F 625 -5.13 -38.52 -16.64
C TYR F 625 -3.92 -38.78 -17.51
N SER F 626 -3.24 -39.87 -17.22
CA SER F 626 -2.00 -40.27 -17.85
C SER F 626 -2.24 -41.04 -19.12
N ASP F 627 -1.20 -41.24 -19.93
CA ASP F 627 -1.37 -41.96 -21.18
C ASP F 627 -1.37 -43.47 -20.99
N ASP F 628 -1.19 -43.92 -19.75
CA ASP F 628 -1.24 -45.34 -19.44
C ASP F 628 -2.68 -45.74 -19.08
N GLY F 629 -3.62 -44.77 -19.17
CA GLY F 629 -5.02 -45.01 -18.90
C GLY F 629 -5.42 -44.77 -17.44
N ASN F 630 -4.43 -44.49 -16.59
CA ASN F 630 -4.70 -44.28 -15.19
C ASN F 630 -4.89 -42.83 -14.81
N TYR F 631 -5.65 -42.64 -13.76
CA TYR F 631 -5.83 -41.33 -13.19
C TYR F 631 -5.14 -41.28 -11.86
N TYR F 632 -4.33 -40.25 -11.69
CA TYR F 632 -3.66 -40.14 -10.43
C TYR F 632 -4.05 -38.88 -9.72
N CYS F 633 -4.15 -39.01 -8.42
CA CYS F 633 -4.43 -37.89 -7.57
C CYS F 633 -3.11 -37.35 -7.13
N LEU F 634 -3.00 -36.04 -7.11
CA LEU F 634 -1.78 -35.39 -6.69
C LEU F 634 -1.95 -34.75 -5.33
N ARG F 635 -1.08 -35.13 -4.42
CA ARG F 635 -1.12 -34.60 -3.07
C ARG F 635 0.04 -33.66 -2.81
N ALA F 636 0.71 -33.28 -3.87
CA ALA F 636 1.92 -32.49 -3.79
C ALA F 636 2.84 -33.26 -2.86
N CYS F 637 3.58 -32.61 -1.99
CA CYS F 637 4.43 -33.34 -1.06
C CYS F 637 3.87 -33.14 0.32
N VAL F 638 4.17 -34.05 1.23
CA VAL F 638 3.71 -33.87 2.58
C VAL F 638 4.94 -33.49 3.37
N SER F 639 4.74 -32.92 4.53
CA SER F 639 5.84 -32.39 5.32
C SER F 639 5.61 -32.61 6.78
N VAL F 640 6.64 -32.35 7.58
CA VAL F 640 6.49 -32.53 9.01
C VAL F 640 6.58 -31.20 9.76
N PRO F 641 5.48 -30.71 10.37
CA PRO F 641 5.39 -29.47 11.11
C PRO F 641 6.14 -29.74 12.37
N VAL F 642 6.73 -28.72 12.98
CA VAL F 642 7.45 -28.96 14.21
C VAL F 642 7.20 -27.85 15.22
N SER F 643 7.18 -28.23 16.49
CA SER F 643 7.15 -27.24 17.58
C SER F 643 8.10 -27.68 18.69
N VAL F 644 8.64 -26.70 19.40
CA VAL F 644 9.57 -26.99 20.49
C VAL F 644 9.13 -26.47 21.83
N ILE F 645 9.20 -27.38 22.79
CA ILE F 645 8.85 -27.11 24.15
C ILE F 645 10.13 -26.74 24.85
N TYR F 646 10.31 -25.49 25.24
CA TYR F 646 11.58 -25.10 25.82
C TYR F 646 11.51 -24.50 27.21
N ASP F 647 12.34 -25.04 28.09
CA ASP F 647 12.43 -24.56 29.44
C ASP F 647 13.64 -23.69 29.71
N LYS F 648 13.42 -22.39 29.86
CA LYS F 648 14.48 -21.43 30.08
C LYS F 648 15.16 -21.62 31.44
N GLU F 649 14.51 -22.32 32.39
CA GLU F 649 15.11 -22.54 33.70
C GLU F 649 16.11 -23.68 33.69
N THR F 650 15.74 -24.84 33.12
CA THR F 650 16.65 -25.98 33.10
C THR F 650 17.50 -26.03 31.84
N LYS F 651 17.20 -25.16 30.87
CA LYS F 651 17.89 -25.07 29.59
C LYS F 651 17.72 -26.36 28.81
N THR F 652 16.49 -26.89 28.82
CA THR F 652 16.19 -28.14 28.11
C THR F 652 14.98 -28.05 27.22
N HIS F 653 14.81 -29.06 26.35
CA HIS F 653 13.64 -29.12 25.49
C HIS F 653 13.25 -30.50 25.01
N ALA F 654 12.05 -30.53 24.46
CA ALA F 654 11.39 -31.70 23.88
C ALA F 654 10.64 -31.23 22.64
N THR F 655 10.34 -32.12 21.70
CA THR F 655 9.66 -31.60 20.52
C THR F 655 8.53 -32.43 19.97
N LEU F 656 7.57 -31.73 19.37
CA LEU F 656 6.43 -32.36 18.72
C LEU F 656 6.40 -32.24 17.21
N PHE F 657 5.90 -33.29 16.58
CA PHE F 657 5.74 -33.36 15.13
C PHE F 657 4.27 -33.28 14.76
N GLY F 658 3.48 -32.98 15.76
CA GLY F 658 2.05 -32.82 15.59
C GLY F 658 1.39 -34.05 15.01
N SER F 659 0.63 -33.76 13.94
CA SER F 659 -0.20 -34.62 13.13
C SER F 659 0.55 -35.68 12.39
N VAL F 660 1.87 -35.56 12.34
CA VAL F 660 2.63 -36.57 11.65
C VAL F 660 2.49 -37.92 12.27
N ALA F 661 2.38 -37.99 13.59
CA ALA F 661 2.25 -39.23 14.34
C ALA F 661 3.54 -40.03 14.32
N CYS F 662 3.69 -40.87 15.32
CA CYS F 662 4.96 -41.52 15.60
C CYS F 662 5.27 -42.67 14.64
N GLU F 663 4.32 -43.13 13.85
CA GLU F 663 4.65 -44.18 12.92
C GLU F 663 5.69 -43.72 11.88
N HIS F 664 5.84 -42.41 11.71
CA HIS F 664 6.77 -41.84 10.75
C HIS F 664 7.90 -41.10 11.44
N ILE F 665 8.08 -41.32 12.73
CA ILE F 665 9.08 -40.60 13.51
C ILE F 665 10.20 -41.46 14.08
N SER F 666 11.38 -40.93 13.93
CA SER F 666 12.61 -41.51 14.41
C SER F 666 13.47 -40.41 15.00
N SER F 667 14.47 -40.81 15.80
CA SER F 667 15.38 -39.84 16.42
C SER F 667 16.23 -39.09 15.41
N THR F 668 16.47 -39.70 14.25
CA THR F 668 17.20 -39.02 13.22
C THR F 668 16.21 -38.67 12.13
N MET F 669 16.56 -37.68 11.32
CA MET F 669 15.70 -37.25 10.23
C MET F 669 16.52 -36.98 8.98
N SER F 670 15.90 -37.21 7.84
CA SER F 670 16.47 -36.98 6.53
C SER F 670 15.51 -36.18 5.68
N GLN F 671 14.91 -35.16 6.30
CA GLN F 671 13.93 -34.34 5.62
C GLN F 671 14.39 -33.02 4.96
N TYR F 672 14.93 -32.02 5.67
CA TYR F 672 15.27 -31.86 7.07
C TYR F 672 14.75 -30.46 7.46
N SER F 673 14.66 -30.12 8.76
CA SER F 673 14.16 -28.78 9.16
C SER F 673 15.24 -27.79 9.63
N ARG F 674 16.38 -28.32 10.07
CA ARG F 674 17.50 -27.54 10.56
C ARG F 674 18.77 -28.36 10.43
N SER F 675 19.93 -27.70 10.42
CA SER F 675 21.18 -28.43 10.24
C SER F 675 21.44 -29.44 11.35
N THR F 676 21.15 -29.10 12.60
CA THR F 676 21.35 -30.11 13.62
C THR F 676 20.23 -30.24 14.62
N ARG F 677 20.07 -31.48 15.05
CA ARG F 677 19.12 -31.94 16.05
C ARG F 677 19.81 -32.41 17.33
N SER F 678 21.12 -32.15 17.45
CA SER F 678 21.92 -32.66 18.55
C SER F 678 21.49 -32.24 19.95
N MET F 679 20.82 -31.10 20.10
CA MET F 679 20.44 -30.73 21.46
C MET F 679 19.38 -31.70 22.02
N LEU F 680 18.56 -32.28 21.14
CA LEU F 680 17.57 -33.24 21.59
C LEU F 680 18.19 -34.61 21.71
N LYS F 681 19.09 -34.95 20.79
CA LYS F 681 19.71 -36.28 20.74
C LYS F 681 20.40 -36.64 22.04
N ARG F 682 20.95 -35.64 22.73
CA ARG F 682 21.63 -35.87 24.01
C ARG F 682 20.79 -36.79 24.93
N ARG F 683 19.46 -36.63 24.92
CA ARG F 683 18.61 -37.47 25.73
C ARG F 683 17.75 -38.39 24.86
N ASP F 684 17.27 -37.86 23.72
CA ASP F 684 16.32 -38.56 22.86
C ASP F 684 16.88 -39.78 22.17
N SER F 685 18.20 -39.90 22.05
CA SER F 685 18.83 -41.03 21.39
C SER F 685 18.55 -42.34 22.13
N THR F 686 18.09 -42.26 23.39
CA THR F 686 17.80 -43.45 24.16
C THR F 686 16.29 -43.71 24.31
N TYR F 687 15.45 -42.95 23.61
CA TYR F 687 13.99 -43.14 23.70
C TYR F 687 13.33 -43.30 22.35
N GLY F 688 12.25 -44.06 22.29
CA GLY F 688 11.50 -44.07 21.06
C GLY F 688 10.59 -42.85 21.18
N PRO F 689 9.87 -42.45 20.14
CA PRO F 689 8.91 -41.37 20.17
C PRO F 689 7.72 -41.79 21.03
N LEU F 690 7.11 -40.85 21.73
CA LEU F 690 5.90 -41.18 22.47
C LEU F 690 4.71 -40.50 21.82
N GLN F 691 3.67 -41.26 21.57
CA GLN F 691 2.50 -40.70 20.90
C GLN F 691 1.48 -40.13 21.84
N THR F 692 1.12 -38.87 21.65
CA THR F 692 0.10 -38.28 22.47
C THR F 692 -1.01 -37.71 21.58
N PRO F 693 -2.21 -37.42 22.13
CA PRO F 693 -3.33 -36.74 21.49
C PRO F 693 -3.01 -35.34 20.95
N VAL F 694 -1.95 -34.71 21.45
CA VAL F 694 -1.59 -33.39 20.95
C VAL F 694 -0.75 -33.62 19.70
N GLY F 695 0.20 -34.56 19.81
CA GLY F 695 1.07 -34.91 18.70
C GLY F 695 2.19 -35.86 19.09
N CYS F 696 2.98 -36.25 18.10
CA CYS F 696 4.09 -37.17 18.39
C CYS F 696 5.28 -36.44 18.97
N VAL F 697 5.78 -36.90 20.11
CA VAL F 697 6.88 -36.22 20.78
C VAL F 697 8.12 -36.98 21.20
N LEU F 698 9.27 -36.36 20.93
CA LEU F 698 10.52 -36.96 21.40
C LEU F 698 10.90 -36.28 22.69
N GLY F 699 11.48 -37.06 23.61
CA GLY F 699 11.95 -36.53 24.88
C GLY F 699 10.81 -36.30 25.86
N LEU F 700 9.75 -37.10 25.74
CA LEU F 700 8.58 -36.93 26.58
C LEU F 700 8.57 -37.62 27.94
N VAL F 701 9.08 -38.85 28.02
CA VAL F 701 9.04 -39.67 29.24
C VAL F 701 7.62 -39.84 29.84
N ASN F 702 7.13 -41.06 29.81
CA ASN F 702 5.81 -41.32 30.37
C ASN F 702 5.84 -41.41 31.89
N SER F 703 5.21 -40.46 32.60
CA SER F 703 5.28 -40.48 34.07
C SER F 703 3.91 -40.73 34.73
N SER F 704 2.84 -40.65 33.93
CA SER F 704 1.45 -40.77 34.39
C SER F 704 1.10 -39.80 35.53
N LEU F 705 1.53 -38.54 35.42
CA LEU F 705 1.24 -37.54 36.45
C LEU F 705 0.13 -36.59 36.06
N PHE F 706 -0.48 -35.96 37.04
CA PHE F 706 -1.48 -34.92 36.83
C PHE F 706 -1.04 -33.65 37.49
N VAL F 707 -0.89 -32.59 36.73
CA VAL F 707 -0.44 -31.34 37.31
C VAL F 707 -1.33 -30.21 36.85
N GLU F 708 -1.49 -29.19 37.64
CA GLU F 708 -2.31 -28.07 37.23
C GLU F 708 -1.72 -27.22 36.11
N ASP F 709 -0.41 -26.94 36.17
CA ASP F 709 0.21 -26.04 35.21
C ASP F 709 1.73 -26.25 35.05
N CYS F 710 2.18 -26.75 33.90
CA CYS F 710 3.59 -27.04 33.65
C CYS F 710 4.32 -25.79 33.17
N LYS F 711 3.55 -24.76 32.83
CA LYS F 711 3.99 -23.53 32.14
C LYS F 711 4.44 -23.87 30.73
N LEU F 712 4.14 -25.09 30.34
CA LEU F 712 4.35 -25.70 29.06
C LEU F 712 3.15 -26.63 28.82
N PRO F 713 1.90 -26.15 28.82
CA PRO F 713 0.73 -26.96 28.60
C PRO F 713 0.80 -27.35 27.16
N LEU F 714 0.29 -28.49 26.79
CA LEU F 714 0.30 -28.86 25.39
C LEU F 714 -1.07 -28.69 24.76
N GLY F 715 -1.98 -28.16 25.55
CA GLY F 715 -3.36 -27.97 25.16
C GLY F 715 -4.11 -29.23 25.51
N GLN F 716 -5.36 -29.30 25.09
CA GLN F 716 -6.21 -30.42 25.42
C GLN F 716 -6.15 -30.68 26.93
N SER F 717 -5.76 -31.89 27.32
CA SER F 717 -5.67 -32.24 28.72
C SER F 717 -4.24 -32.67 29.03
N LEU F 718 -3.29 -32.24 28.20
CA LEU F 718 -1.89 -32.63 28.34
C LEU F 718 -0.94 -31.52 28.74
N CYS F 719 0.14 -31.89 29.44
CA CYS F 719 1.08 -30.91 29.94
C CYS F 719 2.54 -31.47 29.93
N ALA F 720 3.52 -30.65 29.48
CA ALA F 720 4.94 -31.07 29.47
C ALA F 720 5.66 -30.57 30.71
N LEU F 721 5.86 -31.44 31.67
CA LEU F 721 6.37 -31.03 32.95
C LEU F 721 7.90 -30.90 32.99
N PRO F 722 8.48 -29.72 33.34
CA PRO F 722 9.91 -29.50 33.47
C PRO F 722 10.44 -30.39 34.57
N ASP F 723 11.70 -30.80 34.50
CA ASP F 723 12.22 -31.58 35.60
C ASP F 723 12.69 -30.63 36.71
N THR F 724 13.17 -31.20 37.80
CA THR F 724 13.61 -30.44 38.96
C THR F 724 15.13 -30.19 38.97
N PRO F 725 15.60 -28.94 39.14
CA PRO F 725 17.01 -28.59 39.27
C PRO F 725 17.62 -29.38 40.43
N SER F 726 18.86 -29.83 40.28
CA SER F 726 19.49 -30.61 41.33
C SER F 726 19.29 -29.99 42.69
N GLN G 1 76.35 -50.60 -21.75
CA GLN G 1 77.33 -49.54 -21.93
C GLN G 1 76.72 -48.26 -22.45
N VAL G 2 76.91 -47.18 -21.71
CA VAL G 2 76.44 -45.87 -22.10
C VAL G 2 77.31 -45.23 -23.17
N GLN G 3 76.65 -44.71 -24.19
CA GLN G 3 77.28 -44.05 -25.30
C GLN G 3 76.57 -42.77 -25.67
N LEU G 4 77.35 -41.77 -26.03
CA LEU G 4 76.86 -40.52 -26.54
C LEU G 4 77.55 -40.27 -27.86
N GLN G 5 76.77 -40.21 -28.94
CA GLN G 5 77.33 -40.09 -30.28
C GLN G 5 77.00 -38.77 -30.95
N GLN G 6 78.04 -37.97 -31.15
CA GLN G 6 77.84 -36.67 -31.74
C GLN G 6 78.08 -36.67 -33.24
N SER G 7 77.52 -35.67 -33.89
CA SER G 7 77.72 -35.44 -35.31
C SER G 7 79.13 -34.91 -35.58
N GLY G 8 79.55 -34.95 -36.85
CA GLY G 8 80.87 -34.46 -37.20
C GLY G 8 80.88 -32.93 -37.29
N GLY G 9 82.03 -32.35 -37.57
CA GLY G 9 82.17 -30.91 -37.58
C GLY G 9 81.72 -30.23 -38.86
N GLU G 10 81.85 -28.89 -38.85
CA GLU G 10 81.46 -28.04 -39.96
C GLU G 10 82.19 -26.70 -39.96
N LEU G 11 82.30 -26.07 -41.14
CA LEU G 11 82.88 -24.74 -41.29
C LEU G 11 81.82 -23.72 -41.74
N VAL G 12 81.64 -22.69 -40.93
CA VAL G 12 80.65 -21.69 -41.23
C VAL G 12 81.27 -20.29 -41.16
N LYS G 13 80.59 -19.30 -41.71
CA LYS G 13 81.08 -17.95 -41.63
C LYS G 13 80.34 -17.22 -40.50
N PRO G 14 80.87 -16.13 -39.95
CA PRO G 14 80.22 -15.36 -38.91
C PRO G 14 78.83 -14.94 -39.39
N GLY G 15 77.88 -15.05 -38.48
CA GLY G 15 76.47 -14.75 -38.71
C GLY G 15 75.67 -16.03 -38.95
N ALA G 16 76.38 -17.12 -39.21
CA ALA G 16 75.83 -18.43 -39.47
C ALA G 16 75.26 -19.11 -38.24
N SER G 17 74.39 -20.07 -38.48
CA SER G 17 73.87 -20.89 -37.41
C SER G 17 74.41 -22.31 -37.56
N VAL G 18 74.49 -23.04 -36.46
CA VAL G 18 74.89 -24.44 -36.53
C VAL G 18 73.98 -25.28 -35.66
N LYS G 19 73.65 -26.48 -36.11
CA LYS G 19 72.86 -27.36 -35.27
C LYS G 19 73.66 -28.60 -34.95
N LEU G 20 73.85 -28.82 -33.67
CA LEU G 20 74.60 -29.94 -33.14
C LEU G 20 73.65 -30.99 -32.67
N SER G 21 74.08 -32.23 -32.68
CA SER G 21 73.25 -33.31 -32.17
C SER G 21 74.10 -34.31 -31.41
N CYS G 22 73.42 -35.06 -30.55
CA CYS G 22 74.01 -36.10 -29.73
C CYS G 22 73.03 -37.22 -29.43
N LYS G 23 73.20 -38.34 -30.14
CA LYS G 23 72.31 -39.48 -29.99
C LYS G 23 72.82 -40.28 -28.84
N THR G 24 71.96 -40.70 -27.93
CA THR G 24 72.51 -41.43 -26.82
C THR G 24 71.85 -42.79 -26.65
N SER G 25 72.56 -43.67 -25.96
CA SER G 25 72.06 -45.02 -25.66
C SER G 25 72.71 -45.63 -24.42
N GLY G 26 72.12 -46.73 -23.93
CA GLY G 26 72.63 -47.50 -22.78
C GLY G 26 71.95 -47.06 -21.47
N PHE G 27 71.04 -46.13 -21.59
CA PHE G 27 70.29 -45.58 -20.48
C PHE G 27 68.98 -45.02 -21.01
N THR G 28 68.04 -44.73 -20.14
CA THR G 28 66.82 -44.12 -20.63
C THR G 28 67.07 -42.64 -20.83
N PHE G 29 66.91 -42.17 -22.07
CA PHE G 29 67.19 -40.78 -22.41
C PHE G 29 66.33 -39.84 -21.60
N SER G 30 65.05 -40.15 -21.56
CA SER G 30 64.03 -39.37 -20.88
C SER G 30 64.21 -39.31 -19.36
N SER G 31 65.10 -40.13 -18.78
CA SER G 31 65.31 -40.09 -17.34
C SER G 31 66.58 -39.33 -17.00
N SER G 32 67.26 -38.79 -18.02
CA SER G 32 68.54 -38.12 -17.81
C SER G 32 68.60 -36.66 -18.22
N TYR G 33 69.56 -35.98 -17.61
CA TYR G 33 69.92 -34.63 -18.01
C TYR G 33 71.04 -34.71 -19.01
N ILE G 34 70.87 -34.02 -20.13
CA ILE G 34 71.94 -33.97 -21.10
C ILE G 34 72.42 -32.53 -21.16
N SER G 35 73.70 -32.38 -20.93
CA SER G 35 74.31 -31.06 -20.90
C SER G 35 75.15 -30.82 -22.14
N TRP G 36 75.17 -29.57 -22.58
CA TRP G 36 76.05 -29.17 -23.67
C TRP G 36 77.07 -28.19 -23.14
N LEU G 37 78.31 -28.41 -23.58
CA LEU G 37 79.47 -27.61 -23.19
C LEU G 37 80.33 -27.13 -24.36
N LYS G 38 80.94 -25.95 -24.19
CA LYS G 38 81.86 -25.37 -25.17
C LYS G 38 83.32 -25.43 -24.71
N GLN G 39 84.23 -25.94 -25.56
CA GLN G 39 85.65 -25.95 -25.19
C GLN G 39 86.59 -25.58 -26.34
N LYS G 40 87.57 -24.73 -26.07
CA LYS G 40 88.57 -24.40 -27.07
C LYS G 40 89.86 -25.08 -26.70
N PRO G 41 90.74 -25.42 -27.63
CA PRO G 41 92.01 -26.05 -27.30
C PRO G 41 92.77 -25.15 -26.33
N GLY G 42 93.31 -25.77 -25.29
CA GLY G 42 94.08 -25.06 -24.26
C GLY G 42 93.21 -24.44 -23.17
N GLN G 43 91.88 -24.53 -23.33
CA GLN G 43 90.96 -23.93 -22.38
C GLN G 43 90.19 -24.95 -21.55
N SER G 44 89.65 -24.47 -20.43
CA SER G 44 88.78 -25.23 -19.55
C SER G 44 87.43 -25.33 -20.21
N LEU G 45 86.50 -26.08 -19.64
CA LEU G 45 85.22 -26.24 -20.31
C LEU G 45 84.15 -25.39 -19.67
N GLU G 46 83.31 -24.80 -20.52
CA GLU G 46 82.21 -23.99 -20.02
C GLU G 46 80.86 -24.56 -20.43
N TRP G 47 80.02 -24.72 -19.44
CA TRP G 47 78.69 -25.24 -19.66
C TRP G 47 77.81 -24.22 -20.37
N ILE G 48 77.01 -24.69 -21.32
CA ILE G 48 76.13 -23.81 -22.06
C ILE G 48 74.72 -23.94 -21.54
N ALA G 49 74.25 -25.18 -21.54
CA ALA G 49 72.89 -25.44 -21.17
C ALA G 49 72.65 -26.89 -20.83
N TRP G 50 71.56 -27.13 -20.12
CA TRP G 50 71.15 -28.51 -19.93
C TRP G 50 69.71 -28.62 -20.21
N ILE G 51 69.30 -29.81 -20.57
CA ILE G 51 67.91 -30.13 -20.72
C ILE G 51 67.56 -31.43 -20.03
N TYR G 52 66.43 -31.47 -19.34
CA TYR G 52 65.99 -32.73 -18.78
C TYR G 52 65.12 -33.31 -19.86
N ALA G 53 65.57 -34.40 -20.45
CA ALA G 53 64.86 -34.90 -21.62
C ALA G 53 63.42 -35.27 -21.29
N GLY G 54 63.18 -35.75 -20.08
CA GLY G 54 61.88 -36.18 -19.60
C GLY G 54 60.82 -35.09 -19.38
N THR G 55 61.21 -33.81 -19.31
CA THR G 55 60.23 -32.75 -19.13
C THR G 55 60.39 -31.71 -20.21
N GLY G 56 61.59 -31.67 -20.76
CA GLY G 56 61.98 -30.67 -21.73
C GLY G 56 62.43 -29.39 -21.04
N GLY G 57 62.53 -29.42 -19.70
CA GLY G 57 62.93 -28.24 -18.94
C GLY G 57 64.39 -27.94 -19.22
N THR G 58 64.73 -26.65 -19.27
CA THR G 58 66.11 -26.25 -19.54
C THR G 58 66.65 -25.21 -18.60
N GLU G 59 67.97 -25.08 -18.61
CA GLU G 59 68.68 -24.04 -17.89
C GLU G 59 69.87 -23.61 -18.73
N TYR G 60 70.15 -22.31 -18.78
CA TYR G 60 71.25 -21.78 -19.58
C TYR G 60 72.25 -20.91 -18.84
N ASN G 61 73.47 -20.94 -19.37
CA ASN G 61 74.57 -20.07 -19.00
C ASN G 61 74.29 -18.74 -19.68
N GLN G 62 74.19 -17.68 -18.89
CA GLN G 62 73.77 -16.38 -19.38
C GLN G 62 74.63 -15.82 -20.50
N LYS G 63 75.88 -16.26 -20.64
CA LYS G 63 76.70 -15.71 -21.71
C LYS G 63 76.21 -16.17 -23.10
N PHE G 64 75.38 -17.23 -23.12
CA PHE G 64 74.85 -17.79 -24.35
C PHE G 64 73.37 -17.48 -24.55
N THR G 65 72.76 -16.67 -23.68
CA THR G 65 71.35 -16.49 -23.91
C THR G 65 71.18 -15.54 -25.06
N GLY G 66 70.20 -15.85 -25.90
CA GLY G 66 69.93 -15.07 -27.09
C GLY G 66 70.67 -15.68 -28.29
N LYS G 67 71.57 -16.63 -28.02
CA LYS G 67 72.34 -17.29 -29.06
C LYS G 67 72.10 -18.80 -29.09
N ALA G 68 72.00 -19.42 -27.92
CA ALA G 68 71.86 -20.88 -27.83
C ALA G 68 70.45 -21.33 -27.48
N GLN G 69 70.09 -22.48 -28.04
CA GLN G 69 68.87 -23.20 -27.70
C GLN G 69 69.14 -24.69 -27.50
N VAL G 70 68.75 -25.23 -26.36
CA VAL G 70 68.97 -26.66 -26.15
C VAL G 70 67.60 -27.34 -26.24
N THR G 71 67.56 -28.43 -26.97
CA THR G 71 66.30 -29.16 -27.14
C THR G 71 66.50 -30.66 -27.24
N VAL G 72 65.40 -31.40 -27.12
CA VAL G 72 65.45 -32.84 -27.31
C VAL G 72 64.36 -33.38 -28.19
N ASP G 73 64.59 -34.57 -28.70
CA ASP G 73 63.58 -35.35 -29.36
C ASP G 73 63.72 -36.72 -28.73
N THR G 74 62.81 -37.04 -27.82
CA THR G 74 62.95 -38.26 -27.06
C THR G 74 62.65 -39.50 -27.88
N SER G 75 61.94 -39.33 -28.99
CA SER G 75 61.57 -40.47 -29.83
C SER G 75 62.78 -41.06 -30.57
N SER G 76 63.88 -40.30 -30.62
CA SER G 76 65.09 -40.73 -31.30
C SER G 76 66.27 -40.71 -30.34
N SER G 77 65.96 -40.56 -29.03
CA SER G 77 66.98 -40.47 -27.98
C SER G 77 68.06 -39.47 -28.34
N THR G 78 67.66 -38.30 -28.84
CA THR G 78 68.68 -37.35 -29.25
C THR G 78 68.57 -35.97 -28.65
N ALA G 79 69.71 -35.50 -28.17
CA ALA G 79 69.85 -34.16 -27.64
C ALA G 79 70.39 -33.26 -28.73
N TYR G 80 69.93 -32.02 -28.75
CA TYR G 80 70.40 -31.08 -29.75
C TYR G 80 70.80 -29.75 -29.14
N MET G 81 71.74 -29.10 -29.81
CA MET G 81 72.15 -27.75 -29.47
C MET G 81 72.19 -26.85 -30.70
N GLN G 82 71.32 -25.87 -30.70
CA GLN G 82 71.22 -24.96 -31.82
C GLN G 82 71.81 -23.61 -31.49
N PHE G 83 72.70 -23.13 -32.34
CA PHE G 83 73.22 -21.79 -32.13
C PHE G 83 72.90 -20.92 -33.32
N SER G 84 72.64 -19.66 -33.06
CA SER G 84 72.43 -18.69 -34.14
C SER G 84 73.38 -17.52 -33.97
N SER G 85 73.58 -16.78 -35.07
CA SER G 85 74.43 -15.59 -35.08
C SER G 85 75.84 -15.86 -34.52
N LEU G 86 76.47 -16.92 -35.01
CA LEU G 86 77.80 -17.32 -34.56
C LEU G 86 78.89 -16.33 -34.91
N THR G 87 79.84 -16.15 -34.01
CA THR G 87 80.98 -15.29 -34.35
C THR G 87 82.28 -16.06 -34.31
N THR G 88 83.39 -15.42 -34.59
CA THR G 88 84.66 -16.15 -34.66
C THR G 88 85.12 -16.63 -33.29
N GLU G 89 84.57 -16.03 -32.26
CA GLU G 89 84.85 -16.34 -30.87
C GLU G 89 84.11 -17.62 -30.46
N ASP G 90 83.26 -18.12 -31.37
CA ASP G 90 82.50 -19.33 -31.19
C ASP G 90 83.11 -20.53 -31.90
N SER G 91 84.33 -20.39 -32.43
CA SER G 91 84.93 -21.58 -32.99
C SER G 91 85.33 -22.39 -31.77
N ALA G 92 84.83 -23.61 -31.66
CA ALA G 92 85.05 -24.44 -30.49
C ALA G 92 84.65 -25.87 -30.74
N ILE G 93 85.05 -26.76 -29.84
CA ILE G 93 84.58 -28.11 -29.93
C ILE G 93 83.39 -28.18 -28.98
N TYR G 94 82.26 -28.59 -29.48
CA TYR G 94 81.11 -28.64 -28.63
C TYR G 94 80.85 -30.06 -28.17
N TYR G 95 80.56 -30.23 -26.90
CA TYR G 95 80.36 -31.55 -26.36
C TYR G 95 79.03 -31.76 -25.71
N CYS G 96 78.52 -32.98 -25.82
CA CYS G 96 77.33 -33.36 -25.08
C CYS G 96 77.76 -34.28 -23.96
N ALA G 97 77.05 -34.25 -22.84
CA ALA G 97 77.37 -35.17 -21.76
C ALA G 97 76.13 -35.59 -20.99
N ARG G 98 76.20 -36.79 -20.44
CA ARG G 98 75.18 -37.32 -19.56
C ARG G 98 75.56 -36.89 -18.17
N GLY G 99 74.74 -36.01 -17.64
CA GLY G 99 74.92 -35.32 -16.38
C GLY G 99 74.38 -33.90 -16.57
N GLY G 100 74.26 -33.17 -15.49
CA GLY G 100 73.69 -31.83 -15.50
C GLY G 100 73.10 -31.61 -14.13
N SER G 101 72.73 -30.40 -13.81
CA SER G 101 72.21 -30.14 -12.47
C SER G 101 73.22 -30.66 -11.47
N SER G 102 72.74 -31.38 -10.49
CA SER G 102 73.59 -31.94 -9.42
C SER G 102 74.27 -33.25 -9.81
N PHE G 103 73.98 -33.77 -11.00
CA PHE G 103 74.51 -35.05 -11.44
C PHE G 103 75.85 -34.88 -12.13
N ALA G 104 76.88 -35.56 -11.62
CA ALA G 104 78.21 -35.45 -12.19
C ALA G 104 78.22 -36.04 -13.61
N MET G 105 79.03 -35.46 -14.49
CA MET G 105 79.08 -35.89 -15.88
C MET G 105 79.94 -37.13 -16.18
N ASP G 106 79.34 -38.32 -16.02
CA ASP G 106 80.07 -39.57 -16.27
C ASP G 106 80.23 -39.91 -17.73
N TYR G 107 79.29 -39.53 -18.59
CA TYR G 107 79.48 -39.97 -19.98
C TYR G 107 79.47 -38.81 -20.95
N TRP G 108 80.43 -38.84 -21.87
CA TRP G 108 80.60 -37.75 -22.84
C TRP G 108 80.61 -38.22 -24.28
N GLY G 109 80.16 -37.34 -25.18
CA GLY G 109 80.23 -37.61 -26.61
C GLY G 109 81.66 -37.30 -27.04
N GLN G 110 82.02 -37.55 -28.30
CA GLN G 110 83.39 -37.31 -28.73
C GLN G 110 83.73 -35.84 -29.00
N GLY G 111 82.71 -35.01 -29.16
CA GLY G 111 82.89 -33.59 -29.48
C GLY G 111 82.66 -33.28 -30.96
N THR G 112 81.99 -32.15 -31.24
CA THR G 112 81.72 -31.72 -32.60
C THR G 112 82.48 -30.45 -32.89
N SER G 113 83.32 -30.49 -33.90
CA SER G 113 84.15 -29.33 -34.21
C SER G 113 83.50 -28.29 -35.11
N VAL G 114 83.29 -27.09 -34.57
CA VAL G 114 82.68 -26.05 -35.39
C VAL G 114 83.63 -24.88 -35.51
N THR G 115 83.96 -24.54 -36.73
CA THR G 115 84.84 -23.41 -37.00
C THR G 115 83.99 -22.35 -37.64
N VAL G 116 84.05 -21.14 -37.11
CA VAL G 116 83.21 -20.07 -37.64
C VAL G 116 84.00 -19.12 -38.52
N GLN H 1 78.38 -17.89 -10.82
CA GLN H 1 78.93 -19.24 -10.83
C GLN H 1 80.17 -19.30 -9.94
N LEU H 2 80.79 -20.47 -9.79
CA LEU H 2 81.99 -20.55 -8.94
C LEU H 2 83.29 -20.61 -9.73
N VAL H 3 84.21 -19.73 -9.39
CA VAL H 3 85.53 -19.70 -10.01
C VAL H 3 86.53 -20.60 -9.29
N LEU H 4 87.16 -21.50 -10.04
CA LEU H 4 88.13 -22.41 -9.44
C LEU H 4 89.56 -22.13 -9.91
N THR H 5 90.52 -22.27 -9.00
CA THR H 5 91.95 -22.14 -9.24
C THR H 5 92.65 -23.48 -9.01
N GLN H 6 93.53 -23.89 -9.91
CA GLN H 6 94.18 -25.17 -9.70
C GLN H 6 95.67 -25.03 -9.50
N SER H 7 96.23 -25.99 -8.78
CA SER H 7 97.66 -26.03 -8.50
C SER H 7 98.14 -27.46 -8.28
N PRO H 8 99.26 -27.85 -8.88
CA PRO H 8 100.19 -27.12 -9.71
C PRO H 8 99.63 -26.89 -11.09
N ALA H 9 100.22 -25.99 -11.88
CA ALA H 9 99.80 -25.85 -13.27
C ALA H 9 100.09 -27.15 -14.03
N SER H 10 101.19 -27.80 -13.67
CA SER H 10 101.62 -29.05 -14.26
C SER H 10 102.52 -29.80 -13.30
N LEU H 11 102.58 -31.11 -13.46
CA LEU H 11 103.47 -31.94 -12.65
C LEU H 11 103.91 -33.19 -13.42
N ALA H 12 105.17 -33.57 -13.24
CA ALA H 12 105.65 -34.81 -13.85
C ALA H 12 105.76 -35.88 -12.78
N VAL H 13 105.12 -37.01 -13.03
CA VAL H 13 105.12 -38.14 -12.10
C VAL H 13 105.53 -39.39 -12.87
N SER H 14 106.50 -40.12 -12.35
CA SER H 14 106.99 -41.31 -13.04
C SER H 14 106.06 -42.48 -12.84
N LEU H 15 106.19 -43.47 -13.69
CA LEU H 15 105.37 -44.65 -13.59
C LEU H 15 105.53 -45.30 -12.23
N GLY H 16 104.40 -45.54 -11.56
CA GLY H 16 104.40 -46.17 -10.25
C GLY H 16 104.36 -45.17 -9.08
N GLN H 17 104.55 -43.89 -9.37
CA GLN H 17 104.53 -42.85 -8.35
C GLN H 17 103.14 -42.26 -8.19
N ARG H 18 102.91 -41.60 -7.06
CA ARG H 18 101.64 -40.92 -6.80
C ARG H 18 101.62 -39.48 -7.31
N ALA H 19 100.50 -39.10 -7.94
CA ALA H 19 100.32 -37.71 -8.37
C ALA H 19 99.31 -37.00 -7.51
N THR H 20 99.71 -35.91 -6.88
CA THR H 20 98.75 -35.15 -6.08
C THR H 20 98.45 -33.85 -6.81
N ILE H 21 97.16 -33.64 -7.09
CA ILE H 21 96.67 -32.47 -7.79
C ILE H 21 95.65 -31.76 -6.91
N SER H 22 95.77 -30.45 -6.70
CA SER H 22 94.81 -29.75 -5.83
C SER H 22 93.99 -28.65 -6.52
N CYS H 23 92.82 -28.39 -5.97
CA CYS H 23 91.94 -27.32 -6.41
C CYS H 23 91.49 -26.42 -5.27
N ARG H 24 91.47 -25.12 -5.51
CA ARG H 24 90.96 -24.18 -4.54
C ARG H 24 89.86 -23.31 -5.11
N ALA H 25 88.74 -23.33 -4.44
CA ALA H 25 87.60 -22.52 -4.85
C ALA H 25 87.74 -21.11 -4.32
N SER H 26 87.18 -20.13 -5.04
CA SER H 26 87.18 -18.77 -4.54
C SER H 26 86.17 -18.56 -3.40
N GLU H 27 85.22 -19.48 -3.31
CA GLU H 27 84.12 -19.48 -2.36
C GLU H 27 83.60 -20.92 -2.19
N SER H 28 82.62 -21.13 -1.31
CA SER H 28 82.02 -22.45 -1.10
C SER H 28 80.49 -22.41 -1.16
N SER H 35 79.21 -29.07 -1.26
CA SER H 35 80.57 -29.38 -1.67
C SER H 35 80.58 -30.41 -2.77
N PHE H 36 79.80 -30.18 -3.81
CA PHE H 36 79.70 -31.13 -4.90
C PHE H 36 80.77 -30.92 -5.96
N MET H 37 82.00 -31.09 -5.52
CA MET H 37 83.16 -30.88 -6.37
C MET H 37 83.48 -32.19 -7.06
N ASN H 38 83.64 -32.13 -8.35
CA ASN H 38 83.91 -33.31 -9.13
C ASN H 38 85.29 -33.24 -9.81
N TRP H 39 85.93 -34.37 -10.02
CA TRP H 39 87.19 -34.38 -10.76
C TRP H 39 87.04 -35.08 -12.08
N PHE H 40 87.66 -34.49 -13.08
CA PHE H 40 87.69 -35.04 -14.42
C PHE H 40 89.08 -35.23 -14.98
N GLN H 41 89.22 -36.22 -15.84
CA GLN H 41 90.47 -36.49 -16.55
C GLN H 41 90.30 -36.33 -18.04
N GLN H 42 91.03 -35.41 -18.65
CA GLN H 42 90.89 -35.24 -20.08
C GLN H 42 92.19 -35.61 -20.78
N LYS H 43 92.22 -36.82 -21.30
CA LYS H 43 93.42 -37.34 -21.95
C LYS H 43 93.53 -36.59 -23.27
N PRO H 44 94.71 -36.39 -23.85
CA PRO H 44 94.83 -35.68 -25.10
C PRO H 44 93.95 -36.36 -26.14
N GLY H 45 93.16 -35.55 -26.85
CA GLY H 45 92.26 -36.04 -27.89
C GLY H 45 90.90 -36.52 -27.36
N GLN H 46 90.72 -36.52 -26.05
CA GLN H 46 89.49 -37.00 -25.42
C GLN H 46 88.67 -35.88 -24.76
N PRO H 47 87.35 -36.09 -24.55
CA PRO H 47 86.48 -35.32 -23.70
C PRO H 47 86.93 -35.62 -22.28
N PRO H 48 86.61 -34.82 -21.27
CA PRO H 48 86.88 -35.12 -19.89
C PRO H 48 86.11 -36.37 -19.48
N LYS H 49 86.68 -37.20 -18.62
CA LYS H 49 85.97 -38.34 -18.09
C LYS H 49 85.78 -38.11 -16.61
N LEU H 50 84.67 -38.49 -16.01
CA LEU H 50 84.55 -38.28 -14.58
C LEU H 50 85.34 -39.28 -13.80
N LEU H 51 86.11 -38.81 -12.84
CA LEU H 51 86.88 -39.64 -11.93
C LEU H 51 86.31 -39.65 -10.53
N ILE H 52 86.08 -38.46 -10.00
CA ILE H 52 85.63 -38.31 -8.61
C ILE H 52 84.39 -37.46 -8.53
N HIS H 53 83.47 -37.80 -7.67
CA HIS H 53 82.34 -36.91 -7.51
C HIS H 53 82.02 -36.68 -6.06
N THR H 54 81.41 -35.55 -5.81
CA THR H 54 81.05 -35.16 -4.46
C THR H 54 82.28 -35.29 -3.54
N ALA H 55 83.37 -34.65 -3.95
CA ALA H 55 84.66 -34.57 -3.25
C ALA H 55 85.48 -35.87 -3.25
N SER H 56 84.90 -36.99 -2.81
CA SER H 56 85.65 -38.25 -2.69
C SER H 56 85.15 -39.54 -3.37
N ASN H 57 83.97 -39.56 -3.98
CA ASN H 57 83.45 -40.83 -4.48
C ASN H 57 83.98 -41.16 -5.86
N GLN H 58 84.16 -42.44 -6.16
CA GLN H 58 84.58 -42.83 -7.51
C GLN H 58 83.44 -42.69 -8.51
N GLY H 59 83.79 -42.29 -9.73
CA GLY H 59 82.84 -42.20 -10.83
C GLY H 59 82.57 -43.58 -11.47
N SER H 60 81.76 -43.60 -12.51
CA SER H 60 81.40 -44.88 -13.12
C SER H 60 82.51 -45.47 -13.95
N GLY H 61 82.95 -46.66 -13.55
CA GLY H 61 84.03 -47.35 -14.25
C GLY H 61 85.41 -46.82 -13.87
N VAL H 62 85.47 -45.98 -12.85
CA VAL H 62 86.73 -45.37 -12.45
C VAL H 62 87.57 -46.25 -11.53
N PRO H 63 88.85 -46.54 -11.87
CA PRO H 63 89.79 -47.35 -11.11
C PRO H 63 90.02 -46.79 -9.71
N ALA H 64 90.32 -47.69 -8.77
CA ALA H 64 90.58 -47.39 -7.35
C ALA H 64 91.82 -46.53 -7.18
N ARG H 65 92.61 -46.46 -8.24
CA ARG H 65 93.82 -45.69 -8.34
C ARG H 65 93.49 -44.20 -8.18
N PHE H 66 92.25 -43.81 -8.47
CA PHE H 66 91.86 -42.42 -8.36
C PHE H 66 91.08 -42.18 -7.08
N SER H 67 91.72 -41.54 -6.11
CA SER H 67 91.12 -41.30 -4.80
C SER H 67 91.03 -39.82 -4.49
N GLY H 68 89.81 -39.34 -4.23
CA GLY H 68 89.65 -37.91 -3.96
C GLY H 68 89.28 -37.61 -2.52
N SER H 69 89.31 -36.32 -2.20
CA SER H 69 88.92 -35.79 -0.90
C SER H 69 88.65 -34.29 -0.98
N GLY H 70 88.02 -33.73 0.06
CA GLY H 70 87.88 -32.29 0.11
C GLY H 70 86.58 -31.77 0.68
N SER H 71 86.62 -30.51 1.08
CA SER H 71 85.49 -29.81 1.67
C SER H 71 85.69 -28.31 1.59
N GLY H 72 84.64 -27.54 1.86
CA GLY H 72 84.86 -26.10 1.89
C GLY H 72 85.31 -25.63 0.52
N THR H 73 86.49 -25.04 0.50
CA THR H 73 87.11 -24.50 -0.70
C THR H 73 88.31 -25.32 -1.16
N ASP H 74 88.70 -26.34 -0.40
CA ASP H 74 89.93 -27.08 -0.72
C ASP H 74 89.74 -28.57 -0.98
N PHE H 75 90.02 -28.93 -2.23
CA PHE H 75 89.82 -30.29 -2.74
C PHE H 75 91.07 -30.87 -3.38
N SER H 76 91.19 -32.21 -3.37
CA SER H 76 92.34 -32.84 -4.00
C SER H 76 92.07 -34.22 -4.61
N LEU H 77 92.96 -34.58 -5.53
CA LEU H 77 92.99 -35.89 -6.18
C LEU H 77 94.35 -36.53 -6.06
N ASN H 78 94.37 -37.78 -5.62
CA ASN H 78 95.57 -38.57 -5.52
C ASN H 78 95.50 -39.75 -6.47
N ILE H 79 96.40 -39.76 -7.46
CA ILE H 79 96.40 -40.82 -8.44
C ILE H 79 97.51 -41.76 -8.04
N HIS H 80 97.19 -43.00 -7.72
CA HIS H 80 98.25 -43.86 -7.22
C HIS H 80 98.04 -45.35 -7.51
N PRO H 81 98.94 -45.96 -8.30
CA PRO H 81 100.05 -45.43 -9.10
C PRO H 81 99.60 -44.70 -10.34
N VAL H 82 100.44 -43.79 -10.80
CA VAL H 82 100.27 -43.13 -12.08
C VAL H 82 100.84 -43.96 -13.22
N GLU H 83 100.06 -44.08 -14.29
CA GLU H 83 100.46 -44.78 -15.51
C GLU H 83 100.91 -43.75 -16.53
N ASP H 84 101.69 -44.15 -17.54
CA ASP H 84 102.08 -43.20 -18.60
C ASP H 84 100.85 -42.79 -19.40
N ASP H 85 99.85 -43.66 -19.33
CA ASP H 85 98.60 -43.54 -20.02
C ASP H 85 97.66 -42.56 -19.30
N ASP H 86 98.11 -42.04 -18.16
CA ASP H 86 97.34 -41.06 -17.39
C ASP H 86 97.79 -39.65 -17.71
N THR H 87 98.62 -39.50 -18.76
CA THR H 87 98.97 -38.17 -19.15
C THR H 87 97.64 -37.54 -19.54
N ALA H 88 97.29 -36.45 -18.88
CA ALA H 88 95.98 -35.83 -19.08
C ALA H 88 95.86 -34.50 -18.39
N MET H 89 94.85 -33.72 -18.75
CA MET H 89 94.52 -32.55 -17.95
C MET H 89 93.60 -32.98 -16.83
N TYR H 90 93.87 -32.53 -15.63
CA TYR H 90 92.99 -32.88 -14.53
C TYR H 90 92.24 -31.66 -14.08
N PHE H 91 90.94 -31.81 -14.00
CA PHE H 91 90.12 -30.66 -13.67
C PHE H 91 89.20 -30.84 -12.53
N CYS H 92 88.98 -29.75 -11.83
CA CYS H 92 87.91 -29.70 -10.87
C CYS H 92 86.73 -29.01 -11.48
N GLN H 93 85.57 -29.53 -11.16
CA GLN H 93 84.31 -28.98 -11.61
C GLN H 93 83.34 -28.82 -10.45
N GLN H 94 82.60 -27.72 -10.44
CA GLN H 94 81.62 -27.47 -9.37
C GLN H 94 80.17 -27.59 -9.84
N SER H 95 79.48 -28.65 -9.34
CA SER H 95 78.09 -28.92 -9.72
C SER H 95 77.05 -28.44 -8.71
N GLU H 96 77.48 -27.89 -7.57
CA GLU H 96 76.54 -27.41 -6.56
C GLU H 96 75.69 -26.25 -7.07
N GLU H 97 76.34 -25.37 -7.82
CA GLU H 97 75.72 -24.16 -8.34
C GLU H 97 75.63 -24.20 -9.86
N VAL H 98 74.68 -23.47 -10.40
CA VAL H 98 74.53 -23.35 -11.84
C VAL H 98 74.68 -21.87 -12.25
N PRO H 99 75.44 -21.52 -13.31
CA PRO H 99 76.17 -22.30 -14.31
C PRO H 99 77.22 -23.20 -13.71
N LEU H 100 77.34 -24.39 -14.30
CA LEU H 100 78.28 -25.41 -13.87
C LEU H 100 79.65 -24.97 -14.36
N THR H 101 80.69 -25.07 -13.53
CA THR H 101 82.02 -24.63 -13.99
C THR H 101 83.20 -25.56 -13.78
N PHE H 102 84.23 -25.38 -14.62
CA PHE H 102 85.52 -26.08 -14.53
C PHE H 102 86.65 -25.09 -14.24
N GLY H 103 87.68 -25.57 -13.54
CA GLY H 103 88.87 -24.76 -13.27
C GLY H 103 89.80 -24.79 -14.46
N ALA H 104 90.94 -24.10 -14.37
CA ALA H 104 91.90 -24.02 -15.47
C ALA H 104 92.46 -25.37 -15.92
N GLY H 105 92.68 -26.25 -14.96
CA GLY H 105 93.22 -27.58 -15.23
C GLY H 105 94.71 -27.68 -14.92
N THR H 106 95.12 -28.89 -14.53
CA THR H 106 96.50 -29.23 -14.22
C THR H 106 97.03 -30.25 -15.20
N LYS H 107 98.19 -30.02 -15.79
CA LYS H 107 98.68 -31.00 -16.74
C LYS H 107 99.59 -32.04 -16.10
N LEU H 108 99.17 -33.30 -16.12
CA LEU H 108 99.95 -34.39 -15.57
C LEU H 108 100.67 -35.12 -16.65
N GLU H 109 101.98 -35.24 -16.52
CA GLU H 109 102.79 -35.98 -17.47
C GLU H 109 103.50 -37.12 -16.77
N VAL I 2 -51.47 -19.74 -8.10
CA VAL I 2 -50.12 -19.66 -7.59
C VAL I 2 -49.96 -18.31 -6.86
N PRO I 3 -48.86 -18.05 -6.14
CA PRO I 3 -48.59 -16.81 -5.43
C PRO I 3 -48.49 -15.64 -6.39
N GLY I 4 -48.86 -14.46 -5.89
CA GLY I 4 -48.81 -13.20 -6.62
C GLY I 4 -47.64 -12.34 -6.17
N GLU I 5 -47.87 -11.05 -6.23
CA GLU I 5 -46.91 -10.00 -5.93
C GLU I 5 -46.75 -9.83 -4.43
N MET I 6 -45.64 -9.26 -4.03
CA MET I 6 -45.39 -8.95 -2.63
C MET I 6 -46.38 -7.88 -2.26
N ARG I 7 -46.80 -7.83 -1.00
CA ARG I 7 -47.79 -6.84 -0.59
C ARG I 7 -47.28 -5.72 0.30
N LEU I 8 -47.92 -4.57 0.19
CA LEU I 8 -47.61 -3.48 1.09
C LEU I 8 -48.28 -3.64 2.40
N ALA I 9 -47.44 -3.66 3.42
CA ALA I 9 -47.80 -3.76 4.79
C ALA I 9 -46.91 -2.80 5.56
N SER I 10 -47.40 -2.32 6.67
CA SER I 10 -46.62 -1.47 7.54
C SER I 10 -46.03 -2.34 8.61
N ILE I 11 -45.02 -1.85 9.28
CA ILE I 11 -44.47 -2.62 10.37
C ILE I 11 -45.41 -2.40 11.52
N ALA I 12 -45.87 -3.49 12.09
CA ALA I 12 -46.82 -3.43 13.18
C ALA I 12 -46.20 -2.96 14.48
N PHE I 13 -47.01 -2.24 15.25
CA PHE I 13 -46.70 -1.89 16.62
C PHE I 13 -47.91 -2.29 17.40
N ASN I 14 -47.73 -3.20 18.32
CA ASN I 14 -48.86 -3.68 19.09
C ASN I 14 -48.99 -2.87 20.35
N HIS I 15 -50.01 -2.03 20.41
CA HIS I 15 -50.17 -1.12 21.52
C HIS I 15 -50.31 -1.92 22.84
N PRO I 16 -49.67 -1.47 23.95
CA PRO I 16 -49.75 -2.01 25.29
C PRO I 16 -51.17 -1.95 25.83
N ILE I 17 -51.48 -2.78 26.79
CA ILE I 17 -52.81 -2.74 27.39
C ILE I 17 -52.93 -1.42 28.14
N GLN I 18 -54.01 -0.68 27.89
CA GLN I 18 -54.17 0.59 28.56
C GLN I 18 -54.85 0.45 29.92
N VAL I 19 -54.18 0.94 30.95
CA VAL I 19 -54.73 0.88 32.30
C VAL I 19 -54.98 2.28 32.82
N ASP I 20 -56.24 2.66 32.92
CA ASP I 20 -56.60 4.02 33.29
C ASP I 20 -56.14 4.41 34.68
N GLN I 21 -55.67 5.65 34.81
CA GLN I 21 -55.24 6.18 36.09
C GLN I 21 -56.42 6.77 36.84
N LEU I 22 -56.48 6.52 38.14
CA LEU I 22 -57.51 7.02 39.07
C LEU I 22 -56.97 8.03 40.03
N ASN I 23 -57.83 8.92 40.51
CA ASN I 23 -57.43 9.87 41.53
C ASN I 23 -57.71 9.31 42.92
N SER I 24 -57.44 10.13 43.94
CA SER I 24 -57.65 9.78 45.35
C SER I 24 -56.75 8.65 45.89
N SER I 25 -57.34 7.85 46.77
CA SER I 25 -56.66 6.84 47.59
C SER I 25 -56.75 5.39 47.11
N TYR I 26 -57.26 5.19 45.93
CA TYR I 26 -57.41 3.84 45.39
C TYR I 26 -57.04 3.83 43.92
N PHE I 27 -56.69 2.67 43.41
CA PHE I 27 -56.29 2.60 42.01
C PHE I 27 -56.62 1.32 41.28
N LYS I 28 -56.62 1.38 39.94
CA LYS I 28 -56.87 0.18 39.16
C LYS I 28 -55.61 -0.60 39.01
N LEU I 29 -55.63 -1.80 39.51
CA LEU I 29 -54.48 -2.65 39.47
C LEU I 29 -54.72 -3.80 38.53
N SER I 30 -53.87 -3.88 37.52
CA SER I 30 -53.94 -4.93 36.53
C SER I 30 -53.14 -6.10 37.02
N ILE I 31 -53.77 -7.26 37.23
CA ILE I 31 -53.07 -8.40 37.80
C ILE I 31 -53.22 -9.62 36.91
N PRO I 32 -52.15 -10.32 36.51
CA PRO I 32 -52.22 -11.51 35.68
C PRO I 32 -52.94 -12.59 36.44
N THR I 33 -53.68 -13.41 35.73
CA THR I 33 -54.37 -14.52 36.38
C THR I 33 -53.87 -15.84 35.86
N ASN I 34 -53.13 -15.79 34.76
CA ASN I 34 -52.65 -17.00 34.13
C ASN I 34 -51.18 -16.90 33.79
N PHE I 35 -50.40 -17.74 34.41
CA PHE I 35 -48.98 -17.66 34.20
C PHE I 35 -48.39 -18.81 33.41
N SER I 36 -47.47 -18.51 32.49
CA SER I 36 -46.74 -19.56 31.81
C SER I 36 -45.26 -19.22 31.60
N PHE I 37 -44.50 -20.24 31.25
CA PHE I 37 -43.06 -20.09 31.02
C PHE I 37 -42.70 -20.24 29.58
N GLY I 38 -41.54 -19.72 29.26
CA GLY I 38 -40.95 -19.89 27.94
C GLY I 38 -39.46 -19.68 28.10
N VAL I 39 -38.73 -19.75 26.99
CA VAL I 39 -37.28 -19.59 27.05
C VAL I 39 -36.71 -18.62 26.04
N THR I 40 -35.52 -18.08 26.36
CA THR I 40 -34.72 -17.27 25.45
C THR I 40 -33.32 -17.87 25.41
N GLN I 41 -32.55 -17.55 24.37
CA GLN I 41 -31.20 -18.08 24.24
C GLN I 41 -30.19 -17.06 23.79
N GLU I 42 -28.94 -17.31 24.14
CA GLU I 42 -27.85 -16.49 23.63
C GLU I 42 -26.57 -17.30 23.46
N TYR I 43 -25.76 -16.85 22.54
CA TYR I 43 -24.45 -17.46 22.34
C TYR I 43 -23.36 -16.50 22.57
N ILE I 44 -22.40 -16.92 23.36
CA ILE I 44 -21.27 -16.11 23.63
C ILE I 44 -20.05 -16.72 22.99
N GLN I 45 -19.50 -16.06 21.99
CA GLN I 45 -18.32 -16.62 21.38
C GLN I 45 -17.19 -16.27 22.30
N THR I 46 -16.38 -17.24 22.66
CA THR I 46 -15.27 -16.93 23.54
C THR I 46 -13.94 -17.26 22.87
N THR I 47 -13.98 -18.01 21.76
CA THR I 47 -12.72 -18.37 21.15
C THR I 47 -12.58 -18.02 19.70
N ILE I 48 -11.33 -17.83 19.37
CA ILE I 48 -10.79 -17.63 18.05
C ILE I 48 -9.88 -18.82 17.81
N GLN I 49 -9.95 -19.44 16.66
CA GLN I 49 -9.09 -20.59 16.48
C GLN I 49 -7.64 -20.18 16.49
N LYS I 50 -6.84 -20.92 17.26
CA LYS I 50 -5.42 -20.61 17.41
C LYS I 50 -4.62 -20.93 16.16
N VAL I 51 -3.68 -20.03 15.89
CA VAL I 51 -2.86 -20.07 14.68
C VAL I 51 -1.37 -19.81 14.74
N THR I 52 -0.61 -20.51 13.89
CA THR I 52 0.79 -20.14 13.69
C THR I 52 1.11 -20.25 12.20
N VAL I 53 2.07 -19.45 11.71
CA VAL I 53 2.48 -19.51 10.30
C VAL I 53 4.00 -19.62 10.11
N ASP I 54 4.43 -20.59 9.29
CA ASP I 54 5.82 -20.78 8.94
C ASP I 54 6.06 -19.94 7.68
N CYS I 55 6.43 -18.67 7.85
CA CYS I 55 6.55 -17.68 6.78
C CYS I 55 7.41 -18.17 5.63
N LYS I 56 8.52 -18.82 5.95
CA LYS I 56 9.41 -19.27 4.90
C LYS I 56 8.67 -20.17 3.92
N GLN I 57 7.73 -20.97 4.41
CA GLN I 57 6.96 -21.88 3.58
C GLN I 57 5.72 -21.19 3.02
N TYR I 58 5.13 -20.32 3.82
CA TYR I 58 3.92 -19.64 3.40
C TYR I 58 4.17 -18.76 2.20
N VAL I 59 5.21 -17.95 2.25
CA VAL I 59 5.44 -17.03 1.16
C VAL I 59 5.81 -17.77 -0.12
N CYS I 60 6.71 -18.74 -0.06
CA CYS I 60 7.10 -19.51 -1.23
C CYS I 60 7.25 -21.00 -0.92
N ASN I 61 6.76 -21.85 -1.82
CA ASN I 61 6.78 -23.29 -1.59
C ASN I 61 8.10 -23.97 -1.89
N GLY I 62 9.11 -23.67 -1.06
CA GLY I 62 10.44 -24.30 -1.16
C GLY I 62 11.38 -23.78 -2.24
N PHE I 63 11.26 -22.52 -2.62
CA PHE I 63 12.13 -22.01 -3.68
C PHE I 63 13.24 -21.14 -3.16
N GLN I 64 14.46 -21.41 -3.60
CA GLN I 64 15.60 -20.63 -3.15
C GLN I 64 15.59 -19.20 -3.64
N LYS I 65 15.10 -18.95 -4.85
CA LYS I 65 15.15 -17.57 -5.33
C LYS I 65 14.24 -16.73 -4.45
N CYS I 66 13.12 -17.32 -4.08
CA CYS I 66 12.20 -16.67 -3.20
C CYS I 66 12.83 -16.44 -1.86
N GLU I 67 13.50 -17.45 -1.29
CA GLU I 67 14.10 -17.26 0.02
C GLU I 67 15.17 -16.17 -0.02
N GLN I 68 15.92 -16.07 -1.13
CA GLN I 68 16.97 -15.07 -1.24
C GLN I 68 16.38 -13.66 -1.21
N LEU I 69 15.23 -13.48 -1.84
CA LEU I 69 14.56 -12.18 -1.82
C LEU I 69 13.73 -11.99 -0.55
N LEU I 70 13.19 -13.08 -0.02
CA LEU I 70 12.36 -13.06 1.18
C LEU I 70 13.20 -12.62 2.35
N ARG I 71 14.47 -13.03 2.36
CA ARG I 71 15.40 -12.66 3.42
C ARG I 71 15.41 -11.16 3.67
N GLU I 72 15.20 -10.34 2.64
CA GLU I 72 15.27 -8.88 2.74
C GLU I 72 14.12 -8.35 3.60
N TYR I 73 13.08 -9.18 3.74
CA TYR I 73 11.86 -8.89 4.42
C TYR I 73 11.67 -9.72 5.70
N GLY I 74 12.71 -10.41 6.17
CA GLY I 74 12.60 -11.34 7.31
C GLY I 74 12.01 -10.74 8.59
N GLN I 75 12.28 -9.47 8.84
CA GLN I 75 11.79 -8.76 10.00
C GLN I 75 10.27 -8.66 10.01
N PHE I 76 9.65 -8.75 8.84
CA PHE I 76 8.22 -8.67 8.72
C PHE I 76 7.58 -9.89 9.33
N CYS I 77 8.06 -11.05 8.92
CA CYS I 77 7.49 -12.28 9.41
C CYS I 77 7.80 -12.51 10.87
N SER I 78 8.90 -11.92 11.35
CA SER I 78 9.18 -12.01 12.76
C SER I 78 8.04 -11.33 13.52
N LYS I 79 7.62 -10.14 13.04
CA LYS I 79 6.50 -9.43 13.65
C LYS I 79 5.22 -10.25 13.59
N ILE I 80 5.00 -10.94 12.47
CA ILE I 80 3.79 -11.74 12.30
C ILE I 80 3.71 -12.88 13.30
N ASN I 81 4.81 -13.60 13.49
CA ASN I 81 4.74 -14.71 14.40
C ASN I 81 4.67 -14.27 15.84
N GLN I 82 5.38 -13.20 16.20
CA GLN I 82 5.36 -12.77 17.58
C GLN I 82 3.99 -12.16 17.93
N ALA I 83 3.37 -11.45 16.99
CA ALA I 83 2.06 -10.89 17.24
C ALA I 83 1.04 -12.00 17.45
N LEU I 84 1.14 -13.07 16.63
CA LEU I 84 0.24 -14.20 16.79
C LEU I 84 0.54 -14.94 18.08
N HIS I 85 1.83 -15.03 18.45
CA HIS I 85 2.19 -15.71 19.69
C HIS I 85 1.44 -15.02 20.83
N GLY I 86 1.48 -13.70 20.85
CA GLY I 86 0.78 -12.94 21.87
C GLY I 86 -0.72 -13.23 21.85
N ALA I 87 -1.34 -13.20 20.67
CA ALA I 87 -2.78 -13.45 20.60
C ALA I 87 -3.18 -14.86 21.05
N ASN I 88 -2.36 -15.87 20.75
CA ASN I 88 -2.69 -17.23 21.15
C ASN I 88 -2.56 -17.37 22.67
N LEU I 89 -1.60 -16.66 23.28
CA LEU I 89 -1.46 -16.73 24.72
C LEU I 89 -2.68 -16.11 25.37
N ARG I 90 -3.16 -15.00 24.79
CA ARG I 90 -4.33 -14.35 25.35
C ARG I 90 -5.53 -15.28 25.27
N GLN I 91 -5.64 -16.03 24.17
CA GLN I 91 -6.74 -16.96 24.03
C GLN I 91 -6.68 -18.03 25.10
N ASP I 92 -5.50 -18.54 25.40
CA ASP I 92 -5.41 -19.56 26.41
C ASP I 92 -5.68 -19.04 27.80
N ASP I 93 -5.22 -17.83 28.09
CA ASP I 93 -5.46 -17.31 29.42
C ASP I 93 -6.93 -17.07 29.62
N SER I 94 -7.62 -16.61 28.57
CA SER I 94 -9.03 -16.35 28.70
C SER I 94 -9.80 -17.63 28.99
N VAL I 95 -9.47 -18.71 28.29
CA VAL I 95 -10.17 -19.97 28.47
C VAL I 95 -9.96 -20.56 29.86
N ARG I 96 -8.71 -20.56 30.34
CA ARG I 96 -8.50 -21.15 31.65
C ARG I 96 -9.05 -20.27 32.76
N ASN I 97 -9.03 -18.96 32.56
CA ASN I 97 -9.52 -18.07 33.58
C ASN I 97 -11.03 -18.15 33.67
N LEU I 98 -11.68 -18.42 32.55
CA LEU I 98 -13.11 -18.56 32.55
C LEU I 98 -13.52 -19.86 33.22
N PHE I 99 -12.86 -20.97 32.87
CA PHE I 99 -13.25 -22.22 33.49
C PHE I 99 -12.95 -22.25 34.97
N ALA I 100 -11.94 -21.52 35.39
CA ALA I 100 -11.63 -21.46 36.79
C ALA I 100 -12.83 -20.92 37.60
N SER I 101 -13.64 -20.01 37.01
CA SER I 101 -14.78 -19.46 37.73
C SER I 101 -15.95 -20.42 37.70
N VAL I 102 -15.97 -21.29 36.69
CA VAL I 102 -17.01 -22.29 36.51
C VAL I 102 -16.95 -23.36 37.61
N LYS I 103 -15.75 -23.82 37.92
CA LYS I 103 -15.55 -24.86 38.92
C LYS I 103 -15.98 -24.51 40.35
N SER I 104 -16.70 -25.45 40.99
CA SER I 104 -17.14 -25.33 42.37
C SER I 104 -16.20 -26.03 43.34
N SER I 105 -16.17 -25.59 44.60
CA SER I 105 -15.33 -26.28 45.60
C SER I 105 -15.99 -27.56 46.09
N GLN I 106 -17.31 -27.55 46.10
CA GLN I 106 -18.13 -28.66 46.53
C GLN I 106 -19.38 -28.67 45.68
N SER I 107 -19.93 -29.85 45.48
CA SER I 107 -21.17 -30.02 44.71
C SER I 107 -21.89 -31.33 45.03
N SER I 108 -23.14 -31.45 44.57
CA SER I 108 -23.91 -32.67 44.70
C SER I 108 -23.48 -33.61 43.58
N PRO I 109 -23.53 -34.94 43.77
CA PRO I 109 -23.35 -35.88 42.71
C PRO I 109 -24.61 -35.81 41.88
N ILE I 110 -24.47 -36.04 40.60
CA ILE I 110 -25.62 -36.09 39.73
C ILE I 110 -25.83 -37.45 39.15
N ILE I 111 -27.04 -37.91 39.33
CA ILE I 111 -27.48 -39.18 38.82
C ILE I 111 -28.77 -38.89 38.05
N PRO I 112 -29.22 -39.76 37.15
CA PRO I 112 -30.47 -39.61 36.45
C PRO I 112 -31.52 -39.52 37.53
N GLY I 113 -32.48 -38.63 37.32
CA GLY I 113 -33.55 -38.41 38.29
C GLY I 113 -33.38 -37.03 38.92
N PHE I 114 -32.18 -36.45 38.84
CA PHE I 114 -32.05 -35.12 39.36
C PHE I 114 -32.99 -34.28 38.53
N GLY I 115 -33.74 -33.42 39.19
CA GLY I 115 -34.73 -32.58 38.53
C GLY I 115 -36.12 -32.90 39.07
N GLY I 116 -36.31 -34.10 39.60
CA GLY I 116 -37.64 -34.41 40.12
C GLY I 116 -38.63 -34.44 38.97
N ASP I 117 -39.64 -33.57 39.04
CA ASP I 117 -40.68 -33.50 38.02
C ASP I 117 -40.28 -32.63 36.81
N PHE I 118 -39.11 -32.02 36.91
CA PHE I 118 -38.56 -31.12 35.91
C PHE I 118 -37.64 -32.00 35.04
N ASN I 119 -37.87 -32.04 33.74
CA ASN I 119 -37.21 -32.95 32.80
C ASN I 119 -35.68 -32.88 32.78
N LEU I 120 -35.10 -31.69 32.92
CA LEU I 120 -33.64 -31.58 32.88
C LEU I 120 -32.95 -32.47 31.83
N THR I 121 -33.15 -32.14 30.56
CA THR I 121 -32.61 -32.88 29.41
C THR I 121 -31.11 -32.60 29.25
N LEU I 122 -30.64 -31.71 30.10
CA LEU I 122 -29.30 -31.24 30.15
C LEU I 122 -28.42 -32.10 31.08
N LEU I 123 -28.99 -33.13 31.75
CA LEU I 123 -28.16 -33.96 32.64
C LEU I 123 -27.19 -34.71 31.76
N GLU I 124 -25.98 -34.96 32.24
CA GLU I 124 -25.01 -35.65 31.42
C GLU I 124 -25.50 -37.04 30.95
N PRO I 125 -25.53 -37.31 29.63
CA PRO I 125 -25.97 -38.55 29.01
C PRO I 125 -24.90 -39.60 29.12
N VAL I 126 -24.61 -39.99 30.34
CA VAL I 126 -23.56 -40.94 30.59
C VAL I 126 -24.06 -42.34 30.26
N ALA I 135 -20.17 -37.13 30.77
CA ALA I 135 -20.68 -36.90 29.42
C ALA I 135 -21.03 -35.43 29.27
N ARG I 136 -21.80 -35.11 28.23
CA ARG I 136 -22.13 -33.74 27.89
C ARG I 136 -23.57 -33.35 28.28
N SER I 137 -24.43 -33.10 27.31
CA SER I 137 -25.82 -32.72 27.58
C SER I 137 -26.61 -32.92 26.29
N ALA I 138 -27.94 -32.93 26.35
CA ALA I 138 -28.69 -32.99 25.09
C ALA I 138 -28.38 -31.78 24.24
N ILE I 139 -28.23 -30.65 24.90
CA ILE I 139 -28.00 -29.40 24.22
C ILE I 139 -26.67 -29.38 23.52
N GLU I 140 -25.61 -29.88 24.18
CA GLU I 140 -24.32 -29.86 23.51
C GLU I 140 -24.36 -30.75 22.29
N ASP I 141 -25.02 -31.90 22.35
CA ASP I 141 -25.03 -32.70 21.14
C ASP I 141 -25.83 -32.01 20.06
N LEU I 142 -26.91 -31.31 20.43
CA LEU I 142 -27.67 -30.62 19.40
C LEU I 142 -26.83 -29.53 18.75
N LEU I 143 -26.07 -28.78 19.53
CA LEU I 143 -25.22 -27.76 18.91
C LEU I 143 -24.09 -28.34 18.08
N PHE I 144 -23.44 -29.37 18.57
CA PHE I 144 -22.30 -29.88 17.82
C PHE I 144 -22.70 -30.68 16.60
N ASP I 145 -23.84 -31.38 16.64
CA ASP I 145 -24.29 -32.14 15.50
C ASP I 145 -24.98 -31.25 14.45
N LYS I 146 -25.70 -30.20 14.87
CA LYS I 146 -26.42 -29.32 13.94
C LYS I 146 -25.53 -28.28 13.25
N VAL I 147 -24.51 -27.80 13.93
CA VAL I 147 -23.64 -26.80 13.35
C VAL I 147 -22.63 -27.47 12.43
N THR I 148 -22.45 -26.92 11.24
CA THR I 148 -21.53 -27.46 10.27
C THR I 148 -20.09 -27.12 10.60
N ILE I 149 -19.59 -27.75 11.65
CA ILE I 149 -18.24 -27.55 12.13
C ILE I 149 -17.36 -28.68 11.61
N ALA I 150 -16.23 -28.29 11.02
CA ALA I 150 -15.28 -29.19 10.36
C ALA I 150 -14.54 -30.14 11.30
N ASP I 151 -14.23 -31.32 10.78
CA ASP I 151 -13.45 -32.33 11.50
C ASP I 151 -12.06 -31.81 11.88
N PRO I 152 -11.59 -32.08 13.11
CA PRO I 152 -10.28 -31.74 13.61
C PRO I 152 -9.25 -32.67 13.01
N GLY I 153 -8.00 -32.26 13.04
CA GLY I 153 -6.88 -33.11 12.65
C GLY I 153 -6.20 -33.60 13.92
N TYR I 154 -4.90 -33.34 14.03
CA TYR I 154 -4.04 -33.66 15.19
C TYR I 154 -3.73 -35.19 15.32
N MET I 155 -4.75 -36.04 15.23
CA MET I 155 -4.63 -37.52 15.29
C MET I 155 -5.80 -38.20 14.54
N GLN I 156 -5.56 -39.15 13.60
CA GLN I 156 -4.27 -39.62 13.12
C GLN I 156 -3.55 -38.55 12.32
N GLY I 157 -4.29 -37.69 11.62
CA GLY I 157 -3.63 -36.63 10.89
C GLY I 157 -3.08 -37.03 9.53
N TYR I 158 -1.77 -36.93 9.45
CA TYR I 158 -0.89 -37.04 8.28
C TYR I 158 -1.17 -38.23 7.41
N ASP I 159 -1.42 -39.39 7.98
CA ASP I 159 -1.66 -40.58 7.15
C ASP I 159 -2.84 -40.38 6.20
N ASP I 160 -3.81 -39.53 6.53
CA ASP I 160 -4.95 -39.37 5.67
C ASP I 160 -4.74 -38.28 4.63
N CYS I 161 -3.55 -37.66 4.68
CA CYS I 161 -3.14 -36.61 3.77
C CYS I 161 -1.95 -37.08 2.95
N MET I 162 -1.55 -38.31 3.20
CA MET I 162 -0.41 -39.01 2.63
C MET I 162 -0.93 -39.94 1.55
N GLN I 163 -0.07 -40.40 0.63
CA GLN I 163 -0.53 -41.36 -0.38
C GLN I 163 -0.93 -42.68 0.29
N GLN I 164 -0.47 -42.90 1.51
CA GLN I 164 -0.78 -44.09 2.27
C GLN I 164 -2.05 -43.83 3.09
N GLY I 165 -3.15 -43.64 2.36
CA GLY I 165 -4.45 -43.26 2.94
C GLY I 165 -5.49 -43.09 1.82
N PRO I 166 -6.74 -42.74 2.14
CA PRO I 166 -7.83 -42.57 1.18
C PRO I 166 -7.50 -41.43 0.22
N ALA I 167 -7.70 -41.67 -1.08
CA ALA I 167 -7.39 -40.70 -2.13
C ALA I 167 -8.32 -39.52 -2.12
N SER I 168 -9.48 -39.71 -1.49
CA SER I 168 -10.55 -38.75 -1.38
C SER I 168 -10.35 -37.66 -0.34
N ALA I 169 -9.33 -37.76 0.52
CA ALA I 169 -9.19 -36.71 1.51
C ALA I 169 -8.91 -35.38 0.81
N ARG I 170 -9.63 -34.33 1.23
CA ARG I 170 -9.45 -32.98 0.68
C ARG I 170 -9.48 -31.97 1.80
N ASP I 171 -9.09 -32.42 2.98
CA ASP I 171 -9.15 -31.57 4.15
C ASP I 171 -8.28 -30.34 4.00
N LEU I 172 -8.79 -29.20 4.49
CA LEU I 172 -8.02 -27.94 4.46
C LEU I 172 -6.81 -28.10 5.38
N ILE I 173 -6.92 -29.04 6.31
CA ILE I 173 -5.80 -29.37 7.17
C ILE I 173 -4.71 -30.01 6.31
N CYS I 174 -5.04 -30.87 5.34
CA CYS I 174 -4.01 -31.51 4.55
C CYS I 174 -3.22 -30.44 3.80
N ALA I 175 -3.93 -29.42 3.38
CA ALA I 175 -3.35 -28.30 2.64
C ALA I 175 -2.30 -27.55 3.47
N GLN I 176 -2.33 -27.71 4.80
CA GLN I 176 -1.41 -27.02 5.68
C GLN I 176 0.00 -27.50 5.49
N TYR I 177 0.17 -28.73 4.98
CA TYR I 177 1.48 -29.33 4.77
C TYR I 177 2.22 -28.62 3.65
N VAL I 178 1.48 -27.88 2.82
CA VAL I 178 2.01 -27.11 1.70
C VAL I 178 2.00 -25.62 2.08
N ALA I 179 0.87 -25.16 2.66
CA ALA I 179 0.70 -23.77 3.05
C ALA I 179 1.70 -23.29 4.09
N GLY I 180 2.17 -24.16 5.01
CA GLY I 180 3.07 -23.68 6.03
C GLY I 180 2.22 -23.07 7.13
N TYR I 181 0.99 -23.52 7.20
CA TYR I 181 0.05 -22.99 8.16
C TYR I 181 -0.21 -24.04 9.17
N LYS I 182 -0.35 -23.71 10.42
CA LYS I 182 -0.75 -24.75 11.32
C LYS I 182 -1.93 -24.36 12.19
N VAL I 183 -2.85 -25.31 12.29
CA VAL I 183 -4.00 -25.15 13.19
C VAL I 183 -3.56 -25.70 14.53
N LEU I 184 -3.83 -24.97 15.57
CA LEU I 184 -3.44 -25.37 16.90
C LEU I 184 -4.59 -26.08 17.60
N PRO I 185 -4.30 -26.97 18.56
CA PRO I 185 -5.28 -27.70 19.36
C PRO I 185 -6.00 -26.77 20.32
N PRO I 186 -7.19 -27.18 20.80
CA PRO I 186 -7.99 -26.50 21.80
C PRO I 186 -7.29 -26.64 23.13
N LEU I 187 -7.53 -25.73 24.06
CA LEU I 187 -6.91 -25.77 25.38
C LEU I 187 -7.46 -26.77 26.39
N MET I 188 -8.77 -27.02 26.40
CA MET I 188 -9.36 -27.83 27.47
C MET I 188 -9.66 -29.32 27.21
N ASP I 189 -10.03 -29.67 25.97
CA ASP I 189 -10.55 -30.99 25.60
C ASP I 189 -12.00 -31.07 26.04
N VAL I 190 -12.76 -31.96 25.44
CA VAL I 190 -14.17 -32.09 25.77
C VAL I 190 -14.39 -32.64 27.15
N ASN I 191 -13.50 -33.50 27.62
CA ASN I 191 -13.74 -34.10 28.91
C ASN I 191 -13.52 -33.10 30.03
N MET I 192 -12.53 -32.22 29.92
CA MET I 192 -12.41 -31.27 31.01
C MET I 192 -13.54 -30.27 30.92
N GLU I 193 -13.93 -29.85 29.71
CA GLU I 193 -15.01 -28.86 29.69
C GLU I 193 -16.26 -29.48 30.32
N ALA I 194 -16.50 -30.77 30.06
CA ALA I 194 -17.64 -31.45 30.64
C ALA I 194 -17.54 -31.48 32.17
N ALA I 195 -16.33 -31.67 32.71
CA ALA I 195 -16.11 -31.69 34.16
C ALA I 195 -16.46 -30.34 34.78
N TYR I 196 -16.16 -29.27 34.07
CA TYR I 196 -16.46 -27.98 34.62
C TYR I 196 -17.96 -27.70 34.59
N THR I 197 -18.66 -28.12 33.55
CA THR I 197 -20.09 -27.84 33.58
C THR I 197 -20.85 -28.88 34.40
N SER I 198 -20.27 -30.07 34.66
CA SER I 198 -20.98 -31.02 35.52
C SER I 198 -20.86 -30.51 36.95
N SER I 199 -19.79 -29.74 37.23
CA SER I 199 -19.59 -29.13 38.53
C SER I 199 -20.66 -28.06 38.75
N LEU I 200 -21.01 -27.32 37.67
CA LEU I 200 -22.11 -26.36 37.79
C LEU I 200 -23.43 -27.08 38.02
N LEU I 201 -23.67 -28.20 37.33
CA LEU I 201 -24.94 -28.89 37.52
C LEU I 201 -25.11 -29.35 38.95
N GLY I 202 -24.04 -29.83 39.55
CA GLY I 202 -24.05 -30.29 40.92
C GLY I 202 -24.18 -29.13 41.92
N SER I 203 -24.08 -27.89 41.44
CA SER I 203 -24.16 -26.73 42.30
C SER I 203 -25.59 -26.18 42.31
N ILE I 204 -26.46 -26.78 41.50
CA ILE I 204 -27.84 -26.38 41.42
C ILE I 204 -28.60 -27.03 42.56
N ALA I 205 -29.44 -26.20 43.19
CA ALA I 205 -30.25 -26.50 44.36
C ALA I 205 -29.36 -26.52 45.62
N GLY I 206 -28.95 -25.30 46.07
CA GLY I 206 -29.44 -24.05 45.48
C GLY I 206 -28.68 -22.80 45.85
N VAL I 207 -29.27 -21.68 45.45
CA VAL I 207 -28.67 -20.36 45.54
C VAL I 207 -29.31 -19.52 46.63
N GLY I 208 -30.17 -20.14 47.42
CA GLY I 208 -30.83 -19.48 48.53
C GLY I 208 -30.06 -19.79 49.80
N TRP I 209 -30.72 -19.55 50.94
CA TRP I 209 -30.16 -19.76 52.29
C TRP I 209 -28.98 -18.84 52.66
N THR I 210 -28.68 -17.89 51.79
CA THR I 210 -27.58 -16.91 51.83
C THR I 210 -26.23 -17.59 51.68
N ALA I 211 -25.21 -16.78 51.42
CA ALA I 211 -23.88 -17.32 51.15
C ALA I 211 -23.99 -18.36 50.03
N GLY I 212 -23.65 -19.62 50.32
CA GLY I 212 -23.65 -20.70 49.32
C GLY I 212 -22.28 -20.74 48.66
N LEU I 213 -21.46 -19.80 49.12
CA LEU I 213 -20.11 -19.52 48.72
C LEU I 213 -19.22 -20.01 49.85
N SER I 214 -19.87 -20.75 50.72
CA SER I 214 -19.36 -21.33 51.95
C SER I 214 -19.90 -22.73 52.11
N SER I 215 -21.13 -22.81 52.62
CA SER I 215 -21.83 -24.06 52.89
C SER I 215 -22.57 -24.57 51.65
N PHE I 216 -22.99 -25.82 51.69
CA PHE I 216 -23.78 -26.37 50.58
C PHE I 216 -24.90 -27.31 51.02
N ALA I 217 -26.14 -26.94 50.62
CA ALA I 217 -27.36 -27.65 51.03
C ALA I 217 -27.66 -28.96 50.29
N ALA I 218 -27.29 -29.10 49.03
CA ALA I 218 -27.61 -30.35 48.31
C ALA I 218 -29.11 -30.71 48.39
N ILE I 219 -29.98 -29.83 47.87
CA ILE I 219 -31.44 -30.02 47.97
C ILE I 219 -32.02 -30.26 46.55
N PRO I 220 -33.33 -30.60 46.38
CA PRO I 220 -33.95 -30.83 45.09
C PRO I 220 -34.00 -29.62 44.16
N PHE I 221 -33.93 -29.91 42.87
CA PHE I 221 -34.04 -28.91 41.81
C PHE I 221 -35.35 -28.19 41.90
N ALA I 222 -36.41 -28.99 42.04
CA ALA I 222 -37.74 -28.48 42.07
C ALA I 222 -37.93 -27.49 43.18
N GLN I 223 -37.27 -27.71 44.31
CA GLN I 223 -37.50 -26.77 45.38
C GLN I 223 -36.80 -25.49 45.08
N SER I 224 -35.64 -25.56 44.40
CA SER I 224 -34.99 -24.28 44.11
C SER I 224 -35.90 -23.47 43.19
N ILE I 225 -36.68 -24.16 42.36
CA ILE I 225 -37.64 -23.50 41.49
C ILE I 225 -38.74 -22.87 42.28
N PHE I 226 -39.28 -23.59 43.24
CA PHE I 226 -40.36 -23.03 43.99
C PHE I 226 -39.87 -21.84 44.81
N TYR I 227 -38.65 -21.91 45.33
CA TYR I 227 -38.14 -20.77 46.08
C TYR I 227 -38.01 -19.56 45.17
N ARG I 228 -37.53 -19.76 43.93
CA ARG I 228 -37.40 -18.65 42.99
C ARG I 228 -38.73 -18.04 42.61
N LEU I 229 -39.78 -18.86 42.53
CA LEU I 229 -41.11 -18.37 42.19
C LEU I 229 -41.70 -17.53 43.33
N ASN I 230 -41.45 -17.93 44.59
CA ASN I 230 -41.91 -17.08 45.69
C ASN I 230 -41.15 -15.77 45.63
N GLY I 231 -39.92 -15.87 45.14
CA GLY I 231 -38.99 -14.77 44.98
C GLY I 231 -39.43 -13.71 43.97
N VAL I 232 -40.46 -13.98 43.15
CA VAL I 232 -40.91 -12.98 42.20
C VAL I 232 -42.29 -12.48 42.55
N GLY I 233 -42.80 -12.84 43.72
CA GLY I 233 -44.11 -12.35 44.10
C GLY I 233 -45.28 -13.33 43.97
N ILE I 234 -45.03 -14.63 43.74
CA ILE I 234 -46.11 -15.62 43.66
C ILE I 234 -46.29 -16.14 45.07
N THR I 235 -47.51 -16.24 45.60
CA THR I 235 -47.58 -16.70 46.98
C THR I 235 -47.40 -18.23 47.06
N GLN I 236 -47.11 -18.73 48.26
CA GLN I 236 -46.87 -20.16 48.46
C GLN I 236 -48.08 -21.03 48.24
N GLN I 237 -49.26 -20.53 48.57
CA GLN I 237 -50.43 -21.37 48.44
C GLN I 237 -50.64 -21.71 46.97
N VAL I 238 -50.34 -20.75 46.11
CA VAL I 238 -50.51 -20.94 44.70
C VAL I 238 -49.53 -21.98 44.22
N LEU I 239 -48.28 -21.86 44.67
CA LEU I 239 -47.29 -22.82 44.21
C LEU I 239 -47.57 -24.22 44.70
N SER I 240 -48.06 -24.36 45.93
CA SER I 240 -48.31 -25.70 46.46
C SER I 240 -49.42 -26.39 45.70
N GLU I 241 -50.47 -25.66 45.35
CA GLU I 241 -51.58 -26.28 44.63
C GLU I 241 -51.22 -26.59 43.17
N ASN I 242 -50.39 -25.75 42.57
CA ASN I 242 -50.03 -25.91 41.17
C ASN I 242 -48.64 -26.49 40.94
N GLN I 243 -48.05 -27.10 41.94
CA GLN I 243 -46.67 -27.58 41.76
C GLN I 243 -46.48 -28.57 40.61
N LYS I 244 -47.51 -29.36 40.27
CA LYS I 244 -47.35 -30.31 39.18
C LYS I 244 -47.54 -29.60 37.85
N LEU I 245 -48.39 -28.58 37.86
CA LEU I 245 -48.66 -27.81 36.68
C LEU I 245 -47.43 -26.99 36.32
N ILE I 246 -46.77 -26.50 37.35
CA ILE I 246 -45.56 -25.71 37.18
C ILE I 246 -44.48 -26.56 36.56
N ALA I 247 -44.29 -27.79 37.06
CA ALA I 247 -43.29 -28.67 36.46
C ALA I 247 -43.62 -28.92 35.00
N ASN I 248 -44.91 -29.08 34.67
CA ASN I 248 -45.26 -29.34 33.29
C ASN I 248 -44.97 -28.13 32.41
N LYS I 249 -45.26 -26.93 32.91
CA LYS I 249 -44.99 -25.73 32.14
C LYS I 249 -43.49 -25.55 31.93
N PHE I 250 -42.71 -25.89 32.95
CA PHE I 250 -41.26 -25.84 32.84
C PHE I 250 -40.82 -26.76 31.72
N ASN I 251 -41.34 -27.99 31.75
CA ASN I 251 -40.94 -28.97 30.77
C ASN I 251 -41.33 -28.54 29.37
N GLN I 252 -42.46 -27.85 29.22
CA GLN I 252 -42.87 -27.35 27.91
C GLN I 252 -41.91 -26.28 27.44
N ALA I 253 -41.52 -25.39 28.35
CA ALA I 253 -40.60 -24.31 28.03
C ALA I 253 -39.24 -24.86 27.64
N LEU I 254 -38.82 -25.93 28.32
CA LEU I 254 -37.56 -26.60 28.04
C LEU I 254 -37.66 -27.37 26.74
N GLY I 255 -38.82 -27.96 26.49
CA GLY I 255 -39.12 -28.74 25.30
C GLY I 255 -38.87 -27.89 24.07
N ALA I 256 -39.07 -26.59 24.18
CA ALA I 256 -38.84 -25.67 23.07
C ALA I 256 -37.40 -25.79 22.52
N MET I 257 -36.45 -26.23 23.34
CA MET I 257 -35.07 -26.34 22.92
C MET I 257 -34.88 -27.41 21.86
N GLN I 258 -35.87 -28.30 21.72
CA GLN I 258 -35.85 -29.38 20.75
C GLN I 258 -35.89 -28.82 19.33
N THR I 259 -36.52 -27.64 19.15
CA THR I 259 -36.61 -27.05 17.83
C THR I 259 -35.66 -25.86 17.71
N GLY I 260 -35.16 -25.38 18.86
CA GLY I 260 -34.26 -24.24 18.94
C GLY I 260 -32.96 -24.36 18.13
N PHE I 261 -32.42 -25.56 17.96
CA PHE I 261 -31.16 -25.66 17.21
C PHE I 261 -31.44 -25.77 15.73
N THR I 262 -31.85 -24.63 15.21
CA THR I 262 -32.28 -24.38 13.85
C THR I 262 -31.70 -23.11 13.30
N THR I 263 -31.71 -23.00 11.99
CA THR I 263 -31.16 -21.84 11.31
C THR I 263 -32.04 -20.61 11.45
N THR I 264 -33.25 -20.81 11.95
CA THR I 264 -34.19 -19.73 12.16
C THR I 264 -34.04 -19.17 13.57
N ASN I 265 -33.16 -19.77 14.36
CA ASN I 265 -32.87 -19.37 15.72
C ASN I 265 -31.66 -18.46 15.70
N GLU I 266 -31.84 -17.22 16.12
CA GLU I 266 -30.75 -16.26 16.02
C GLU I 266 -29.52 -16.66 16.86
N ALA I 267 -29.72 -17.19 18.07
CA ALA I 267 -28.56 -17.59 18.87
C ALA I 267 -27.80 -18.71 18.16
N PHE I 268 -28.54 -19.62 17.54
CA PHE I 268 -27.95 -20.72 16.81
C PHE I 268 -27.13 -20.19 15.65
N HIS I 269 -27.70 -19.24 14.91
CA HIS I 269 -27.03 -18.66 13.77
C HIS I 269 -25.70 -18.06 14.23
N LYS I 270 -25.69 -17.38 15.38
CA LYS I 270 -24.45 -16.81 15.87
C LYS I 270 -23.39 -17.89 16.13
N VAL I 271 -23.81 -19.08 16.58
CA VAL I 271 -22.87 -20.16 16.84
C VAL I 271 -22.25 -20.55 15.50
N GLN I 272 -23.13 -20.67 14.48
CA GLN I 272 -22.68 -21.03 13.14
C GLN I 272 -21.71 -19.99 12.59
N ASP I 273 -21.95 -18.70 12.86
CA ASP I 273 -21.03 -17.69 12.38
C ASP I 273 -19.70 -17.74 13.08
N ALA I 274 -19.66 -18.07 14.36
CA ALA I 274 -18.35 -18.17 14.99
C ALA I 274 -17.48 -19.19 14.25
N VAL I 275 -18.12 -20.26 13.80
CA VAL I 275 -17.42 -21.29 13.07
C VAL I 275 -17.00 -20.76 11.69
N ASN I 276 -17.93 -20.10 11.01
CA ASN I 276 -17.68 -19.57 9.68
C ASN I 276 -16.58 -18.52 9.65
N ASN I 277 -16.51 -17.73 10.72
CA ASN I 277 -15.55 -16.66 10.82
C ASN I 277 -14.14 -17.20 10.98
N ASN I 278 -14.01 -18.35 11.62
CA ASN I 278 -12.69 -18.92 11.72
C ASN I 278 -12.33 -19.59 10.41
N ALA I 279 -13.33 -20.19 9.75
CA ALA I 279 -13.10 -20.87 8.50
C ALA I 279 -12.61 -19.92 7.42
N GLN I 280 -13.19 -18.72 7.38
CA GLN I 280 -12.79 -17.73 6.39
C GLN I 280 -11.43 -17.14 6.71
N ALA I 281 -11.06 -17.04 8.00
CA ALA I 281 -9.77 -16.47 8.27
C ALA I 281 -8.67 -17.33 7.60
N LEU I 282 -8.83 -18.65 7.68
CA LEU I 282 -7.87 -19.52 7.00
C LEU I 282 -8.11 -19.63 5.51
N SER I 283 -9.36 -19.68 5.09
CA SER I 283 -9.59 -19.83 3.67
C SER I 283 -8.95 -18.64 2.96
N LYS I 284 -9.04 -17.43 3.53
CA LYS I 284 -8.39 -16.30 2.91
C LYS I 284 -6.87 -16.46 2.89
N LEU I 285 -6.24 -16.93 3.98
CA LEU I 285 -4.80 -17.09 3.85
C LEU I 285 -4.45 -18.09 2.79
N ALA I 286 -5.24 -19.16 2.70
CA ALA I 286 -5.00 -20.20 1.73
C ALA I 286 -5.23 -19.76 0.29
N SER I 287 -6.28 -18.97 0.02
CA SER I 287 -6.56 -18.57 -1.34
C SER I 287 -5.60 -17.52 -1.84
N GLU I 288 -5.00 -16.79 -0.92
CA GLU I 288 -4.01 -15.79 -1.30
C GLU I 288 -2.75 -16.44 -1.83
N LEU I 289 -2.55 -17.74 -1.57
CA LEU I 289 -1.36 -18.41 -2.02
C LEU I 289 -1.40 -18.63 -3.54
N SER I 290 -2.58 -18.50 -4.14
CA SER I 290 -2.75 -18.70 -5.57
C SER I 290 -3.04 -17.37 -6.27
N ASN I 291 -2.94 -16.27 -5.53
CA ASN I 291 -3.25 -14.94 -6.04
C ASN I 291 -2.02 -14.27 -6.59
N THR I 292 -2.13 -13.64 -7.76
CA THR I 292 -0.98 -12.90 -8.22
C THR I 292 -1.07 -11.55 -7.56
N PHE I 293 0.05 -10.87 -7.48
CA PHE I 293 0.06 -9.56 -6.85
C PHE I 293 0.60 -8.50 -7.79
N GLY I 294 0.14 -8.56 -9.04
CA GLY I 294 0.63 -7.72 -10.12
C GLY I 294 1.69 -8.52 -10.88
N ALA I 295 1.98 -9.67 -10.31
CA ALA I 295 2.92 -10.65 -10.79
C ALA I 295 2.34 -11.42 -11.95
N ILE I 296 3.22 -11.94 -12.77
CA ILE I 296 2.86 -12.78 -13.89
C ILE I 296 2.25 -14.09 -13.43
N SER I 297 2.71 -14.57 -12.28
CA SER I 297 2.23 -15.80 -11.72
C SER I 297 2.36 -15.84 -10.23
N ALA I 298 1.47 -16.59 -9.58
CA ALA I 298 1.50 -16.80 -8.14
C ALA I 298 2.41 -17.97 -7.79
N SER I 299 2.93 -18.62 -8.83
CA SER I 299 3.79 -19.77 -8.72
C SER I 299 5.24 -19.46 -9.05
N ILE I 300 6.11 -19.66 -8.07
CA ILE I 300 7.54 -19.38 -8.25
C ILE I 300 8.08 -20.32 -9.29
N GLY I 301 7.65 -21.57 -9.26
CA GLY I 301 8.13 -22.57 -10.21
C GLY I 301 7.82 -22.20 -11.65
N ASP I 302 6.67 -21.55 -11.88
CA ASP I 302 6.30 -21.16 -13.23
C ASP I 302 7.01 -19.86 -13.62
N ILE I 303 7.28 -19.01 -12.61
CA ILE I 303 8.01 -17.79 -12.89
C ILE I 303 9.39 -18.20 -13.35
N ILE I 304 10.02 -19.13 -12.66
CA ILE I 304 11.34 -19.52 -13.06
C ILE I 304 11.34 -20.26 -14.39
N GLN I 305 10.45 -21.23 -14.54
CA GLN I 305 10.44 -22.03 -15.74
C GLN I 305 10.26 -21.28 -17.05
N ARG I 306 9.43 -20.24 -17.07
CA ARG I 306 9.20 -19.58 -18.33
C ARG I 306 9.79 -18.17 -18.45
N LEU I 307 10.64 -17.75 -17.52
CA LEU I 307 11.22 -16.40 -17.61
C LEU I 307 12.72 -16.39 -17.46
N ASP I 308 13.39 -15.50 -18.17
CA ASP I 308 14.82 -15.33 -17.99
C ASP I 308 15.06 -14.74 -16.58
N VAL I 309 16.14 -15.12 -15.86
CA VAL I 309 16.54 -14.62 -14.54
C VAL I 309 16.37 -13.12 -14.25
N LEU I 310 16.72 -12.17 -15.17
CA LEU I 310 16.59 -10.73 -14.97
C LEU I 310 15.13 -10.29 -14.79
N GLU I 311 14.18 -11.13 -15.21
CA GLU I 311 12.77 -10.82 -15.09
C GLU I 311 12.16 -11.58 -13.92
N GLN I 312 12.73 -12.76 -13.62
CA GLN I 312 12.20 -13.62 -12.57
C GLN I 312 12.24 -12.92 -11.23
N ASP I 313 13.34 -12.21 -10.93
CA ASP I 313 13.40 -11.56 -9.61
C ASP I 313 12.29 -10.53 -9.43
N ALA I 314 11.93 -9.82 -10.48
CA ALA I 314 10.89 -8.81 -10.35
C ALA I 314 9.55 -9.47 -10.07
N GLN I 315 9.30 -10.61 -10.73
CA GLN I 315 8.02 -11.29 -10.58
C GLN I 315 7.91 -11.90 -9.20
N ILE I 316 9.04 -12.39 -8.70
CA ILE I 316 9.10 -13.01 -7.39
C ILE I 316 8.96 -11.96 -6.33
N ASP I 317 9.62 -10.81 -6.49
CA ASP I 317 9.51 -9.77 -5.49
C ASP I 317 8.05 -9.30 -5.37
N ARG I 318 7.32 -9.20 -6.50
CA ARG I 318 5.92 -8.80 -6.40
C ARG I 318 5.15 -9.84 -5.60
N LEU I 319 5.44 -11.12 -5.86
CA LEU I 319 4.78 -12.19 -5.15
C LEU I 319 5.05 -12.13 -3.68
N ILE I 320 6.31 -11.95 -3.30
CA ILE I 320 6.67 -11.93 -1.90
C ILE I 320 6.00 -10.81 -1.18
N ASN I 321 6.06 -9.61 -1.73
CA ASN I 321 5.49 -8.51 -1.03
C ASN I 321 4.00 -8.69 -0.92
N GLY I 322 3.41 -9.33 -1.92
CA GLY I 322 2.03 -9.64 -1.92
C GLY I 322 1.66 -10.59 -0.78
N ARG I 323 2.39 -11.69 -0.65
CA ARG I 323 2.13 -12.66 0.40
C ARG I 323 2.33 -12.06 1.78
N LEU I 324 3.36 -11.21 1.91
CA LEU I 324 3.63 -10.60 3.19
C LEU I 324 2.49 -9.65 3.53
N THR I 325 1.95 -8.94 2.53
CA THR I 325 0.84 -8.02 2.75
C THR I 325 -0.37 -8.77 3.28
N THR I 326 -0.65 -9.96 2.72
CA THR I 326 -1.77 -10.74 3.18
C THR I 326 -1.55 -11.24 4.61
N LEU I 327 -0.30 -11.56 4.97
CA LEU I 327 -0.03 -11.97 6.35
C LEU I 327 -0.28 -10.81 7.29
N ASN I 328 0.07 -9.60 6.87
CA ASN I 328 -0.14 -8.43 7.69
C ASN I 328 -1.61 -8.24 8.01
N ALA I 329 -2.45 -8.31 6.97
CA ALA I 329 -3.87 -8.12 7.20
C ALA I 329 -4.43 -9.18 8.11
N PHE I 330 -3.98 -10.42 7.93
CA PHE I 330 -4.45 -11.51 8.75
C PHE I 330 -4.16 -11.26 10.21
N VAL I 331 -2.92 -10.89 10.51
CA VAL I 331 -2.55 -10.67 11.89
C VAL I 331 -3.32 -9.52 12.49
N ALA I 332 -3.46 -8.41 11.77
CA ALA I 332 -4.18 -7.30 12.35
C ALA I 332 -5.60 -7.72 12.72
N GLN I 333 -6.20 -8.54 11.86
CA GLN I 333 -7.54 -9.02 12.10
C GLN I 333 -7.58 -9.96 13.30
N GLN I 334 -6.58 -10.84 13.43
CA GLN I 334 -6.57 -11.76 14.54
C GLN I 334 -6.34 -11.05 15.86
N LEU I 335 -5.54 -9.99 15.87
CA LEU I 335 -5.30 -9.28 17.12
C LEU I 335 -6.60 -8.64 17.61
N VAL I 336 -7.38 -8.08 16.68
CA VAL I 336 -8.65 -7.46 17.06
C VAL I 336 -9.64 -8.53 17.52
N ARG I 337 -9.72 -9.63 16.79
CA ARG I 337 -10.65 -10.69 17.15
C ARG I 337 -10.34 -11.26 18.52
N SER I 338 -9.06 -11.42 18.85
CA SER I 338 -8.66 -11.95 20.13
C SER I 338 -9.10 -11.04 21.27
N GLU I 339 -8.92 -9.74 21.11
CA GLU I 339 -9.33 -8.84 22.18
C GLU I 339 -10.85 -8.80 22.34
N SER I 340 -11.58 -8.88 21.23
CA SER I 340 -13.02 -8.88 21.34
C SER I 340 -13.47 -10.15 22.05
N ALA I 341 -12.84 -11.29 21.72
CA ALA I 341 -13.16 -12.55 22.37
C ALA I 341 -12.83 -12.48 23.86
N ALA I 342 -11.73 -11.81 24.23
CA ALA I 342 -11.36 -11.71 25.65
C ALA I 342 -12.44 -10.97 26.43
N LEU I 343 -13.02 -9.92 25.82
CA LEU I 343 -14.09 -9.19 26.47
C LEU I 343 -15.30 -10.08 26.64
N SER I 344 -15.61 -10.83 25.59
CA SER I 344 -16.76 -11.70 25.61
C SER I 344 -16.65 -12.75 26.71
N ALA I 345 -15.46 -13.35 26.85
CA ALA I 345 -15.24 -14.35 27.87
C ALA I 345 -15.39 -13.79 29.28
N GLN I 346 -14.92 -12.57 29.51
CA GLN I 346 -15.07 -12.02 30.85
C GLN I 346 -16.53 -11.69 31.14
N LEU I 347 -17.26 -11.29 30.11
CA LEU I 347 -18.66 -11.01 30.33
C LEU I 347 -19.38 -12.33 30.68
N ALA I 348 -18.98 -13.43 30.03
CA ALA I 348 -19.56 -14.72 30.35
C ALA I 348 -19.25 -15.11 31.78
N LYS I 349 -18.02 -14.81 32.23
CA LYS I 349 -17.62 -15.14 33.59
C LYS I 349 -18.63 -14.56 34.57
N ASP I 350 -19.00 -13.30 34.33
CA ASP I 350 -19.95 -12.68 35.21
C ASP I 350 -21.35 -13.28 35.04
N LYS I 351 -21.78 -13.58 33.82
CA LYS I 351 -23.12 -14.16 33.66
C LYS I 351 -23.26 -15.51 34.36
N VAL I 352 -22.23 -16.32 34.33
CA VAL I 352 -22.33 -17.60 35.01
C VAL I 352 -22.54 -17.33 36.51
N ASN I 353 -21.82 -16.35 37.04
CA ASN I 353 -21.93 -16.02 38.45
C ASN I 353 -23.14 -15.11 38.79
N GLU I 354 -23.95 -14.73 37.80
CA GLU I 354 -25.11 -13.87 38.02
C GLU I 354 -26.45 -14.55 37.73
N CYS I 355 -26.49 -15.43 36.74
CA CYS I 355 -27.73 -16.06 36.33
C CYS I 355 -27.70 -17.60 36.46
N VAL I 356 -26.55 -18.20 36.21
CA VAL I 356 -26.51 -19.66 36.32
C VAL I 356 -26.41 -20.04 37.81
N LYS I 357 -25.51 -19.35 38.51
CA LYS I 357 -25.28 -19.57 39.93
C LYS I 357 -26.16 -18.71 40.83
N ALA I 358 -27.05 -17.92 40.25
CA ALA I 358 -27.87 -17.02 41.05
C ALA I 358 -29.16 -16.61 40.34
N GLN I 359 -30.15 -16.15 41.11
CA GLN I 359 -31.37 -15.59 40.51
C GLN I 359 -31.17 -14.11 40.23
N SER I 360 -31.53 -13.67 39.03
CA SER I 360 -31.39 -12.27 38.66
C SER I 360 -32.60 -11.42 39.00
N LYS I 361 -32.33 -10.21 39.46
CA LYS I 361 -33.34 -9.21 39.79
C LYS I 361 -33.24 -7.99 38.88
N ARG I 362 -32.45 -8.10 37.81
CA ARG I 362 -32.16 -6.96 36.95
C ARG I 362 -33.08 -6.65 35.75
N SER I 363 -33.87 -7.62 35.29
CA SER I 363 -34.62 -7.47 34.03
C SER I 363 -33.65 -7.20 32.91
N GLY I 364 -34.12 -7.00 31.68
CA GLY I 364 -33.24 -6.75 30.52
C GLY I 364 -32.60 -8.06 30.00
N PHE I 365 -31.91 -8.72 30.92
CA PHE I 365 -31.19 -9.97 30.84
C PHE I 365 -32.09 -11.18 30.82
N CYS I 366 -31.58 -12.23 30.22
CA CYS I 366 -32.15 -13.57 30.25
C CYS I 366 -33.53 -13.72 29.61
N GLY I 367 -34.45 -14.36 30.35
CA GLY I 367 -35.80 -14.60 29.85
C GLY I 367 -36.49 -13.25 29.87
N GLN I 368 -37.43 -13.01 28.98
CA GLN I 368 -38.03 -11.69 29.00
C GLN I 368 -39.23 -11.56 29.91
N GLY I 369 -38.90 -11.55 31.18
CA GLY I 369 -39.79 -11.50 32.32
C GLY I 369 -39.01 -11.99 33.52
N THR I 370 -38.53 -11.02 34.30
CA THR I 370 -37.73 -11.24 35.52
C THR I 370 -36.78 -12.42 35.35
N HIS I 371 -36.60 -13.23 36.37
CA HIS I 371 -35.72 -14.36 36.19
C HIS I 371 -36.02 -15.58 36.99
N ILE I 372 -35.81 -16.69 36.31
CA ILE I 372 -35.92 -18.04 36.76
C ILE I 372 -34.73 -18.73 36.11
N VAL I 373 -34.27 -19.79 36.74
CA VAL I 373 -33.06 -20.53 36.40
C VAL I 373 -32.57 -20.46 34.95
N SER I 374 -31.26 -20.26 34.85
CA SER I 374 -30.55 -20.23 33.59
C SER I 374 -29.50 -21.32 33.57
N PHE I 375 -29.16 -21.75 32.38
CA PHE I 375 -28.19 -22.81 32.22
C PHE I 375 -27.12 -22.44 31.21
N VAL I 376 -25.92 -22.94 31.41
CA VAL I 376 -24.84 -22.73 30.46
C VAL I 376 -24.27 -24.04 29.99
N VAL I 377 -24.06 -24.13 28.69
CA VAL I 377 -23.46 -25.30 28.08
C VAL I 377 -22.33 -24.87 27.16
N ASN I 378 -21.48 -25.80 26.76
CA ASN I 378 -20.42 -25.43 25.84
C ASN I 378 -20.99 -25.41 24.43
N ALA I 379 -20.40 -24.62 23.57
CA ALA I 379 -20.86 -24.49 22.21
C ALA I 379 -19.68 -24.34 21.28
N PRO I 380 -19.84 -24.59 19.98
CA PRO I 380 -18.76 -24.36 19.06
C PRO I 380 -18.30 -22.93 19.28
N ASN I 381 -16.99 -22.78 19.51
CA ASN I 381 -16.30 -21.51 19.74
C ASN I 381 -16.80 -20.66 20.92
N GLY I 382 -17.50 -21.26 21.86
CA GLY I 382 -18.01 -20.44 22.94
C GLY I 382 -18.98 -21.15 23.84
N LEU I 383 -19.81 -20.37 24.50
CA LEU I 383 -20.80 -20.86 25.43
C LEU I 383 -22.18 -20.56 24.97
N TYR I 384 -23.08 -21.44 25.29
CA TYR I 384 -24.45 -21.20 24.92
C TYR I 384 -25.29 -21.18 26.18
N PHE I 385 -26.11 -20.17 26.27
CA PHE I 385 -26.94 -20.01 27.43
C PHE I 385 -28.39 -20.09 27.10
N MET I 386 -29.11 -20.68 28.03
CA MET I 386 -30.55 -20.81 27.98
C MET I 386 -31.14 -20.17 29.19
N HIS I 387 -32.22 -19.46 29.00
CA HIS I 387 -32.82 -18.78 30.13
C HIS I 387 -34.30 -18.96 30.21
N VAL I 388 -34.80 -19.38 31.36
CA VAL I 388 -36.23 -19.53 31.46
C VAL I 388 -36.81 -18.17 31.85
N GLY I 389 -37.88 -17.75 31.19
CA GLY I 389 -38.51 -16.47 31.53
C GLY I 389 -39.96 -16.60 31.96
N TYR I 390 -40.46 -15.55 32.60
CA TYR I 390 -41.84 -15.48 33.06
C TYR I 390 -42.73 -14.74 32.09
N TYR I 391 -43.83 -15.36 31.69
CA TYR I 391 -44.77 -14.70 30.80
C TYR I 391 -46.22 -14.72 31.31
N PRO I 392 -46.58 -13.86 32.30
CA PRO I 392 -47.92 -13.72 32.85
C PRO I 392 -48.89 -13.18 31.81
N SER I 393 -50.14 -13.62 31.85
CA SER I 393 -51.19 -13.12 30.98
C SER I 393 -52.57 -13.16 31.63
N ASN I 394 -53.58 -12.92 30.81
CA ASN I 394 -54.96 -12.91 31.25
C ASN I 394 -55.16 -11.99 32.44
N HIS I 395 -54.67 -10.78 32.32
CA HIS I 395 -54.79 -9.83 33.40
C HIS I 395 -56.21 -9.40 33.61
N ILE I 396 -56.51 -9.12 34.87
CA ILE I 396 -57.81 -8.60 35.25
C ILE I 396 -57.61 -7.31 35.97
N GLU I 397 -58.67 -6.55 36.08
CA GLU I 397 -58.57 -5.30 36.77
C GLU I 397 -59.37 -5.30 38.06
N VAL I 398 -58.68 -4.99 39.15
CA VAL I 398 -59.31 -4.90 40.47
C VAL I 398 -58.93 -3.56 41.08
N VAL I 399 -59.63 -3.14 42.12
CA VAL I 399 -59.26 -1.89 42.80
C VAL I 399 -58.46 -2.16 44.06
N SER I 400 -57.31 -1.50 44.16
CA SER I 400 -56.42 -1.67 45.28
C SER I 400 -56.13 -0.43 46.11
N ALA I 401 -55.67 -0.72 47.32
CA ALA I 401 -55.29 0.24 48.35
C ALA I 401 -53.80 0.46 48.35
N TYR I 402 -53.36 1.55 49.00
CA TYR I 402 -51.94 1.80 49.15
C TYR I 402 -51.46 1.30 50.51
N GLY I 403 -52.41 0.80 51.30
CA GLY I 403 -52.21 0.29 52.65
C GLY I 403 -53.56 0.28 53.35
N LEU I 404 -53.59 -0.18 54.59
CA LEU I 404 -54.81 -0.30 55.38
C LEU I 404 -54.64 0.11 56.84
N CYS I 405 -55.65 0.77 57.40
CA CYS I 405 -55.68 1.14 58.81
C CYS I 405 -56.90 0.61 59.53
N ASP I 406 -56.77 0.41 60.84
CA ASP I 406 -57.92 0.09 61.67
C ASP I 406 -58.77 1.34 61.73
N ALA I 407 -60.00 1.26 61.26
CA ALA I 407 -60.84 2.44 61.21
C ALA I 407 -61.03 3.04 62.60
N ALA I 408 -61.02 2.18 63.63
CA ALA I 408 -61.24 2.60 65.00
C ALA I 408 -59.97 3.13 65.67
N ASN I 409 -58.85 3.08 64.96
CA ASN I 409 -57.60 3.51 65.53
C ASN I 409 -56.65 3.93 64.40
N PRO I 410 -56.53 5.24 64.13
CA PRO I 410 -55.75 5.86 63.07
C PRO I 410 -54.27 5.54 63.09
N THR I 411 -53.76 5.04 64.22
CA THR I 411 -52.34 4.76 64.28
C THR I 411 -52.03 3.31 64.01
N ASN I 412 -53.06 2.48 63.80
CA ASN I 412 -52.85 1.07 63.51
C ASN I 412 -52.82 0.79 62.02
N CYS I 413 -51.69 1.05 61.39
CA CYS I 413 -51.66 0.92 59.94
C CYS I 413 -50.64 -0.07 59.43
N ILE I 414 -51.03 -0.74 58.36
CA ILE I 414 -50.25 -1.74 57.66
C ILE I 414 -50.13 -1.49 56.16
N ALA I 415 -49.18 -2.18 55.57
CA ALA I 415 -48.96 -2.20 54.14
C ALA I 415 -48.71 -3.64 53.74
N PRO I 416 -48.97 -4.02 52.49
CA PRO I 416 -48.77 -5.36 52.00
C PRO I 416 -47.31 -5.68 51.85
N VAL I 417 -46.96 -6.94 52.01
CA VAL I 417 -45.60 -7.36 51.76
C VAL I 417 -45.47 -8.12 50.46
N ASN I 418 -44.69 -7.55 49.55
CA ASN I 418 -44.42 -8.13 48.26
C ASN I 418 -45.69 -8.50 47.52
N GLY I 419 -46.65 -7.60 47.58
CA GLY I 419 -47.96 -7.78 46.98
C GLY I 419 -48.81 -6.56 47.21
N TYR I 420 -50.12 -6.73 47.04
CA TYR I 420 -51.10 -5.65 47.16
C TYR I 420 -52.33 -6.00 48.00
N PHE I 421 -52.93 -4.98 48.57
CA PHE I 421 -54.22 -5.13 49.22
C PHE I 421 -55.26 -4.74 48.22
N ILE I 422 -56.23 -5.60 47.99
CA ILE I 422 -57.25 -5.31 47.01
C ILE I 422 -58.64 -5.43 47.60
N LYS I 423 -59.60 -4.79 46.96
CA LYS I 423 -60.94 -4.99 47.43
C LYS I 423 -61.23 -6.45 47.14
N THR I 424 -61.79 -7.13 48.10
CA THR I 424 -62.08 -8.52 47.95
C THR I 424 -63.14 -8.74 46.91
N ASN I 425 -62.85 -9.64 45.98
CA ASN I 425 -63.81 -10.09 44.98
C ASN I 425 -63.86 -11.61 45.00
N ASN I 426 -63.21 -12.16 46.01
CA ASN I 426 -63.10 -13.57 46.22
C ASN I 426 -64.15 -13.96 47.22
N THR I 427 -65.10 -14.78 46.82
CA THR I 427 -66.23 -15.12 47.65
C THR I 427 -65.88 -15.97 48.87
N ARG I 428 -64.64 -16.50 48.93
CA ARG I 428 -64.24 -17.27 50.11
C ARG I 428 -63.80 -16.32 51.24
N ILE I 429 -63.64 -15.04 50.93
CA ILE I 429 -63.17 -14.08 51.92
C ILE I 429 -64.33 -13.16 52.28
N VAL I 430 -64.71 -13.17 53.56
CA VAL I 430 -65.82 -12.35 54.01
C VAL I 430 -65.38 -10.91 54.21
N ASP I 431 -64.13 -10.75 54.60
CA ASP I 431 -63.49 -9.47 54.86
C ASP I 431 -63.49 -8.64 53.58
N GLU I 432 -63.71 -7.33 53.72
CA GLU I 432 -63.75 -6.40 52.58
C GLU I 432 -62.46 -6.31 51.78
N TRP I 433 -61.33 -6.52 52.43
CA TRP I 433 -60.04 -6.46 51.76
C TRP I 433 -59.35 -7.80 51.79
N SER I 434 -58.59 -8.08 50.73
CA SER I 434 -57.84 -9.32 50.56
C SER I 434 -56.45 -9.05 50.00
N TYR I 435 -55.57 -10.02 50.12
CA TYR I 435 -54.20 -9.85 49.64
C TYR I 435 -53.81 -10.72 48.47
N THR I 436 -53.13 -10.13 47.50
CA THR I 436 -52.61 -10.92 46.38
C THR I 436 -51.14 -10.71 46.28
N GLY I 437 -50.47 -11.60 45.58
CA GLY I 437 -49.05 -11.42 45.40
C GLY I 437 -48.86 -10.37 44.32
N SER I 438 -47.63 -10.10 43.98
CA SER I 438 -47.36 -9.06 43.00
C SER I 438 -47.29 -9.65 41.62
N SER I 439 -47.09 -10.95 41.54
CA SER I 439 -47.00 -11.60 40.25
C SER I 439 -48.13 -12.57 39.95
N PHE I 440 -49.10 -12.71 40.85
CA PHE I 440 -50.19 -13.64 40.59
C PHE I 440 -51.46 -13.35 41.39
N TYR I 441 -52.62 -13.32 40.70
CA TYR I 441 -53.88 -13.09 41.40
C TYR I 441 -54.41 -14.32 42.10
N ALA I 442 -54.46 -14.24 43.41
CA ALA I 442 -54.92 -15.32 44.25
C ALA I 442 -55.28 -14.78 45.62
N PRO I 443 -56.36 -14.03 45.80
CA PRO I 443 -56.67 -13.31 47.02
C PRO I 443 -56.63 -14.21 48.24
N GLU I 444 -55.94 -13.74 49.26
CA GLU I 444 -55.76 -14.44 50.53
C GLU I 444 -56.33 -13.54 51.61
N PRO I 445 -56.72 -14.05 52.77
CA PRO I 445 -57.13 -13.26 53.90
C PRO I 445 -55.96 -12.36 54.26
N ILE I 446 -56.22 -11.17 54.77
CA ILE I 446 -55.08 -10.34 55.15
C ILE I 446 -54.68 -10.67 56.57
N THR I 447 -53.48 -11.23 56.67
CA THR I 447 -52.87 -11.71 57.90
C THR I 447 -51.44 -11.23 58.01
N SER I 448 -50.85 -11.40 59.19
CA SER I 448 -49.50 -10.88 59.43
C SER I 448 -48.42 -11.46 58.55
N LEU I 449 -48.60 -12.66 58.04
CA LEU I 449 -47.58 -13.23 57.16
C LEU I 449 -47.42 -12.42 55.89
N ASN I 450 -48.47 -11.72 55.49
CA ASN I 450 -48.45 -10.96 54.26
C ASN I 450 -48.41 -9.45 54.50
N THR I 451 -48.19 -9.01 55.74
CA THR I 451 -48.24 -7.57 56.00
C THR I 451 -47.07 -7.04 56.82
N LYS I 452 -46.93 -5.73 56.76
CA LYS I 452 -45.95 -5.02 57.56
C LYS I 452 -46.60 -3.80 58.20
N TYR I 453 -46.14 -3.46 59.40
CA TYR I 453 -46.68 -2.29 60.10
C TYR I 453 -45.95 -1.06 59.62
N VAL I 454 -46.73 -0.05 59.30
CA VAL I 454 -46.18 1.18 58.72
C VAL I 454 -46.66 2.46 59.35
N ALA I 455 -45.97 3.56 59.05
CA ALA I 455 -46.48 4.84 59.47
C ALA I 455 -47.79 5.06 58.70
N PRO I 456 -48.85 5.62 59.32
CA PRO I 456 -50.11 5.99 58.72
C PRO I 456 -49.95 7.01 57.60
N GLN I 457 -50.77 6.86 56.57
CA GLN I 457 -50.84 7.76 55.41
C GLN I 457 -52.30 7.93 55.04
N VAL I 458 -52.60 9.06 54.41
CA VAL I 458 -53.95 9.43 53.99
C VAL I 458 -54.57 8.47 52.95
N THR I 459 -53.73 7.72 52.25
CA THR I 459 -54.17 6.79 51.22
C THR I 459 -54.41 5.37 51.71
N TYR I 460 -54.23 5.12 52.99
CA TYR I 460 -54.49 3.78 53.48
C TYR I 460 -55.98 3.70 53.74
N GLN I 461 -56.61 2.62 53.33
CA GLN I 461 -58.06 2.51 53.47
C GLN I 461 -58.42 2.06 54.87
N ASN I 462 -59.60 2.43 55.34
CA ASN I 462 -60.03 2.13 56.71
C ASN I 462 -60.98 0.96 56.84
N ILE I 463 -60.59 -0.04 57.64
CA ILE I 463 -61.43 -1.20 57.90
C ILE I 463 -61.99 -1.14 59.31
N SER I 464 -63.32 -1.10 59.39
CA SER I 464 -64.08 -0.99 60.64
C SER I 464 -64.62 -2.33 61.08
N THR I 465 -64.24 -3.37 60.38
CA THR I 465 -64.72 -4.70 60.63
C THR I 465 -63.59 -5.62 61.05
N ASN I 466 -63.01 -6.32 60.10
CA ASN I 466 -62.01 -7.32 60.45
C ASN I 466 -60.71 -7.25 59.68
N LEU I 467 -59.67 -6.93 60.40
CA LEU I 467 -58.33 -6.84 59.86
C LEU I 467 -57.35 -7.44 60.86
N PRO I 468 -57.12 -8.75 60.87
CA PRO I 468 -56.25 -9.44 61.82
C PRO I 468 -54.90 -8.74 62.10
N PRO I 469 -54.19 -8.13 61.14
CA PRO I 469 -52.98 -7.35 61.35
C PRO I 469 -53.21 -5.82 61.51
N PRO I 470 -53.32 -5.29 62.73
CA PRO I 470 -53.50 -5.88 64.03
C PRO I 470 -54.95 -6.20 64.15
N LEU I 471 -55.32 -7.23 64.89
CA LEU I 471 -56.73 -7.48 65.06
C LEU I 471 -57.38 -6.40 65.90
N LEU I 472 -56.66 -5.99 66.93
CA LEU I 472 -57.18 -5.02 67.88
C LEU I 472 -56.31 -3.79 67.89
N TYR J 1 1.18 -27.42 -53.94
CA TYR J 1 -0.08 -27.27 -53.22
C TYR J 1 -0.80 -28.61 -53.08
N VAL J 2 -1.95 -28.57 -52.42
CA VAL J 2 -2.74 -29.77 -52.19
C VAL J 2 -3.58 -30.16 -53.39
N ASP J 3 -3.52 -31.44 -53.71
CA ASP J 3 -4.31 -32.02 -54.77
C ASP J 3 -5.65 -32.40 -54.15
N VAL J 4 -6.70 -31.77 -54.61
CA VAL J 4 -8.04 -31.96 -54.07
C VAL J 4 -8.92 -32.58 -55.15
N GLY J 5 -8.26 -33.21 -56.11
CA GLY J 5 -8.91 -33.87 -57.21
C GLY J 5 -9.12 -32.90 -58.36
N PRO J 6 -9.71 -33.38 -59.46
CA PRO J 6 -9.98 -32.66 -60.68
C PRO J 6 -11.12 -31.68 -60.59
N ASP J 7 -11.14 -30.76 -61.54
CA ASP J 7 -12.22 -29.81 -61.72
C ASP J 7 -13.43 -30.51 -62.30
N SER J 8 -14.60 -29.94 -62.08
CA SER J 8 -15.78 -30.46 -62.74
C SER J 8 -15.67 -30.22 -64.24
N VAL J 9 -16.20 -31.13 -65.01
CA VAL J 9 -16.16 -30.98 -66.46
C VAL J 9 -17.49 -30.51 -66.99
N LYS J 10 -18.43 -30.23 -66.09
CA LYS J 10 -19.73 -29.78 -66.55
C LYS J 10 -19.59 -28.38 -67.16
N SER J 11 -20.20 -28.22 -68.33
CA SER J 11 -20.17 -26.97 -69.09
C SER J 11 -21.00 -25.84 -68.46
N ALA J 12 -21.88 -26.21 -67.54
CA ALA J 12 -22.79 -25.30 -66.86
C ALA J 12 -23.11 -25.77 -65.45
N CYS J 13 -23.57 -24.82 -64.64
CA CYS J 13 -23.98 -25.02 -63.26
C CYS J 13 -25.47 -25.23 -63.14
N ILE J 14 -25.90 -25.79 -62.01
CA ILE J 14 -27.32 -25.89 -61.78
C ILE J 14 -27.86 -24.50 -61.43
N GLU J 15 -29.01 -24.16 -62.01
CA GLU J 15 -29.67 -22.90 -61.71
C GLU J 15 -30.15 -22.92 -60.27
N VAL J 16 -29.97 -21.79 -59.59
CA VAL J 16 -30.40 -21.69 -58.21
C VAL J 16 -31.51 -20.65 -58.05
N ASP J 17 -32.65 -21.13 -57.60
CA ASP J 17 -33.86 -20.34 -57.40
C ASP J 17 -33.88 -19.84 -55.96
N ILE J 18 -33.68 -18.54 -55.76
CA ILE J 18 -33.59 -18.03 -54.40
C ILE J 18 -34.95 -17.43 -54.07
N GLN J 19 -35.65 -18.05 -53.13
CA GLN J 19 -37.01 -17.66 -52.79
C GLN J 19 -37.20 -17.53 -51.30
N GLN J 20 -36.69 -16.44 -50.76
CA GLN J 20 -36.59 -16.22 -49.32
C GLN J 20 -37.93 -16.24 -48.60
N THR J 21 -39.02 -15.88 -49.26
CA THR J 21 -40.30 -15.87 -48.58
C THR J 21 -40.67 -17.26 -48.03
N PHE J 22 -40.21 -18.33 -48.67
CA PHE J 22 -40.56 -19.69 -48.23
C PHE J 22 -39.78 -20.13 -47.01
N PHE J 23 -38.72 -19.40 -46.70
CA PHE J 23 -37.83 -19.71 -45.60
C PHE J 23 -38.11 -18.71 -44.48
N ASP J 24 -39.10 -17.83 -44.69
CA ASP J 24 -39.40 -16.78 -43.73
C ASP J 24 -40.32 -17.29 -42.65
N LYS J 25 -39.77 -18.10 -41.78
CA LYS J 25 -40.51 -18.74 -40.71
C LYS J 25 -39.99 -18.27 -39.37
N THR J 26 -40.82 -18.38 -38.35
CA THR J 26 -40.37 -18.02 -37.02
C THR J 26 -40.30 -19.23 -36.11
N TRP J 27 -39.09 -19.53 -35.64
CA TRP J 27 -38.90 -20.66 -34.73
C TRP J 27 -37.62 -20.45 -33.95
N PRO J 28 -37.57 -19.56 -32.98
CA PRO J 28 -36.38 -19.24 -32.23
C PRO J 28 -36.05 -20.45 -31.41
N ARG J 29 -34.76 -20.70 -31.19
CA ARG J 29 -34.34 -21.82 -30.38
C ARG J 29 -33.22 -21.32 -29.53
N PRO J 30 -33.51 -20.50 -28.52
CA PRO J 30 -32.56 -19.73 -27.78
C PRO J 30 -31.71 -20.52 -26.86
N ILE J 31 -30.59 -19.91 -26.55
CA ILE J 31 -29.70 -20.42 -25.55
C ILE J 31 -30.15 -20.11 -24.15
N ASP J 32 -30.29 -21.17 -23.37
CA ASP J 32 -30.64 -21.06 -21.99
C ASP J 32 -29.44 -21.52 -21.18
N VAL J 33 -28.70 -20.57 -20.67
CA VAL J 33 -27.44 -20.86 -20.01
C VAL J 33 -27.68 -21.51 -18.65
N SER J 34 -28.90 -21.51 -18.14
CA SER J 34 -29.15 -22.13 -16.84
C SER J 34 -28.99 -23.65 -16.91
N LYS J 35 -28.97 -24.17 -18.14
CA LYS J 35 -28.76 -25.58 -18.44
C LYS J 35 -27.43 -25.73 -19.18
N ALA J 36 -26.66 -24.64 -19.18
CA ALA J 36 -25.39 -24.41 -19.84
C ALA J 36 -25.48 -24.56 -21.37
N ASP J 37 -26.58 -24.12 -21.98
CA ASP J 37 -26.63 -24.19 -23.44
C ASP J 37 -25.60 -23.29 -24.05
N GLY J 38 -24.92 -23.79 -25.06
CA GLY J 38 -24.02 -22.98 -25.83
C GLY J 38 -22.69 -22.74 -25.13
N ILE J 39 -22.53 -23.31 -23.94
CA ILE J 39 -21.32 -23.09 -23.19
C ILE J 39 -20.22 -23.98 -23.74
N ILE J 40 -19.10 -23.34 -24.03
CA ILE J 40 -17.94 -24.02 -24.54
C ILE J 40 -17.09 -24.32 -23.36
N TYR J 41 -16.67 -25.55 -23.24
CA TYR J 41 -15.86 -25.95 -22.13
C TYR J 41 -14.55 -25.12 -22.15
N PRO J 42 -14.13 -24.48 -21.03
CA PRO J 42 -12.89 -23.71 -20.93
C PRO J 42 -11.69 -24.58 -21.27
N GLN J 43 -10.75 -24.06 -22.05
CA GLN J 43 -9.62 -24.89 -22.44
C GLN J 43 -8.36 -24.70 -21.60
N GLY J 44 -7.52 -25.73 -21.60
CA GLY J 44 -6.22 -25.74 -20.93
C GLY J 44 -6.22 -26.45 -19.58
N ARG J 45 -7.41 -26.68 -19.04
CA ARG J 45 -7.56 -27.35 -17.76
C ARG J 45 -8.97 -27.78 -17.48
N THR J 46 -9.10 -28.61 -16.45
CA THR J 46 -10.37 -29.03 -15.93
C THR J 46 -10.56 -28.91 -14.45
N TYR J 47 -11.84 -28.81 -14.09
CA TYR J 47 -12.36 -28.71 -12.73
C TYR J 47 -13.57 -29.59 -12.59
N SER J 48 -13.89 -29.93 -11.35
CA SER J 48 -15.08 -30.69 -11.06
C SER J 48 -15.56 -30.25 -9.70
N ASN J 49 -16.81 -30.52 -9.40
CA ASN J 49 -17.36 -30.23 -8.08
C ASN J 49 -17.20 -28.76 -7.68
N ILE J 50 -17.49 -27.81 -8.58
CA ILE J 50 -17.27 -26.42 -8.23
C ILE J 50 -18.04 -25.37 -9.05
N THR J 51 -18.40 -24.26 -8.41
CA THR J 51 -18.97 -23.14 -9.14
C THR J 51 -17.93 -22.04 -9.19
N ILE J 52 -17.65 -21.55 -10.38
CA ILE J 52 -16.63 -20.50 -10.54
C ILE J 52 -17.17 -19.35 -11.34
N THR J 53 -16.53 -18.20 -11.25
CA THR J 53 -16.90 -17.10 -12.12
C THR J 53 -15.77 -16.91 -13.12
N TYR J 54 -16.11 -16.92 -14.40
CA TYR J 54 -15.13 -16.84 -15.46
C TYR J 54 -15.50 -15.97 -16.66
N GLN J 55 -14.54 -15.18 -17.10
CA GLN J 55 -14.66 -14.29 -18.26
C GLN J 55 -14.04 -14.95 -19.50
N GLY J 56 -14.84 -15.16 -20.55
CA GLY J 56 -14.35 -15.85 -21.75
C GLY J 56 -15.36 -15.85 -22.89
N LEU J 57 -15.12 -16.62 -23.96
CA LEU J 57 -16.04 -16.53 -25.08
C LEU J 57 -17.22 -17.44 -24.98
N PHE J 58 -18.37 -16.80 -24.81
CA PHE J 58 -19.62 -17.46 -24.60
C PHE J 58 -20.71 -16.75 -25.38
N PRO J 59 -21.79 -17.44 -25.71
CA PRO J 59 -22.99 -16.88 -26.24
C PRO J 59 -23.68 -16.25 -25.06
N TYR J 60 -24.67 -15.40 -25.28
CA TYR J 60 -25.37 -14.82 -24.15
C TYR J 60 -26.78 -15.38 -23.97
N GLN J 61 -27.28 -15.26 -22.73
CA GLN J 61 -28.61 -15.77 -22.39
C GLN J 61 -29.72 -15.14 -23.19
N GLY J 62 -30.57 -15.97 -23.75
CA GLY J 62 -31.70 -15.49 -24.52
C GLY J 62 -31.39 -15.29 -25.98
N ASP J 63 -30.15 -15.57 -26.42
CA ASP J 63 -29.91 -15.36 -27.84
C ASP J 63 -30.66 -16.43 -28.59
N HIS J 64 -31.60 -16.00 -29.44
CA HIS J 64 -32.52 -16.86 -30.19
C HIS J 64 -31.82 -17.55 -31.34
N GLY J 65 -30.80 -16.86 -31.88
CA GLY J 65 -30.00 -17.34 -32.99
C GLY J 65 -30.55 -16.97 -34.35
N ASP J 66 -29.65 -16.81 -35.32
CA ASP J 66 -30.06 -16.56 -36.69
C ASP J 66 -30.52 -17.89 -37.24
N MET J 67 -31.73 -17.97 -37.79
CA MET J 67 -32.21 -19.27 -38.26
C MET J 67 -31.87 -19.58 -39.71
N TYR J 68 -31.20 -20.71 -39.90
CA TYR J 68 -30.81 -21.13 -41.21
C TYR J 68 -31.55 -22.34 -41.69
N VAL J 69 -32.32 -22.13 -42.73
CA VAL J 69 -33.19 -23.12 -43.27
C VAL J 69 -32.69 -23.70 -44.60
N TYR J 70 -32.50 -25.02 -44.63
CA TYR J 70 -32.08 -25.75 -45.84
C TYR J 70 -33.31 -26.46 -46.37
N SER J 71 -33.39 -26.63 -47.70
CA SER J 71 -34.64 -27.20 -48.25
C SER J 71 -34.54 -28.06 -49.48
N ALA J 72 -35.64 -28.73 -49.77
CA ALA J 72 -35.75 -29.54 -50.97
C ALA J 72 -35.75 -28.61 -52.16
N GLY J 73 -35.18 -29.08 -53.25
CA GLY J 73 -35.17 -28.34 -54.48
C GLY J 73 -36.46 -28.59 -55.22
N HIS J 74 -36.54 -28.05 -56.42
CA HIS J 74 -37.70 -28.18 -57.27
C HIS J 74 -37.71 -29.56 -57.82
N ALA J 75 -38.89 -30.07 -58.14
CA ALA J 75 -39.02 -31.39 -58.73
C ALA J 75 -40.32 -31.51 -59.50
N THR J 76 -40.32 -32.44 -60.47
CA THR J 76 -41.47 -32.73 -61.33
C THR J 76 -42.33 -33.81 -60.71
N GLY J 77 -41.79 -34.41 -59.65
CA GLY J 77 -42.39 -35.52 -58.96
C GLY J 77 -41.78 -36.84 -59.37
N THR J 78 -41.05 -36.83 -60.48
CA THR J 78 -40.38 -38.01 -60.98
C THR J 78 -38.89 -37.77 -60.89
N THR J 79 -38.47 -36.57 -61.29
CA THR J 79 -37.08 -36.19 -61.25
C THR J 79 -36.95 -34.84 -60.55
N PRO J 80 -35.80 -34.52 -59.93
CA PRO J 80 -35.43 -33.24 -59.37
C PRO J 80 -35.24 -32.24 -60.51
N GLN J 81 -35.38 -30.97 -60.22
CA GLN J 81 -35.13 -29.91 -61.19
C GLN J 81 -34.05 -28.93 -60.71
N LYS J 82 -34.45 -27.71 -60.36
CA LYS J 82 -33.58 -26.62 -59.93
C LYS J 82 -33.37 -26.59 -58.43
N LEU J 83 -32.34 -25.88 -57.97
CA LEU J 83 -32.17 -25.78 -56.52
C LEU J 83 -33.09 -24.72 -55.98
N PHE J 84 -33.49 -24.89 -54.73
CA PHE J 84 -34.36 -23.94 -54.06
C PHE J 84 -33.73 -23.54 -52.75
N VAL J 85 -33.30 -22.28 -52.66
CA VAL J 85 -32.56 -21.83 -51.49
C VAL J 85 -33.01 -20.51 -50.87
N ALA J 86 -32.55 -20.31 -49.65
CA ALA J 86 -32.66 -19.04 -48.94
C ALA J 86 -31.50 -18.16 -49.37
N ASN J 87 -31.62 -16.84 -49.22
CA ASN J 87 -30.53 -15.95 -49.62
C ASN J 87 -29.46 -15.84 -48.54
N TYR J 88 -28.74 -16.93 -48.34
CA TYR J 88 -27.73 -17.02 -47.30
C TYR J 88 -26.29 -16.71 -47.70
N SER J 89 -25.93 -16.87 -48.96
CA SER J 89 -24.53 -16.72 -49.36
C SER J 89 -24.03 -15.29 -49.23
N GLN J 90 -24.96 -14.35 -49.34
CA GLN J 90 -24.66 -12.93 -49.27
C GLN J 90 -24.81 -12.44 -47.83
N ASP J 91 -25.22 -13.32 -46.92
CA ASP J 91 -25.47 -12.87 -45.56
C ASP J 91 -24.16 -12.90 -44.80
N VAL J 92 -23.32 -11.91 -45.10
CA VAL J 92 -21.99 -11.87 -44.54
C VAL J 92 -21.97 -11.16 -43.21
N LYS J 93 -21.49 -11.88 -42.21
CA LYS J 93 -21.40 -11.44 -40.84
C LYS J 93 -19.97 -11.31 -40.39
N GLN J 94 -19.75 -10.49 -39.37
CA GLN J 94 -18.43 -10.37 -38.79
C GLN J 94 -18.07 -11.58 -37.97
N PHE J 95 -16.88 -12.13 -38.22
CA PHE J 95 -16.37 -13.28 -37.49
C PHE J 95 -15.92 -12.89 -36.10
N ALA J 96 -15.11 -11.84 -36.01
CA ALA J 96 -14.59 -11.38 -34.74
C ALA J 96 -13.91 -12.52 -33.98
N ASN J 97 -14.46 -12.88 -32.83
CA ASN J 97 -13.86 -13.90 -32.01
C ASN J 97 -14.49 -15.25 -32.21
N GLY J 98 -15.40 -15.36 -33.18
CA GLY J 98 -16.06 -16.61 -33.42
C GLY J 98 -17.54 -16.59 -33.11
N PHE J 99 -18.13 -17.75 -33.31
CA PHE J 99 -19.55 -17.96 -33.17
C PHE J 99 -19.86 -19.42 -32.93
N VAL J 100 -21.08 -19.69 -32.51
CA VAL J 100 -21.53 -21.05 -32.30
C VAL J 100 -22.81 -21.37 -33.02
N VAL J 101 -23.00 -22.64 -33.27
CA VAL J 101 -24.20 -23.08 -33.90
C VAL J 101 -24.91 -24.25 -33.22
N ARG J 102 -26.22 -24.14 -33.17
CA ARG J 102 -27.09 -25.20 -32.68
C ARG J 102 -27.55 -25.98 -33.89
N ILE J 103 -27.25 -27.27 -33.92
CA ILE J 103 -27.57 -28.09 -35.07
C ILE J 103 -28.64 -29.15 -34.76
N GLY J 104 -29.66 -29.22 -35.62
CA GLY J 104 -30.72 -30.21 -35.44
C GLY J 104 -31.75 -29.84 -34.39
N ALA J 105 -31.97 -28.56 -34.15
CA ALA J 105 -32.90 -28.13 -33.10
C ALA J 105 -34.31 -28.69 -33.25
N ALA J 106 -34.77 -28.81 -34.47
CA ALA J 106 -36.10 -29.31 -34.78
C ALA J 106 -36.11 -30.80 -35.08
N ALA J 107 -34.98 -31.49 -34.94
CA ALA J 107 -34.94 -32.88 -35.33
C ALA J 107 -35.98 -33.68 -34.55
N ASN J 108 -36.59 -34.62 -35.26
CA ASN J 108 -37.65 -35.54 -34.84
C ASN J 108 -39.01 -34.86 -34.72
N SER J 109 -39.11 -33.58 -34.96
CA SER J 109 -40.41 -32.93 -34.95
C SER J 109 -40.92 -33.06 -36.36
N THR J 110 -42.18 -32.73 -36.60
CA THR J 110 -42.75 -32.78 -37.94
C THR J 110 -43.10 -31.37 -38.37
N GLY J 111 -42.79 -31.02 -39.59
CA GLY J 111 -43.11 -29.67 -40.04
C GLY J 111 -42.88 -29.47 -41.52
N THR J 112 -43.01 -28.22 -41.94
CA THR J 112 -42.98 -27.90 -43.36
C THR J 112 -41.72 -28.32 -44.10
N VAL J 113 -41.94 -28.70 -45.36
CA VAL J 113 -40.86 -29.08 -46.26
C VAL J 113 -40.34 -27.87 -47.02
N ILE J 114 -40.85 -26.70 -46.64
CA ILE J 114 -40.41 -25.37 -47.07
C ILE J 114 -40.81 -24.98 -48.49
N ILE J 115 -40.37 -25.77 -49.46
CA ILE J 115 -40.68 -25.51 -50.87
C ILE J 115 -42.17 -25.60 -51.17
N SER J 116 -42.88 -26.42 -50.41
CA SER J 116 -44.30 -26.60 -50.54
C SER J 116 -44.87 -26.49 -49.14
N PRO J 117 -45.26 -25.28 -48.68
CA PRO J 117 -45.70 -24.94 -47.33
C PRO J 117 -46.82 -25.81 -46.75
N SER J 118 -47.69 -26.35 -47.60
CA SER J 118 -48.79 -27.19 -47.15
C SER J 118 -48.36 -28.63 -46.87
N THR J 119 -47.13 -28.97 -47.24
CA THR J 119 -46.59 -30.30 -47.09
C THR J 119 -45.64 -30.34 -45.91
N SER J 120 -45.81 -31.35 -45.06
CA SER J 120 -44.97 -31.53 -43.90
C SER J 120 -44.30 -32.89 -43.93
N ALA J 121 -43.19 -33.00 -43.20
CA ALA J 121 -42.43 -34.23 -43.09
C ALA J 121 -41.64 -34.26 -41.80
N THR J 122 -41.20 -35.46 -41.41
CA THR J 122 -40.37 -35.57 -40.24
C THR J 122 -39.09 -34.82 -40.52
N ILE J 123 -38.70 -33.98 -39.57
CA ILE J 123 -37.53 -33.16 -39.65
C ILE J 123 -36.22 -33.85 -39.31
N ARG J 124 -35.26 -33.71 -40.23
CA ARG J 124 -33.93 -34.31 -40.10
C ARG J 124 -32.81 -33.32 -39.80
N LYS J 125 -31.82 -33.76 -39.03
CA LYS J 125 -30.63 -32.95 -38.79
C LYS J 125 -29.74 -32.89 -40.03
N ILE J 126 -29.34 -31.68 -40.38
CA ILE J 126 -28.45 -31.45 -41.51
C ILE J 126 -27.32 -30.55 -41.04
N TYR J 127 -26.11 -30.86 -41.46
CA TYR J 127 -25.01 -30.05 -41.01
C TYR J 127 -24.86 -28.81 -41.88
N PRO J 128 -24.54 -27.65 -41.27
CA PRO J 128 -24.38 -26.36 -41.90
C PRO J 128 -23.15 -26.23 -42.75
N ALA J 129 -23.24 -25.46 -43.81
CA ALA J 129 -22.09 -25.17 -44.64
C ALA J 129 -21.77 -23.68 -44.53
N PHE J 130 -20.49 -23.37 -44.43
CA PHE J 130 -20.00 -21.99 -44.30
C PHE J 130 -18.90 -21.59 -45.24
N MET J 131 -18.87 -20.31 -45.58
CA MET J 131 -17.76 -19.76 -46.31
C MET J 131 -17.19 -18.61 -45.48
N LEU J 132 -15.89 -18.68 -45.18
CA LEU J 132 -15.22 -17.72 -44.31
C LEU J 132 -13.93 -17.12 -44.90
N GLY J 133 -13.62 -15.88 -44.54
CA GLY J 133 -12.34 -15.33 -44.95
C GLY J 133 -12.02 -13.94 -44.39
N SER J 134 -10.82 -13.46 -44.74
CA SER J 134 -10.28 -12.18 -44.30
C SER J 134 -10.76 -10.98 -45.12
N SER J 135 -11.31 -11.24 -46.30
CA SER J 135 -11.76 -10.15 -47.16
C SER J 135 -12.88 -10.58 -48.06
N VAL J 136 -13.87 -9.68 -48.23
CA VAL J 136 -15.02 -9.90 -49.08
C VAL J 136 -15.27 -8.73 -50.02
N GLY J 137 -16.04 -8.99 -51.07
CA GLY J 137 -16.43 -7.97 -52.03
C GLY J 137 -17.45 -8.47 -53.02
N ASN J 138 -17.55 -7.78 -54.16
CA ASN J 138 -18.56 -8.16 -55.16
C ASN J 138 -17.98 -9.07 -56.23
N PHE J 139 -18.91 -9.73 -56.90
CA PHE J 139 -18.72 -10.59 -58.06
C PHE J 139 -18.76 -9.71 -59.31
N SER J 140 -18.26 -10.24 -60.42
CA SER J 140 -18.21 -9.48 -61.67
C SER J 140 -19.58 -9.07 -62.24
N ASP J 141 -20.66 -9.72 -61.82
CA ASP J 141 -21.99 -9.36 -62.27
C ASP J 141 -22.73 -8.50 -61.25
N GLY J 142 -22.03 -8.06 -60.20
CA GLY J 142 -22.63 -7.26 -59.15
C GLY J 142 -23.20 -8.03 -57.95
N LYS J 143 -22.98 -9.34 -57.83
CA LYS J 143 -23.54 -10.01 -56.64
C LYS J 143 -22.59 -9.85 -55.47
N MET J 144 -23.11 -9.93 -54.26
CA MET J 144 -22.32 -9.77 -53.04
C MET J 144 -21.81 -11.09 -52.49
N GLY J 145 -20.89 -11.02 -51.53
CA GLY J 145 -20.42 -12.23 -50.84
C GLY J 145 -19.22 -12.91 -51.47
N ARG J 146 -18.47 -12.21 -52.30
CA ARG J 146 -17.31 -12.82 -52.89
C ARG J 146 -16.22 -12.82 -51.86
N PHE J 147 -15.55 -13.94 -51.68
CA PHE J 147 -14.41 -13.98 -50.76
C PHE J 147 -13.16 -13.96 -51.59
N PHE J 148 -12.13 -13.34 -51.06
CA PHE J 148 -10.90 -13.23 -51.82
C PHE J 148 -9.79 -14.16 -51.40
N ASN J 149 -8.99 -14.51 -52.41
CA ASN J 149 -7.81 -15.35 -52.26
C ASN J 149 -8.19 -16.69 -51.65
N HIS J 150 -7.48 -17.12 -50.62
CA HIS J 150 -7.88 -18.38 -50.06
C HIS J 150 -9.03 -18.17 -49.13
N THR J 151 -10.06 -18.93 -49.38
CA THR J 151 -11.29 -18.87 -48.64
C THR J 151 -11.46 -20.18 -47.91
N LEU J 152 -11.91 -20.08 -46.66
CA LEU J 152 -12.15 -21.26 -45.86
C LEU J 152 -13.56 -21.72 -46.07
N VAL J 153 -13.66 -22.95 -46.46
CA VAL J 153 -14.96 -23.50 -46.70
C VAL J 153 -15.19 -24.69 -45.80
N LEU J 154 -16.32 -24.64 -45.11
CA LEU J 154 -16.72 -25.73 -44.25
C LEU J 154 -17.90 -26.35 -44.94
N LEU J 155 -17.67 -27.48 -45.58
CA LEU J 155 -18.69 -28.09 -46.39
C LEU J 155 -18.99 -29.54 -46.03
N PRO J 156 -20.04 -29.82 -45.26
CA PRO J 156 -20.46 -31.15 -44.91
C PRO J 156 -20.79 -31.85 -46.20
N ASP J 157 -20.54 -33.14 -46.24
CA ASP J 157 -20.82 -33.93 -47.41
C ASP J 157 -21.27 -35.32 -47.00
N GLY J 158 -21.58 -36.15 -47.99
CA GLY J 158 -21.96 -37.54 -47.71
C GLY J 158 -23.28 -37.60 -47.00
N CYS J 159 -24.17 -36.68 -47.30
CA CYS J 159 -25.46 -36.60 -46.64
C CYS J 159 -25.30 -36.41 -45.13
N GLY J 160 -24.32 -35.59 -44.73
CA GLY J 160 -24.07 -35.31 -43.31
C GLY J 160 -23.18 -36.33 -42.60
N THR J 161 -22.34 -37.08 -43.34
CA THR J 161 -21.47 -38.09 -42.70
C THR J 161 -19.98 -37.71 -42.68
N LEU J 162 -19.61 -36.64 -43.36
CA LEU J 162 -18.25 -36.16 -43.31
C LEU J 162 -18.20 -34.64 -43.38
N LEU J 163 -17.23 -34.03 -42.72
CA LEU J 163 -17.01 -32.60 -42.87
C LEU J 163 -15.79 -32.32 -43.69
N ARG J 164 -15.95 -31.55 -44.77
CA ARG J 164 -14.79 -31.18 -45.54
C ARG J 164 -14.37 -29.76 -45.20
N ALA J 165 -13.23 -29.63 -44.57
CA ALA J 165 -12.73 -28.32 -44.20
C ALA J 165 -11.59 -28.00 -45.13
N PHE J 166 -11.71 -26.95 -45.91
CA PHE J 166 -10.62 -26.68 -46.85
C PHE J 166 -10.35 -25.22 -47.08
N TYR J 167 -9.14 -24.96 -47.53
CA TYR J 167 -8.73 -23.60 -47.79
C TYR J 167 -8.06 -23.55 -49.13
N CYS J 168 -8.78 -22.96 -50.07
CA CYS J 168 -8.41 -22.90 -51.47
C CYS J 168 -8.76 -21.57 -52.08
N ILE J 169 -8.18 -21.26 -53.21
CA ILE J 169 -8.58 -20.10 -53.94
C ILE J 169 -9.75 -20.59 -54.74
N LEU J 170 -10.83 -19.86 -54.69
CA LEU J 170 -12.01 -20.29 -55.41
C LEU J 170 -12.05 -19.56 -56.73
N GLU J 171 -11.88 -20.31 -57.79
CA GLU J 171 -11.83 -19.74 -59.12
C GLU J 171 -13.16 -19.92 -59.81
N PRO J 172 -13.97 -18.88 -59.97
CA PRO J 172 -15.32 -18.99 -60.46
C PRO J 172 -15.32 -19.47 -61.88
N ARG J 173 -16.23 -20.37 -62.16
CA ARG J 173 -16.43 -20.93 -63.47
C ARG J 173 -17.36 -19.99 -64.25
N SER J 174 -17.16 -19.95 -65.58
CA SER J 174 -17.89 -19.06 -66.49
C SER J 174 -19.12 -19.60 -67.21
N GLY J 175 -19.49 -20.85 -66.94
CA GLY J 175 -20.60 -21.47 -67.65
C GLY J 175 -21.96 -20.96 -67.20
N ASN J 176 -23.02 -21.45 -67.82
CA ASN J 176 -24.35 -20.97 -67.51
C ASN J 176 -24.65 -21.16 -66.02
N HIS J 177 -25.12 -20.10 -65.36
CA HIS J 177 -25.48 -20.04 -63.93
C HIS J 177 -24.30 -20.23 -62.98
N CYS J 178 -23.10 -20.05 -63.47
CA CYS J 178 -21.90 -20.14 -62.64
C CYS J 178 -21.53 -18.71 -62.26
N PRO J 179 -20.71 -18.45 -61.22
CA PRO J 179 -20.41 -17.10 -60.73
C PRO J 179 -19.78 -16.17 -61.76
N ALA J 180 -19.16 -16.68 -62.83
CA ALA J 180 -18.59 -15.78 -63.83
C ALA J 180 -19.31 -15.91 -65.16
N GLY J 181 -20.53 -16.46 -65.16
CA GLY J 181 -21.29 -16.66 -66.39
C GLY J 181 -22.68 -16.02 -66.43
N ASN J 182 -23.49 -16.53 -67.38
CA ASN J 182 -24.86 -16.09 -67.66
C ASN J 182 -25.87 -16.41 -66.58
N SER J 183 -26.76 -15.48 -66.27
CA SER J 183 -27.87 -15.73 -65.33
C SER J 183 -27.48 -16.33 -63.97
N TYR J 184 -26.48 -15.76 -63.33
CA TYR J 184 -26.04 -16.19 -62.02
C TYR J 184 -26.82 -15.46 -60.94
N THR J 185 -27.27 -16.21 -59.95
CA THR J 185 -28.00 -15.71 -58.80
C THR J 185 -27.08 -15.87 -57.60
N SER J 186 -27.02 -17.08 -57.08
CA SER J 186 -26.11 -17.44 -56.02
C SER J 186 -25.70 -18.85 -56.21
N PHE J 187 -24.45 -19.12 -56.00
CA PHE J 187 -24.06 -20.49 -56.09
C PHE J 187 -24.69 -21.12 -54.89
N ALA J 188 -24.97 -22.40 -54.99
CA ALA J 188 -25.46 -23.12 -53.84
C ALA J 188 -25.00 -24.53 -54.00
N THR J 189 -24.79 -25.20 -52.89
CA THR J 189 -24.39 -26.58 -52.98
C THR J 189 -25.59 -27.46 -52.91
N TYR J 190 -25.39 -28.70 -53.31
CA TYR J 190 -26.46 -29.65 -53.28
C TYR J 190 -26.00 -31.06 -53.24
N HIS J 191 -26.94 -31.92 -52.92
CA HIS J 191 -26.75 -33.34 -53.04
C HIS J 191 -28.06 -33.87 -53.58
N THR J 192 -28.03 -35.06 -54.14
CA THR J 192 -29.19 -35.70 -54.75
C THR J 192 -29.43 -37.03 -54.07
N PRO J 193 -30.20 -37.10 -52.97
CA PRO J 193 -30.41 -38.27 -52.13
C PRO J 193 -30.75 -39.51 -52.90
N ALA J 194 -31.47 -39.35 -54.02
CA ALA J 194 -31.85 -40.49 -54.82
C ALA J 194 -30.64 -41.31 -55.21
N THR J 195 -29.49 -40.68 -55.46
CA THR J 195 -28.30 -41.42 -55.81
C THR J 195 -27.21 -41.26 -54.76
N ASP J 196 -27.28 -40.17 -54.00
CA ASP J 196 -26.23 -39.81 -53.07
C ASP J 196 -26.35 -40.34 -51.66
N CYS J 197 -27.55 -40.74 -51.24
CA CYS J 197 -27.69 -41.18 -49.88
C CYS J 197 -28.02 -42.65 -49.83
N SER J 198 -27.47 -43.42 -50.76
CA SER J 198 -27.72 -44.86 -50.80
C SER J 198 -27.16 -45.52 -49.55
N ASP J 199 -27.94 -46.36 -48.90
CA ASP J 199 -27.52 -46.97 -47.65
C ASP J 199 -26.31 -47.87 -47.84
N GLY J 200 -25.23 -47.56 -47.14
CA GLY J 200 -23.97 -48.27 -47.22
C GLY J 200 -23.00 -47.65 -48.22
N ASN J 201 -23.48 -46.70 -49.01
CA ASN J 201 -22.66 -46.06 -50.01
C ASN J 201 -23.08 -44.62 -50.27
N TYR J 202 -22.82 -43.75 -49.31
CA TYR J 202 -23.20 -42.38 -49.52
C TYR J 202 -22.19 -41.75 -50.45
N ASN J 203 -22.65 -40.81 -51.23
CA ASN J 203 -21.75 -40.12 -52.10
C ASN J 203 -21.05 -39.09 -51.29
N ARG J 204 -19.86 -39.47 -50.87
CA ARG J 204 -19.05 -38.68 -49.98
C ARG J 204 -18.53 -37.42 -50.63
N ASN J 205 -18.68 -37.33 -51.96
CA ASN J 205 -18.26 -36.15 -52.70
C ASN J 205 -19.43 -35.43 -53.33
N ALA J 206 -20.67 -35.71 -52.93
CA ALA J 206 -21.79 -35.05 -53.61
C ALA J 206 -21.82 -33.54 -53.45
N SER J 207 -21.56 -33.04 -52.25
CA SER J 207 -21.62 -31.60 -52.06
C SER J 207 -20.32 -30.98 -52.51
N LEU J 208 -19.21 -31.73 -52.45
CA LEU J 208 -17.96 -31.18 -52.94
C LEU J 208 -18.05 -31.00 -54.42
N ASN J 209 -18.63 -31.99 -55.09
CA ASN J 209 -18.71 -31.94 -56.53
C ASN J 209 -19.64 -30.86 -56.97
N SER J 210 -20.74 -30.61 -56.25
CA SER J 210 -21.60 -29.51 -56.66
C SER J 210 -20.91 -28.17 -56.44
N PHE J 211 -20.14 -28.07 -55.37
CA PHE J 211 -19.43 -26.84 -55.08
C PHE J 211 -18.51 -26.52 -56.25
N LYS J 212 -17.79 -27.56 -56.70
CA LYS J 212 -16.86 -27.51 -57.80
C LYS J 212 -17.47 -27.13 -59.15
N GLU J 213 -18.80 -27.16 -59.26
CA GLU J 213 -19.44 -26.76 -60.50
C GLU J 213 -19.34 -25.26 -60.63
N TYR J 214 -19.34 -24.55 -59.48
CA TYR J 214 -19.32 -23.11 -59.49
C TYR J 214 -17.91 -22.57 -59.38
N PHE J 215 -17.05 -23.26 -58.60
CA PHE J 215 -15.67 -22.80 -58.43
C PHE J 215 -14.67 -23.90 -58.59
N ASN J 216 -13.54 -23.60 -59.21
CA ASN J 216 -12.48 -24.59 -59.25
C ASN J 216 -11.69 -24.40 -57.98
N LEU J 217 -11.08 -25.46 -57.48
CA LEU J 217 -10.26 -25.33 -56.30
C LEU J 217 -8.80 -25.21 -56.67
N ARG J 218 -8.21 -24.09 -56.28
CA ARG J 218 -6.84 -23.79 -56.65
C ARG J 218 -5.91 -23.45 -55.53
N ASN J 219 -4.69 -23.89 -55.69
CA ASN J 219 -3.64 -23.57 -54.74
C ASN J 219 -4.10 -23.89 -53.32
N CYS J 220 -4.69 -25.05 -53.16
CA CYS J 220 -5.21 -25.42 -51.88
C CYS J 220 -4.07 -25.59 -50.91
N THR J 221 -4.27 -25.07 -49.70
CA THR J 221 -3.20 -25.24 -48.73
C THR J 221 -3.59 -26.42 -47.89
N PHE J 222 -4.89 -26.67 -47.82
CA PHE J 222 -5.35 -27.83 -47.09
C PHE J 222 -6.73 -28.27 -47.47
N MET J 223 -7.01 -29.51 -47.11
CA MET J 223 -8.32 -30.10 -47.12
C MET J 223 -8.29 -31.25 -46.14
N TYR J 224 -9.13 -31.15 -45.12
CA TYR J 224 -9.20 -32.18 -44.11
C TYR J 224 -10.59 -32.74 -44.02
N THR J 225 -10.68 -34.02 -43.74
CA THR J 225 -11.98 -34.63 -43.61
C THR J 225 -12.15 -35.14 -42.20
N TYR J 226 -13.32 -34.88 -41.65
CA TYR J 226 -13.65 -35.40 -40.34
C TYR J 226 -14.88 -36.27 -40.52
N ASN J 227 -14.99 -37.38 -39.80
CA ASN J 227 -16.21 -38.17 -39.96
C ASN J 227 -17.27 -37.76 -38.96
N ILE J 228 -18.52 -37.89 -39.34
CA ILE J 228 -19.66 -37.57 -38.52
C ILE J 228 -20.53 -38.81 -38.31
N THR J 229 -20.81 -39.17 -37.06
CA THR J 229 -21.71 -40.29 -36.83
C THR J 229 -23.10 -39.78 -37.17
N GLU J 230 -23.87 -40.53 -37.95
CA GLU J 230 -25.20 -40.03 -38.29
C GLU J 230 -26.19 -40.32 -37.19
N ASP J 231 -26.84 -39.28 -36.70
CA ASP J 231 -27.85 -39.37 -35.66
C ASP J 231 -28.72 -38.12 -35.75
N GLU J 232 -29.74 -38.03 -34.89
CA GLU J 232 -30.63 -36.88 -34.83
C GLU J 232 -30.53 -36.13 -33.52
N ILE J 233 -29.41 -36.29 -32.83
CA ILE J 233 -29.14 -35.75 -31.50
C ILE J 233 -28.86 -34.25 -31.50
N LEU J 234 -29.48 -33.52 -30.57
CA LEU J 234 -29.24 -32.08 -30.57
C LEU J 234 -27.75 -31.83 -30.38
N GLU J 235 -27.15 -31.04 -31.26
CA GLU J 235 -25.72 -30.85 -31.19
C GLU J 235 -25.18 -29.44 -31.17
N TRP J 236 -24.20 -29.22 -30.29
CA TRP J 236 -23.48 -27.96 -30.28
C TRP J 236 -22.20 -28.09 -31.12
N PHE J 237 -21.95 -27.08 -31.94
CA PHE J 237 -20.76 -27.00 -32.78
C PHE J 237 -20.36 -25.54 -32.86
N GLY J 238 -19.09 -25.23 -33.03
CA GLY J 238 -18.74 -23.81 -33.17
C GLY J 238 -17.31 -23.54 -33.61
N ILE J 239 -16.98 -22.26 -33.79
CA ILE J 239 -15.67 -21.88 -34.29
C ILE J 239 -15.09 -20.60 -33.69
N THR J 240 -13.78 -20.61 -33.45
CA THR J 240 -13.06 -19.41 -32.99
C THR J 240 -11.71 -19.28 -33.71
N GLN J 241 -11.11 -18.10 -33.70
CA GLN J 241 -9.78 -17.98 -34.28
C GLN J 241 -8.84 -17.30 -33.32
N THR J 242 -7.67 -17.88 -33.21
CA THR J 242 -6.61 -17.44 -32.31
C THR J 242 -5.31 -17.36 -33.08
N ALA J 243 -4.27 -16.92 -32.40
CA ALA J 243 -2.95 -16.83 -33.00
C ALA J 243 -2.39 -18.19 -33.44
N GLN J 244 -2.97 -19.28 -32.92
CA GLN J 244 -2.49 -20.61 -33.25
C GLN J 244 -3.26 -21.26 -34.40
N GLY J 245 -4.32 -20.59 -34.91
CA GLY J 245 -5.14 -21.18 -35.99
C GLY J 245 -6.65 -21.05 -35.75
N VAL J 246 -7.42 -21.81 -36.50
CA VAL J 246 -8.88 -21.78 -36.41
C VAL J 246 -9.37 -23.01 -35.70
N HIS J 247 -10.07 -22.80 -34.62
CA HIS J 247 -10.47 -23.88 -33.75
C HIS J 247 -11.90 -24.32 -34.00
N LEU J 248 -12.07 -25.60 -34.33
CA LEU J 248 -13.37 -26.20 -34.59
C LEU J 248 -13.78 -26.98 -33.36
N PHE J 249 -14.94 -26.63 -32.85
CA PHE J 249 -15.45 -27.19 -31.62
C PHE J 249 -16.75 -27.93 -31.80
N SER J 250 -16.95 -28.97 -31.00
CA SER J 250 -18.20 -29.70 -31.01
C SER J 250 -18.47 -30.43 -29.72
N SER J 251 -19.75 -30.69 -29.45
CA SER J 251 -20.14 -31.53 -28.34
C SER J 251 -20.16 -32.99 -28.78
N ARG J 252 -20.10 -33.19 -30.10
CA ARG J 252 -20.24 -34.48 -30.76
C ARG J 252 -19.26 -35.58 -30.34
N TYR J 253 -18.03 -35.23 -29.99
CA TYR J 253 -17.06 -36.26 -29.66
C TYR J 253 -16.83 -36.45 -28.16
N VAL J 254 -17.16 -35.43 -27.35
CA VAL J 254 -16.88 -35.47 -25.92
C VAL J 254 -18.16 -35.51 -25.05
N ASP J 255 -19.23 -34.81 -25.47
CA ASP J 255 -20.43 -34.69 -24.68
C ASP J 255 -21.66 -34.80 -25.59
N LEU J 256 -21.74 -35.91 -26.33
CA LEU J 256 -22.79 -36.08 -27.33
C LEU J 256 -24.19 -35.97 -26.79
N TYR J 257 -24.41 -36.44 -25.58
CA TYR J 257 -25.76 -36.46 -25.06
C TYR J 257 -25.98 -35.37 -24.02
N GLY J 258 -25.01 -34.46 -23.94
CA GLY J 258 -25.01 -33.35 -22.99
C GLY J 258 -25.09 -31.99 -23.66
N GLY J 259 -24.07 -31.65 -24.45
CA GLY J 259 -23.98 -30.37 -25.12
C GLY J 259 -22.78 -29.47 -24.78
N ASN J 260 -21.92 -29.81 -23.80
CA ASN J 260 -20.76 -28.92 -23.60
C ASN J 260 -19.92 -29.01 -24.85
N MET J 261 -19.51 -27.88 -25.36
CA MET J 261 -18.77 -27.96 -26.59
C MET J 261 -17.26 -28.08 -26.29
N PHE J 262 -16.54 -28.95 -27.00
CA PHE J 262 -15.08 -29.11 -26.81
C PHE J 262 -14.32 -28.97 -28.11
N GLN J 263 -13.07 -28.55 -28.07
CA GLN J 263 -12.39 -28.46 -29.35
C GLN J 263 -12.09 -29.85 -29.90
N PHE J 264 -12.32 -30.07 -31.20
CA PHE J 264 -11.96 -31.38 -31.78
C PHE J 264 -10.91 -31.27 -32.89
N ALA J 265 -10.76 -30.08 -33.48
CA ALA J 265 -9.79 -29.91 -34.58
C ALA J 265 -9.32 -28.47 -34.70
N THR J 266 -8.11 -28.26 -35.24
CA THR J 266 -7.63 -26.90 -35.52
C THR J 266 -7.18 -26.83 -36.98
N LEU J 267 -7.62 -25.81 -37.70
CA LEU J 267 -7.24 -25.63 -39.10
C LEU J 267 -6.12 -24.59 -39.17
N PRO J 268 -5.13 -24.75 -40.06
CA PRO J 268 -4.00 -23.84 -40.24
C PRO J 268 -4.33 -22.59 -41.05
N VAL J 269 -5.26 -21.80 -40.54
CA VAL J 269 -5.65 -20.56 -41.17
C VAL J 269 -5.16 -19.43 -40.27
N TYR J 270 -4.17 -18.69 -40.76
CA TYR J 270 -3.55 -17.64 -39.94
C TYR J 270 -3.89 -16.25 -40.41
N ASP J 271 -4.75 -16.19 -41.41
CA ASP J 271 -5.24 -14.95 -41.96
C ASP J 271 -6.52 -14.66 -41.21
N THR J 272 -6.52 -13.62 -40.40
CA THR J 272 -7.66 -13.37 -39.53
C THR J 272 -8.96 -13.38 -40.31
N ILE J 273 -9.90 -14.17 -39.84
CA ILE J 273 -11.18 -14.27 -40.47
C ILE J 273 -11.93 -13.06 -40.02
N LYS J 274 -12.46 -12.33 -40.95
CA LYS J 274 -13.16 -11.13 -40.59
C LYS J 274 -14.61 -11.27 -40.95
N TYR J 275 -14.87 -12.06 -41.99
CA TYR J 275 -16.19 -12.22 -42.55
C TYR J 275 -16.60 -13.67 -42.73
N TYR J 276 -17.89 -13.95 -42.60
CA TYR J 276 -18.39 -15.27 -42.96
C TYR J 276 -19.84 -15.25 -43.42
N SER J 277 -20.25 -16.27 -44.18
CA SER J 277 -21.66 -16.42 -44.55
C SER J 277 -22.05 -17.87 -44.68
N ILE J 278 -23.34 -18.11 -44.59
CA ILE J 278 -23.86 -19.45 -44.77
C ILE J 278 -24.00 -19.83 -46.20
N ILE J 279 -23.50 -21.00 -46.51
CA ILE J 279 -23.64 -21.49 -47.84
C ILE J 279 -25.07 -22.02 -47.98
N PRO J 280 -25.85 -21.57 -48.96
CA PRO J 280 -27.21 -22.00 -49.22
C PRO J 280 -27.11 -23.44 -49.65
N HIS J 281 -28.14 -24.21 -49.40
CA HIS J 281 -28.07 -25.62 -49.76
C HIS J 281 -29.44 -26.12 -50.09
N SER J 282 -29.45 -26.97 -51.10
CA SER J 282 -30.67 -27.55 -51.54
C SER J 282 -30.50 -29.01 -51.87
N ILE J 283 -31.54 -29.74 -51.57
CA ILE J 283 -31.52 -31.15 -51.76
C ILE J 283 -32.31 -31.56 -53.01
N ARG J 284 -31.65 -32.26 -53.94
CA ARG J 284 -32.33 -32.61 -55.18
C ARG J 284 -33.10 -33.92 -55.05
N SER J 285 -34.10 -33.85 -54.24
CA SER J 285 -35.04 -34.90 -53.93
C SER J 285 -36.22 -34.75 -54.86
N ILE J 286 -37.12 -35.71 -54.82
CA ILE J 286 -38.33 -35.65 -55.62
C ILE J 286 -39.50 -35.45 -54.67
N GLN J 287 -40.68 -35.13 -55.19
CA GLN J 287 -41.80 -34.77 -54.32
C GLN J 287 -42.14 -35.91 -53.33
N SER J 288 -42.05 -37.13 -53.80
CA SER J 288 -42.34 -38.33 -53.00
C SER J 288 -41.22 -38.65 -52.00
N ASP J 289 -40.11 -37.96 -52.12
CA ASP J 289 -38.94 -38.11 -51.29
C ASP J 289 -38.59 -36.75 -50.71
N ARG J 290 -39.59 -35.89 -50.56
CA ARG J 290 -39.36 -34.57 -50.04
C ARG J 290 -39.48 -34.55 -48.52
N LYS J 291 -38.33 -34.30 -47.89
CA LYS J 291 -38.15 -34.32 -46.44
C LYS J 291 -38.19 -32.92 -45.87
N ALA J 292 -38.26 -32.84 -44.55
CA ALA J 292 -38.17 -31.57 -43.87
C ALA J 292 -36.81 -31.54 -43.17
N TRP J 293 -36.20 -30.37 -43.06
CA TRP J 293 -34.91 -30.29 -42.39
C TRP J 293 -34.93 -29.34 -41.25
N ALA J 294 -34.18 -29.68 -40.22
CA ALA J 294 -34.08 -28.83 -39.07
C ALA J 294 -33.28 -27.62 -39.45
N ALA J 295 -33.67 -26.47 -38.95
CA ALA J 295 -32.89 -25.29 -39.17
C ALA J 295 -31.75 -25.30 -38.18
N PHE J 296 -30.67 -24.65 -38.53
CA PHE J 296 -29.60 -24.52 -37.57
C PHE J 296 -29.58 -23.10 -37.11
N TYR J 297 -29.05 -22.87 -35.92
CA TYR J 297 -29.08 -21.52 -35.41
C TYR J 297 -27.72 -21.03 -35.09
N VAL J 298 -27.42 -19.81 -35.52
CA VAL J 298 -26.10 -19.27 -35.24
C VAL J 298 -26.18 -18.13 -34.26
N TYR J 299 -25.37 -18.24 -33.25
CA TYR J 299 -25.33 -17.31 -32.14
C TYR J 299 -23.91 -16.81 -32.12
N LYS J 300 -23.67 -15.58 -31.71
CA LYS J 300 -22.31 -15.08 -31.66
C LYS J 300 -21.62 -15.34 -30.34
N LEU J 301 -20.29 -15.41 -30.35
CA LEU J 301 -19.55 -15.48 -29.11
C LEU J 301 -18.96 -14.15 -28.77
N GLN J 302 -18.85 -13.88 -27.49
CA GLN J 302 -18.20 -12.66 -27.08
C GLN J 302 -17.64 -12.86 -25.69
N PRO J 303 -16.67 -12.05 -25.22
CA PRO J 303 -16.09 -12.14 -23.90
C PRO J 303 -17.08 -11.73 -22.81
N LEU J 304 -17.64 -12.73 -22.16
CA LEU J 304 -18.66 -12.56 -21.14
C LEU J 304 -18.28 -13.22 -19.86
N THR J 305 -18.76 -12.65 -18.75
CA THR J 305 -18.55 -13.30 -17.47
C THR J 305 -19.77 -14.12 -17.09
N PHE J 306 -19.45 -15.38 -16.82
CA PHE J 306 -20.40 -16.37 -16.37
C PHE J 306 -20.06 -17.08 -15.11
N LEU J 307 -21.08 -17.46 -14.40
CA LEU J 307 -20.83 -18.40 -13.33
C LEU J 307 -20.98 -19.73 -13.99
N LEU J 308 -20.03 -20.62 -13.79
CA LEU J 308 -20.08 -21.93 -14.41
C LEU J 308 -20.10 -23.01 -13.34
N ASP J 309 -21.17 -23.82 -13.33
CA ASP J 309 -21.35 -24.88 -12.36
C ASP J 309 -20.89 -26.25 -12.87
N PHE J 310 -19.75 -26.71 -12.35
CA PHE J 310 -19.10 -27.96 -12.74
C PHE J 310 -19.53 -29.09 -11.82
N SER J 311 -20.09 -30.12 -12.41
CA SER J 311 -20.56 -31.28 -11.65
C SER J 311 -19.35 -32.13 -11.32
N VAL J 312 -19.57 -33.22 -10.63
CA VAL J 312 -18.46 -34.11 -10.25
C VAL J 312 -17.77 -34.73 -11.48
N ASP J 313 -18.50 -34.79 -12.60
CA ASP J 313 -17.98 -35.36 -13.81
C ASP J 313 -17.32 -34.30 -14.67
N GLY J 314 -17.20 -33.09 -14.14
CA GLY J 314 -16.50 -32.00 -14.79
C GLY J 314 -17.25 -31.26 -15.89
N TYR J 315 -18.49 -31.63 -16.13
CA TYR J 315 -19.23 -30.95 -17.19
C TYR J 315 -20.02 -29.79 -16.60
N ILE J 316 -20.18 -28.73 -17.39
CA ILE J 316 -20.90 -27.57 -16.93
C ILE J 316 -22.37 -27.85 -17.16
N ARG J 317 -23.14 -27.83 -16.09
CA ARG J 317 -24.56 -28.19 -16.21
C ARG J 317 -25.48 -27.04 -15.93
N ARG J 318 -24.89 -25.91 -15.65
CA ARG J 318 -25.59 -24.69 -15.33
C ARG J 318 -24.62 -23.54 -15.46
N ALA J 319 -25.12 -22.42 -15.91
CA ALA J 319 -24.32 -21.23 -15.96
C ALA J 319 -25.19 -20.00 -15.72
N ILE J 320 -24.58 -18.92 -15.22
CA ILE J 320 -25.28 -17.66 -15.02
C ILE J 320 -24.70 -16.57 -15.86
N ASP J 321 -25.52 -15.90 -16.66
CA ASP J 321 -25.06 -14.79 -17.48
C ASP J 321 -25.15 -13.61 -16.55
N CYS J 322 -24.00 -13.23 -16.00
CA CYS J 322 -23.99 -12.31 -14.88
C CYS J 322 -24.69 -10.99 -15.19
N GLY J 323 -24.54 -10.46 -16.39
CA GLY J 323 -25.11 -9.15 -16.71
C GLY J 323 -26.54 -9.16 -17.28
N PHE J 324 -27.16 -10.34 -17.33
CA PHE J 324 -28.49 -10.47 -17.93
C PHE J 324 -29.51 -9.59 -17.22
N ASN J 325 -29.53 -9.64 -15.89
CA ASN J 325 -30.47 -8.82 -15.15
C ASN J 325 -29.83 -8.37 -13.81
N ASP J 326 -30.57 -7.64 -13.00
CA ASP J 326 -29.99 -7.09 -11.78
C ASP J 326 -29.73 -8.16 -10.76
N LEU J 327 -30.68 -9.07 -10.69
CA LEU J 327 -30.63 -10.16 -9.77
C LEU J 327 -29.47 -11.11 -10.14
N SER J 328 -29.24 -11.31 -11.45
CA SER J 328 -28.15 -12.18 -11.92
C SER J 328 -26.78 -11.59 -11.61
N GLN J 329 -26.66 -10.26 -11.59
CA GLN J 329 -25.36 -9.68 -11.26
C GLN J 329 -25.08 -10.00 -9.81
N LEU J 330 -26.13 -9.93 -9.01
CA LEU J 330 -26.02 -10.27 -7.61
C LEU J 330 -25.74 -11.73 -7.43
N HIS J 331 -26.35 -12.60 -8.21
CA HIS J 331 -26.08 -14.01 -8.01
C HIS J 331 -24.64 -14.32 -8.25
N CYS J 332 -24.04 -13.73 -9.27
CA CYS J 332 -22.64 -14.04 -9.47
C CYS J 332 -21.81 -13.54 -8.29
N SER J 333 -22.04 -12.31 -7.83
CA SER J 333 -21.23 -11.77 -6.74
C SER J 333 -21.44 -12.51 -5.43
N TYR J 334 -22.67 -12.96 -5.21
CA TYR J 334 -23.10 -13.67 -4.03
C TYR J 334 -23.22 -15.17 -4.25
N GLU J 335 -22.70 -15.69 -5.37
CA GLU J 335 -22.71 -17.13 -5.69
C GLU J 335 -24.06 -17.74 -6.06
N SER J 336 -25.07 -17.57 -5.19
CA SER J 336 -26.41 -18.12 -5.40
C SER J 336 -27.48 -17.09 -5.09
N PHE J 337 -28.72 -17.57 -4.96
CA PHE J 337 -29.86 -16.69 -4.70
C PHE J 337 -30.46 -16.91 -3.31
N ASP J 338 -30.39 -18.11 -2.73
CA ASP J 338 -31.09 -18.22 -1.41
C ASP J 338 -30.08 -17.77 -0.37
N VAL J 339 -28.88 -17.41 -0.84
CA VAL J 339 -27.82 -16.93 0.09
C VAL J 339 -28.41 -15.76 0.86
N GLU J 340 -28.47 -15.87 2.19
CA GLU J 340 -29.10 -14.81 3.01
C GLU J 340 -30.44 -14.46 2.36
N SER J 341 -30.55 -13.28 1.76
CA SER J 341 -31.88 -12.65 1.56
C SER J 341 -32.17 -12.47 0.08
N GLY J 342 -31.19 -12.00 -0.70
CA GLY J 342 -31.46 -11.67 -2.11
C GLY J 342 -31.93 -10.23 -2.18
N VAL J 343 -32.32 -9.70 -1.01
CA VAL J 343 -32.55 -8.25 -0.80
C VAL J 343 -31.21 -7.53 -0.77
N TYR J 344 -30.71 -7.14 -1.94
CA TYR J 344 -29.49 -6.31 -1.97
C TYR J 344 -29.69 -5.18 -2.97
N SER J 345 -28.99 -4.06 -2.74
CA SER J 345 -28.72 -2.98 -3.69
C SER J 345 -28.38 -3.61 -5.03
N VAL J 346 -28.79 -3.01 -6.12
CA VAL J 346 -28.42 -3.55 -7.43
C VAL J 346 -27.82 -2.46 -8.30
N SER J 347 -27.24 -2.84 -9.44
CA SER J 347 -26.68 -1.85 -10.34
C SER J 347 -27.73 -0.82 -10.74
N SER J 348 -27.33 0.44 -10.71
CA SER J 348 -28.21 1.59 -11.04
C SER J 348 -28.41 1.84 -12.55
N PHE J 349 -29.41 2.69 -12.86
CA PHE J 349 -29.75 3.13 -14.22
C PHE J 349 -28.86 4.27 -14.65
N GLU J 350 -28.17 4.12 -15.77
CA GLU J 350 -27.15 5.10 -16.14
C GLU J 350 -27.51 6.58 -16.36
N ALA J 351 -28.56 6.91 -17.13
CA ALA J 351 -28.98 8.31 -17.43
C ALA J 351 -29.64 8.44 -18.79
N LYS J 352 -28.98 7.88 -19.80
CA LYS J 352 -29.30 7.92 -21.23
C LYS J 352 -28.96 9.31 -21.85
N PRO J 353 -27.72 9.50 -22.34
CA PRO J 353 -27.18 10.72 -22.95
C PRO J 353 -27.90 11.19 -24.20
N SER J 354 -27.94 12.52 -24.33
CA SER J 354 -28.51 13.30 -25.41
C SER J 354 -27.41 14.00 -26.22
N GLY J 355 -27.80 14.60 -27.37
CA GLY J 355 -26.87 15.31 -28.25
C GLY J 355 -26.21 16.46 -27.50
N SER J 356 -24.99 16.78 -27.90
CA SER J 356 -24.16 17.76 -27.22
C SER J 356 -24.42 19.25 -27.37
N VAL J 357 -23.78 19.99 -26.44
CA VAL J 357 -23.69 21.44 -26.37
C VAL J 357 -22.23 21.89 -26.49
N VAL J 358 -21.95 22.68 -27.51
CA VAL J 358 -20.56 23.09 -27.74
C VAL J 358 -20.38 24.60 -27.90
N GLU J 359 -19.43 25.16 -27.16
CA GLU J 359 -19.15 26.58 -27.28
C GLU J 359 -17.66 26.86 -27.09
N GLN J 360 -17.07 27.63 -28.01
CA GLN J 360 -15.68 28.04 -27.90
C GLN J 360 -15.23 28.95 -29.02
N ALA J 361 -15.11 30.25 -28.75
CA ALA J 361 -14.57 31.13 -29.75
C ALA J 361 -13.10 30.75 -29.95
N GLU J 362 -12.63 30.81 -31.20
CA GLU J 362 -11.25 30.50 -31.50
C GLU J 362 -10.86 31.12 -32.84
N ASP J 576 -25.38 20.57 -37.02
CA ASP J 576 -24.46 21.57 -36.49
C ASP J 576 -25.21 22.56 -35.63
N THR J 577 -26.52 22.53 -35.75
CA THR J 577 -27.40 23.38 -34.96
C THR J 577 -28.63 22.62 -34.48
N LYS J 578 -29.25 23.02 -33.36
CA LYS J 578 -28.81 24.07 -32.42
C LYS J 578 -28.04 23.41 -31.29
N ILE J 579 -26.74 23.72 -31.15
CA ILE J 579 -25.96 23.07 -30.09
C ILE J 579 -25.39 24.10 -29.14
N ALA J 580 -25.90 25.32 -29.20
CA ALA J 580 -25.43 26.40 -28.31
C ALA J 580 -25.78 26.08 -26.86
N SER J 581 -26.93 25.47 -26.68
CA SER J 581 -27.44 25.04 -25.40
C SER J 581 -28.55 24.06 -25.68
N GLN J 582 -28.85 23.23 -24.71
CA GLN J 582 -30.00 22.36 -24.79
C GLN J 582 -30.46 22.03 -23.41
N LEU J 583 -31.58 22.61 -23.04
CA LEU J 583 -32.10 22.45 -21.71
C LEU J 583 -33.45 21.70 -21.73
N GLY J 584 -33.47 20.41 -21.33
CA GLY J 584 -32.31 19.66 -20.88
C GLY J 584 -32.68 18.30 -20.32
N ASN J 585 -31.65 17.52 -20.00
CA ASN J 585 -31.76 16.18 -19.41
C ASN J 585 -30.38 15.58 -19.10
N CYS J 586 -29.58 15.32 -20.13
CA CYS J 586 -28.22 14.79 -19.98
C CYS J 586 -27.45 14.94 -21.29
N VAL J 587 -26.80 16.09 -21.51
CA VAL J 587 -26.16 16.35 -22.81
C VAL J 587 -24.67 16.41 -22.72
N GLU J 588 -24.02 15.87 -23.72
CA GLU J 588 -22.56 15.93 -23.73
C GLU J 588 -22.14 17.37 -23.98
N TYR J 589 -20.99 17.79 -23.48
CA TYR J 589 -20.59 19.15 -23.80
C TYR J 589 -19.10 19.40 -23.88
N SER J 590 -18.79 20.50 -24.56
CA SER J 590 -17.44 21.04 -24.65
C SER J 590 -17.51 22.55 -24.66
N LEU J 591 -17.05 23.17 -23.58
CA LEU J 591 -17.12 24.60 -23.40
C LEU J 591 -15.74 25.19 -23.17
N TYR J 592 -15.18 25.90 -24.13
CA TYR J 592 -13.85 26.48 -23.97
C TYR J 592 -12.78 25.51 -23.48
N GLY J 593 -12.82 24.28 -23.97
CA GLY J 593 -11.84 23.27 -23.58
C GLY J 593 -12.27 22.43 -22.38
N VAL J 594 -13.38 22.80 -21.76
CA VAL J 594 -13.93 22.11 -20.59
C VAL J 594 -14.96 21.09 -21.06
N SER J 595 -14.76 19.85 -20.69
CA SER J 595 -15.63 18.81 -21.17
C SER J 595 -16.36 18.08 -20.06
N GLY J 596 -17.44 17.44 -20.46
CA GLY J 596 -18.23 16.63 -19.55
C GLY J 596 -19.59 16.33 -20.14
N ARG J 597 -20.50 15.86 -19.31
CA ARG J 597 -21.85 15.55 -19.74
C ARG J 597 -22.81 15.96 -18.63
N GLY J 598 -23.94 16.58 -18.98
CA GLY J 598 -24.89 16.94 -17.96
C GLY J 598 -26.04 17.80 -18.36
N VAL J 599 -26.82 18.24 -17.39
CA VAL J 599 -27.93 19.09 -17.69
C VAL J 599 -27.69 20.46 -17.16
N PHE J 600 -27.96 21.41 -18.02
CA PHE J 600 -27.81 22.80 -17.70
C PHE J 600 -29.13 23.33 -17.22
N GLN J 601 -29.09 24.22 -16.26
CA GLN J 601 -30.28 24.89 -15.77
C GLN J 601 -30.10 26.37 -15.75
N ASN J 602 -31.09 27.11 -16.19
CA ASN J 602 -31.00 28.56 -16.15
C ASN J 602 -31.08 29.01 -14.71
N CYS J 603 -30.07 29.69 -14.23
CA CYS J 603 -30.06 30.01 -12.82
C CYS J 603 -29.33 31.30 -12.54
N THR J 604 -29.37 31.75 -11.28
CA THR J 604 -28.70 32.98 -11.00
C THR J 604 -27.21 32.75 -10.90
N ALA J 605 -26.48 33.80 -11.21
CA ALA J 605 -25.04 33.81 -11.14
C ALA J 605 -24.49 33.75 -9.74
N VAL J 606 -23.38 33.07 -9.61
CA VAL J 606 -22.57 33.02 -8.42
C VAL J 606 -21.24 33.42 -8.97
N GLY J 607 -20.33 33.93 -8.20
CA GLY J 607 -19.11 34.38 -8.85
C GLY J 607 -18.00 33.36 -9.07
N VAL J 608 -16.83 33.87 -9.52
CA VAL J 608 -16.53 35.28 -9.79
C VAL J 608 -16.89 35.64 -11.22
N ARG J 609 -17.44 36.81 -11.41
CA ARG J 609 -17.83 37.20 -12.73
C ARG J 609 -16.62 37.37 -13.61
N GLN J 610 -16.83 37.09 -14.88
CA GLN J 610 -15.86 37.16 -15.98
C GLN J 610 -14.80 36.06 -15.96
N GLN J 611 -14.91 35.06 -15.08
CA GLN J 611 -13.94 33.95 -15.10
C GLN J 611 -14.53 32.66 -15.66
N ARG J 612 -15.74 32.76 -16.17
CA ARG J 612 -16.50 31.73 -16.88
C ARG J 612 -16.92 30.46 -16.16
N PHE J 613 -15.99 29.71 -15.59
CA PHE J 613 -16.35 28.40 -15.02
C PHE J 613 -16.24 28.32 -13.51
N VAL J 614 -17.38 28.10 -12.84
CA VAL J 614 -17.51 28.04 -11.40
C VAL J 614 -17.47 26.60 -10.96
N TYR J 615 -16.60 26.29 -10.01
CA TYR J 615 -16.38 24.96 -9.46
C TYR J 615 -16.77 24.87 -7.97
N ASP J 616 -17.13 23.65 -7.52
CA ASP J 616 -17.54 23.34 -6.13
C ASP J 616 -16.39 22.91 -5.19
N ALA J 617 -16.78 22.48 -4.00
CA ALA J 617 -15.87 22.03 -2.93
C ALA J 617 -15.05 20.80 -3.30
N TYR J 618 -15.50 20.06 -4.30
CA TYR J 618 -14.86 18.84 -4.73
C TYR J 618 -14.19 19.08 -6.07
N GLN J 619 -14.05 20.35 -6.45
CA GLN J 619 -13.42 20.81 -7.69
C GLN J 619 -14.21 20.44 -8.95
N ASN J 620 -15.52 20.17 -8.83
CA ASN J 620 -16.39 19.82 -9.96
C ASN J 620 -17.02 21.06 -10.51
N LEU J 621 -17.39 21.05 -11.78
CA LEU J 621 -18.03 22.24 -12.32
C LEU J 621 -19.45 22.41 -11.75
N VAL J 622 -19.74 23.61 -11.25
CA VAL J 622 -21.01 24.07 -10.70
C VAL J 622 -21.83 24.74 -11.75
N GLY J 623 -21.18 25.56 -12.55
CA GLY J 623 -21.88 26.30 -13.57
C GLY J 623 -20.96 27.13 -14.44
N TYR J 624 -21.54 27.66 -15.50
CA TYR J 624 -20.80 28.41 -16.50
C TYR J 624 -21.49 29.64 -17.09
N TYR J 625 -20.68 30.68 -17.31
CA TYR J 625 -21.15 31.89 -17.97
C TYR J 625 -20.93 31.77 -19.46
N SER J 626 -22.02 31.69 -20.19
CA SER J 626 -22.05 31.47 -21.61
C SER J 626 -21.92 32.78 -22.38
N ASP J 627 -21.68 32.69 -23.69
CA ASP J 627 -21.52 33.90 -24.48
C ASP J 627 -22.85 34.51 -24.88
N ASP J 628 -23.95 33.87 -24.49
CA ASP J 628 -25.27 34.39 -24.75
C ASP J 628 -25.72 35.29 -23.58
N GLY J 629 -24.83 35.47 -22.59
CA GLY J 629 -25.10 36.31 -21.44
C GLY J 629 -25.73 35.57 -20.27
N ASN J 630 -26.07 34.29 -20.47
CA ASN J 630 -26.69 33.51 -19.43
C ASN J 630 -25.73 32.71 -18.60
N TYR J 631 -26.14 32.46 -17.38
CA TYR J 631 -25.40 31.61 -16.49
C TYR J 631 -26.17 30.34 -16.28
N TYR J 632 -25.49 29.23 -16.46
CA TYR J 632 -26.18 27.99 -16.26
C TYR J 632 -25.56 27.20 -15.16
N CYS J 633 -26.41 26.55 -14.42
CA CYS J 633 -25.99 25.66 -13.37
C CYS J 633 -25.88 24.30 -13.97
N LEU J 634 -24.84 23.59 -13.60
CA LEU J 634 -24.64 22.25 -14.10
C LEU J 634 -24.91 21.24 -13.01
N ARG J 635 -25.78 20.31 -13.30
CA ARG J 635 -26.15 19.26 -12.37
C ARG J 635 -25.61 17.92 -12.80
N ALA J 636 -24.73 17.94 -13.77
CA ALA J 636 -24.20 16.75 -14.40
C ALA J 636 -25.43 15.98 -14.85
N CYS J 637 -25.45 14.66 -14.74
CA CYS J 637 -26.64 13.92 -15.14
C CYS J 637 -27.25 13.34 -13.88
N VAL J 638 -28.53 13.05 -13.93
CA VAL J 638 -29.15 12.44 -12.78
C VAL J 638 -29.37 11.00 -13.16
N SER J 639 -29.59 10.15 -12.19
CA SER J 639 -29.68 8.73 -12.43
C SER J 639 -30.70 8.08 -11.54
N VAL J 640 -31.02 6.83 -11.81
CA VAL J 640 -31.99 6.15 -10.98
C VAL J 640 -31.36 4.99 -10.19
N PRO J 641 -31.24 5.09 -8.84
CA PRO J 641 -30.67 4.10 -7.97
C PRO J 641 -31.67 2.99 -7.95
N VAL J 642 -31.24 1.77 -7.74
CA VAL J 642 -32.19 0.68 -7.70
C VAL J 642 -31.87 -0.31 -6.59
N SER J 643 -32.91 -0.89 -6.01
CA SER J 643 -32.74 -1.99 -5.06
C SER J 643 -33.81 -3.06 -5.33
N VAL J 644 -33.47 -4.30 -5.04
CA VAL J 644 -34.39 -5.41 -5.26
C VAL J 644 -34.73 -6.18 -4.02
N ILE J 645 -36.03 -6.37 -3.86
CA ILE J 645 -36.58 -7.10 -2.75
C ILE J 645 -36.78 -8.51 -3.25
N TYR J 646 -36.00 -9.47 -2.75
CA TYR J 646 -36.11 -10.82 -3.28
C TYR J 646 -36.42 -11.89 -2.27
N ASP J 647 -37.42 -12.69 -2.61
CA ASP J 647 -37.83 -13.80 -1.79
C ASP J 647 -37.35 -15.15 -2.29
N LYS J 648 -36.38 -15.72 -1.60
CA LYS J 648 -35.79 -17.00 -1.97
C LYS J 648 -36.78 -18.15 -1.83
N GLU J 649 -37.86 -17.97 -1.04
CA GLU J 649 -38.84 -19.04 -0.87
C GLU J 649 -39.82 -19.12 -2.03
N THR J 650 -40.41 -17.98 -2.43
CA THR J 650 -41.37 -18.00 -3.53
C THR J 650 -40.72 -17.75 -4.88
N LYS J 651 -39.43 -17.39 -4.89
CA LYS J 651 -38.65 -17.10 -6.08
C LYS J 651 -39.24 -15.90 -6.81
N THR J 652 -39.60 -14.88 -6.04
CA THR J 652 -40.18 -13.66 -6.60
C THR J 652 -39.51 -12.38 -6.13
N HIS J 653 -39.80 -11.27 -6.81
CA HIS J 653 -39.29 -9.98 -6.39
C HIS J 653 -40.10 -8.79 -6.81
N ALA J 654 -39.73 -7.67 -6.20
CA ALA J 654 -40.29 -6.33 -6.39
C ALA J 654 -39.14 -5.34 -6.34
N THR J 655 -39.30 -4.16 -6.92
CA THR J 655 -38.15 -3.26 -6.86
C THR J 655 -38.44 -1.81 -6.56
N LEU J 656 -37.45 -1.17 -5.91
CA LEU J 656 -37.51 0.24 -5.60
C LEU J 656 -36.53 1.11 -6.35
N PHE J 657 -36.99 2.33 -6.66
CA PHE J 657 -36.18 3.33 -7.35
C PHE J 657 -35.82 4.44 -6.39
N GLY J 658 -36.11 4.20 -5.14
CA GLY J 658 -35.79 5.13 -4.08
C GLY J 658 -36.41 6.50 -4.29
N SER J 659 -35.51 7.48 -4.20
CA SER J 659 -35.68 8.92 -4.29
C SER J 659 -36.15 9.40 -5.62
N VAL J 660 -36.11 8.53 -6.62
CA VAL J 660 -36.56 8.94 -7.92
C VAL J 660 -38.01 9.33 -7.93
N ALA J 661 -38.84 8.63 -7.15
CA ALA J 661 -40.27 8.86 -7.06
C ALA J 661 -40.97 8.44 -8.33
N CYS J 662 -42.25 8.13 -8.18
CA CYS J 662 -43.01 7.49 -9.22
C CYS J 662 -43.41 8.41 -10.36
N GLU J 663 -43.26 9.71 -10.22
CA GLU J 663 -43.60 10.58 -11.34
C GLU J 663 -42.67 10.33 -12.54
N HIS J 664 -41.52 9.70 -12.31
CA HIS J 664 -40.56 9.41 -13.37
C HIS J 664 -40.43 7.92 -13.61
N ILE J 665 -41.37 7.13 -13.12
CA ILE J 665 -41.31 5.68 -13.22
C ILE J 665 -42.40 5.05 -14.06
N SER J 666 -41.96 4.13 -14.88
CA SER J 666 -42.78 3.33 -15.75
C SER J 666 -42.29 1.90 -15.73
N SER J 667 -43.13 0.98 -16.20
CA SER J 667 -42.77 -0.44 -16.24
C SER J 667 -41.63 -0.74 -17.20
N THR J 668 -41.45 0.11 -18.21
CA THR J 668 -40.35 -0.07 -19.11
C THR J 668 -39.37 1.05 -18.82
N MET J 669 -38.11 0.85 -19.20
CA MET J 669 -37.08 1.84 -18.99
C MET J 669 -36.18 1.94 -20.20
N SER J 670 -35.67 3.14 -20.42
CA SER J 670 -34.75 3.45 -21.50
C SER J 670 -33.54 4.19 -20.95
N GLN J 671 -33.05 3.70 -19.82
CA GLN J 671 -31.92 4.34 -19.15
C GLN J 671 -30.50 3.80 -19.43
N TYR J 672 -30.14 2.56 -19.12
CA TYR J 672 -30.85 1.41 -18.57
C TYR J 672 -29.91 0.84 -17.50
N SER J 673 -30.38 -0.05 -16.60
CA SER J 673 -29.51 -0.63 -15.55
C SER J 673 -29.05 -2.08 -15.80
N ARG J 674 -29.80 -2.80 -16.61
CA ARG J 674 -29.52 -4.19 -16.94
C ARG J 674 -30.18 -4.51 -18.26
N SER J 675 -29.71 -5.56 -18.95
CA SER J 675 -30.28 -5.91 -20.25
C SER J 675 -31.76 -6.24 -20.19
N THR J 676 -32.19 -6.99 -19.17
CA THR J 676 -33.62 -7.25 -19.11
C THR J 676 -34.24 -7.07 -17.74
N ARG J 677 -35.49 -6.63 -17.80
CA ARG J 677 -36.38 -6.41 -16.68
C ARG J 677 -37.56 -7.39 -16.68
N SER J 678 -37.48 -8.42 -17.53
CA SER J 678 -38.60 -9.35 -17.72
C SER J 678 -39.04 -10.12 -16.49
N MET J 679 -38.18 -10.35 -15.51
CA MET J 679 -38.65 -11.09 -14.36
C MET J 679 -39.69 -10.29 -13.56
N LEU J 680 -39.61 -8.96 -13.60
CA LEU J 680 -40.57 -8.14 -12.91
C LEU J 680 -41.80 -7.94 -13.78
N LYS J 681 -41.59 -7.79 -15.10
CA LYS J 681 -42.67 -7.51 -16.04
C LYS J 681 -43.77 -8.56 -15.99
N ARG J 682 -43.40 -9.81 -15.71
CA ARG J 682 -44.37 -10.90 -15.60
C ARG J 682 -45.60 -10.48 -14.77
N ARG J 683 -45.38 -9.71 -13.69
CA ARG J 683 -46.49 -9.25 -12.88
C ARG J 683 -46.67 -7.73 -13.00
N ASP J 684 -45.55 -7.00 -13.07
CA ASP J 684 -45.55 -5.54 -13.04
C ASP J 684 -46.17 -4.89 -14.25
N SER J 685 -46.28 -5.61 -15.38
CA SER J 685 -46.84 -5.05 -16.59
C SER J 685 -48.32 -4.70 -16.42
N THR J 686 -48.96 -5.20 -15.35
CA THR J 686 -50.36 -4.91 -15.11
C THR J 686 -50.57 -3.91 -13.95
N TYR J 687 -49.48 -3.32 -13.42
CA TYR J 687 -49.61 -2.36 -12.32
C TYR J 687 -48.91 -1.05 -12.60
N GLY J 688 -49.43 0.04 -12.05
CA GLY J 688 -48.66 1.27 -12.14
C GLY J 688 -47.69 1.18 -10.97
N PRO J 689 -46.72 2.08 -10.85
CA PRO J 689 -45.81 2.15 -9.73
C PRO J 689 -46.57 2.59 -8.49
N LEU J 690 -46.19 2.10 -7.32
CA LEU J 690 -46.81 2.57 -6.10
C LEU J 690 -45.80 3.39 -5.31
N GLN J 691 -46.22 4.58 -4.90
CA GLN J 691 -45.31 5.45 -4.18
C GLN J 691 -45.34 5.25 -2.70
N THR J 692 -44.18 5.00 -2.10
CA THR J 692 -44.11 4.85 -0.67
C THR J 692 -43.07 5.83 -0.10
N PRO J 693 -43.09 6.11 1.21
CA PRO J 693 -42.10 6.88 1.96
C PRO J 693 -40.67 6.33 1.88
N VAL J 694 -40.51 5.05 1.55
CA VAL J 694 -39.17 4.49 1.44
C VAL J 694 -38.68 4.82 0.04
N GLY J 695 -39.55 4.61 -0.94
CA GLY J 695 -39.24 4.89 -2.33
C GLY J 695 -40.31 4.41 -3.31
N CYS J 696 -40.10 4.69 -4.58
CA CYS J 696 -41.08 4.25 -5.59
C CYS J 696 -40.90 2.80 -5.94
N VAL J 697 -41.97 2.01 -5.87
CA VAL J 697 -41.86 0.58 -6.11
C VAL J 697 -42.80 -0.09 -7.10
N LEU J 698 -42.22 -0.96 -7.92
CA LEU J 698 -43.05 -1.75 -8.83
C LEU J 698 -43.28 -3.10 -8.19
N GLY J 699 -44.48 -3.64 -8.41
CA GLY J 699 -44.82 -4.97 -7.89
C GLY J 699 -45.14 -4.94 -6.41
N LEU J 700 -45.65 -3.81 -5.92
CA LEU J 700 -45.94 -3.66 -4.51
C LEU J 700 -47.29 -4.13 -4.00
N VAL J 701 -48.36 -3.91 -4.76
CA VAL J 701 -49.73 -4.23 -4.33
C VAL J 701 -50.14 -3.61 -2.98
N ASN J 702 -51.08 -2.69 -3.02
CA ASN J 702 -51.53 -2.06 -1.78
C ASN J 702 -52.49 -2.96 -1.01
N SER J 703 -52.10 -3.45 0.17
CA SER J 703 -52.99 -4.36 0.91
C SER J 703 -53.49 -3.78 2.24
N SER J 704 -52.90 -2.65 2.65
CA SER J 704 -53.16 -1.99 3.94
C SER J 704 -53.03 -2.93 5.16
N LEU J 705 -51.98 -3.74 5.18
CA LEU J 705 -51.75 -4.65 6.29
C LEU J 705 -50.69 -4.17 7.26
N PHE J 706 -50.71 -4.69 8.47
CA PHE J 706 -49.68 -4.42 9.48
C PHE J 706 -49.07 -5.73 9.92
N VAL J 707 -47.77 -5.86 9.75
CA VAL J 707 -47.13 -7.10 10.13
C VAL J 707 -45.89 -6.80 10.95
N GLU J 708 -45.53 -7.68 11.84
CA GLU J 708 -44.33 -7.44 12.62
C GLU J 708 -43.01 -7.56 11.84
N ASP J 709 -42.90 -8.56 10.97
CA ASP J 709 -41.65 -8.80 10.26
C ASP J 709 -41.82 -9.58 8.93
N CYS J 710 -41.58 -8.91 7.80
CA CYS J 710 -41.75 -9.52 6.48
C CYS J 710 -40.52 -10.30 6.07
N LYS J 711 -39.42 -10.11 6.83
CA LYS J 711 -38.06 -10.57 6.52
C LYS J 711 -37.53 -9.84 5.30
N LEU J 712 -38.28 -8.82 4.91
CA LEU J 712 -38.04 -7.89 3.85
C LEU J 712 -38.58 -6.53 4.32
N PRO J 713 -38.12 -5.98 5.45
CA PRO J 713 -38.57 -4.71 5.96
C PRO J 713 -38.04 -3.69 5.00
N LEU J 714 -38.71 -2.59 4.81
CA LEU J 714 -38.20 -1.57 3.92
C LEU J 714 -37.62 -0.41 4.69
N GLY J 715 -37.59 -0.57 5.99
CA GLY J 715 -37.13 0.46 6.90
C GLY J 715 -38.31 1.33 7.25
N GLN J 716 -38.05 2.41 7.96
CA GLN J 716 -39.09 3.30 8.42
C GLN J 716 -40.19 2.48 9.11
N SER J 717 -41.42 2.57 8.62
CA SER J 717 -42.52 1.83 9.19
C SER J 717 -43.14 0.95 8.12
N LEU J 718 -42.37 0.64 7.08
CA LEU J 718 -42.85 -0.15 5.95
C LEU J 718 -42.25 -1.52 5.80
N CYS J 719 -43.02 -2.45 5.23
CA CYS J 719 -42.57 -3.82 5.10
C CYS J 719 -43.10 -4.48 3.78
N ALA J 720 -42.24 -5.22 3.06
CA ALA J 720 -42.66 -5.92 1.82
C ALA J 720 -43.03 -7.36 2.11
N LEU J 721 -44.31 -7.64 2.17
CA LEU J 721 -44.75 -8.94 2.62
C LEU J 721 -44.75 -10.01 1.51
N PRO J 722 -44.04 -11.14 1.64
CA PRO J 722 -44.03 -12.24 0.68
C PRO J 722 -45.42 -12.82 0.58
N ASP J 723 -45.78 -13.37 -0.56
CA ASP J 723 -47.10 -13.98 -0.63
C ASP J 723 -47.00 -15.41 -0.07
N THR J 724 -48.12 -16.10 -0.04
CA THR J 724 -48.22 -17.45 0.51
C THR J 724 -48.11 -18.54 -0.57
N PRO J 725 -47.22 -19.55 -0.43
CA PRO J 725 -47.11 -20.69 -1.32
C PRO J 725 -48.45 -21.40 -1.42
N SER J 726 -48.81 -21.88 -2.61
CA SER J 726 -50.10 -22.54 -2.79
C SER J 726 -50.38 -23.53 -1.69
N GLN K 1 -32.88 -10.94 -87.53
CA GLN K 1 -31.97 -11.97 -88.03
C GLN K 1 -30.60 -11.87 -87.42
N VAL K 2 -30.18 -12.97 -86.80
CA VAL K 2 -28.85 -13.06 -86.21
C VAL K 2 -27.78 -13.29 -87.25
N GLN K 3 -26.72 -12.50 -87.12
CA GLN K 3 -25.56 -12.54 -87.98
C GLN K 3 -24.27 -12.49 -87.21
N LEU K 4 -23.30 -13.25 -87.68
CA LEU K 4 -21.96 -13.24 -87.15
C LEU K 4 -21.02 -12.99 -88.32
N GLN K 5 -20.30 -11.89 -88.29
CA GLN K 5 -19.46 -11.49 -89.40
C GLN K 5 -17.98 -11.51 -89.08
N GLN K 6 -17.27 -12.44 -89.71
CA GLN K 6 -15.86 -12.58 -89.45
C GLN K 6 -15.00 -11.83 -90.45
N SER K 7 -13.78 -11.57 -90.03
CA SER K 7 -12.78 -10.95 -90.89
C SER K 7 -12.27 -11.93 -91.94
N GLY K 8 -11.60 -11.41 -92.97
CA GLY K 8 -11.06 -12.29 -94.01
C GLY K 8 -9.78 -12.96 -93.55
N GLY K 9 -9.22 -13.81 -94.40
CA GLY K 9 -8.05 -14.58 -94.03
C GLY K 9 -6.73 -13.86 -94.16
N GLU K 10 -5.66 -14.59 -93.80
CA GLU K 10 -4.29 -14.08 -93.82
C GLU K 10 -3.26 -15.20 -93.94
N LEU K 11 -2.07 -14.85 -94.45
CA LEU K 11 -0.92 -15.77 -94.52
C LEU K 11 0.21 -15.32 -93.62
N VAL K 12 0.59 -16.20 -92.70
CA VAL K 12 1.64 -15.87 -91.76
C VAL K 12 2.69 -16.98 -91.74
N LYS K 13 3.84 -16.69 -91.19
CA LYS K 13 4.87 -17.71 -91.06
C LYS K 13 4.86 -18.27 -89.63
N PRO K 14 5.38 -19.48 -89.38
CA PRO K 14 5.43 -20.05 -88.05
C PRO K 14 6.14 -19.09 -87.11
N GLY K 15 5.57 -18.97 -85.91
CA GLY K 15 6.04 -18.08 -84.85
C GLY K 15 5.19 -16.81 -84.80
N ALA K 16 4.41 -16.59 -85.86
CA ALA K 16 3.53 -15.44 -86.00
C ALA K 16 2.31 -15.50 -85.12
N SER K 17 1.72 -14.34 -84.90
CA SER K 17 0.46 -14.25 -84.19
C SER K 17 -0.63 -13.82 -85.17
N VAL K 18 -1.87 -14.18 -84.87
CA VAL K 18 -2.98 -13.72 -85.69
C VAL K 18 -4.12 -13.27 -84.80
N LYS K 19 -4.80 -12.20 -85.19
CA LYS K 19 -5.96 -11.78 -84.42
C LYS K 19 -7.20 -11.89 -85.28
N LEU K 20 -8.15 -12.67 -84.80
CA LEU K 20 -9.40 -12.92 -85.47
C LEU K 20 -10.47 -12.09 -84.82
N SER K 21 -11.49 -11.77 -85.58
CA SER K 21 -12.62 -11.03 -85.03
C SER K 21 -13.92 -11.53 -85.60
N CYS K 22 -14.99 -11.26 -84.86
CA CYS K 22 -16.35 -11.64 -85.22
C CYS K 22 -17.37 -10.65 -84.68
N LYS K 23 -17.87 -9.79 -85.56
CA LYS K 23 -18.82 -8.77 -85.18
C LYS K 23 -20.18 -9.40 -85.21
N THR K 24 -20.99 -9.20 -84.19
CA THR K 24 -22.27 -9.87 -84.27
C THR K 24 -23.43 -8.90 -84.12
N SER K 25 -24.59 -9.33 -84.59
CA SER K 25 -25.82 -8.55 -84.49
C SER K 25 -27.08 -9.42 -84.51
N GLY K 26 -28.22 -8.79 -84.17
CA GLY K 26 -29.54 -9.44 -84.18
C GLY K 26 -29.92 -10.02 -82.81
N PHE K 27 -29.04 -9.82 -81.86
CA PHE K 27 -29.19 -10.29 -80.49
C PHE K 27 -28.36 -9.40 -79.60
N THR K 28 -28.57 -9.46 -78.29
CA THR K 28 -27.72 -8.68 -77.42
C THR K 28 -26.42 -9.45 -77.23
N PHE K 29 -25.30 -8.81 -77.61
CA PHE K 29 -23.99 -9.46 -77.55
C PHE K 29 -23.65 -9.85 -76.14
N SER K 30 -23.85 -8.92 -75.23
CA SER K 30 -23.56 -9.06 -73.82
C SER K 30 -24.40 -10.12 -73.11
N SER K 31 -25.46 -10.64 -73.75
CA SER K 31 -26.28 -11.66 -73.12
C SER K 31 -25.94 -13.04 -73.65
N SER K 32 -24.95 -13.12 -74.56
CA SER K 32 -24.61 -14.38 -75.21
C SER K 32 -23.19 -14.87 -74.99
N TYR K 33 -23.05 -16.19 -75.17
CA TYR K 33 -21.75 -16.81 -75.21
C TYR K 33 -21.30 -16.88 -76.64
N ILE K 34 -20.08 -16.43 -76.89
CA ILE K 34 -19.54 -16.54 -78.22
C ILE K 34 -18.37 -17.51 -78.14
N SER K 35 -18.45 -18.55 -78.95
CA SER K 35 -17.45 -19.59 -78.97
C SER K 35 -16.58 -19.48 -80.21
N TRP K 36 -15.31 -19.83 -80.05
CA TRP K 36 -14.40 -19.92 -81.17
C TRP K 36 -13.97 -21.37 -81.35
N LEU K 37 -13.97 -21.79 -82.61
CA LEU K 37 -13.62 -23.14 -83.03
C LEU K 37 -12.59 -23.22 -84.17
N LYS K 38 -11.79 -24.28 -84.15
CA LYS K 38 -10.79 -24.55 -85.20
C LYS K 38 -11.20 -25.73 -86.10
N GLN K 39 -11.18 -25.54 -87.42
CA GLN K 39 -11.50 -26.66 -88.33
C GLN K 39 -10.56 -26.74 -89.54
N LYS K 40 -10.10 -27.94 -89.88
CA LYS K 40 -9.30 -28.12 -91.07
C LYS K 40 -10.16 -28.85 -92.09
N PRO K 41 -9.94 -28.67 -93.40
CA PRO K 41 -10.71 -29.39 -94.40
C PRO K 41 -10.61 -30.87 -94.16
N GLY K 42 -11.75 -31.55 -94.22
CA GLY K 42 -11.81 -33.01 -94.02
C GLY K 42 -11.90 -33.40 -92.54
N GLN K 43 -11.79 -32.43 -91.64
CA GLN K 43 -11.81 -32.70 -90.21
C GLN K 43 -13.07 -32.22 -89.50
N SER K 44 -13.31 -32.79 -88.33
CA SER K 44 -14.38 -32.40 -87.43
C SER K 44 -13.99 -31.09 -86.78
N LEU K 45 -14.89 -30.49 -86.01
CA LEU K 45 -14.55 -29.19 -85.44
C LEU K 45 -14.16 -29.31 -83.98
N GLU K 46 -13.13 -28.55 -83.60
CA GLU K 46 -12.71 -28.54 -82.21
C GLU K 46 -12.85 -27.17 -81.58
N TRP K 47 -13.51 -27.15 -80.45
CA TRP K 47 -13.72 -25.92 -79.72
C TRP K 47 -12.43 -25.43 -79.08
N ILE K 48 -12.20 -24.12 -79.15
CA ILE K 48 -11.01 -23.53 -78.58
C ILE K 48 -11.33 -22.90 -77.26
N ALA K 49 -12.30 -22.00 -77.30
CA ALA K 49 -12.65 -21.22 -76.14
C ALA K 49 -14.00 -20.58 -76.25
N TRP K 50 -14.55 -20.20 -75.11
CA TRP K 50 -15.76 -19.40 -75.16
C TRP K 50 -15.59 -18.25 -74.23
N ILE K 51 -16.32 -17.20 -74.52
CA ILE K 51 -16.40 -16.08 -73.62
C ILE K 51 -17.84 -15.64 -73.42
N TYR K 52 -18.20 -15.33 -72.18
CA TYR K 52 -19.52 -14.77 -71.96
C TYR K 52 -19.31 -13.29 -72.08
N ALA K 53 -19.87 -12.69 -73.11
CA ALA K 53 -19.56 -11.30 -73.36
C ALA K 53 -19.96 -10.40 -72.20
N GLY K 54 -21.04 -10.75 -71.52
CA GLY K 54 -21.58 -10.00 -70.40
C GLY K 54 -20.76 -9.99 -69.10
N THR K 55 -19.80 -10.89 -68.94
CA THR K 55 -18.98 -10.89 -67.72
C THR K 55 -17.53 -10.85 -68.10
N GLY K 56 -17.25 -11.30 -69.30
CA GLY K 56 -15.90 -11.44 -69.79
C GLY K 56 -15.29 -12.76 -69.33
N GLY K 57 -16.10 -13.62 -68.70
CA GLY K 57 -15.61 -14.90 -68.20
C GLY K 57 -15.30 -15.80 -69.37
N THR K 58 -14.24 -16.61 -69.23
CA THR K 58 -13.84 -17.52 -70.30
C THR K 58 -13.58 -18.93 -69.86
N GLU K 59 -13.55 -19.82 -70.84
CA GLU K 59 -13.17 -21.22 -70.65
C GLU K 59 -12.40 -21.66 -71.88
N TYR K 60 -11.35 -22.45 -71.69
CA TYR K 60 -10.51 -22.92 -72.79
C TYR K 60 -10.30 -24.42 -72.87
N ASN K 61 -10.09 -24.86 -74.10
CA ASN K 61 -9.66 -26.20 -74.46
C ASN K 61 -8.18 -26.25 -74.18
N GLN K 62 -7.77 -27.17 -73.31
CA GLN K 62 -6.41 -27.25 -72.82
C GLN K 62 -5.36 -27.38 -73.91
N LYS K 63 -5.70 -27.88 -75.09
CA LYS K 63 -4.68 -28.02 -76.12
C LYS K 63 -4.22 -26.65 -76.65
N PHE K 64 -5.01 -25.60 -76.38
CA PHE K 64 -4.70 -24.25 -76.82
C PHE K 64 -4.26 -23.34 -75.68
N THR K 65 -4.07 -23.87 -74.48
CA THR K 65 -3.71 -22.93 -73.45
C THR K 65 -2.25 -22.58 -73.63
N GLY K 66 -1.96 -21.31 -73.44
CA GLY K 66 -0.62 -20.78 -73.61
C GLY K 66 -0.46 -20.24 -75.03
N LYS K 67 -1.43 -20.52 -75.91
CA LYS K 67 -1.40 -20.05 -77.28
C LYS K 67 -2.60 -19.16 -77.62
N ALA K 68 -3.77 -19.50 -77.11
CA ALA K 68 -4.99 -18.76 -77.44
C ALA K 68 -5.49 -17.86 -76.32
N GLN K 69 -6.07 -16.74 -76.73
CA GLN K 69 -6.77 -15.82 -75.84
C GLN K 69 -8.11 -15.39 -76.44
N VAL K 70 -9.20 -15.57 -75.71
CA VAL K 70 -10.48 -15.14 -76.23
C VAL K 70 -10.91 -13.91 -75.46
N THR K 71 -11.36 -12.90 -76.19
CA THR K 71 -11.78 -11.66 -75.56
C THR K 71 -12.94 -10.99 -76.26
N VAL K 72 -13.54 -10.01 -75.60
CA VAL K 72 -14.61 -9.23 -76.23
C VAL K 72 -14.45 -7.75 -76.03
N ASP K 73 -15.13 -7.02 -76.89
CA ASP K 73 -15.32 -5.60 -76.74
C ASP K 73 -16.81 -5.40 -76.96
N THR K 74 -17.55 -5.22 -75.87
CA THR K 74 -18.99 -5.18 -75.97
C THR K 74 -19.49 -3.90 -76.60
N SER K 75 -18.66 -2.85 -76.60
CA SER K 75 -19.07 -1.57 -77.16
C SER K 75 -19.18 -1.60 -78.68
N SER K 76 -18.60 -2.64 -79.30
CA SER K 76 -18.64 -2.79 -80.75
C SER K 76 -19.24 -4.13 -81.12
N SER K 77 -19.88 -4.80 -80.13
CA SER K 77 -20.48 -6.11 -80.31
C SER K 77 -19.52 -7.07 -81.00
N THR K 78 -18.26 -7.08 -80.58
CA THR K 78 -17.31 -7.94 -81.27
C THR K 78 -16.53 -8.90 -80.40
N ALA K 79 -16.51 -10.14 -80.86
CA ALA K 79 -15.74 -11.19 -80.23
C ALA K 79 -14.41 -11.30 -80.93
N TYR K 80 -13.36 -11.60 -80.17
CA TYR K 80 -12.05 -11.76 -80.77
C TYR K 80 -11.36 -13.02 -80.31
N MET K 81 -10.49 -13.53 -81.17
CA MET K 81 -9.62 -14.64 -80.85
C MET K 81 -8.19 -14.36 -81.25
N GLN K 82 -7.33 -14.29 -80.25
CA GLN K 82 -5.94 -13.97 -80.48
C GLN K 82 -5.08 -15.20 -80.31
N PHE K 83 -4.24 -15.49 -81.29
CA PHE K 83 -3.31 -16.60 -81.13
C PHE K 83 -1.90 -16.08 -81.24
N SER K 84 -1.00 -16.69 -80.47
CA SER K 84 0.41 -16.38 -80.58
C SER K 84 1.21 -17.64 -80.83
N SER K 85 2.44 -17.47 -81.32
CA SER K 85 3.35 -18.57 -81.59
C SER K 85 2.73 -19.67 -82.46
N LEU K 86 2.11 -19.28 -83.57
CA LEU K 86 1.44 -20.19 -84.49
C LEU K 86 2.40 -21.15 -85.17
N THR K 87 1.95 -22.38 -85.37
CA THR K 87 2.78 -23.32 -86.14
C THR K 87 2.05 -23.80 -87.38
N THR K 88 2.67 -24.64 -88.17
CA THR K 88 2.04 -25.05 -89.43
C THR K 88 0.82 -25.94 -89.20
N GLU K 89 0.74 -26.50 -88.01
CA GLU K 89 -0.34 -27.37 -87.58
C GLU K 89 -1.56 -26.52 -87.21
N ASP K 90 -1.39 -25.19 -87.22
CA ASP K 90 -2.44 -24.23 -86.94
C ASP K 90 -3.02 -23.62 -88.20
N SER K 91 -2.67 -24.15 -89.38
CA SER K 91 -3.35 -23.61 -90.55
C SER K 91 -4.75 -24.22 -90.47
N ALA K 92 -5.75 -23.37 -90.42
CA ALA K 92 -7.13 -23.82 -90.23
C ALA K 92 -8.11 -22.73 -90.54
N ILE K 93 -9.38 -23.09 -90.66
CA ILE K 93 -10.41 -22.08 -90.80
C ILE K 93 -10.94 -21.87 -89.39
N TYR K 94 -10.91 -20.65 -88.93
CA TYR K 94 -11.38 -20.41 -87.59
C TYR K 94 -12.78 -19.83 -87.62
N TYR K 95 -13.64 -20.33 -86.77
CA TYR K 95 -15.02 -19.90 -86.76
C TYR K 95 -15.48 -19.34 -85.45
N CYS K 96 -16.38 -18.36 -85.52
CA CYS K 96 -17.04 -17.87 -84.33
C CYS K 96 -18.47 -18.38 -84.36
N ALA K 97 -19.06 -18.61 -83.20
CA ALA K 97 -20.45 -19.02 -83.16
C ALA K 97 -21.17 -18.51 -81.93
N ARG K 98 -22.47 -18.29 -82.09
CA ARG K 98 -23.34 -17.93 -81.00
C ARG K 98 -23.84 -19.21 -80.40
N GLY K 99 -23.38 -19.44 -79.18
CA GLY K 99 -23.56 -20.65 -78.40
C GLY K 99 -22.27 -20.87 -77.62
N GLY K 100 -22.30 -21.80 -76.69
CA GLY K 100 -21.18 -22.07 -75.82
C GLY K 100 -21.77 -22.63 -74.54
N SER K 101 -20.95 -23.18 -73.68
CA SER K 101 -21.49 -23.78 -72.46
C SER K 101 -22.55 -24.77 -72.87
N SER K 102 -23.69 -24.71 -72.21
CA SER K 102 -24.81 -25.62 -72.47
C SER K 102 -25.69 -25.20 -73.64
N PHE K 103 -25.40 -24.04 -74.24
CA PHE K 103 -26.21 -23.49 -75.32
C PHE K 103 -25.74 -24.01 -76.67
N ALA K 104 -26.65 -24.64 -77.41
CA ALA K 104 -26.31 -25.19 -78.71
C ALA K 104 -25.97 -24.06 -79.68
N MET K 105 -25.04 -24.33 -80.59
CA MET K 105 -24.58 -23.31 -81.53
C MET K 105 -25.45 -23.08 -82.77
N ASP K 106 -26.46 -22.23 -82.61
CA ASP K 106 -27.38 -21.93 -83.73
C ASP K 106 -26.81 -20.98 -84.77
N TYR K 107 -25.94 -20.05 -84.38
CA TYR K 107 -25.50 -19.12 -85.42
C TYR K 107 -24.00 -19.10 -85.56
N TRP K 108 -23.54 -19.13 -86.80
CA TRP K 108 -22.11 -19.18 -87.10
C TRP K 108 -21.64 -18.09 -88.05
N GLY K 109 -20.38 -17.68 -87.90
CA GLY K 109 -19.77 -16.74 -88.82
C GLY K 109 -19.35 -17.54 -90.04
N GLN K 110 -18.84 -16.88 -91.09
CA GLN K 110 -18.48 -17.61 -92.30
C GLN K 110 -17.16 -18.37 -92.23
N GLY K 111 -16.32 -18.02 -91.25
CA GLY K 111 -15.00 -18.64 -91.08
C GLY K 111 -13.86 -17.75 -91.60
N THR K 112 -12.75 -17.71 -90.87
CA THR K 112 -11.59 -16.91 -91.24
C THR K 112 -10.43 -17.84 -91.56
N SER K 113 -9.92 -17.74 -92.78
CA SER K 113 -8.86 -18.64 -93.20
C SER K 113 -7.46 -18.19 -92.84
N VAL K 114 -6.78 -18.96 -91.99
CA VAL K 114 -5.43 -18.57 -91.61
C VAL K 114 -4.47 -19.68 -92.01
N THR K 115 -3.50 -19.31 -92.83
CA THR K 115 -2.49 -20.25 -93.27
C THR K 115 -1.20 -19.84 -92.60
N VAL K 116 -0.52 -20.78 -91.96
CA VAL K 116 0.69 -20.43 -91.25
C VAL K 116 1.93 -20.88 -92.01
N GLN L 1 -12.91 -34.61 -72.22
CA GLN L 1 -14.03 -34.30 -73.10
C GLN L 1 -14.67 -35.60 -73.59
N LEU L 2 -15.75 -35.51 -74.39
CA LEU L 2 -16.38 -36.75 -74.87
C LEU L 2 -16.05 -37.06 -76.33
N VAL L 3 -15.59 -38.28 -76.56
CA VAL L 3 -15.29 -38.75 -77.90
C VAL L 3 -16.49 -39.39 -78.57
N LEU L 4 -16.82 -38.92 -79.77
CA LEU L 4 -17.97 -39.45 -80.49
C LEU L 4 -17.56 -40.21 -81.77
N THR L 5 -18.26 -41.30 -82.05
CA THR L 5 -18.09 -42.13 -83.23
C THR L 5 -19.36 -42.06 -84.09
N GLN L 6 -19.21 -41.88 -85.40
CA GLN L 6 -20.41 -41.80 -86.22
C GLN L 6 -20.51 -42.94 -87.21
N SER L 7 -21.74 -43.26 -87.57
CA SER L 7 -22.02 -44.32 -88.53
C SER L 7 -23.33 -44.06 -89.26
N PRO L 8 -23.37 -44.23 -90.58
CA PRO L 8 -22.35 -44.68 -91.51
C PRO L 8 -21.32 -43.58 -91.74
N ALA L 9 -20.18 -43.93 -92.33
CA ALA L 9 -19.23 -42.88 -92.71
C ALA L 9 -19.85 -41.98 -93.78
N SER L 10 -20.65 -42.59 -94.65
CA SER L 10 -21.34 -41.90 -95.72
C SER L 10 -22.56 -42.69 -96.13
N LEU L 11 -23.53 -42.01 -96.72
CA LEU L 11 -24.74 -42.64 -97.24
C LEU L 11 -25.32 -41.87 -98.41
N ALA L 12 -25.82 -42.58 -99.41
CA ALA L 12 -26.49 -41.93 -100.53
C ALA L 12 -27.99 -42.12 -100.39
N VAL L 13 -28.72 -41.02 -100.41
CA VAL L 13 -30.17 -41.03 -100.27
C VAL L 13 -30.77 -40.23 -101.43
N SER L 14 -31.72 -40.81 -102.15
CA SER L 14 -32.30 -40.14 -103.29
C SER L 14 -33.31 -39.09 -102.85
N LEU L 15 -33.62 -38.18 -103.75
CA LEU L 15 -34.60 -37.16 -103.46
C LEU L 15 -35.92 -37.77 -103.06
N GLY L 16 -36.43 -37.34 -101.91
CA GLY L 16 -37.71 -37.82 -101.41
C GLY L 16 -37.59 -38.98 -100.41
N GLN L 17 -36.39 -39.54 -100.28
CA GLN L 17 -36.15 -40.64 -99.36
C GLN L 17 -35.67 -40.15 -98.01
N ARG L 18 -35.80 -41.01 -97.00
CA ARG L 18 -35.31 -40.69 -95.65
C ARG L 18 -33.85 -41.05 -95.43
N ALA L 19 -33.10 -40.15 -94.78
CA ALA L 19 -31.71 -40.44 -94.41
C ALA L 19 -31.59 -40.66 -92.93
N THR L 20 -31.09 -41.82 -92.53
CA THR L 20 -30.88 -42.06 -91.11
C THR L 20 -29.38 -42.06 -90.83
N ILE L 21 -28.99 -41.18 -89.93
CA ILE L 21 -27.59 -41.00 -89.54
C ILE L 21 -27.47 -41.24 -88.03
N SER L 22 -26.52 -42.07 -87.57
CA SER L 22 -26.42 -42.33 -86.14
C SER L 22 -25.08 -41.92 -85.52
N CYS L 23 -25.12 -41.64 -84.22
CA CYS L 23 -23.94 -41.33 -83.43
C CYS L 23 -23.86 -42.16 -82.16
N ARG L 24 -22.66 -42.63 -81.84
CA ARG L 24 -22.44 -43.35 -80.61
C ARG L 24 -21.33 -42.73 -79.78
N ALA L 25 -21.66 -42.41 -78.55
CA ALA L 25 -20.71 -41.83 -77.64
C ALA L 25 -19.88 -42.91 -76.98
N SER L 26 -18.64 -42.59 -76.61
CA SER L 26 -17.82 -43.56 -75.88
C SER L 26 -18.25 -43.70 -74.42
N GLU L 27 -19.00 -42.71 -73.95
CA GLU L 27 -19.48 -42.58 -72.58
C GLU L 27 -20.72 -41.66 -72.57
N SER L 28 -21.34 -41.48 -71.41
CA SER L 28 -22.50 -40.58 -71.27
C SER L 28 -22.33 -39.59 -70.11
N SER L 35 -27.58 -35.51 -71.41
CA SER L 35 -27.68 -35.97 -72.78
C SER L 35 -27.88 -34.82 -73.73
N PHE L 36 -27.04 -33.81 -73.62
CA PHE L 36 -27.16 -32.62 -74.45
C PHE L 36 -26.44 -32.76 -75.78
N MET L 37 -26.92 -33.73 -76.55
CA MET L 37 -26.32 -34.05 -77.83
C MET L 37 -26.99 -33.21 -78.89
N ASN L 38 -26.20 -32.56 -79.69
CA ASN L 38 -26.72 -31.69 -80.72
C ASN L 38 -26.34 -32.19 -82.12
N TRP L 39 -27.18 -31.93 -83.12
CA TRP L 39 -26.83 -32.27 -84.49
C TRP L 39 -26.62 -31.05 -85.33
N PHE L 40 -25.59 -31.11 -86.15
CA PHE L 40 -25.25 -30.06 -87.08
C PHE L 40 -25.17 -30.51 -88.52
N GLN L 41 -25.48 -29.61 -89.43
CA GLN L 41 -25.36 -29.85 -90.86
C GLN L 41 -24.35 -28.92 -91.49
N GLN L 42 -23.29 -29.46 -92.08
CA GLN L 42 -22.30 -28.59 -92.69
C GLN L 42 -22.27 -28.81 -94.19
N LYS L 43 -22.95 -27.94 -94.91
CA LYS L 43 -23.07 -28.06 -96.35
C LYS L 43 -21.70 -27.69 -96.90
N PRO L 44 -21.26 -28.19 -98.07
CA PRO L 44 -19.97 -27.84 -98.60
C PRO L 44 -19.85 -26.33 -98.71
N GLY L 45 -18.75 -25.80 -98.22
CA GLY L 45 -18.48 -24.36 -98.26
C GLY L 45 -19.09 -23.59 -97.08
N GLN L 46 -19.85 -24.26 -96.23
CA GLN L 46 -20.52 -23.63 -95.10
C GLN L 46 -19.96 -24.05 -93.73
N PRO L 47 -20.18 -23.23 -92.68
CA PRO L 47 -19.98 -23.57 -91.28
C PRO L 47 -21.09 -24.56 -90.96
N PRO L 48 -21.01 -25.36 -89.90
CA PRO L 48 -22.08 -26.22 -89.46
C PRO L 48 -23.29 -25.37 -89.06
N LYS L 49 -24.49 -25.85 -89.31
CA LYS L 49 -25.69 -25.17 -88.85
C LYS L 49 -26.34 -26.06 -87.82
N LEU L 50 -26.94 -25.52 -86.77
CA LEU L 50 -27.59 -26.41 -85.83
C LEU L 50 -28.91 -26.91 -86.35
N LEU L 51 -29.13 -28.21 -86.27
CA LEU L 51 -30.38 -28.83 -86.64
C LEU L 51 -31.17 -29.31 -85.44
N ILE L 52 -30.50 -30.06 -84.58
CA ILE L 52 -31.17 -30.68 -83.43
C ILE L 52 -30.45 -30.35 -82.15
N HIS L 53 -31.17 -30.13 -81.09
CA HIS L 53 -30.48 -29.94 -79.83
C HIS L 53 -31.12 -30.72 -78.72
N THR L 54 -30.32 -31.02 -77.74
CA THR L 54 -30.77 -31.80 -76.60
C THR L 54 -31.49 -33.07 -77.09
N ALA L 55 -30.79 -33.83 -77.94
CA ALA L 55 -31.21 -35.11 -78.53
C ALA L 55 -32.32 -35.01 -79.59
N SER L 56 -33.45 -34.36 -79.28
CA SER L 56 -34.58 -34.29 -80.22
C SER L 56 -35.20 -32.94 -80.62
N ASN L 57 -34.79 -31.82 -80.05
CA ASN L 57 -35.49 -30.57 -80.35
C ASN L 57 -34.99 -29.92 -81.62
N GLN L 58 -35.86 -29.23 -82.35
CA GLN L 58 -35.40 -28.50 -83.54
C GLN L 58 -34.64 -27.24 -83.16
N GLY L 59 -33.62 -26.92 -83.95
CA GLY L 59 -32.86 -25.69 -83.79
C GLY L 59 -33.58 -24.48 -84.39
N SER L 60 -32.94 -23.32 -84.34
CA SER L 60 -33.60 -22.11 -84.82
C SER L 60 -33.66 -22.03 -86.32
N GLY L 61 -34.88 -21.96 -86.84
CA GLY L 61 -35.10 -21.90 -88.29
C GLY L 61 -34.98 -23.26 -88.97
N VAL L 62 -34.89 -24.33 -88.17
CA VAL L 62 -34.71 -25.66 -88.73
C VAL L 62 -36.01 -26.33 -89.17
N PRO L 63 -36.12 -26.79 -90.43
CA PRO L 63 -37.28 -27.45 -91.01
C PRO L 63 -37.66 -28.72 -90.25
N ALA L 64 -38.96 -29.03 -90.27
CA ALA L 64 -39.56 -30.20 -89.60
C ALA L 64 -39.04 -31.51 -90.17
N ARG L 65 -38.41 -31.40 -91.33
CA ARG L 65 -37.80 -32.49 -92.06
C ARG L 65 -36.67 -33.09 -91.23
N PHE L 66 -36.11 -32.31 -90.29
CA PHE L 66 -35.02 -32.81 -89.47
C PHE L 66 -35.53 -33.20 -88.09
N SER L 67 -35.63 -34.50 -87.85
CA SER L 67 -36.15 -35.02 -86.59
C SER L 67 -35.13 -35.87 -85.86
N GLY L 68 -34.81 -35.49 -84.62
CA GLY L 68 -33.80 -36.23 -83.87
C GLY L 68 -34.38 -37.01 -82.70
N SER L 69 -33.53 -37.85 -82.12
CA SER L 69 -33.83 -38.64 -80.94
C SER L 69 -32.56 -39.15 -80.27
N GLY L 70 -32.68 -39.65 -79.03
CA GLY L 70 -31.52 -40.29 -78.42
C GLY L 70 -31.37 -40.05 -76.93
N SER L 71 -30.58 -40.93 -76.33
CA SER L 71 -30.28 -40.89 -74.89
C SER L 71 -29.03 -41.70 -74.60
N GLY L 72 -28.50 -41.58 -73.38
CA GLY L 72 -27.36 -42.42 -73.05
C GLY L 72 -26.22 -42.12 -73.98
N THR L 73 -25.79 -43.14 -74.70
CA THR L 73 -24.71 -43.07 -75.66
C THR L 73 -25.17 -43.14 -77.11
N ASP L 74 -26.46 -43.37 -77.34
CA ASP L 74 -26.95 -43.60 -78.71
C ASP L 74 -27.99 -42.60 -79.20
N PHE L 75 -27.57 -41.84 -80.21
CA PHE L 75 -28.36 -40.75 -80.79
C PHE L 75 -28.53 -40.88 -82.30
N SER L 76 -29.62 -40.32 -82.82
CA SER L 76 -29.85 -40.37 -84.27
C SER L 76 -30.57 -39.16 -84.85
N LEU L 77 -30.41 -38.99 -86.17
CA LEU L 77 -31.08 -37.99 -86.97
C LEU L 77 -31.75 -38.62 -88.17
N ASN L 78 -33.02 -38.29 -88.36
CA ASN L 78 -33.79 -38.74 -89.50
C ASN L 78 -34.18 -37.55 -90.35
N ILE L 79 -33.66 -37.52 -91.58
CA ILE L 79 -33.96 -36.41 -92.47
C ILE L 79 -35.01 -36.91 -93.42
N HIS L 80 -36.19 -36.31 -93.42
CA HIS L 80 -37.25 -36.86 -94.26
C HIS L 80 -38.26 -35.83 -94.75
N PRO L 81 -38.35 -35.62 -96.07
CA PRO L 81 -37.52 -36.11 -97.18
C PRO L 81 -36.18 -35.43 -97.27
N VAL L 82 -35.22 -36.12 -97.86
CA VAL L 82 -33.93 -35.56 -98.21
C VAL L 82 -33.97 -34.84 -99.54
N GLU L 83 -33.40 -33.63 -99.56
CA GLU L 83 -33.28 -32.82 -100.76
C GLU L 83 -31.88 -32.99 -101.33
N ASP L 84 -31.65 -32.68 -102.61
CA ASP L 84 -30.29 -32.75 -103.17
C ASP L 84 -29.42 -31.67 -102.51
N ASP L 85 -30.10 -30.66 -102.00
CA ASP L 85 -29.52 -29.50 -101.36
C ASP L 85 -29.10 -29.82 -99.93
N ASP L 86 -29.37 -31.05 -99.47
CA ASP L 86 -28.98 -31.50 -98.14
C ASP L 86 -27.68 -32.27 -98.18
N THR L 87 -27.00 -32.24 -99.35
CA THR L 87 -25.71 -32.87 -99.38
C THR L 87 -24.90 -32.09 -98.36
N ALA L 88 -24.37 -32.80 -97.37
CA ALA L 88 -23.67 -32.14 -96.26
C ALA L 88 -22.99 -33.13 -95.35
N MET L 89 -22.09 -32.63 -94.51
CA MET L 89 -21.59 -33.47 -93.43
C MET L 89 -22.54 -33.35 -92.26
N TYR L 90 -22.89 -34.47 -91.66
CA TYR L 90 -23.76 -34.41 -90.50
C TYR L 90 -23.00 -34.80 -89.27
N PHE L 91 -23.08 -33.95 -88.27
CA PHE L 91 -22.30 -34.18 -87.08
C PHE L 91 -23.05 -34.20 -85.81
N CYS L 92 -22.56 -35.00 -84.91
CA CYS L 92 -23.02 -34.92 -83.54
C CYS L 92 -22.04 -34.14 -82.73
N GLN L 93 -22.57 -33.35 -81.83
CA GLN L 93 -21.79 -32.54 -80.93
C GLN L 93 -22.27 -32.70 -79.49
N GLN L 94 -21.34 -32.77 -78.55
CA GLN L 94 -21.70 -32.91 -77.14
C GLN L 94 -21.44 -31.66 -76.31
N SER L 95 -22.55 -31.01 -75.87
CA SER L 95 -22.46 -29.77 -75.09
C SER L 95 -22.60 -29.94 -73.58
N GLU L 96 -22.86 -31.16 -73.11
CA GLU L 96 -23.00 -31.41 -71.68
C GLU L 96 -21.71 -31.12 -70.91
N GLU L 97 -20.59 -31.51 -71.52
CA GLU L 97 -19.27 -31.39 -70.92
C GLU L 97 -18.42 -30.40 -71.69
N VAL L 98 -17.44 -29.81 -71.01
CA VAL L 98 -16.50 -28.91 -71.64
C VAL L 98 -15.07 -29.47 -71.48
N PRO L 99 -14.22 -29.49 -72.52
CA PRO L 99 -14.31 -28.97 -73.89
C PRO L 99 -15.46 -29.57 -74.68
N LEU L 100 -16.07 -28.72 -75.48
CA LEU L 100 -17.22 -29.08 -76.32
C LEU L 100 -16.65 -29.86 -77.49
N THR L 101 -17.28 -30.97 -77.88
CA THR L 101 -16.73 -31.75 -79.00
C THR L 101 -17.69 -32.18 -80.11
N PHE L 102 -17.10 -32.41 -81.29
CA PHE L 102 -17.80 -32.95 -82.47
C PHE L 102 -17.24 -34.32 -82.85
N GLY L 103 -18.10 -35.16 -83.44
CA GLY L 103 -17.68 -36.47 -83.92
C GLY L 103 -17.06 -36.33 -85.30
N ALA L 104 -16.64 -37.44 -85.91
CA ALA L 104 -15.97 -37.42 -87.21
C ALA L 104 -16.84 -36.86 -88.34
N GLY L 105 -18.13 -37.15 -88.29
CA GLY L 105 -19.08 -36.69 -89.29
C GLY L 105 -19.43 -37.77 -90.31
N THR L 106 -20.66 -37.69 -90.81
CA THR L 106 -21.21 -38.59 -91.83
C THR L 106 -21.49 -37.83 -93.10
N LYS L 107 -21.02 -38.34 -94.23
CA LYS L 107 -21.30 -37.60 -95.46
C LYS L 107 -22.57 -38.06 -96.16
N LEU L 108 -23.54 -37.16 -96.26
CA LEU L 108 -24.81 -37.48 -96.93
C LEU L 108 -24.79 -36.92 -98.32
N GLU L 109 -25.07 -37.78 -99.30
CA GLU L 109 -25.14 -37.36 -100.69
C GLU L 109 -26.53 -37.67 -101.23
C1 NAG M . -31.52 25.50 51.66
C2 NAG M . -31.16 26.88 52.25
C3 NAG M . -32.25 27.88 51.86
C4 NAG M . -32.28 27.96 50.33
C5 NAG M . -32.52 26.53 49.79
C6 NAG M . -32.44 26.48 48.28
C7 NAG M . -31.56 26.38 54.72
C8 NAG M . -32.89 25.70 54.62
N2 NAG M . -30.85 26.86 53.69
O3 NAG M . -31.96 29.16 52.43
O4 NAG M . -33.43 28.78 50.07
O5 NAG M . -31.51 25.58 50.23
O6 NAG M . -32.20 25.16 47.81
O7 NAG M . -31.04 26.49 55.84
C1 NAG M . -33.32 29.75 48.94
C2 NAG M . -34.16 31.00 49.28
C3 NAG M . -34.18 31.95 48.08
C4 NAG M . -32.71 32.32 47.82
C5 NAG M . -31.92 31.04 47.51
C6 NAG M . -30.49 31.40 47.20
C7 NAG M . -36.27 31.21 50.48
C8 NAG M . -37.61 30.63 50.77
N2 NAG M . -35.51 30.56 49.61
O3 NAG M . -34.93 33.13 48.39
O4 NAG M . -32.61 33.20 46.71
O5 NAG M . -31.97 30.14 48.64
O6 NAG M . -30.44 32.59 46.44
O7 NAG M . -35.87 32.24 51.03
C1 NAG N . -27.77 22.05 69.37
C2 NAG N . -27.46 22.86 68.09
C3 NAG N . -26.74 24.14 68.51
C4 NAG N . -27.66 24.94 69.45
C5 NAG N . -27.95 24.04 70.67
C6 NAG N . -28.83 24.73 71.67
C7 NAG N . -27.05 21.55 66.08
C8 NAG N . -26.07 20.76 65.26
N2 NAG N . -26.61 22.07 67.20
O3 NAG N . -26.40 24.92 67.35
O4 NAG N . -27.00 26.14 69.89
O5 NAG N . -28.59 22.81 70.26
O6 NAG N . -30.07 25.11 71.08
O7 NAG N . -28.22 21.71 65.72
C1 NAG N . -27.66 27.38 69.39
C2 NAG N . -27.07 28.61 70.13
C3 NAG N . -27.77 29.87 69.59
C4 NAG N . -27.50 29.95 68.09
C5 NAG N . -28.08 28.69 67.42
C6 NAG N . -27.83 28.73 65.93
C7 NAG N . -26.39 28.64 72.45
C8 NAG N . -26.79 28.45 73.88
N2 NAG N . -27.33 28.47 71.55
O3 NAG N . -27.24 31.03 70.24
O4 NAG N . -28.13 31.09 67.54
O5 NAG N . -27.46 27.51 67.98
O6 NAG N . -28.34 29.93 65.37
O7 NAG N . -25.24 28.95 72.13
C1 NAG O . -43.49 24.38 34.17
C2 NAG O . -42.36 24.97 33.28
C3 NAG O . -42.94 26.26 32.67
C4 NAG O . -44.18 25.92 31.82
C5 NAG O . -45.17 25.27 32.79
C6 NAG O . -46.44 24.87 32.08
C7 NAG O . -40.02 24.72 33.85
C8 NAG O . -38.91 24.99 34.82
N2 NAG O . -41.20 25.25 34.11
O3 NAG O . -41.93 26.90 31.87
O4 NAG O . -44.75 27.12 31.26
O5 NAG O . -44.66 24.08 33.41
O6 NAG O . -47.19 26.04 31.79
O7 NAG O . -39.84 24.02 32.85
C1 NAG O . -44.88 27.08 29.77
C2 NAG O . -45.79 28.26 29.31
C3 NAG O . -45.94 28.20 27.79
C4 NAG O . -44.54 28.31 27.18
C5 NAG O . -43.70 27.14 27.70
C6 NAG O . -42.33 27.23 27.08
C7 NAG O . -47.69 29.11 30.57
C8 NAG O . -49.02 28.84 31.18
N2 NAG O . -47.10 28.14 29.92
O3 NAG O . -46.77 29.28 27.34
O4 NAG O . -44.60 28.26 25.76
O5 NAG O . -43.59 27.18 29.14
O6 NAG O . -42.42 27.67 25.73
O7 NAG O . -47.14 30.23 30.67
C1 NAG P . -24.57 -0.34 78.06
C2 NAG P . -23.05 -0.14 77.87
C3 NAG P . -22.47 -1.53 77.51
C4 NAG P . -22.75 -2.53 78.65
C5 NAG P . -24.28 -2.55 78.80
C6 NAG P . -24.71 -3.44 79.93
C7 NAG P . -21.94 1.72 76.77
C8 NAG P . -21.76 2.50 75.52
N2 NAG P . -22.82 0.76 76.75
O3 NAG P . -21.06 -1.36 77.31
O4 NAG P . -22.37 -3.87 78.29
O5 NAG P . -24.83 -1.26 79.11
O6 NAG P . -26.09 -3.30 80.16
O7 NAG P . -21.29 1.96 77.80
C1 NAG P . -20.97 -4.24 78.70
C2 NAG P . -20.97 -5.16 79.97
C3 NAG P . -19.54 -5.55 80.31
C4 NAG P . -18.97 -6.31 79.12
C5 NAG P . -19.01 -5.40 77.89
C6 NAG P . -18.48 -6.14 76.69
C7 NAG P . -22.31 -5.10 81.99
C8 NAG P . -22.86 -4.30 83.12
N2 NAG P . -21.55 -4.47 81.11
O3 NAG P . -19.50 -6.37 81.47
O4 NAG P . -17.64 -6.70 79.38
O5 NAG P . -20.38 -4.99 77.63
O6 NAG P . -17.85 -7.35 77.09
O7 NAG P . -22.53 -6.32 81.88
C1 NAG Q . -9.54 58.85 -3.34
C2 NAG Q . -9.68 57.39 -2.87
C3 NAG Q . -10.61 56.73 -3.88
C4 NAG Q . -11.97 57.40 -3.98
C5 NAG Q . -11.65 58.84 -4.41
C6 NAG Q . -12.90 59.66 -4.56
C7 NAG Q . -7.59 56.42 -2.03
C8 NAG Q . -6.25 55.84 -2.39
N2 NAG Q . -8.37 56.76 -3.02
O3 NAG Q . -10.81 55.35 -3.54
O4 NAG Q . -12.72 56.76 -5.02
O5 NAG Q . -10.80 59.50 -3.46
O6 NAG Q . -13.73 59.57 -3.42
O7 NAG Q . -7.94 56.58 -0.86
C1 NAG Q . -14.02 56.22 -4.51
C2 NAG Q . -14.93 55.93 -5.73
C3 NAG Q . -16.27 55.43 -5.23
C4 NAG Q . -16.00 54.13 -4.46
C5 NAG Q . -15.06 54.46 -3.30
C6 NAG Q . -14.74 53.20 -2.54
C7 NAG Q . -15.12 57.13 -7.81
C8 NAG Q . -15.13 58.44 -8.51
N2 NAG Q . -15.07 57.15 -6.50
O3 NAG Q . -17.14 55.20 -6.35
O4 NAG Q . -17.25 53.59 -3.96
O5 NAG Q . -13.81 55.02 -3.78
O6 NAG Q . -14.44 52.14 -3.44
O7 NAG Q . -15.17 56.07 -8.43
C1 BMA Q . -17.77 52.43 -4.76
C2 BMA Q . -18.12 51.27 -3.81
C3 BMA Q . -18.60 50.08 -4.66
C4 BMA Q . -19.80 50.54 -5.47
C5 BMA Q . -19.38 51.72 -6.33
C6 BMA Q . -20.53 52.16 -7.19
O2 BMA Q . -19.16 51.70 -2.93
O3 BMA Q . -18.95 49.00 -3.80
O4 BMA Q . -20.27 49.49 -6.29
O5 BMA Q . -18.91 52.83 -5.53
O6 BMA Q . -21.24 51.03 -7.69
C1 NAG R . 22.40 42.23 -27.81
C2 NAG R . 22.93 41.40 -29.01
C3 NAG R . 24.38 41.09 -28.69
C4 NAG R . 25.19 42.38 -28.55
C5 NAG R . 24.53 43.18 -27.40
C6 NAG R . 25.13 44.56 -27.20
C7 NAG R . 21.26 40.00 -30.06
C8 NAG R . 20.49 38.72 -30.03
N2 NAG R . 22.16 40.18 -29.12
O3 NAG R . 24.93 40.28 -29.73
O4 NAG R . 26.51 41.98 -28.17
O5 NAG R . 23.14 43.43 -27.66
O6 NAG R . 24.22 45.58 -27.61
O7 NAG R . 21.05 40.86 -30.92
C1 NAG R . 27.61 42.65 -28.95
C2 NAG R . 28.84 42.82 -28.01
C3 NAG R . 29.93 43.53 -28.82
C4 NAG R . 30.26 42.65 -30.02
C5 NAG R . 29.00 42.47 -30.88
C6 NAG R . 29.29 41.58 -32.06
C7 NAG R . 28.18 43.10 -25.67
C8 NAG R . 27.74 44.03 -24.59
N2 NAG R . 28.46 43.63 -26.86
O3 NAG R . 31.09 43.72 -28.01
O4 NAG R . 31.28 43.27 -30.79
O5 NAG R . 27.95 41.85 -30.09
O6 NAG R . 30.51 41.97 -32.70
O7 NAG R . 28.29 41.89 -25.48
C1 NAG S . 1.92 58.48 -30.70
C2 NAG S . 1.45 59.02 -32.08
C3 NAG S . 0.79 57.83 -32.79
C4 NAG S . 1.82 56.69 -32.93
C5 NAG S . 2.24 56.33 -31.52
C6 NAG S . 3.16 55.15 -31.50
C7 NAG S . 0.70 61.33 -31.94
C8 NAG S . -0.40 62.26 -31.54
N2 NAG S . 0.45 60.05 -31.84
O3 NAG S . 0.32 58.22 -34.09
O4 NAG S . 1.27 55.52 -33.54
O5 NAG S . 2.85 57.40 -30.83
O6 NAG S . 2.36 54.01 -31.72
O7 NAG S . 1.79 61.75 -32.35
C1 NAG S . 1.93 55.24 -34.85
C2 NAG S . 1.51 53.84 -35.38
C3 NAG S . 2.19 53.72 -36.73
C4 NAG S . 1.82 54.83 -37.71
C5 NAG S . 2.25 56.14 -37.01
C6 NAG S . 1.92 57.36 -37.84
C7 NAG S . 1.43 52.01 -33.75
C8 NAG S . 2.25 51.06 -32.93
N2 NAG S . 2.10 52.83 -34.53
O3 NAG S . 1.79 52.47 -37.28
O4 NAG S . 2.63 54.60 -38.87
O5 NAG S . 1.59 56.29 -35.75
O6 NAG S . 2.08 58.55 -37.06
O7 NAG S . 0.19 52.02 -33.73
C1 BMA S . 1.87 54.71 -40.15
C2 BMA S . 2.88 54.60 -41.31
C3 BMA S . 2.13 54.74 -42.63
C4 BMA S . 1.11 53.60 -42.68
C5 BMA S . 0.14 53.73 -41.49
C6 BMA S . -0.85 52.59 -41.48
O2 BMA S . 3.55 53.35 -41.23
O3 BMA S . 3.04 54.62 -43.75
O4 BMA S . 0.38 53.66 -43.89
O5 BMA S . 0.90 53.67 -40.25
O6 BMA S . -0.66 51.78 -40.32
C1 MAN S . 3.56 55.95 -44.25
C2 MAN S . 4.17 55.79 -45.67
C3 MAN S . 5.37 54.83 -45.62
C4 MAN S . 6.40 55.44 -44.66
C5 MAN S . 5.76 55.61 -43.30
C6 MAN S . 6.74 56.24 -42.34
O2 MAN S . 4.59 57.06 -46.15
O3 MAN S . 5.93 54.70 -46.92
O4 MAN S . 7.46 54.52 -44.54
O5 MAN S . 4.58 56.47 -43.39
O6 MAN S . 6.23 56.33 -41.01
C1 MAN S . -1.10 50.36 -40.51
C2 MAN S . -0.90 49.57 -39.19
C3 MAN S . 0.58 49.55 -38.83
C4 MAN S . 1.36 48.87 -39.96
C5 MAN S . 1.08 49.66 -41.23
C6 MAN S . 1.82 49.02 -42.37
O2 MAN S . -1.36 48.23 -39.36
O3 MAN S . 0.76 48.81 -37.62
O4 MAN S . 2.75 49.00 -39.71
O5 MAN S . -0.34 49.72 -41.54
O6 MAN S . 3.23 49.08 -42.14
C1 NAG T . 17.49 45.81 -36.87
C2 NAG T . 18.79 46.16 -36.08
C3 NAG T . 19.89 46.47 -37.09
C4 NAG T . 20.11 45.24 -37.98
C5 NAG T . 18.79 44.96 -38.69
C6 NAG T . 18.91 43.79 -39.63
C7 NAG T . 19.17 47.52 -34.11
C8 NAG T . 18.98 48.83 -33.43
N2 NAG T . 18.59 47.35 -35.28
O3 NAG T . 21.10 46.83 -36.43
O4 NAG T . 21.14 45.52 -38.94
O5 NAG T . 17.73 44.68 -37.74
O6 NAG T . 17.65 43.39 -40.14
O7 NAG T . 19.85 46.62 -33.61
C1 NAG T . 22.35 44.65 -38.74
C2 NAG T . 23.35 44.85 -39.90
C3 NAG T . 24.55 43.94 -39.68
C4 NAG T . 25.18 44.33 -38.33
C5 NAG T . 24.14 44.14 -37.22
C6 NAG T . 24.71 44.55 -35.89
C7 NAG T . 22.49 45.38 -42.12
C8 NAG T . 21.75 44.90 -43.32
N2 NAG T . 22.67 44.51 -41.15
O3 NAG T . 25.50 44.10 -40.73
O4 NAG T . 26.31 43.52 -38.08
O5 NAG T . 22.98 44.97 -37.50
O6 NAG T . 25.99 43.97 -35.67
O7 NAG T . 22.91 46.54 -42.03
C1 NAG U . -7.62 -23.45 60.86
C2 NAG U . -6.86 -24.71 61.37
C3 NAG U . -5.77 -24.26 62.32
C4 NAG U . -4.80 -23.36 61.55
C5 NAG U . -5.63 -22.19 60.95
C6 NAG U . -4.79 -21.30 60.07
C7 NAG U . -8.69 -25.70 62.84
C8 NAG U . -9.10 -24.47 63.59
N2 NAG U . -7.74 -25.76 61.91
O3 NAG U . -5.08 -25.41 62.84
O4 NAG U . -3.92 -22.88 62.57
O5 NAG U . -6.72 -22.63 60.11
O6 NAG U . -5.60 -20.54 59.18
O7 NAG U . -9.29 -26.76 63.09
C1 NAG U . -2.47 -22.72 62.19
C2 NAG U . -1.61 -23.00 63.45
C3 NAG U . -0.14 -22.72 63.12
C4 NAG U . 0.22 -23.67 61.97
C5 NAG U . -0.67 -23.37 60.77
C6 NAG U . -0.30 -24.27 59.61
C7 NAG U . -2.02 -22.49 65.79
C8 NAG U . -2.58 -21.53 66.79
N2 NAG U . -2.08 -22.13 64.51
O3 NAG U . 0.68 -23.00 64.26
O4 NAG U . 1.58 -23.50 61.59
O5 NAG U . -2.07 -23.59 61.12
O6 NAG U . 1.12 -24.41 59.57
O7 NAG U . -1.53 -23.57 66.12
C1 NAG V . -20.98 -34.85 66.44
C2 NAG V . -19.59 -34.66 65.78
C3 NAG V . -18.84 -36.00 65.88
C4 NAG V . -18.69 -36.37 67.36
C5 NAG V . -20.12 -36.48 67.95
C6 NAG V . -20.09 -36.86 69.41
C7 NAG V . -19.50 -33.08 63.93
C8 NAG V . -19.72 -32.83 62.48
N2 NAG V . -19.77 -34.29 64.38
O3 NAG V . -17.55 -35.89 65.25
O4 NAG V . -18.02 -37.64 67.49
O5 NAG V . -20.84 -35.24 67.81
O6 NAG V . -19.37 -35.91 70.17
O7 NAG V . -19.09 -32.20 64.70
C1 NAG V . -16.69 -37.51 68.15
C2 NAG V . -16.16 -38.92 68.50
C3 NAG V . -14.79 -38.77 69.17
C4 NAG V . -13.86 -38.06 68.17
C5 NAG V . -14.44 -36.69 67.84
C6 NAG V . -13.56 -35.97 66.85
C7 NAG V . -17.52 -40.77 69.26
C8 NAG V . -18.49 -41.29 70.28
N2 NAG V . -17.08 -39.55 69.43
O3 NAG V . -14.25 -40.05 69.51
O4 NAG V . -12.56 -37.89 68.75
O5 NAG V . -15.77 -36.85 67.27
O6 NAG V . -12.23 -35.89 67.34
O7 NAG V . -17.16 -41.46 68.31
C1 NAG W . 2.41 -4.77 60.21
C2 NAG W . 3.35 -5.23 59.06
C3 NAG W . 4.78 -5.12 59.59
C4 NAG W . 5.08 -3.65 59.97
C5 NAG W . 4.04 -3.29 61.05
C6 NAG W . 4.21 -1.87 61.51
C7 NAG W . 2.66 -6.94 57.47
C8 NAG W . 2.26 -8.37 57.23
N2 NAG W . 3.01 -6.60 58.69
O3 NAG W . 5.71 -5.59 58.61
O4 NAG W . 6.41 -3.54 60.52
O5 NAG W . 2.68 -3.42 60.59
O6 NAG W . 5.37 -1.78 62.32
O7 NAG W . 2.67 -6.12 56.56
C1 NAG W . 7.26 -2.53 59.79
C2 NAG W . 8.54 -2.25 60.63
C3 NAG W . 9.39 -1.20 59.90
C4 NAG W . 9.74 -1.78 58.54
C5 NAG W . 8.45 -2.05 57.78
C6 NAG W . 8.79 -2.60 56.41
C7 NAG W . 8.61 -2.23 63.07
C8 NAG W . 8.11 -1.60 64.33
N2 NAG W . 8.16 -1.72 61.93
O3 NAG W . 10.58 -0.93 60.66
O4 NAG W . 10.53 -0.86 57.79
O5 NAG W . 7.62 -3.02 58.49
O6 NAG W . 9.94 -1.94 55.90
O7 NAG W . 9.41 -3.16 63.07
C1 NAG X . -44.37 -31.32 61.22
C2 NAG X . -44.19 -32.26 60.00
C3 NAG X . -45.13 -31.76 58.90
C4 NAG X . -46.60 -31.78 59.40
C5 NAG X . -46.61 -30.89 60.65
C6 NAG X . -47.96 -30.87 61.30
C7 NAG X . -42.11 -33.21 59.18
C8 NAG X . -40.76 -32.94 58.62
N2 NAG X . -42.82 -32.17 59.53
O3 NAG X . -44.97 -32.60 57.76
O4 NAG X . -47.50 -31.16 58.47
O5 NAG X . -45.72 -31.35 61.67
O6 NAG X . -47.90 -30.20 62.54
O7 NAG X . -42.56 -34.36 59.32
C1 NAG X . -48.13 -32.11 57.48
C2 NAG X . -49.61 -32.44 57.87
C3 NAG X . -50.21 -33.37 56.82
C4 NAG X . -50.16 -32.64 55.48
C5 NAG X . -48.70 -32.31 55.15
C6 NAG X . -48.64 -31.56 53.84
C7 NAG X . -50.66 -32.83 60.01
C8 NAG X . -50.64 -33.55 61.32
N2 NAG X . -49.68 -33.09 59.17
O3 NAG X . -51.56 -33.69 57.15
O4 NAG X . -50.71 -33.45 54.47
O5 NAG X . -48.14 -31.48 56.20
O6 NAG X . -49.88 -31.62 53.17
O7 NAG X . -51.56 -32.04 59.72
C1 NAG Y . 50.17 -20.33 25.20
C2 NAG Y . 48.71 -19.82 25.08
C3 NAG Y . 48.83 -18.30 25.03
C4 NAG Y . 49.52 -17.71 26.24
C5 NAG Y . 50.91 -18.34 26.25
C6 NAG Y . 51.74 -17.85 27.40
C7 NAG Y . 47.32 -21.20 23.60
C8 NAG Y . 46.97 -21.54 22.18
N2 NAG Y . 48.23 -20.26 23.78
O3 NAG Y . 47.53 -17.72 24.90
O4 NAG Y . 49.65 -16.30 26.04
O5 NAG Y . 50.84 -19.78 26.33
O6 NAG Y . 51.05 -17.97 28.63
O7 NAG Y . 46.78 -21.75 24.56
C1 NAG Y . 48.99 -15.51 27.13
C2 NAG Y . 49.53 -14.06 27.08
C3 NAG Y . 48.91 -13.26 28.22
C4 NAG Y . 47.40 -13.27 27.99
C5 NAG Y . 46.92 -14.73 28.01
C6 NAG Y . 45.44 -14.79 27.75
C7 NAG Y . 51.72 -13.26 26.49
C8 NAG Y . 53.20 -13.47 26.56
N2 NAG Y . 50.97 -14.09 27.17
O3 NAG Y . 49.42 -11.93 28.20
O4 NAG Y . 46.74 -12.54 29.04
O5 NAG Y . 47.58 -15.50 26.97
O6 NAG Y . 45.09 -13.93 26.68
O7 NAG Y . 51.22 -12.34 25.85
C1 BMA Y . 46.30 -11.16 28.62
C2 BMA Y . 44.83 -10.94 29.03
C3 BMA Y . 44.39 -9.56 28.53
C4 BMA Y . 45.31 -8.52 29.18
C5 BMA Y . 46.74 -8.84 28.77
C6 BMA Y . 47.67 -7.79 29.34
O2 BMA Y . 44.72 -11.02 30.44
O3 BMA Y . 43.03 -9.32 28.90
O4 BMA Y . 44.96 -7.21 28.74
O5 BMA Y . 47.14 -10.15 29.22
O6 BMA Y . 47.09 -6.51 29.24
C1 NAG Z . 49.07 -17.83 -18.24
C2 NAG Z . 49.06 -17.04 -19.58
C3 NAG Z . 48.54 -18.01 -20.63
C4 NAG Z . 49.46 -19.23 -20.75
C5 NAG Z . 49.47 -19.89 -19.35
C6 NAG Z . 50.44 -21.05 -19.24
C7 NAG Z . 48.65 -14.67 -19.32
C8 NAG Z . 47.64 -13.59 -19.15
N2 NAG Z . 48.19 -15.90 -19.46
O3 NAG Z . 48.46 -17.34 -21.89
O4 NAG Z . 48.82 -20.10 -21.69
O5 NAG Z . 49.92 -18.96 -18.33
O6 NAG Z . 51.55 -20.72 -18.42
O7 NAG Z . 49.86 -14.44 -19.35
C1 NAG Z . 49.75 -20.64 -22.74
C2 NAG Z . 49.27 -22.08 -23.12
C3 NAG Z . 50.25 -22.62 -24.15
C4 NAG Z . 50.22 -21.69 -25.36
C5 NAG Z . 50.65 -20.29 -24.92
C6 NAG Z . 50.61 -19.33 -26.08
C7 NAG Z . 48.18 -23.21 -21.24
C8 NAG Z . 48.33 -24.04 -20.00
N2 NAG Z . 49.28 -22.93 -21.93
O3 NAG Z . 49.87 -23.94 -24.55
O4 NAG Z . 51.12 -22.17 -26.36
O5 NAG Z . 49.75 -19.80 -23.89
O6 NAG Z . 51.22 -19.91 -27.23
O7 NAG Z . 47.07 -22.81 -21.63
C1 NAG AA . 65.15 -10.93 1.38
C2 NAG AA . 66.42 -10.05 1.18
C3 NAG AA . 65.91 -8.63 0.90
C4 NAG AA . 65.01 -8.65 -0.34
C5 NAG AA . 63.86 -9.59 -0.02
C6 NAG AA . 62.85 -9.62 -1.12
C7 NAG AA . 68.26 -10.78 2.61
C8 NAG AA . 68.85 -10.77 3.99
N2 NAG AA . 67.18 -10.06 2.43
O3 NAG AA . 67.02 -7.74 0.70
O4 NAG AA . 64.45 -7.37 -0.64
O5 NAG AA . 64.30 -10.92 0.25
O6 NAG AA . 62.10 -8.43 -0.99
O7 NAG AA . 68.76 -11.43 1.68
C1 NAG AA . 64.95 -6.86 -1.95
C2 NAG AA . 64.16 -5.61 -2.39
C3 NAG AA . 64.81 -5.17 -3.68
C4 NAG AA . 66.30 -4.88 -3.57
C5 NAG AA . 66.92 -6.20 -3.08
C6 NAG AA . 68.41 -6.09 -2.87
C7 NAG AA . 61.73 -5.64 -2.05
C8 NAG AA . 60.43 -6.21 -2.56
N2 NAG AA . 62.80 -6.01 -2.72
O3 NAG AA . 64.14 -3.98 -4.09
O4 NAG AA . 66.74 -4.58 -4.89
O5 NAG AA . 66.35 -6.61 -1.83
O6 NAG AA . 68.91 -7.22 -2.16
O7 NAG AA . 61.80 -4.88 -1.08
C1 BMA AA . 67.62 -3.38 -4.96
C2 BMA AA . 68.15 -3.26 -6.41
C3 BMA AA . 69.08 -2.05 -6.51
C4 BMA AA . 68.24 -0.83 -6.12
C5 BMA AA . 67.72 -1.00 -4.68
C6 BMA AA . 66.84 0.19 -4.30
O2 BMA AA . 67.05 -3.13 -7.30
O3 BMA AA . 69.57 -1.91 -7.86
O4 BMA AA . 69.05 0.34 -6.20
O5 BMA AA . 66.90 -2.20 -4.62
O6 BMA AA . 65.50 -0.25 -4.08
C1 MAN AA . 70.92 -2.57 -8.08
C2 MAN AA . 71.58 -2.02 -9.37
C3 MAN AA . 70.70 -2.36 -10.59
C4 MAN AA . 70.58 -3.88 -10.66
C5 MAN AA . 69.96 -4.38 -9.36
C6 MAN AA . 69.85 -5.89 -9.39
O2 MAN AA . 72.86 -2.61 -9.53
O3 MAN AA . 71.32 -1.86 -11.78
O4 MAN AA . 69.69 -4.19 -11.72
O5 MAN AA . 70.78 -4.00 -8.22
O6 MAN AA . 69.16 -6.40 -8.25
C1 MAN AA . 64.49 0.83 -4.33
C2 MAN AA . 63.07 0.28 -4.03
C3 MAN AA . 62.76 -0.86 -4.98
C4 MAN AA . 62.82 -0.35 -6.41
C5 MAN AA . 64.21 0.21 -6.63
C6 MAN AA . 64.32 0.74 -8.03
O2 MAN AA . 62.11 1.32 -4.21
O3 MAN AA . 61.44 -1.35 -4.70
O4 MAN AA . 62.70 -1.45 -7.30
O5 MAN AA . 64.52 1.28 -5.69
O6 MAN AA . 64.15 -0.32 -8.97
C1 NAG BA . 57.55 -10.97 -18.19
C2 NAG BA . 57.30 -12.45 -18.64
C3 NAG BA . 58.07 -12.68 -19.93
C4 NAG BA . 57.59 -11.70 -21.00
C5 NAG BA . 57.85 -10.29 -20.46
C6 NAG BA . 57.44 -9.24 -21.46
C7 NAG BA . 57.23 -14.54 -17.41
C8 NAG BA . 57.90 -15.45 -16.46
N2 NAG BA . 57.82 -13.38 -17.65
O3 NAG BA . 57.91 -14.03 -20.38
O4 NAG BA . 58.31 -11.91 -22.22
O5 NAG BA . 57.14 -10.06 -19.22
O6 NAG BA . 57.50 -7.94 -20.89
O7 NAG BA . 56.16 -14.83 -17.96
C1 NAG BA . 57.41 -12.37 -23.34
C2 NAG BA . 58.20 -12.40 -24.66
C3 NAG BA . 57.25 -12.86 -25.78
C4 NAG BA . 56.75 -14.27 -25.40
C5 NAG BA . 56.01 -14.19 -24.06
C6 NAG BA . 55.53 -15.55 -23.63
C7 NAG BA . 59.97 -10.78 -25.03
C8 NAG BA . 60.33 -9.35 -25.27
N2 NAG BA . 58.68 -11.06 -24.94
O3 NAG BA . 57.94 -12.91 -27.03
O4 NAG BA . 55.86 -14.74 -26.40
O5 NAG BA . 56.91 -13.68 -23.04
O6 NAG BA . 54.85 -16.20 -24.70
O7 NAG BA . 60.83 -11.66 -24.92
C1 NAG CA . -54.07 -20.56 31.08
C2 NAG CA . -55.42 -20.73 30.36
C3 NAG CA . -55.68 -22.23 30.19
C4 NAG CA . -54.55 -22.80 29.33
C5 NAG CA . -53.21 -22.48 30.03
C6 NAG CA . -52.04 -22.91 29.20
C7 NAG CA . -56.99 -19.99 32.24
C8 NAG CA . -56.39 -20.77 33.37
N2 NAG CA . -56.54 -20.00 30.98
O3 NAG CA . -56.96 -22.42 29.56
O4 NAG CA . -54.82 -24.21 29.36
O5 NAG CA . -53.02 -21.06 30.26
O6 NAG CA . -50.85 -22.23 29.60
O7 NAG CA . -57.95 -19.25 32.48
C1 NAG CA . -54.56 -24.98 28.10
C2 NAG CA . -55.57 -26.15 28.02
C3 NAG CA . -55.25 -27.01 26.80
C4 NAG CA . -55.36 -26.10 25.58
C5 NAG CA . -54.36 -24.95 25.72
C6 NAG CA . -54.44 -24.06 24.50
C7 NAG CA . -56.50 -27.54 29.78
C8 NAG CA . -56.27 -28.26 31.07
N2 NAG CA . -55.46 -26.92 29.25
O3 NAG CA . -56.18 -28.10 26.70
O4 NAG CA . -55.08 -26.81 24.39
O5 NAG CA . -54.66 -24.16 26.91
O6 NAG CA . -54.62 -24.85 23.34
O7 NAG CA . -57.60 -27.54 29.22
C1 NAG DA . -65.74 -9.94 40.60
C2 NAG DA . -65.29 -10.51 39.23
C3 NAG DA . -66.48 -10.40 38.26
C4 NAG DA . -67.65 -11.22 38.83
C5 NAG DA . -68.00 -10.60 40.21
C6 NAG DA . -69.15 -11.32 40.85
C7 NAG DA . -62.94 -10.21 38.69
C8 NAG DA . -61.87 -9.32 38.16
N2 NAG DA . -64.17 -9.73 38.73
O3 NAG DA . -66.09 -10.89 36.97
O4 NAG DA . -68.80 -11.11 37.96
O5 NAG DA . -66.86 -10.67 41.11
O6 NAG DA . -68.87 -12.70 41.03
O7 NAG DA . -62.69 -11.36 39.08
C1 NAG DA . -69.15 -12.41 37.33
C2 NAG DA . -70.53 -12.28 36.65
C3 NAG DA . -70.88 -13.63 36.01
C4 NAG DA . -69.79 -13.96 34.98
C5 NAG DA . -68.44 -14.04 35.72
C6 NAG DA . -67.33 -14.35 34.74
C7 NAG DA . -72.39 -10.97 37.49
C8 NAG DA . -73.34 -10.72 38.62
N2 NAG DA . -71.53 -11.95 37.65
O3 NAG DA . -72.15 -13.55 35.35
O4 NAG DA . -70.06 -15.20 34.36
O5 NAG DA . -68.16 -12.78 36.37
O6 NAG DA . -67.64 -15.53 34.00
O7 NAG DA . -72.41 -10.30 36.46
C1 NAG EA . -39.16 -35.55 29.26
C2 NAG EA . -38.92 -35.23 27.75
C3 NAG EA . -39.23 -36.51 26.98
C4 NAG EA . -38.28 -37.63 27.45
C5 NAG EA . -38.55 -37.81 28.95
C6 NAG EA . -37.69 -38.88 29.55
C7 NAG EA . -39.35 -33.01 26.85
C8 NAG EA . -40.33 -31.93 26.55
N2 NAG EA . -39.80 -34.14 27.36
O3 NAG EA . -39.09 -36.27 25.58
O4 NAG EA . -38.59 -38.87 26.75
O5 NAG EA . -38.32 -36.61 29.70
O6 NAG EA . -38.16 -40.15 29.12
O7 NAG EA . -38.13 -32.87 26.62
C1 NAG EA . -37.40 -39.45 26.05
C2 NAG EA . -37.74 -40.91 25.61
C3 NAG EA . -36.52 -41.52 24.91
C4 NAG EA . -36.22 -40.64 23.70
C5 NAG EA . -35.91 -39.22 24.20
C6 NAG EA . -35.58 -38.36 23.01
C7 NAG EA . -39.15 -42.44 26.89
C8 NAG EA . -39.36 -43.17 28.17
N2 NAG EA . -38.05 -41.71 26.78
O3 NAG EA . -36.81 -42.86 24.50
O4 NAG EA . -35.08 -41.13 23.00
O5 NAG EA . -37.06 -38.67 24.89
O6 NAG EA . -34.82 -39.09 22.06
O7 NAG EA . -39.96 -42.50 25.96
C1 NAG FA . -58.42 6.36 56.96
C2 NAG FA . -58.48 7.44 55.85
C3 NAG FA . -57.37 8.45 56.14
C4 NAG FA . -57.60 9.09 57.53
C5 NAG FA . -57.60 7.92 58.52
C6 NAG FA . -57.88 8.38 59.92
C7 NAG FA . -58.89 7.07 53.48
C8 NAG FA . -58.43 6.41 52.22
N2 NAG FA . -58.21 6.81 54.56
O3 NAG FA . -57.40 9.45 55.12
O4 NAG FA . -56.49 9.94 57.93
O5 NAG FA . -58.62 6.96 58.23
O6 NAG FA . -58.06 7.26 60.77
O7 NAG FA . -59.88 7.82 53.51
C1 NAG FA . -56.65 11.38 57.56
C2 NAG FA . -57.05 12.25 58.80
C3 NAG FA . -57.15 13.71 58.38
C4 NAG FA . -55.78 14.13 57.86
C5 NAG FA . -55.41 13.25 56.67
C6 NAG FA . -54.05 13.63 56.15
C7 NAG FA . -58.55 11.82 60.65
C8 NAG FA . -59.90 11.35 61.10
N2 NAG FA . -58.32 11.82 59.35
O3 NAG FA . -57.52 14.52 59.49
O4 NAG FA . -55.81 15.49 57.46
O5 NAG FA . -55.39 11.86 57.08
O6 NAG FA . -53.62 14.86 56.73
O7 NAG FA . -57.69 12.18 61.44
C1 NAG GA . -34.21 -37.24 -31.75
C2 NAG GA . -33.64 -36.49 -30.52
C3 NAG GA . -32.39 -37.27 -30.13
C4 NAG GA . -32.66 -38.73 -29.80
C5 NAG GA . -33.26 -39.31 -31.08
C6 NAG GA . -33.59 -40.76 -30.93
C7 NAG GA . -33.80 -34.06 -30.71
C8 NAG GA . -33.24 -32.81 -31.33
N2 NAG GA . -33.21 -35.18 -31.00
O3 NAG GA . -31.76 -36.65 -29.00
O4 NAG GA . -31.41 -39.37 -29.54
O5 NAG GA . -34.46 -38.62 -31.46
O6 NAG GA . -34.36 -41.01 -29.77
O7 NAG GA . -34.78 -34.02 -29.96
C1 NAG GA . -31.37 -40.00 -28.18
C2 NAG GA . -30.20 -40.99 -28.14
C3 NAG GA . -30.18 -41.67 -26.77
C4 NAG GA . -29.97 -40.58 -25.74
C5 NAG GA . -31.13 -39.58 -25.85
C6 NAG GA . -30.92 -38.45 -24.86
C7 NAG GA . -29.34 -42.42 -29.87
C8 NAG GA . -29.64 -43.30 -31.04
N2 NAG GA . -30.36 -41.95 -29.20
O3 NAG GA . -29.12 -42.64 -26.74
O4 NAG GA . -29.94 -41.15 -24.41
O5 NAG GA . -31.18 -39.00 -27.18
O6 NAG GA . -29.58 -38.01 -24.89
O7 NAG GA . -28.18 -42.16 -29.53
C1 BMA GA . -28.55 -41.28 -23.84
C2 BMA GA . -28.52 -40.69 -22.41
C3 BMA GA . -27.09 -40.78 -21.88
C4 BMA GA . -26.68 -42.26 -21.89
C5 BMA GA . -26.79 -42.77 -23.32
C6 BMA GA . -26.33 -44.20 -23.38
O2 BMA GA . -29.40 -41.44 -21.58
O3 BMA GA . -27.04 -40.26 -20.56
O4 BMA GA . -25.35 -42.41 -21.43
O5 BMA GA . -28.14 -42.65 -23.82
O6 BMA GA . -25.19 -44.39 -22.56
C1 NAG HA . -6.75 -11.55 -53.66
C2 NAG HA . -5.34 -11.12 -54.12
C3 NAG HA . -5.47 -9.68 -54.61
C4 NAG HA . -6.45 -9.61 -55.79
C5 NAG HA . -7.80 -10.14 -55.26
C6 NAG HA . -8.86 -10.25 -56.34
C7 NAG HA . -3.53 -12.15 -52.87
C8 NAG HA . -2.70 -12.14 -51.64
N2 NAG HA . -4.42 -11.19 -53.00
O3 NAG HA . -4.19 -9.20 -55.01
O4 NAG HA . -6.57 -8.21 -56.11
O5 NAG HA . -7.68 -11.49 -54.74
O6 NAG HA . -9.15 -11.62 -56.64
O7 NAG HA . -3.40 -13.02 -53.74
C1 NAG HA . -6.45 -7.91 -57.57
C2 NAG HA . -7.36 -6.69 -57.89
C3 NAG HA . -7.25 -6.42 -59.39
C4 NAG HA . -5.79 -6.13 -59.71
C5 NAG HA . -4.94 -7.34 -59.33
C6 NAG HA . -3.49 -7.08 -59.61
C7 NAG HA . -9.31 -6.57 -56.40
C8 NAG HA . -10.70 -7.02 -56.12
N2 NAG HA . -8.74 -7.00 -57.53
O3 NAG HA . -8.07 -5.29 -59.75
O4 NAG HA . -5.65 -5.86 -61.10
O5 NAG HA . -5.08 -7.63 -57.91
O6 NAG HA . -3.31 -6.49 -60.89
O7 NAG HA . -8.68 -5.84 -55.63
C1 NAG IA . -13.60 -36.93 -53.08
C2 NAG IA . -12.85 -38.04 -53.87
C3 NAG IA . -11.50 -38.24 -53.16
C4 NAG IA . -10.75 -36.90 -53.15
C5 NAG IA . -11.62 -35.91 -52.41
C6 NAG IA . -10.94 -34.59 -52.23
C7 NAG IA . -14.39 -39.71 -54.76
C8 NAG IA . -15.22 -40.92 -54.46
N2 NAG IA . -13.63 -39.27 -53.78
O3 NAG IA . -10.73 -39.24 -53.83
O4 NAG IA . -9.50 -36.98 -52.45
O5 NAG IA . -12.87 -35.71 -53.04
O6 NAG IA . -10.01 -34.77 -51.19
O7 NAG IA . -14.40 -39.16 -55.86
C1 NAG IA . -8.35 -36.76 -53.38
C2 NAG IA . -7.04 -36.60 -52.59
C3 NAG IA . -5.95 -36.43 -53.64
C4 NAG IA . -5.88 -37.59 -54.62
C5 NAG IA . -7.27 -37.64 -55.29
C6 NAG IA . -7.40 -38.77 -56.28
C7 NAG IA . -7.11 -35.23 -50.54
C8 NAG IA . -7.20 -33.83 -50.01
N2 NAG IA . -7.07 -35.33 -51.85
O3 NAG IA . -4.71 -36.34 -52.95
O4 NAG IA . -4.89 -37.22 -55.58
O5 NAG IA . -8.31 -37.83 -54.30
O6 NAG IA . -8.76 -38.97 -56.66
O7 NAG IA . -7.06 -36.23 -49.81
C1 BMA IA . -3.93 -38.32 -55.90
C2 BMA IA . -3.03 -37.82 -57.06
C3 BMA IA . -2.05 -38.95 -57.42
C4 BMA IA . -1.22 -39.23 -56.16
C5 BMA IA . -2.18 -39.69 -55.04
C6 BMA IA . -1.39 -39.94 -53.75
O2 BMA IA . -2.33 -36.66 -56.65
O3 BMA IA . -1.18 -38.52 -58.49
O4 BMA IA . -0.29 -40.27 -56.44
O5 BMA IA . -3.13 -38.64 -54.76
O6 BMA IA . -1.78 -39.01 -52.75
C1 MAN IA . -1.66 -38.92 -59.87
C2 MAN IA . -0.50 -38.82 -60.90
C3 MAN IA . -0.01 -37.37 -60.99
C4 MAN IA . -1.18 -36.51 -61.44
C5 MAN IA . -2.32 -36.66 -60.43
C6 MAN IA . -3.52 -35.84 -60.87
O2 MAN IA . -0.96 -39.25 -62.16
O3 MAN IA . 1.05 -37.28 -61.95
O4 MAN IA . -0.76 -35.16 -61.44
O5 MAN IA . -2.72 -38.05 -60.31
O6 MAN IA . -4.56 -35.85 -59.89
C1 MAN IA . -0.71 -38.74 -51.74
C2 MAN IA . -1.24 -37.75 -50.66
C3 MAN IA . -1.60 -36.43 -51.32
C4 MAN IA . -0.34 -35.84 -51.98
C5 MAN IA . 0.15 -36.88 -52.98
C6 MAN IA . 1.39 -36.35 -53.66
O2 MAN IA . -0.23 -37.54 -49.68
O3 MAN IA . -2.07 -35.52 -50.33
O4 MAN IA . -0.70 -34.70 -52.74
O5 MAN IA . 0.45 -38.16 -52.35
O6 MAN IA . 1.09 -35.16 -54.38
C1 NAG JA . -1.75 -20.28 -57.88
C2 NAG JA . -2.66 -19.13 -58.42
C3 NAG JA . -2.14 -18.73 -59.79
C4 NAG JA . -0.70 -18.25 -59.67
C5 NAG JA . 0.12 -19.42 -59.11
C6 NAG JA . 1.58 -19.06 -58.98
C7 NAG JA . -5.06 -18.82 -58.39
C8 NAG JA . -6.41 -19.37 -58.70
N2 NAG JA . -4.02 -19.60 -58.58
O3 NAG JA . -2.96 -17.70 -60.36
O4 NAG JA . -0.19 -17.87 -60.96
O5 NAG JA . -0.38 -19.83 -57.81
O6 NAG JA . 2.30 -20.08 -58.29
O7 NAG JA . -4.92 -17.66 -57.97
C1 NAG JA . 0.14 -16.41 -61.02
C2 NAG JA . 0.83 -16.09 -62.37
C3 NAG JA . 1.17 -14.59 -62.40
C4 NAG JA . -0.15 -13.83 -62.27
C5 NAG JA . -0.83 -14.20 -60.95
C6 NAG JA . -2.15 -13.49 -60.80
C7 NAG JA . 2.26 -17.77 -63.38
C8 NAG JA . 3.54 -18.55 -63.32
N2 NAG JA . 2.06 -16.88 -62.44
O3 NAG JA . 1.83 -14.26 -63.62
O4 NAG JA . 0.10 -12.43 -62.30
O5 NAG JA . -1.06 -15.64 -60.91
O6 NAG JA . -2.01 -12.11 -61.07
O7 NAG JA . 1.43 -17.97 -64.29
C1 NAG KA . -9.52 9.10 72.95
C2 NAG KA . -9.96 10.51 72.48
C3 NAG KA . -9.20 11.53 73.32
C4 NAG KA . -9.59 11.28 74.77
C5 NAG KA . -9.20 9.85 75.15
C6 NAG KA . -9.58 9.56 76.59
C7 NAG KA . -10.58 11.24 70.27
C8 NAG KA . -10.23 11.33 68.83
N2 NAG KA . -9.70 10.68 71.07
O3 NAG KA . -9.56 12.86 72.95
O4 NAG KA . -8.91 12.19 75.62
O5 NAG KA . -9.87 8.88 74.32
O6 NAG KA . -9.01 10.52 77.46
O7 NAG KA . -11.64 11.69 70.71
C1 NAG LA . 5.05 32.49 41.54
C2 NAG LA . 6.26 31.59 41.17
C3 NAG LA . 6.40 30.55 42.29
C4 NAG LA . 6.63 31.31 43.60
C5 NAG LA . 5.43 32.21 43.87
C6 NAG LA . 5.62 33.00 45.14
C7 NAG LA . 6.59 31.36 38.75
C8 NAG LA . 6.34 30.58 37.49
N2 NAG LA . 6.05 30.92 39.88
O3 NAG LA . 7.49 29.68 42.03
O4 NAG LA . 6.78 30.39 44.67
O5 NAG LA . 5.26 33.15 42.79
O6 NAG LA . 5.95 32.14 46.22
O7 NAG LA . 7.28 32.39 38.75
C1 NAG MA . 38.06 15.44 27.83
C2 NAG MA . 37.63 14.00 28.25
C3 NAG MA . 38.74 13.45 29.16
C4 NAG MA . 40.02 13.43 28.33
C5 NAG MA . 40.34 14.86 27.90
C6 NAG MA . 41.61 14.88 27.10
C7 NAG MA . 35.63 12.99 29.13
C8 NAG MA . 34.30 13.14 29.79
N2 NAG MA . 36.34 14.06 28.93
O3 NAG MA . 38.44 12.13 29.63
O4 NAG MA . 41.10 12.92 29.11
O5 NAG MA . 39.28 15.43 27.10
O6 NAG MA . 42.70 14.31 27.81
O7 NAG MA . 36.07 11.89 28.80
C1 NAG NA . -23.46 29.76 0.17
C2 NAG NA . -24.53 29.89 -0.96
C3 NAG NA . -25.87 30.23 -0.31
C4 NAG NA . -26.21 29.09 0.64
C5 NAG NA . -25.12 28.98 1.70
C6 NAG NA . -25.41 27.84 2.65
C7 NAG NA . -23.49 30.59 -3.05
C8 NAG NA . -22.98 31.67 -3.91
N2 NAG NA . -24.12 30.91 -1.92
O3 NAG NA . -26.88 30.36 -1.33
O4 NAG NA . -27.46 29.33 1.27
O5 NAG NA . -23.84 28.72 1.07
O6 NAG NA . -26.72 27.95 3.17
O7 NAG NA . -23.36 29.40 -3.36
C1 NAG OA . 29.90 48.94 -14.55
C2 NAG OA . 30.20 47.42 -14.28
C3 NAG OA . 30.63 47.26 -12.81
C4 NAG OA . 31.88 48.11 -12.60
C5 NAG OA . 31.53 49.57 -12.91
C6 NAG OA . 32.74 50.45 -12.72
C7 NAG OA . 28.89 45.84 -15.56
C8 NAG OA . 27.59 45.13 -15.72
N2 NAG OA . 29.02 46.63 -14.51
O3 NAG OA . 30.90 45.89 -12.53
O4 NAG OA . 32.31 47.98 -11.24
O5 NAG OA . 31.09 49.70 -14.27
O6 NAG OA . 33.41 50.16 -11.50
O7 NAG OA . 29.81 45.70 -16.37
C1 NAG PA . -8.53 55.25 -25.85
C2 NAG PA . -8.44 54.28 -27.07
C3 NAG PA . -8.30 55.11 -28.35
C4 NAG PA . -9.54 56.00 -28.45
C5 NAG PA . -9.61 56.89 -27.22
C6 NAG PA . -10.83 57.77 -27.27
C7 NAG PA . -7.37 52.22 -26.39
C8 NAG PA . -6.10 51.50 -26.18
N2 NAG PA . -7.28 53.42 -26.93
O3 NAG PA . -8.19 54.26 -29.49
O4 NAG PA . -9.45 56.78 -29.62
O5 NAG PA . -9.68 56.10 -26.00
O6 NAG PA . -10.96 58.37 -28.55
O7 NAG PA . -8.46 51.73 -26.07
C1 NAG QA . -34.65 -42.35 50.00
C2 NAG QA . -33.21 -42.47 50.56
C3 NAG QA . -32.92 -43.96 50.78
C4 NAG QA . -33.96 -44.46 51.77
C5 NAG QA . -35.36 -44.24 51.21
C6 NAG QA . -36.40 -44.74 52.18
C7 NAG QA . -31.29 -41.10 50.08
C8 NAG QA . -30.40 -40.48 49.06
N2 NAG QA . -32.26 -41.87 49.65
O3 NAG QA . -31.61 -44.15 51.29
O4 NAG QA . -33.75 -45.84 52.02
O5 NAG QA . -35.61 -42.84 50.95
O6 NAG QA . -36.17 -46.09 52.54
O7 NAG QA . -31.12 -40.90 51.29
C1 NAG RA . 1.74 -43.95 29.54
C2 NAG RA . 1.15 -44.06 28.10
C3 NAG RA . -0.35 -44.32 28.26
C4 NAG RA . -0.52 -45.62 29.04
C5 NAG RA . 0.13 -45.46 30.42
C6 NAG RA . 0.01 -46.72 31.22
C7 NAG RA . 2.36 -42.69 26.46
C8 NAG RA . 2.47 -41.40 25.70
N2 NAG RA . 1.38 -42.82 27.34
O3 NAG RA . -0.97 -44.44 26.98
O4 NAG RA . -1.90 -45.91 29.20
O5 NAG RA . 1.52 -45.15 30.27
O6 NAG RA . -1.33 -47.18 31.27
O7 NAG RA . 3.15 -43.63 26.27
C1 NAG SA . -6.06 -48.41 -9.04
C2 NAG SA . -7.44 -47.70 -8.95
C3 NAG SA . -8.49 -48.68 -9.50
C4 NAG SA . -8.10 -48.99 -10.95
C5 NAG SA . -6.71 -49.61 -10.95
C6 NAG SA . -6.29 -49.95 -12.35
C7 NAG SA . -8.66 -46.47 -7.27
C8 NAG SA . -8.84 -46.09 -5.84
N2 NAG SA . -7.71 -47.32 -7.57
O3 NAG SA . -9.81 -48.13 -9.46
O4 NAG SA . -9.03 -49.89 -11.52
O5 NAG SA . -5.72 -48.74 -10.38
O6 NAG SA . -7.24 -50.80 -12.99
O7 NAG SA . -9.38 -46.01 -8.16
C1 NAG TA . 25.42 0.43 28.11
C2 NAG TA . 26.24 1.73 28.36
C3 NAG TA . 26.23 2.03 29.86
C4 NAG TA . 24.76 2.22 30.25
C5 NAG TA . 23.99 0.93 29.95
C6 NAG TA . 22.53 1.10 30.31
C7 NAG TA . 27.96 1.99 26.66
C8 NAG TA . 29.32 1.67 26.16
N2 NAG TA . 27.61 1.55 27.86
O3 NAG TA . 26.97 3.21 30.12
O4 NAG TA . 24.67 2.51 31.64
O5 NAG TA . 24.07 0.62 28.54
O6 NAG TA . 22.39 1.56 31.65
O7 NAG TA . 27.18 2.66 25.99
C1 NAG UA . 46.30 -33.83 -14.58
C2 NAG UA . 44.90 -33.46 -15.17
C3 NAG UA . 43.89 -34.52 -14.75
C4 NAG UA . 44.37 -35.86 -15.31
C5 NAG UA . 45.75 -36.16 -14.73
C6 NAG UA . 46.29 -37.47 -15.26
C7 NAG UA . 44.44 -31.09 -15.38
C8 NAG UA . 44.04 -29.82 -14.70
N2 NAG UA . 44.47 -32.17 -14.64
O3 NAG UA . 42.59 -34.21 -15.27
O4 NAG UA . 43.45 -36.89 -14.95
O5 NAG UA . 46.69 -35.12 -15.08
O6 NAG UA . 45.30 -38.49 -15.21
O7 NAG UA . 44.75 -31.10 -16.58
C1 NAG VA . 60.34 -5.66 11.00
C2 NAG VA . 60.25 -4.50 9.94
C3 NAG VA . 61.67 -4.23 9.41
C4 NAG VA . 62.52 -3.81 10.61
C5 NAG VA . 62.52 -4.94 11.63
C6 NAG VA . 63.35 -4.56 12.84
C7 NAG VA . 58.13 -4.61 8.80
C8 NAG VA . 57.35 -5.19 7.69
N2 NAG VA . 59.41 -4.91 8.83
O3 NAG VA . 61.64 -3.20 8.43
O4 NAG VA . 63.84 -3.54 10.17
O5 NAG VA . 61.18 -5.25 12.08
O6 NAG VA . 64.59 -3.99 12.44
O7 NAG VA . 57.62 -3.88 9.65
C1 NAG WA . -61.39 12.28 39.69
C2 NAG WA . -61.90 11.09 38.85
C3 NAG WA . -63.24 11.50 38.24
C4 NAG WA . -64.17 11.80 39.42
C5 NAG WA . -63.58 12.92 40.26
C6 NAG WA . -64.48 13.23 41.43
C7 NAG WA . -60.62 9.50 37.57
C8 NAG WA . -59.58 9.26 36.53
N2 NAG WA . -60.93 10.74 37.82
O3 NAG WA . -63.78 10.44 37.45
O4 NAG WA . -65.44 12.18 38.93
O5 NAG WA . -62.28 12.55 40.78
O6 NAG WA . -65.80 13.53 40.99
O7 NAG WA . -61.18 8.57 38.16
C1 NAG XA . -52.92 2.29 0.02
C2 NAG XA . -52.14 3.58 -0.35
C3 NAG XA . -52.36 4.57 0.80
C4 NAG XA . -53.87 4.83 0.92
C5 NAG XA . -54.57 3.51 1.24
C6 NAG XA . -56.06 3.71 1.34
C7 NAG XA . -50.15 3.15 -1.71
C8 NAG XA . -48.68 2.91 -1.78
N2 NAG XA . -50.71 3.30 -0.52
O3 NAG XA . -51.67 5.79 0.56
O4 NAG XA . -54.11 5.76 1.98
O5 NAG XA . -54.32 2.56 0.18
O6 NAG XA . -56.37 4.76 2.24
O7 NAG XA . -50.85 3.21 -2.73
C1 NAG YA . -33.54 32.66 -16.42
C2 NAG YA . -32.93 33.15 -15.07
C3 NAG YA . -33.35 34.62 -14.89
C4 NAG YA . -32.77 35.39 -16.08
C5 NAG YA . -33.37 34.82 -17.36
C6 NAG YA . -32.85 35.55 -18.56
C7 NAG YA . -32.85 32.31 -12.82
C8 NAG YA . -33.37 31.38 -11.78
N2 NAG YA . -33.42 32.31 -13.99
O3 NAG YA . -32.85 35.17 -13.67
O4 NAG YA . -33.12 36.76 -15.98
O5 NAG YA . -33.04 33.41 -17.53
O6 NAG YA . -33.10 36.95 -18.46
O7 NAG YA . -31.92 33.08 -12.59
C1 NAG ZA . -17.61 -33.30 -4.16
C2 NAG ZA . -16.76 -34.60 -4.23
C3 NAG ZA . -17.39 -35.64 -3.30
C4 NAG ZA . -17.37 -35.04 -1.89
C5 NAG ZA . -18.19 -33.76 -1.89
C6 NAG ZA . -18.18 -33.13 -0.52
C7 NAG ZA . -15.65 -34.80 -6.39
C8 NAG ZA . -15.71 -35.20 -7.82
N2 NAG ZA . -16.69 -35.09 -5.61
O3 NAG ZA . -16.63 -36.85 -3.34
O4 NAG ZA . -17.94 -35.96 -0.97
O5 NAG ZA . -17.62 -32.80 -2.83
O6 NAG ZA . -18.57 -34.06 0.47
O7 NAG ZA . -14.67 -34.23 -5.93
C1 NAG AB . -21.68 -4.28 -54.89
C2 NAG AB . -20.95 -3.22 -54.01
C3 NAG AB . -22.00 -2.30 -53.36
C4 NAG AB . -22.77 -1.62 -54.48
C5 NAG AB . -23.44 -2.71 -55.33
C6 NAG AB . -24.22 -2.10 -56.46
C7 NAG AB . -18.87 -3.94 -52.98
C8 NAG AB . -18.22 -4.70 -51.87
N2 NAG AB . -20.18 -3.87 -52.95
O3 NAG AB . -21.36 -1.32 -52.54
O4 NAG AB . -23.76 -0.76 -53.92
O5 NAG AB . -22.44 -3.60 -55.89
O6 NAG AB . -25.02 -1.00 -56.01
O7 NAG AB . -18.21 -3.40 -53.87
C1 NAG BB . -14.65 -42.22 -42.39
C2 NAG BB . -13.10 -42.08 -42.52
C3 NAG BB . -12.66 -42.79 -43.80
C4 NAG BB . -13.06 -44.26 -43.66
C5 NAG BB . -14.58 -44.33 -43.49
C6 NAG BB . -15.03 -45.76 -43.34
C7 NAG BB . -12.39 -39.99 -41.54
C8 NAG BB . -12.16 -38.55 -41.73
N2 NAG BB . -12.73 -40.68 -42.60
O3 NAG BB . -11.25 -42.68 -43.97
O4 NAG BB . -12.67 -44.97 -44.83
O5 NAG BB . -15.01 -43.60 -42.31
O6 NAG BB . -14.41 -46.59 -44.32
O7 NAG BB . -12.26 -40.53 -40.43
#